data_7SAA
#
_entry.id   7SAA
#
_cell.length_a   1.00
_cell.length_b   1.00
_cell.length_c   1.00
_cell.angle_alpha   90.00
_cell.angle_beta   90.00
_cell.angle_gamma   90.00
#
_symmetry.space_group_name_H-M   'P 1'
#
loop_
_entity.id
_entity.type
_entity.pdbx_description
1 polymer 'Glutamate receptor ionotropic, NMDA 1'
2 polymer 'Glutamate receptor ionotropic, NMDA 2B'
3 branched 2-acetamido-2-deoxy-beta-D-glucopyranose-(1-4)-2-acetamido-2-deoxy-beta-D-glucopyranose
4 non-polymer 2-acetamido-2-deoxy-beta-D-glucopyranose
5 non-polymer GLYCINE
6 non-polymer 'GLUTAMIC ACID'
#
loop_
_entity_poly.entity_id
_entity_poly.type
_entity_poly.pdbx_seq_one_letter_code
_entity_poly.pdbx_strand_id
1 'polypeptide(L)'
;MSTMHLLTFALLFSCSFARAASDPKIVNIGAVLSTRKHEQMFREAVNQANKRHGSWKIQLQATSVTHKPNAIQMALSVCE
DLISSQVYAILVSHPPTPNDHFTPTPVSYTAGFYRIPVLGLTTRMSIYSDKSIHLSFLRTVPPYSHQSSVWFEMMRVYNW
NHIILLVSDDHEGRAAQKRLETLLEERESKAEKVLQFDPGTKNVTALLMEARELEARVIILSASEDDAATVYRAAAMLDM
TGSGYVWLVGEREISGNALRYAPDGIIGLQLINGKNESAHISDAVGVVAQAVHELLEKENITDPPRGCVGNTNIWKTGPL
FKRVLMSSKYADGVTGRVEFNEDGDRKFAQYSIMNLQNRKLVQVGIYNGTHVIPNDRKIIWPGGETEKPRGYQMSTRLKI
VTIHQEPFVYVKPTMSDGTCKEEFTVNGDPVKKVICTGPNDTSPGSPRHTVPQCCYGFCIDLLIKLARTMQFTYEVHLVA
DGKFGTQERVQNSNKKEWNGMMGELLSGQADMIVAPLTINNERAQYIEFSKPFKYQGLTILVKKEIPRSTLDSFMQPFQS
TLWLLVGLSVHVVAVMLYLLDRFSPFGRFKVNSEEEEEDALTLSSAMWFSWGVLLNSGIGEGAPRSFSARILGMVWAGFA
MIIVASYTANLAAFLVLDRPEERITGINDPRLRNPSDKFIYATVKQSSVDIYFRRQVELSTMYRHMEKHNYESAAEAIQA
VRDNKLHAFIWDSAVLEFEASQKCDLVTTGELFFRSGFGIGMRKDSPWKQQVSLSILKSHENGFMEDLDKTWVRYQECDS
RSNAPATLTFENMAGVFMLVAGGIVAGIFLIFIEIAYKRHKDANGAQ
;
A,C
2 'polypeptide(L)'
;MGTMRLFLLAVLFLFSFARATGWSHPQFEKGGGSGGGSGGSAWSHPQFEKGALVPRGRSQKSPPSIGIAVILVGTSDEVA
IKDAHEKDDFHHLSVVPRVELVAMNETDPKSIITRICDLMSDRKIQGVVFADDTDQEAIAQILDFISAQTLTPILGIHGG
SSMIMADKDESSMFFQFGPSIEQQASVMLNIMEEYDWYIFSIVTTYFPGYQDFVNKIRSTIENSFVGWELEEVLLLDMSL
DDGDSKIQNQLKKLQSPIILLYCTKEEATYIFEVANSVGLTGYGYTWIVPSLVAGDTDTVPSEFPTGLISVSYDEWDYGL
PARVRDGIAIITTAASDMLSEHSFIPEPKSSCYNTHEKRIYQSNMLNRYLINVTFEGRNLSFSEDGYQMHPKLVIILLNK
ERKWERVGKWKDKSLQMKYYVWPRMCPETEEQEDDHLSIVTLEEAPFVIVESVDPLSGTCMRNTVPCQKRIISENKTDEE
PGYIKKCCKGFCIDILKKISKSVKFTYDLYLVTNGKHGKKINGTWNGMIGEVVMKRAYMAVGSLTINEERSEVVDFSVPF
IETGISVMVSRSNGTVSPSAFLEPFSADVWVMMFVMLLIVSAVAVFVFEYFSPVGYNRCLADGREPGGPSFTIGKAIWLL
WGLVFNNSVPVQNPKGTTSKIMVSVWAFFAVIFLASYTANLAAFMIQEEYVDQVSGLSDKKFQRPNDFSPPFRFGTVPNG
STERNIRNNYAEMHAYMGKFNQRGVDDALLSLKTGKLDAFIYDAAVLNYMAGRDEGCKLVTIGSGKVFASTGYGIAIQKD
SGWKRQVDLAILQLFGDGEMEELEALWLTGICHNEKNEVMSSQLDIDNMAGVFYMLGAAMALSLITFICEHLFYWQFRHS
FMG
;
B,D
#
loop_
_chem_comp.id
_chem_comp.type
_chem_comp.name
_chem_comp.formula
NAG D-saccharide, beta linking 2-acetamido-2-deoxy-beta-D-glucopyranose 'C8 H15 N O6'
#
# COMPACT_ATOMS: atom_id res chain seq x y z
N LYS A 25 4.49 68.27 22.14
CA LYS A 25 5.45 67.56 22.99
C LYS A 25 6.87 67.77 22.49
N ILE A 26 7.84 67.53 23.37
CA ILE A 26 9.26 67.68 23.06
C ILE A 26 9.95 66.33 23.28
N VAL A 27 10.70 65.88 22.27
CA VAL A 27 11.43 64.63 22.34
C VAL A 27 12.86 64.89 21.87
N ASN A 28 13.83 64.65 22.75
CA ASN A 28 15.23 64.87 22.44
C ASN A 28 15.91 63.57 22.02
N ILE A 29 17.06 63.73 21.36
CA ILE A 29 17.87 62.60 20.90
C ILE A 29 19.30 62.78 21.39
N GLY A 30 20.03 61.67 21.44
CA GLY A 30 21.40 61.67 21.91
C GLY A 30 22.33 61.01 20.90
N ALA A 31 23.63 61.21 21.12
CA ALA A 31 24.63 60.66 20.23
C ALA A 31 25.95 60.54 20.98
N VAL A 32 26.83 59.69 20.46
CA VAL A 32 28.17 59.48 21.00
C VAL A 32 29.17 59.73 19.88
N LEU A 33 29.92 60.82 19.99
CA LEU A 33 30.92 61.21 19.01
C LEU A 33 32.23 61.50 19.73
N SER A 34 33.34 61.45 19.00
CA SER A 34 34.63 61.90 19.53
C SER A 34 35.27 62.86 18.52
N THR A 35 34.78 64.11 18.53
CA THR A 35 35.41 65.24 17.86
C THR A 35 34.65 66.51 18.24
N ARG A 36 35.36 67.59 18.55
CA ARG A 36 34.69 68.86 18.80
C ARG A 36 33.99 69.37 17.55
N LYS A 37 34.66 69.27 16.40
CA LYS A 37 34.05 69.69 15.14
C LYS A 37 32.83 68.83 14.81
N HIS A 38 32.88 67.54 15.13
CA HIS A 38 31.71 66.69 14.93
C HIS A 38 30.56 67.13 15.82
N GLU A 39 30.85 67.52 17.05
CA GLU A 39 29.80 68.03 17.93
C GLU A 39 29.19 69.32 17.36
N GLN A 40 30.03 70.22 16.84
CA GLN A 40 29.51 71.43 16.23
C GLN A 40 28.66 71.12 15.01
N MET A 41 29.09 70.15 14.19
CA MET A 41 28.31 69.76 13.02
C MET A 41 26.98 69.15 13.44
N PHE A 42 26.98 68.35 14.50
CA PHE A 42 25.73 67.80 15.02
C PHE A 42 24.80 68.90 15.51
N ARG A 43 25.36 69.91 16.18
CA ARG A 43 24.54 71.04 16.62
C ARG A 43 23.93 71.78 15.44
N GLU A 44 24.73 72.00 14.39
CA GLU A 44 24.20 72.64 13.19
C GLU A 44 23.11 71.79 12.55
N ALA A 45 23.31 70.48 12.49
CA ALA A 45 22.33 69.58 11.87
C ALA A 45 21.03 69.56 12.66
N VAL A 46 21.11 69.51 13.99
CA VAL A 46 19.89 69.48 14.80
C VAL A 46 19.16 70.83 14.71
N ASN A 47 19.91 71.93 14.66
CA ASN A 47 19.28 73.24 14.49
C ASN A 47 18.58 73.33 13.15
N GLN A 48 19.20 72.80 12.09
CA GLN A 48 18.57 72.80 10.77
C GLN A 48 17.32 71.92 10.76
N ALA A 49 17.40 70.74 11.39
CA ALA A 49 16.26 69.82 11.43
C ALA A 49 15.12 70.35 12.28
N ASN A 50 15.41 71.26 13.22
CA ASN A 50 14.35 71.88 14.00
C ASN A 50 13.35 72.61 13.11
N LYS A 51 13.80 73.11 11.96
CA LYS A 51 12.92 73.81 11.04
C LYS A 51 12.03 72.87 10.23
N ARG A 52 12.27 71.56 10.29
CA ARG A 52 11.47 70.60 9.54
C ARG A 52 10.11 70.39 10.20
N ILE A 58 6.44 69.14 17.84
CA ILE A 58 7.60 68.28 17.77
C ILE A 58 8.88 69.10 17.78
N GLN A 59 9.48 69.25 18.97
CA GLN A 59 10.74 69.96 19.14
C GLN A 59 11.77 68.98 19.66
N LEU A 60 12.91 68.90 18.98
CA LEU A 60 13.95 67.93 19.30
C LEU A 60 15.27 68.63 19.54
N GLN A 61 15.98 68.17 20.56
CA GLN A 61 17.24 68.76 21.01
C GLN A 61 18.40 67.81 20.75
N ALA A 62 19.58 68.20 21.19
CA ALA A 62 20.81 67.45 20.97
C ALA A 62 21.54 67.24 22.29
N THR A 63 22.13 66.05 22.45
CA THR A 63 22.93 65.74 23.63
C THR A 63 24.04 64.80 23.20
N SER A 64 25.29 65.23 23.35
CA SER A 64 26.43 64.44 22.92
C SER A 64 27.55 64.54 23.95
N VAL A 65 28.38 63.50 24.00
CA VAL A 65 29.53 63.43 24.88
C VAL A 65 30.72 62.90 24.08
N THR A 66 31.89 62.92 24.70
CA THR A 66 33.13 62.51 24.04
C THR A 66 33.38 61.03 24.34
N HIS A 67 34.57 60.52 24.00
CA HIS A 67 34.94 59.15 24.23
C HIS A 67 35.98 59.06 25.34
N LYS A 68 35.95 57.93 26.06
CA LYS A 68 36.82 57.61 27.17
C LYS A 68 37.82 56.54 26.77
N PRO A 69 38.98 56.47 27.42
CA PRO A 69 39.99 55.46 27.06
C PRO A 69 39.68 54.05 27.55
N ASN A 70 38.52 53.81 28.16
CA ASN A 70 38.15 52.48 28.61
C ASN A 70 36.65 52.29 28.48
N ALA A 71 36.24 51.02 28.42
CA ALA A 71 34.86 50.68 28.08
C ALA A 71 33.90 50.88 29.25
N ILE A 72 34.33 50.62 30.48
CA ILE A 72 33.43 50.78 31.62
C ILE A 72 33.06 52.25 31.81
N GLN A 73 33.99 53.16 31.54
CA GLN A 73 33.65 54.58 31.53
C GLN A 73 32.61 54.88 30.46
N MET A 74 32.72 54.24 29.30
CA MET A 74 31.71 54.40 28.26
C MET A 74 30.34 53.95 28.77
N ALA A 75 30.28 52.80 29.43
CA ALA A 75 28.99 52.27 29.90
C ALA A 75 28.38 53.19 30.96
N LEU A 76 29.19 53.60 31.95
CA LEU A 76 28.66 54.45 33.01
C LEU A 76 28.24 55.81 32.47
N SER A 77 29.01 56.37 31.53
CA SER A 77 28.64 57.65 30.95
C SER A 77 27.38 57.53 30.09
N VAL A 78 27.19 56.40 29.41
CA VAL A 78 25.97 56.20 28.64
C VAL A 78 24.76 56.16 29.56
N CYS A 79 24.85 55.41 30.67
CA CYS A 79 23.70 55.34 31.56
C CYS A 79 23.45 56.67 32.26
N GLU A 80 24.51 57.36 32.68
CA GLU A 80 24.34 58.65 33.35
C GLU A 80 23.72 59.67 32.42
N ASP A 81 24.19 59.74 31.18
CA ASP A 81 23.65 60.70 30.20
C ASP A 81 22.33 60.26 29.60
N LEU A 82 22.01 58.96 29.65
CA LEU A 82 20.66 58.53 29.28
C LEU A 82 19.65 59.00 30.31
N ILE A 83 20.02 58.97 31.59
CA ILE A 83 19.15 59.49 32.64
C ILE A 83 18.99 61.00 32.52
N SER A 84 20.05 61.71 32.10
CA SER A 84 20.00 63.17 32.07
C SER A 84 19.00 63.68 31.04
N SER A 85 18.95 63.05 29.86
CA SER A 85 18.15 63.55 28.76
C SER A 85 16.96 62.68 28.41
N GLN A 86 16.95 61.41 28.80
CA GLN A 86 15.88 60.47 28.47
C GLN A 86 15.64 60.42 26.97
N VAL A 87 16.73 60.21 26.22
CA VAL A 87 16.65 60.18 24.77
C VAL A 87 15.99 58.88 24.30
N TYR A 88 15.51 58.88 23.06
CA TYR A 88 14.91 57.69 22.47
C TYR A 88 15.88 56.91 21.60
N ALA A 89 16.97 57.52 21.15
CA ALA A 89 17.93 56.85 20.29
C ALA A 89 19.30 57.44 20.53
N ILE A 90 20.34 56.67 20.19
CA ILE A 90 21.73 57.07 20.38
C ILE A 90 22.49 56.81 19.09
N LEU A 91 23.23 57.82 18.64
CA LEU A 91 24.07 57.69 17.45
C LEU A 91 25.52 57.48 17.90
N VAL A 92 26.16 56.47 17.31
CA VAL A 92 27.53 56.12 17.67
C VAL A 92 28.36 56.00 16.40
N SER A 93 29.59 56.53 16.46
CA SER A 93 30.52 56.48 15.35
C SER A 93 31.87 55.97 15.87
N HIS A 94 32.72 55.56 14.94
CA HIS A 94 34.04 55.06 15.31
C HIS A 94 34.92 56.19 15.83
N PRO A 95 35.73 55.91 16.86
CA PRO A 95 36.69 56.90 17.34
C PRO A 95 37.86 57.00 16.39
N PRO A 96 38.83 57.90 16.66
CA PRO A 96 40.05 57.94 15.83
C PRO A 96 40.86 56.66 15.91
N THR A 97 40.45 55.73 16.79
CA THR A 97 41.12 54.45 16.87
C THR A 97 40.92 53.67 15.57
N PRO A 98 41.96 52.98 15.09
CA PRO A 98 41.86 52.29 13.79
C PRO A 98 40.88 51.11 13.79
N ASN A 99 40.97 50.24 14.80
CA ASN A 99 40.20 49.00 14.78
C ASN A 99 38.70 49.27 14.81
N ASP A 100 38.25 50.13 15.72
CA ASP A 100 36.84 50.48 15.88
C ASP A 100 35.97 49.26 16.12
N HIS A 101 36.48 48.26 16.84
CA HIS A 101 35.74 47.04 17.09
C HIS A 101 35.24 46.95 18.53
N PHE A 102 36.13 47.10 19.51
CA PHE A 102 35.74 47.00 20.91
C PHE A 102 35.03 48.25 21.41
N THR A 103 35.30 49.40 20.80
CA THR A 103 34.71 50.64 21.29
C THR A 103 33.19 50.69 21.26
N PRO A 104 32.49 50.24 20.21
CA PRO A 104 31.02 50.34 20.22
C PRO A 104 30.33 49.35 21.16
N THR A 105 31.06 48.37 21.70
CA THR A 105 30.39 47.31 22.46
C THR A 105 29.70 47.80 23.72
N PRO A 106 30.32 48.63 24.60
CA PRO A 106 29.59 49.01 25.83
C PRO A 106 28.30 49.76 25.57
N VAL A 107 28.29 50.63 24.55
CA VAL A 107 27.09 51.41 24.25
C VAL A 107 25.95 50.50 23.84
N SER A 108 26.24 49.50 23.00
CA SER A 108 25.21 48.59 22.53
C SER A 108 24.58 47.82 23.70
N TYR A 109 25.41 47.28 24.58
CA TYR A 109 24.89 46.54 25.73
C TYR A 109 24.09 47.44 26.65
N THR A 110 24.63 48.62 26.98
CA THR A 110 23.95 49.52 27.90
C THR A 110 22.60 49.97 27.35
N ALA A 111 22.54 50.27 26.05
CA ALA A 111 21.28 50.71 25.46
C ALA A 111 20.30 49.55 25.33
N GLY A 112 20.83 48.42 24.90
CA GLY A 112 20.06 47.20 24.60
C GLY A 112 19.35 46.72 25.83
N PHE A 113 19.98 46.91 26.99
CA PHE A 113 19.40 46.41 28.26
C PHE A 113 18.02 47.01 28.44
N TYR A 114 17.86 48.30 28.20
CA TYR A 114 16.55 48.97 28.35
C TYR A 114 15.76 48.93 27.05
N ARG A 115 16.25 48.26 26.01
CA ARG A 115 15.58 48.17 24.69
C ARG A 115 15.38 49.53 23.98
N ILE A 116 16.43 50.32 23.76
CA ILE A 116 16.31 51.58 23.03
C ILE A 116 17.13 51.48 21.75
N PRO A 117 16.58 51.84 20.60
CA PRO A 117 17.33 51.70 19.34
C PRO A 117 18.61 52.54 19.34
N VAL A 118 19.63 52.01 18.66
CA VAL A 118 20.91 52.69 18.49
C VAL A 118 21.30 52.61 17.02
N LEU A 119 21.70 53.75 16.45
CA LEU A 119 22.10 53.83 15.06
C LEU A 119 23.62 53.88 14.99
N GLY A 120 24.22 52.93 14.27
CA GLY A 120 25.66 52.87 14.07
C GLY A 120 26.02 53.48 12.73
N LEU A 121 27.08 54.29 12.71
CA LEU A 121 27.47 55.05 11.53
C LEU A 121 28.65 54.46 10.79
N THR A 122 29.77 54.25 11.48
CA THR A 122 31.03 53.86 10.84
C THR A 122 31.60 52.59 11.48
N THR A 123 30.79 51.56 11.59
CA THR A 123 31.22 50.26 12.09
C THR A 123 31.18 49.23 10.96
N ARG A 124 32.25 48.44 10.86
CA ARG A 124 32.37 47.44 9.80
C ARG A 124 32.51 46.01 10.29
N MET A 125 32.73 45.80 11.59
CA MET A 125 32.83 44.44 12.12
C MET A 125 31.51 43.71 11.95
N SER A 126 31.60 42.40 11.77
CA SER A 126 30.43 41.56 11.50
C SER A 126 29.76 41.04 12.77
N ILE A 127 30.35 41.27 13.94
CA ILE A 127 29.74 40.78 15.18
C ILE A 127 28.41 41.48 15.45
N TYR A 128 28.32 42.76 15.10
CA TYR A 128 27.11 43.54 15.37
C TYR A 128 25.94 43.17 14.47
N SER A 129 26.08 42.20 13.57
CA SER A 129 24.97 41.76 12.74
C SER A 129 24.17 40.62 13.36
N ASP A 130 24.59 40.14 14.54
CA ASP A 130 23.89 39.07 15.22
C ASP A 130 22.78 39.68 16.07
N LYS A 131 21.53 39.31 15.77
CA LYS A 131 20.40 39.89 16.49
C LYS A 131 20.39 39.46 17.96
N SER A 132 20.80 38.22 18.23
CA SER A 132 20.73 37.69 19.59
C SER A 132 21.66 38.46 20.53
N ILE A 133 22.91 38.69 20.11
CA ILE A 133 23.86 39.37 20.98
C ILE A 133 23.49 40.85 21.11
N HIS A 134 23.14 41.49 20.00
CA HIS A 134 22.78 42.92 19.99
C HIS A 134 21.33 43.02 19.51
N LEU A 135 20.41 43.15 20.47
CA LEU A 135 18.99 43.19 20.13
C LEU A 135 18.63 44.47 19.38
N SER A 136 19.22 45.60 19.77
CA SER A 136 18.90 46.90 19.19
C SER A 136 20.18 47.52 18.63
N PHE A 137 20.40 47.35 17.33
CA PHE A 137 21.55 47.94 16.66
C PHE A 137 21.28 47.98 15.16
N LEU A 138 21.52 49.14 14.54
CA LEU A 138 21.33 49.32 13.11
C LEU A 138 22.60 49.90 12.50
N ARG A 139 22.78 49.66 11.21
CA ARG A 139 23.99 50.03 10.49
C ARG A 139 23.69 51.11 9.46
N THR A 140 24.58 52.11 9.40
CA THR A 140 24.53 53.09 8.32
C THR A 140 25.39 52.68 7.13
N VAL A 141 26.40 51.85 7.35
CA VAL A 141 27.25 51.33 6.27
C VAL A 141 27.26 49.82 6.38
N PRO A 142 27.45 49.03 5.30
CA PRO A 142 27.37 47.58 5.40
C PRO A 142 28.62 46.99 6.05
N PRO A 143 28.58 45.75 6.56
CA PRO A 143 29.73 45.13 7.19
C PRO A 143 30.82 44.69 6.21
N TYR A 144 32.03 44.39 6.70
CA TYR A 144 33.11 43.92 5.81
C TYR A 144 32.69 42.65 5.11
N SER A 145 32.03 41.75 5.78
CA SER A 145 31.56 40.52 5.15
C SER A 145 30.53 40.72 4.05
N HIS A 146 29.90 41.88 3.85
CA HIS A 146 28.87 42.04 2.80
C HIS A 146 29.54 42.30 1.46
N GLN A 147 30.84 42.58 1.42
CA GLN A 147 31.54 42.88 0.14
C GLN A 147 31.99 41.62 -0.59
N SER A 148 31.07 40.68 -0.68
CA SER A 148 31.31 39.44 -1.41
C SER A 148 30.30 39.37 -2.56
N SER A 149 29.37 40.31 -2.65
CA SER A 149 28.48 40.30 -3.83
C SER A 149 29.13 41.13 -4.93
N VAL A 150 30.08 41.98 -4.53
CA VAL A 150 30.92 42.67 -5.53
C VAL A 150 31.69 41.56 -6.25
N TRP A 151 32.27 40.64 -5.49
CA TRP A 151 33.00 39.47 -6.00
C TRP A 151 32.06 38.60 -6.79
N PHE A 152 30.85 38.35 -6.34
CA PHE A 152 29.99 37.47 -7.16
C PHE A 152 29.73 38.05 -8.54
N GLU A 153 29.47 39.36 -8.61
CA GLU A 153 29.22 40.03 -9.93
C GLU A 153 30.49 40.03 -10.77
N MET A 154 31.65 40.26 -10.19
CA MET A 154 32.85 40.17 -11.05
C MET A 154 33.00 38.74 -11.59
N MET A 155 32.68 37.71 -10.81
CA MET A 155 32.77 36.38 -11.42
C MET A 155 31.78 36.27 -12.58
N ARG A 156 30.53 36.74 -12.47
CA ARG A 156 29.57 36.61 -13.61
C ARG A 156 29.95 37.40 -14.87
N VAL A 157 30.48 38.61 -14.75
CA VAL A 157 30.79 39.39 -15.95
C VAL A 157 32.06 38.88 -16.62
N TYR A 158 33.00 38.30 -15.85
CA TYR A 158 34.23 37.77 -16.40
C TYR A 158 34.24 36.25 -16.44
N ASN A 159 33.06 35.63 -16.56
CA ASN A 159 32.82 34.19 -16.73
C ASN A 159 33.84 33.32 -16.01
N TRP A 160 34.05 33.59 -14.72
CA TRP A 160 34.98 32.83 -13.90
C TRP A 160 34.18 31.84 -13.07
N ASN A 161 34.54 30.56 -13.17
CA ASN A 161 33.80 29.49 -12.49
C ASN A 161 34.65 28.67 -11.55
N HIS A 162 35.97 28.90 -11.50
CA HIS A 162 36.87 28.14 -10.64
C HIS A 162 37.68 29.14 -9.81
N ILE A 163 37.41 29.19 -8.51
CA ILE A 163 38.07 30.12 -7.61
C ILE A 163 38.57 29.39 -6.39
N ILE A 164 39.52 30.00 -5.69
CA ILE A 164 40.06 29.49 -4.43
C ILE A 164 39.77 30.55 -3.37
N LEU A 165 39.09 30.15 -2.31
CA LEU A 165 38.72 31.04 -1.22
C LEU A 165 39.69 30.84 -0.06
N LEU A 166 40.45 31.89 0.25
CA LEU A 166 41.44 31.85 1.32
C LEU A 166 41.01 32.83 2.40
N VAL A 167 40.59 32.30 3.55
CA VAL A 167 40.07 33.12 4.64
C VAL A 167 40.74 32.70 5.95
N SER A 168 40.64 33.58 6.93
CA SER A 168 41.17 33.32 8.26
C SER A 168 40.09 32.74 9.17
N ASP A 169 40.54 32.07 10.23
CA ASP A 169 39.64 31.39 11.15
C ASP A 169 39.20 32.37 12.23
N ASP A 170 38.24 33.23 11.86
CA ASP A 170 37.66 34.20 12.78
C ASP A 170 36.17 34.32 12.49
N HIS A 171 35.49 35.14 13.30
CA HIS A 171 34.09 35.44 13.02
C HIS A 171 33.95 36.28 11.75
N GLU A 172 34.95 37.11 11.45
CA GLU A 172 34.93 37.88 10.22
C GLU A 172 35.04 36.97 9.00
N GLY A 173 35.99 36.04 9.02
CA GLY A 173 36.18 35.15 7.88
C GLY A 173 35.01 34.20 7.67
N ARG A 174 34.42 33.70 8.75
CA ARG A 174 33.34 32.73 8.64
C ARG A 174 32.12 33.33 7.96
N ALA A 175 31.76 34.57 8.30
CA ALA A 175 30.62 35.21 7.66
C ALA A 175 30.86 35.45 6.17
N ALA A 176 32.06 35.90 5.83
CA ALA A 176 32.40 36.12 4.42
C ALA A 176 32.36 34.81 3.65
N GLN A 177 32.85 33.72 4.25
CA GLN A 177 32.79 32.41 3.61
C GLN A 177 31.34 31.99 3.42
N LYS A 178 30.54 32.15 4.45
CA LYS A 178 29.12 31.72 4.46
C LYS A 178 28.28 32.47 3.42
N ARG A 179 28.56 33.75 3.26
CA ARG A 179 27.88 34.54 2.23
C ARG A 179 28.25 34.07 0.83
N LEU A 180 29.54 33.81 0.60
CA LEU A 180 29.98 33.37 -0.71
C LEU A 180 29.42 32.01 -1.07
N GLU A 181 29.40 31.07 -0.12
CA GLU A 181 28.82 29.76 -0.42
C GLU A 181 27.32 29.83 -0.65
N THR A 182 26.61 30.69 0.09
CA THR A 182 25.18 30.85 -0.15
C THR A 182 24.92 31.45 -1.53
N LEU A 183 25.72 32.45 -1.93
CA LEU A 183 25.55 33.03 -3.25
C LEU A 183 25.88 32.03 -4.36
N LEU A 184 26.96 31.27 -4.18
CA LEU A 184 27.38 30.32 -5.22
C LEU A 184 26.40 29.16 -5.33
N GLU A 185 25.81 28.74 -4.22
CA GLU A 185 24.87 27.61 -4.24
C GLU A 185 23.63 27.92 -5.06
N GLU A 186 23.36 29.19 -5.36
CA GLU A 186 22.20 29.53 -6.19
C GLU A 186 22.35 28.95 -7.59
N ARG A 187 23.54 29.05 -8.18
CA ARG A 187 23.79 28.47 -9.50
C ARG A 187 24.19 27.00 -9.43
N GLU A 188 24.30 26.43 -8.23
CA GLU A 188 24.81 25.08 -8.02
C GLU A 188 26.22 24.94 -8.60
N SER A 189 27.10 25.83 -8.12
CA SER A 189 28.50 25.85 -8.54
C SER A 189 29.36 26.08 -7.30
N LYS A 190 29.85 24.99 -6.72
CA LYS A 190 30.64 25.07 -5.50
C LYS A 190 32.01 25.69 -5.79
N ALA A 191 32.59 26.28 -4.75
CA ALA A 191 33.97 26.74 -4.81
C ALA A 191 34.91 25.55 -4.83
N GLU A 192 36.04 25.70 -5.53
CA GLU A 192 36.95 24.57 -5.70
C GLU A 192 37.51 24.09 -4.37
N LYS A 193 37.96 25.01 -3.52
CA LYS A 193 38.50 24.65 -2.22
C LYS A 193 38.58 25.89 -1.34
N VAL A 194 38.47 25.66 -0.04
CA VAL A 194 38.52 26.72 0.99
C VAL A 194 39.68 26.39 1.90
N LEU A 195 40.57 27.33 2.15
CA LEU A 195 41.74 27.11 3.00
C LEU A 195 41.70 28.11 4.15
N GLN A 196 41.90 27.62 5.36
CA GLN A 196 41.82 28.43 6.57
C GLN A 196 43.17 28.44 7.28
N PHE A 197 43.62 29.62 7.67
CA PHE A 197 44.86 29.80 8.41
C PHE A 197 44.55 30.50 9.74
N ASP A 198 45.29 30.11 10.78
CA ASP A 198 45.08 30.68 12.09
C ASP A 198 45.44 32.16 12.11
N PRO A 199 44.68 32.98 12.82
CA PRO A 199 44.98 34.42 12.88
C PRO A 199 46.31 34.69 13.56
N GLY A 200 46.98 35.74 13.11
CA GLY A 200 48.25 36.15 13.70
C GLY A 200 49.35 35.12 13.55
N THR A 201 49.43 34.45 12.41
CA THR A 201 50.47 33.46 12.17
C THR A 201 51.61 34.06 11.36
N LYS A 202 52.77 33.41 11.44
CA LYS A 202 53.96 33.86 10.71
C LYS A 202 54.46 32.80 9.73
N ASN A 203 53.65 31.80 9.42
CA ASN A 203 54.07 30.74 8.49
C ASN A 203 52.83 30.24 7.76
N VAL A 204 52.73 30.57 6.48
CA VAL A 204 51.63 30.12 5.63
C VAL A 204 52.15 29.43 4.37
N THR A 205 53.42 29.00 4.38
CA THR A 205 54.00 28.36 3.22
C THR A 205 53.30 27.03 2.92
N ALA A 206 53.02 26.25 3.95
CA ALA A 206 52.38 24.94 3.74
C ALA A 206 50.98 25.10 3.14
N LEU A 207 50.22 26.10 3.61
CA LEU A 207 48.89 26.34 3.06
C LEU A 207 48.96 26.77 1.60
N LEU A 208 49.93 27.62 1.26
CA LEU A 208 50.05 28.10 -0.12
C LEU A 208 50.50 27.00 -1.06
N MET A 209 51.30 26.05 -0.57
CA MET A 209 51.76 24.95 -1.42
C MET A 209 50.60 24.11 -1.91
N GLU A 210 49.61 23.86 -1.05
CA GLU A 210 48.45 23.07 -1.45
C GLU A 210 47.65 23.77 -2.53
N ALA A 211 47.50 25.10 -2.43
CA ALA A 211 46.72 25.84 -3.41
C ALA A 211 47.41 25.92 -4.76
N ARG A 212 48.71 25.68 -4.83
CA ARG A 212 49.44 25.73 -6.10
C ARG A 212 49.28 24.45 -6.92
N GLU A 213 48.68 23.42 -6.35
CA GLU A 213 48.46 22.14 -7.04
C GLU A 213 46.99 21.94 -7.38
N LEU A 214 46.29 23.02 -7.71
CA LEU A 214 44.87 22.97 -8.00
C LEU A 214 44.60 23.51 -9.40
N GLU A 215 43.36 23.33 -9.85
CA GLU A 215 42.98 23.74 -11.20
C GLU A 215 42.84 25.24 -11.31
N ALA A 216 42.22 25.88 -10.32
CA ALA A 216 41.88 27.29 -10.41
C ALA A 216 43.13 28.17 -10.30
N ARG A 217 43.05 29.35 -10.92
CA ARG A 217 44.10 30.36 -10.84
C ARG A 217 43.57 31.70 -10.32
N VAL A 218 42.35 31.75 -9.82
CA VAL A 218 41.76 32.96 -9.26
C VAL A 218 41.69 32.77 -7.75
N ILE A 219 42.32 33.68 -7.01
CA ILE A 219 42.45 33.58 -5.56
C ILE A 219 41.70 34.74 -4.91
N ILE A 220 40.84 34.43 -3.96
CA ILE A 220 40.13 35.43 -3.16
C ILE A 220 40.65 35.35 -1.74
N LEU A 221 41.09 36.49 -1.20
CA LEU A 221 41.70 36.56 0.11
C LEU A 221 40.90 37.47 1.02
N SER A 222 40.70 37.03 2.26
CA SER A 222 39.97 37.80 3.27
C SER A 222 40.71 37.68 4.60
N ALA A 223 41.41 38.74 4.98
CA ALA A 223 42.17 38.77 6.23
C ALA A 223 42.35 40.23 6.64
N SER A 224 43.19 40.45 7.64
CA SER A 224 43.49 41.79 8.13
C SER A 224 44.73 42.34 7.43
N GLU A 225 44.92 43.65 7.54
CA GLU A 225 46.01 44.32 6.83
C GLU A 225 47.37 43.78 7.26
N ASP A 226 47.58 43.63 8.57
CA ASP A 226 48.85 43.08 9.05
C ASP A 226 49.02 41.64 8.60
N ASP A 227 47.95 40.84 8.70
CA ASP A 227 48.05 39.42 8.37
C ASP A 227 48.17 39.21 6.86
N ALA A 228 47.53 40.09 6.06
CA ALA A 228 47.58 39.93 4.61
C ALA A 228 49.00 40.08 4.08
N ALA A 229 49.78 40.97 4.67
CA ALA A 229 51.15 41.20 4.20
C ALA A 229 52.00 39.95 4.36
N THR A 230 51.72 39.12 5.38
CA THR A 230 52.44 37.86 5.53
C THR A 230 52.16 36.91 4.37
N VAL A 231 50.90 36.88 3.91
CA VAL A 231 50.55 36.02 2.79
C VAL A 231 51.21 36.51 1.50
N TYR A 232 51.27 37.83 1.31
CA TYR A 232 51.81 38.39 0.07
C TYR A 232 53.28 38.04 -0.10
N ARG A 233 54.06 38.09 0.97
CA ARG A 233 55.48 37.78 0.87
C ARG A 233 55.71 36.32 0.49
N ALA A 234 54.91 35.42 1.06
CA ALA A 234 55.05 33.99 0.73
C ALA A 234 54.60 33.71 -0.70
N ALA A 235 53.55 34.38 -1.16
CA ALA A 235 53.05 34.16 -2.51
C ALA A 235 54.08 34.56 -3.56
N ALA A 236 54.75 35.70 -3.36
CA ALA A 236 55.77 36.14 -4.31
C ALA A 236 56.99 35.23 -4.29
N MET A 237 57.29 34.60 -3.16
CA MET A 237 58.42 33.68 -3.08
C MET A 237 58.14 32.37 -3.81
N LEU A 238 56.89 31.93 -3.82
CA LEU A 238 56.51 30.67 -4.46
C LEU A 238 56.13 30.84 -5.93
N ASP A 239 56.37 32.03 -6.50
CA ASP A 239 56.08 32.31 -7.91
C ASP A 239 54.60 32.10 -8.22
N MET A 240 53.73 32.50 -7.29
CA MET A 240 52.29 32.43 -7.47
C MET A 240 51.69 33.78 -7.81
N THR A 241 52.51 34.77 -8.14
CA THR A 241 52.05 36.11 -8.48
C THR A 241 52.41 36.51 -9.90
N GLY A 242 52.81 35.56 -10.74
CA GLY A 242 53.20 35.87 -12.10
C GLY A 242 52.05 35.96 -13.07
N SER A 243 52.24 35.43 -14.28
CA SER A 243 51.23 35.50 -15.32
C SER A 243 50.20 34.39 -15.13
N GLY A 244 48.95 34.70 -15.49
CA GLY A 244 47.86 33.74 -15.38
C GLY A 244 47.17 33.70 -14.03
N TYR A 245 47.57 34.53 -13.08
CA TYR A 245 46.99 34.56 -11.76
C TYR A 245 46.19 35.83 -11.55
N VAL A 246 45.07 35.70 -10.83
CA VAL A 246 44.16 36.81 -10.56
C VAL A 246 43.89 36.84 -9.05
N TRP A 247 44.04 38.02 -8.45
CA TRP A 247 43.83 38.21 -7.03
C TRP A 247 42.66 39.16 -6.81
N LEU A 248 41.72 38.74 -5.97
CA LEU A 248 40.58 39.58 -5.58
C LEU A 248 40.59 39.71 -4.06
N VAL A 249 40.81 40.93 -3.59
CA VAL A 249 40.91 41.19 -2.14
C VAL A 249 39.88 42.22 -1.73
N GLY A 250 39.86 42.57 -0.44
CA GLY A 250 38.91 43.53 0.08
C GLY A 250 39.52 44.85 0.50
N GLU A 251 38.77 45.63 1.28
CA GLU A 251 39.23 46.96 1.67
C GLU A 251 40.40 46.88 2.65
N ARG A 252 40.33 45.94 3.61
CA ARG A 252 41.40 45.82 4.60
C ARG A 252 42.72 45.41 3.98
N GLU A 253 42.68 44.56 2.95
CA GLU A 253 43.88 44.09 2.29
C GLU A 253 44.54 45.16 1.43
N ILE A 254 43.87 46.30 1.21
CA ILE A 254 44.48 47.40 0.48
C ILE A 254 45.06 48.45 1.41
N SER A 255 44.36 48.78 2.50
CA SER A 255 44.81 49.82 3.42
C SER A 255 45.93 49.29 4.30
N GLY A 256 46.42 50.13 5.20
CA GLY A 256 47.50 49.72 6.08
C GLY A 256 48.82 49.56 5.35
N ASN A 257 49.71 48.79 5.96
CA ASN A 257 51.03 48.51 5.40
C ASN A 257 51.00 47.40 4.35
N ALA A 258 49.82 47.01 3.87
CA ALA A 258 49.74 45.96 2.87
C ALA A 258 50.30 46.42 1.53
N LEU A 259 50.16 47.70 1.21
CA LEU A 259 50.69 48.21 -0.06
C LEU A 259 52.21 48.15 -0.12
N ARG A 260 52.88 48.08 1.03
CA ARG A 260 54.34 47.95 1.03
C ARG A 260 54.77 46.63 0.40
N TYR A 261 54.02 45.56 0.66
CA TYR A 261 54.28 44.23 0.11
C TYR A 261 53.03 43.80 -0.65
N ALA A 262 52.94 44.17 -1.93
CA ALA A 262 51.77 43.83 -2.72
C ALA A 262 52.13 43.77 -4.20
N PRO A 263 51.93 42.62 -4.85
CA PRO A 263 52.19 42.55 -6.30
C PRO A 263 51.20 43.39 -7.09
N ASP A 264 51.65 43.84 -8.26
CA ASP A 264 50.82 44.67 -9.11
C ASP A 264 49.68 43.85 -9.72
N GLY A 265 48.64 44.57 -10.16
CA GLY A 265 47.48 43.94 -10.76
C GLY A 265 46.41 43.49 -9.78
N ILE A 266 46.61 43.68 -8.48
CA ILE A 266 45.61 43.27 -7.51
C ILE A 266 44.41 44.20 -7.58
N ILE A 267 43.21 43.60 -7.64
CA ILE A 267 41.96 44.36 -7.71
C ILE A 267 41.38 44.44 -6.31
N GLY A 268 41.19 45.67 -5.82
CA GLY A 268 40.63 45.91 -4.51
C GLY A 268 39.25 46.54 -4.57
N LEU A 269 38.78 46.93 -3.39
CA LEU A 269 37.48 47.58 -3.24
C LEU A 269 37.61 48.79 -2.33
N GLN A 270 36.70 49.76 -2.53
CA GLN A 270 36.68 50.97 -1.73
C GLN A 270 35.24 51.41 -1.55
N LEU A 271 34.83 51.65 -0.30
CA LEU A 271 33.51 52.18 -0.04
C LEU A 271 33.43 53.63 -0.48
N ILE A 272 32.27 54.02 -1.03
CA ILE A 272 32.13 55.35 -1.61
C ILE A 272 32.29 56.43 -0.54
N ASN A 273 31.57 56.29 0.58
CA ASN A 273 31.58 57.30 1.62
C ASN A 273 31.71 56.68 3.00
N GLY A 274 32.48 55.59 3.12
CA GLY A 274 32.64 54.94 4.40
C GLY A 274 33.50 55.68 5.39
N LYS A 275 34.39 56.56 4.91
CA LYS A 275 35.29 57.32 5.77
C LYS A 275 34.77 58.72 6.08
N ASN A 276 33.60 59.08 5.59
CA ASN A 276 33.03 60.42 5.80
C ASN A 276 31.97 60.31 6.89
N GLU A 277 32.38 60.53 8.14
CA GLU A 277 31.44 60.49 9.25
C GLU A 277 30.50 61.69 9.24
N SER A 278 30.95 62.83 8.69
CA SER A 278 30.11 64.02 8.64
C SER A 278 28.87 63.81 7.79
N ALA A 279 29.03 63.14 6.64
CA ALA A 279 27.89 62.87 5.77
C ALA A 279 26.90 61.93 6.44
N HIS A 280 27.39 60.94 7.19
CA HIS A 280 26.50 59.97 7.83
C HIS A 280 25.67 60.64 8.92
N ILE A 281 26.24 61.62 9.62
CA ILE A 281 25.53 62.29 10.70
C ILE A 281 24.28 62.99 10.17
N SER A 282 24.41 63.68 9.05
CA SER A 282 23.30 64.47 8.53
C SER A 282 22.12 63.57 8.12
N ASP A 283 22.39 62.52 7.36
CA ASP A 283 21.32 61.66 6.88
C ASP A 283 20.77 60.75 7.97
N ALA A 284 21.60 60.37 8.94
CA ALA A 284 21.09 59.60 10.08
C ALA A 284 20.07 60.39 10.87
N VAL A 285 20.31 61.69 11.02
CA VAL A 285 19.32 62.56 11.67
C VAL A 285 18.07 62.65 10.82
N GLY A 286 18.22 62.68 9.50
CA GLY A 286 17.07 62.82 8.62
C GLY A 286 16.10 61.66 8.72
N VAL A 287 16.62 60.46 8.98
CA VAL A 287 15.75 59.28 9.05
C VAL A 287 15.19 59.07 10.45
N VAL A 288 15.93 59.41 11.51
CA VAL A 288 15.38 59.30 12.85
C VAL A 288 14.34 60.38 13.09
N ALA A 289 14.51 61.56 12.50
CA ALA A 289 13.49 62.60 12.61
C ALA A 289 12.22 62.21 11.89
N GLN A 290 12.32 61.43 10.82
CA GLN A 290 11.12 60.90 10.16
C GLN A 290 10.38 59.95 11.08
N ALA A 291 11.11 59.13 11.83
CA ALA A 291 10.47 58.16 12.72
C ALA A 291 9.86 58.83 13.94
N VAL A 292 10.54 59.84 14.49
CA VAL A 292 10.03 60.50 15.70
C VAL A 292 8.73 61.24 15.40
N HIS A 293 8.56 61.71 14.17
CA HIS A 293 7.27 62.29 13.77
C HIS A 293 6.18 61.24 13.76
N GLU A 294 6.51 60.04 13.25
CA GLU A 294 5.53 58.96 13.16
C GLU A 294 5.41 58.15 14.44
N LEU A 295 6.30 58.35 15.41
CA LEU A 295 6.25 57.62 16.67
C LEU A 295 5.26 58.23 17.64
N LEU A 296 5.26 59.55 17.78
CA LEU A 296 4.35 60.23 18.69
C LEU A 296 2.91 60.25 18.19
N GLU A 297 2.67 59.85 16.94
CA GLU A 297 1.33 59.83 16.37
C GLU A 297 0.67 58.47 16.53
N LYS A 298 1.03 57.72 17.57
CA LYS A 298 0.46 56.41 17.83
C LYS A 298 -0.03 56.35 19.28
N GLU A 299 -0.98 55.45 19.51
CA GLU A 299 -1.57 55.29 20.84
C GLU A 299 -0.67 54.44 21.72
N ASN A 300 -0.92 54.53 23.03
CA ASN A 300 -0.19 53.77 24.05
C ASN A 300 1.32 53.99 23.95
N ILE A 301 1.74 55.24 23.78
CA ILE A 301 3.15 55.58 23.72
C ILE A 301 3.59 56.09 25.09
N THR A 302 4.70 55.56 25.57
CA THR A 302 5.25 55.94 26.87
C THR A 302 6.71 56.32 26.71
N ASP A 303 7.10 57.39 27.38
CA ASP A 303 8.48 57.84 27.33
C ASP A 303 9.39 56.81 28.00
N PRO A 304 10.51 56.43 27.38
CA PRO A 304 11.47 55.56 28.05
C PRO A 304 11.94 56.17 29.35
N PRO A 305 12.14 55.36 30.39
CA PRO A 305 12.43 55.92 31.71
C PRO A 305 13.78 56.60 31.76
N ARG A 306 13.82 57.75 32.41
CA ARG A 306 15.06 58.46 32.71
C ARG A 306 15.70 57.98 34.00
N GLY A 307 15.18 56.90 34.57
CA GLY A 307 15.72 56.33 35.79
C GLY A 307 16.81 55.31 35.56
N CYS A 308 18.01 55.76 35.19
CA CYS A 308 19.17 54.87 35.11
C CYS A 308 19.28 54.03 36.38
N VAL A 309 19.47 54.69 37.52
CA VAL A 309 19.59 53.97 38.78
C VAL A 309 18.26 53.35 39.21
N GLY A 310 17.14 54.02 38.95
CA GLY A 310 15.86 53.59 39.47
C GLY A 310 15.23 52.38 38.79
N ASN A 311 15.13 52.41 37.46
CA ASN A 311 14.31 51.46 36.72
C ASN A 311 15.15 50.29 36.20
N THR A 312 14.61 49.08 36.35
CA THR A 312 15.17 47.88 35.74
C THR A 312 14.17 47.22 34.80
N ASN A 313 13.13 47.94 34.39
CA ASN A 313 12.09 47.38 33.53
C ASN A 313 12.41 47.69 32.08
N ILE A 314 11.71 47.01 31.18
CA ILE A 314 11.88 47.19 29.74
C ILE A 314 10.80 48.14 29.25
N TRP A 315 11.22 49.20 28.56
CA TRP A 315 10.28 50.16 28.01
C TRP A 315 9.46 49.50 26.90
N LYS A 316 8.14 49.66 26.95
CA LYS A 316 7.28 49.09 25.93
C LYS A 316 7.53 49.71 24.55
N THR A 317 8.14 50.89 24.51
CA THR A 317 8.46 51.58 23.27
C THR A 317 9.90 51.24 22.88
N GLY A 318 10.06 50.68 21.68
CA GLY A 318 11.35 50.23 21.21
C GLY A 318 11.28 48.94 20.43
N PRO A 319 10.39 48.01 20.82
CA PRO A 319 10.04 46.93 19.88
C PRO A 319 9.18 47.42 18.73
N LEU A 320 8.20 48.28 19.00
CA LEU A 320 7.42 48.89 17.93
C LEU A 320 8.19 50.00 17.23
N PHE A 321 9.00 50.74 17.98
CA PHE A 321 9.78 51.84 17.41
C PHE A 321 10.79 51.33 16.40
N LYS A 322 11.47 50.22 16.71
CA LYS A 322 12.47 49.68 15.79
C LYS A 322 11.82 49.14 14.52
N ARG A 323 10.60 48.62 14.63
CA ARG A 323 9.91 48.07 13.47
C ARG A 323 9.65 49.15 12.42
N VAL A 324 9.10 50.29 12.85
CA VAL A 324 8.84 51.37 11.91
C VAL A 324 10.14 52.05 11.48
N LEU A 325 11.13 52.11 12.37
CA LEU A 325 12.41 52.74 12.03
C LEU A 325 13.12 51.97 10.93
N MET A 326 13.11 50.63 11.01
CA MET A 326 13.76 49.83 9.98
C MET A 326 13.08 49.99 8.63
N SER A 327 11.76 50.06 8.61
CA SER A 327 11.01 50.21 7.38
C SER A 327 10.91 51.66 6.91
N SER A 328 11.49 52.60 7.65
CA SER A 328 11.44 54.02 7.29
C SER A 328 12.39 54.26 6.12
N LYS A 329 11.89 54.01 4.92
CA LYS A 329 12.68 54.19 3.71
C LYS A 329 12.87 55.69 3.45
N TYR A 330 14.12 56.14 3.52
CA TYR A 330 14.45 57.55 3.32
C TYR A 330 14.42 57.85 1.82
N ALA A 331 13.65 58.87 1.44
CA ALA A 331 13.44 59.14 0.02
C ALA A 331 14.75 59.54 -0.67
N ASP A 332 15.49 60.47 -0.07
CA ASP A 332 16.74 60.93 -0.66
C ASP A 332 17.58 61.62 0.40
N GLY A 333 18.89 61.45 0.30
CA GLY A 333 19.81 62.06 1.24
C GLY A 333 21.09 62.52 0.58
N VAL A 334 22.10 62.88 1.39
CA VAL A 334 23.37 63.36 0.85
C VAL A 334 24.37 62.23 0.62
N THR A 335 24.04 61.01 1.00
CA THR A 335 24.91 59.85 0.76
C THR A 335 24.18 58.77 -0.02
N GLY A 336 23.12 59.15 -0.73
CA GLY A 336 22.33 58.19 -1.49
C GLY A 336 21.14 57.68 -0.69
N ARG A 337 20.37 56.81 -1.36
CA ARG A 337 19.20 56.22 -0.72
C ARG A 337 19.60 55.37 0.47
N VAL A 338 18.87 55.52 1.58
CA VAL A 338 19.14 54.80 2.81
C VAL A 338 17.97 53.87 3.07
N GLU A 339 18.26 52.57 3.13
CA GLU A 339 17.27 51.55 3.44
C GLU A 339 17.90 50.51 4.35
N PHE A 340 17.08 49.60 4.87
CA PHE A 340 17.55 48.57 5.79
C PHE A 340 16.93 47.24 5.42
N ASN A 341 17.74 46.18 5.48
CA ASN A 341 17.24 44.82 5.33
C ASN A 341 16.70 44.33 6.67
N GLU A 342 16.31 43.06 6.73
CA GLU A 342 15.85 42.53 8.01
C GLU A 342 17.03 42.06 8.85
N ASP A 343 18.06 42.90 8.93
CA ASP A 343 19.14 42.68 9.89
C ASP A 343 19.68 43.98 10.48
N GLY A 344 19.05 45.13 10.18
CA GLY A 344 19.62 46.41 10.58
C GLY A 344 20.91 46.76 9.85
N ASP A 345 20.96 46.52 8.55
CA ASP A 345 22.15 46.76 7.75
C ASP A 345 21.82 47.65 6.56
N ARG A 346 22.80 48.44 6.14
CA ARG A 346 22.62 49.36 5.02
C ARG A 346 22.42 48.59 3.72
N LYS A 347 21.55 49.12 2.86
CA LYS A 347 21.22 48.51 1.58
C LYS A 347 21.55 49.48 0.44
N PHE A 348 21.90 48.90 -0.72
CA PHE A 348 22.27 49.65 -1.91
C PHE A 348 23.44 50.59 -1.65
N ALA A 349 24.58 49.98 -1.32
CA ALA A 349 25.82 50.72 -1.14
C ALA A 349 26.55 50.87 -2.47
N GLN A 350 27.48 51.81 -2.52
CA GLN A 350 28.26 52.09 -3.71
C GLN A 350 29.71 51.70 -3.47
N TYR A 351 30.29 51.00 -4.44
CA TYR A 351 31.67 50.53 -4.36
C TYR A 351 32.43 50.94 -5.60
N SER A 352 33.73 51.21 -5.43
CA SER A 352 34.62 51.55 -6.52
C SER A 352 35.65 50.43 -6.68
N ILE A 353 35.71 49.83 -7.87
CA ILE A 353 36.62 48.73 -8.14
C ILE A 353 37.98 49.34 -8.48
N MET A 354 38.89 49.28 -7.53
CA MET A 354 40.21 49.89 -7.70
C MET A 354 41.18 48.89 -8.31
N ASN A 355 42.35 49.37 -8.68
CA ASN A 355 43.37 48.55 -9.33
C ASN A 355 44.73 49.15 -9.09
N LEU A 356 45.70 48.30 -8.73
CA LEU A 356 47.05 48.72 -8.40
C LEU A 356 47.96 48.45 -9.61
N GLN A 357 48.43 49.53 -10.24
CA GLN A 357 49.41 49.46 -11.31
C GLN A 357 50.49 50.51 -11.09
N ASN A 358 51.75 50.08 -11.16
CA ASN A 358 52.90 50.97 -10.97
C ASN A 358 52.84 51.68 -9.61
N ARG A 359 52.57 50.90 -8.57
CA ARG A 359 52.57 51.35 -7.18
C ARG A 359 51.53 52.44 -6.89
N LYS A 360 50.59 52.65 -7.81
CA LYS A 360 49.56 53.67 -7.63
C LYS A 360 48.22 53.09 -8.04
N LEU A 361 47.20 53.32 -7.22
CA LEU A 361 45.88 52.78 -7.48
C LEU A 361 45.06 53.72 -8.36
N VAL A 362 44.41 53.17 -9.38
CA VAL A 362 43.55 53.91 -10.28
C VAL A 362 42.19 53.23 -10.31
N GLN A 363 41.13 54.02 -10.17
CA GLN A 363 39.77 53.49 -10.19
C GLN A 363 39.40 52.98 -11.56
N VAL A 364 38.65 51.86 -11.59
CA VAL A 364 38.30 51.21 -12.86
C VAL A 364 36.81 51.00 -13.04
N GLY A 365 36.01 50.83 -11.98
CA GLY A 365 34.60 50.55 -12.19
C GLY A 365 33.76 50.98 -11.01
N ILE A 366 32.44 50.94 -11.21
CA ILE A 366 31.47 51.36 -10.22
C ILE A 366 30.35 50.32 -10.13
N TYR A 367 30.04 49.90 -8.91
CA TYR A 367 29.02 48.89 -8.62
C TYR A 367 27.91 49.56 -7.82
N ASN A 368 26.76 49.79 -8.46
CA ASN A 368 25.69 50.47 -7.73
C ASN A 368 24.71 49.49 -7.09
N GLY A 369 25.26 48.50 -6.39
CA GLY A 369 24.43 47.53 -5.70
C GLY A 369 24.04 46.31 -6.49
N THR A 370 23.74 46.49 -7.78
CA THR A 370 23.23 45.42 -8.63
C THR A 370 24.03 45.14 -9.90
N HIS A 371 24.88 46.06 -10.36
CA HIS A 371 25.59 45.85 -11.62
C HIS A 371 26.95 46.52 -11.55
N VAL A 372 27.84 46.13 -12.47
CA VAL A 372 29.20 46.67 -12.55
C VAL A 372 29.36 47.37 -13.89
N ILE A 373 29.77 48.64 -13.85
CA ILE A 373 29.95 49.46 -15.04
C ILE A 373 31.38 49.97 -15.05
N PRO A 374 32.25 49.45 -15.92
CA PRO A 374 33.62 49.95 -16.00
C PRO A 374 33.70 51.29 -16.70
N ASN A 375 34.81 51.99 -16.47
CA ASN A 375 35.07 53.28 -17.08
C ASN A 375 35.94 53.09 -18.32
N ASP A 376 36.43 54.20 -18.86
CA ASP A 376 37.31 54.16 -20.04
C ASP A 376 38.72 53.70 -19.72
N ARG A 377 39.08 53.58 -18.44
CA ARG A 377 40.42 53.15 -18.07
C ARG A 377 40.60 51.66 -18.39
N LYS A 378 41.85 51.27 -18.60
CA LYS A 378 42.20 49.89 -18.92
C LYS A 378 42.74 49.18 -17.67
N ILE A 379 42.65 47.85 -17.71
CA ILE A 379 43.04 46.99 -16.60
C ILE A 379 44.36 46.32 -16.93
N ILE A 380 45.31 46.40 -16.00
CA ILE A 380 46.59 45.71 -16.10
C ILE A 380 46.57 44.54 -15.13
N TRP A 381 46.63 43.33 -15.67
CA TRP A 381 46.60 42.12 -14.87
C TRP A 381 47.99 41.78 -14.36
N PRO A 382 48.09 40.95 -13.32
CA PRO A 382 49.41 40.62 -12.76
C PRO A 382 50.32 39.99 -13.80
N GLY A 383 51.61 40.31 -13.69
CA GLY A 383 52.60 39.88 -14.66
C GLY A 383 52.84 40.85 -15.80
N GLY A 384 52.07 41.92 -15.89
CA GLY A 384 52.23 42.92 -16.92
C GLY A 384 51.43 42.69 -18.18
N GLU A 385 50.81 41.52 -18.33
CA GLU A 385 49.99 41.25 -19.50
C GLU A 385 48.73 42.12 -19.48
N THR A 386 48.20 42.40 -20.67
CA THR A 386 46.96 43.17 -20.82
C THR A 386 45.99 42.29 -21.60
N GLU A 387 45.33 41.39 -20.88
CA GLU A 387 44.34 40.47 -21.45
C GLU A 387 43.65 39.73 -20.31
N LYS A 388 42.35 39.58 -20.39
CA LYS A 388 41.74 38.83 -19.28
C LYS A 388 42.37 37.45 -19.34
N PRO A 389 42.75 36.87 -18.20
CA PRO A 389 43.29 35.52 -18.12
C PRO A 389 42.18 34.48 -18.13
N ARG A 390 42.56 33.27 -18.59
CA ARG A 390 41.62 32.15 -18.55
C ARG A 390 41.23 31.81 -17.12
N GLY A 391 42.17 31.95 -16.19
CA GLY A 391 41.90 31.58 -14.80
C GLY A 391 41.65 30.10 -14.63
N TYR A 392 42.32 29.25 -15.40
CA TYR A 392 42.10 27.82 -15.37
C TYR A 392 43.26 27.14 -16.09
N GLN A 393 43.67 25.99 -15.57
CA GLN A 393 44.75 25.21 -16.17
C GLN A 393 44.37 23.74 -16.04
N MET A 394 43.76 23.19 -17.09
CA MET A 394 43.28 21.82 -17.06
C MET A 394 44.44 20.84 -16.94
N SER A 395 44.31 19.88 -16.03
CA SER A 395 45.37 18.90 -15.78
C SER A 395 45.08 17.62 -16.53
N THR A 396 46.15 17.02 -17.06
CA THR A 396 46.05 15.80 -17.86
C THR A 396 46.50 14.56 -17.08
N ARG A 397 46.72 14.69 -15.78
CA ARG A 397 47.09 13.56 -14.92
C ARG A 397 46.06 13.44 -13.81
N LEU A 398 45.48 12.24 -13.68
CA LEU A 398 44.39 11.99 -12.75
C LEU A 398 44.80 11.00 -11.68
N LYS A 399 44.03 11.00 -10.59
CA LYS A 399 44.23 10.09 -9.47
C LYS A 399 43.05 9.14 -9.37
N ILE A 400 43.33 7.85 -9.21
CA ILE A 400 42.32 6.80 -9.20
C ILE A 400 42.34 6.09 -7.86
N VAL A 401 41.15 5.77 -7.34
CA VAL A 401 40.99 5.01 -6.11
C VAL A 401 40.27 3.71 -6.45
N THR A 402 40.76 2.60 -5.90
CA THR A 402 40.25 1.29 -6.23
C THR A 402 40.07 0.50 -4.93
N ILE A 403 39.20 -0.51 -4.98
CA ILE A 403 38.96 -1.39 -3.85
C ILE A 403 39.23 -2.82 -4.31
N HIS A 404 39.47 -3.70 -3.34
CA HIS A 404 39.82 -5.09 -3.62
C HIS A 404 38.54 -5.91 -3.78
N GLN A 405 38.32 -6.41 -5.01
CA GLN A 405 37.19 -7.28 -5.31
C GLN A 405 37.63 -8.23 -6.40
N GLU A 406 37.72 -9.52 -6.07
CA GLU A 406 38.39 -10.50 -6.93
C GLU A 406 37.88 -10.53 -8.37
N PRO A 407 36.58 -10.60 -8.65
CA PRO A 407 36.16 -10.67 -10.06
C PRO A 407 36.56 -9.46 -10.88
N PHE A 408 36.81 -8.31 -10.24
CA PHE A 408 37.15 -7.09 -10.95
C PHE A 408 38.54 -6.56 -10.63
N VAL A 409 39.03 -6.72 -9.40
CA VAL A 409 40.32 -6.19 -8.98
C VAL A 409 41.09 -7.27 -8.24
N TYR A 410 42.30 -7.54 -8.68
CA TYR A 410 43.22 -8.44 -7.99
C TYR A 410 44.38 -7.64 -7.41
N VAL A 411 44.74 -7.94 -6.16
CA VAL A 411 45.86 -7.28 -5.50
C VAL A 411 46.86 -8.36 -5.11
N LYS A 412 48.08 -8.24 -5.62
CA LYS A 412 49.15 -9.19 -5.36
C LYS A 412 50.43 -8.46 -4.98
N PRO A 413 51.26 -9.05 -4.14
CA PRO A 413 52.53 -8.41 -3.78
C PRO A 413 53.51 -8.38 -4.94
N THR A 414 54.33 -7.33 -4.96
CA THR A 414 55.36 -7.20 -5.97
C THR A 414 56.52 -8.15 -5.68
N MET A 415 57.26 -8.46 -6.74
CA MET A 415 58.46 -9.28 -6.58
C MET A 415 59.55 -8.50 -5.86
N SER A 416 60.62 -9.22 -5.49
CA SER A 416 61.72 -8.58 -4.77
C SER A 416 62.39 -7.51 -5.61
N ASP A 417 62.37 -7.65 -6.94
CA ASP A 417 62.94 -6.62 -7.81
C ASP A 417 62.17 -5.31 -7.67
N GLY A 418 60.85 -5.38 -7.69
CA GLY A 418 60.03 -4.19 -7.58
C GLY A 418 59.06 -4.00 -8.71
N THR A 419 58.88 -5.05 -9.53
CA THR A 419 57.99 -5.03 -10.68
C THR A 419 56.93 -6.11 -10.53
N CYS A 420 56.08 -6.25 -11.54
CA CYS A 420 55.00 -7.22 -11.55
C CYS A 420 55.42 -8.46 -12.34
N LYS A 421 55.10 -9.63 -11.79
CA LYS A 421 55.46 -10.88 -12.44
C LYS A 421 54.65 -11.07 -13.72
N GLU A 422 55.33 -11.57 -14.76
CA GLU A 422 54.67 -11.84 -16.02
C GLU A 422 53.68 -12.99 -15.88
N GLU A 423 52.56 -12.87 -16.61
CA GLU A 423 51.52 -13.89 -16.57
C GLU A 423 50.76 -13.86 -17.89
N PHE A 424 50.26 -15.02 -18.29
CA PHE A 424 49.57 -15.18 -19.57
C PHE A 424 48.19 -15.78 -19.35
N THR A 425 47.29 -15.49 -20.29
CA THR A 425 45.94 -16.04 -20.25
C THR A 425 45.95 -17.46 -20.83
N VAL A 426 44.75 -17.99 -21.10
CA VAL A 426 44.66 -19.32 -21.68
C VAL A 426 45.10 -19.32 -23.14
N ASN A 427 45.08 -18.15 -23.79
CA ASN A 427 45.43 -18.03 -25.20
C ASN A 427 46.82 -17.46 -25.42
N GLY A 428 47.62 -17.34 -24.36
CA GLY A 428 48.99 -16.89 -24.48
C GLY A 428 49.18 -15.40 -24.66
N ASP A 429 48.13 -14.59 -24.49
CA ASP A 429 48.43 -13.17 -24.58
C ASP A 429 48.70 -12.59 -23.20
N PRO A 430 49.59 -11.60 -23.10
CA PRO A 430 50.03 -11.12 -21.79
C PRO A 430 48.90 -10.48 -20.99
N VAL A 431 48.97 -10.63 -19.68
CA VAL A 431 48.06 -9.98 -18.75
C VAL A 431 48.67 -8.63 -18.36
N LYS A 432 47.94 -7.55 -18.60
CA LYS A 432 48.43 -6.21 -18.34
C LYS A 432 48.11 -5.81 -16.90
N LYS A 433 49.15 -5.47 -16.15
CA LYS A 433 49.03 -5.06 -14.75
C LYS A 433 49.49 -3.63 -14.57
N VAL A 434 49.25 -3.15 -13.37
CA VAL A 434 49.56 -1.75 -13.02
C VAL A 434 50.14 -1.72 -11.61
N ILE A 435 50.90 -0.73 -11.29
CA ILE A 435 51.54 -0.64 -9.97
C ILE A 435 50.63 0.20 -9.08
N CYS A 436 50.15 -0.40 -7.99
CA CYS A 436 49.32 0.30 -7.02
C CYS A 436 50.16 0.70 -5.80
N THR A 437 49.51 1.37 -4.84
CA THR A 437 50.15 1.71 -3.58
C THR A 437 49.05 1.83 -2.53
N GLY A 438 49.18 1.07 -1.45
CA GLY A 438 48.19 1.07 -0.39
C GLY A 438 48.68 0.40 0.87
N PRO A 439 47.86 0.42 1.91
CA PRO A 439 48.26 -0.22 3.17
C PRO A 439 48.38 -1.73 3.02
N ASN A 440 49.32 -2.30 3.77
CA ASN A 440 49.55 -3.74 3.77
C ASN A 440 49.02 -4.34 5.07
N ASP A 441 49.24 -5.65 5.23
CA ASP A 441 48.80 -6.42 6.40
C ASP A 441 47.28 -6.27 6.50
N THR A 442 46.73 -6.01 7.68
CA THR A 442 45.27 -5.94 7.82
C THR A 442 44.74 -4.55 7.43
N SER A 443 45.18 -3.52 8.13
CA SER A 443 44.63 -2.18 7.97
C SER A 443 45.54 -1.15 8.63
N PRO A 444 45.28 0.16 8.45
CA PRO A 444 46.07 1.17 9.18
C PRO A 444 45.86 1.14 10.69
N GLY A 445 45.10 0.16 11.18
CA GLY A 445 44.84 0.07 12.62
C GLY A 445 46.10 -0.09 13.45
N SER A 446 47.13 -0.73 12.89
CA SER A 446 48.40 -0.87 13.59
C SER A 446 49.57 -0.67 12.64
N PRO A 447 49.74 -1.49 11.58
CA PRO A 447 50.87 -1.24 10.66
C PRO A 447 50.49 -0.27 9.54
N ARG A 448 50.35 1.01 9.89
CA ARG A 448 49.88 2.03 8.95
C ARG A 448 51.06 2.53 8.14
N HIS A 449 51.31 1.90 6.99
CA HIS A 449 52.29 2.38 6.03
C HIS A 449 52.03 1.71 4.70
N THR A 450 52.17 2.48 3.62
CA THR A 450 51.83 2.01 2.28
C THR A 450 53.04 1.39 1.59
N VAL A 451 52.77 0.34 0.82
CA VAL A 451 53.80 -0.35 0.03
C VAL A 451 53.29 -0.53 -1.39
N PRO A 452 54.17 -0.55 -2.39
CA PRO A 452 53.71 -0.79 -3.76
C PRO A 452 53.20 -2.22 -3.94
N GLN A 453 52.19 -2.36 -4.80
CA GLN A 453 51.61 -3.66 -5.12
C GLN A 453 51.22 -3.67 -6.60
N CYS A 454 50.75 -4.83 -7.06
CA CYS A 454 50.33 -5.01 -8.44
C CYS A 454 48.82 -5.22 -8.50
N CYS A 455 48.18 -4.64 -9.52
CA CYS A 455 46.74 -4.73 -9.68
C CYS A 455 46.39 -5.10 -11.11
N TYR A 456 45.35 -5.90 -11.27
CA TYR A 456 44.83 -6.29 -12.57
C TYR A 456 43.41 -6.82 -12.38
N GLY A 457 42.66 -6.88 -13.48
CA GLY A 457 41.33 -7.44 -13.45
C GLY A 457 40.43 -6.76 -14.46
N PHE A 458 39.13 -6.95 -14.24
CA PHE A 458 38.13 -6.41 -15.16
C PHE A 458 38.18 -4.89 -15.20
N CYS A 459 38.24 -4.24 -14.02
CA CYS A 459 38.21 -2.79 -13.97
C CYS A 459 39.53 -2.16 -14.37
N ILE A 460 40.65 -2.87 -14.18
CA ILE A 460 41.96 -2.29 -14.44
C ILE A 460 42.17 -2.09 -15.94
N ASP A 461 41.81 -3.09 -16.74
CA ASP A 461 42.00 -2.99 -18.19
C ASP A 461 40.91 -2.19 -18.88
N LEU A 462 39.80 -1.90 -18.19
CA LEU A 462 38.84 -0.93 -18.71
C LEU A 462 39.34 0.50 -18.53
N LEU A 463 40.07 0.76 -17.44
CA LEU A 463 40.70 2.05 -17.25
C LEU A 463 41.78 2.31 -18.28
N ILE A 464 42.52 1.26 -18.67
CA ILE A 464 43.55 1.41 -19.70
C ILE A 464 42.93 1.78 -21.03
N LYS A 465 41.79 1.15 -21.38
CA LYS A 465 41.09 1.50 -22.60
C LYS A 465 40.60 2.95 -22.57
N LEU A 466 40.07 3.38 -21.42
CA LEU A 466 39.58 4.76 -21.32
C LEU A 466 40.72 5.76 -21.45
N ALA A 467 41.88 5.46 -20.85
CA ALA A 467 43.00 6.40 -20.89
C ALA A 467 43.52 6.59 -22.31
N ARG A 468 43.63 5.49 -23.06
CA ARG A 468 44.14 5.58 -24.42
C ARG A 468 43.23 6.40 -25.32
N THR A 469 41.91 6.17 -25.22
CA THR A 469 40.96 6.92 -26.04
C THR A 469 40.88 8.38 -25.61
N MET A 470 40.83 8.63 -24.31
CA MET A 470 40.66 9.98 -23.79
C MET A 470 41.98 10.73 -23.60
N GLN A 471 43.12 10.07 -23.83
CA GLN A 471 44.43 10.71 -23.85
C GLN A 471 44.79 11.38 -22.53
N PHE A 472 44.82 10.62 -21.45
CA PHE A 472 45.19 11.11 -20.11
C PHE A 472 46.18 10.13 -19.49
N THR A 473 46.85 10.49 -18.41
CA THR A 473 47.85 9.65 -17.72
C THR A 473 47.39 9.55 -16.27
N TYR A 474 47.59 8.46 -15.55
CA TYR A 474 46.94 8.20 -14.28
C TYR A 474 47.93 7.60 -13.28
N GLU A 475 47.62 7.71 -12.03
CA GLU A 475 48.31 7.03 -10.93
C GLU A 475 47.21 6.45 -10.08
N VAL A 476 47.33 5.25 -9.59
CA VAL A 476 46.28 4.57 -8.85
C VAL A 476 46.77 4.23 -7.45
N HIS A 477 45.82 4.11 -6.53
CA HIS A 477 46.10 3.71 -5.16
C HIS A 477 44.85 3.10 -4.55
N LEU A 478 45.04 2.39 -3.45
CA LEU A 478 43.97 1.69 -2.75
C LEU A 478 43.37 2.60 -1.67
N VAL A 479 42.09 2.36 -1.38
CA VAL A 479 41.41 3.12 -0.33
C VAL A 479 41.98 2.73 1.02
N ALA A 480 42.12 3.72 1.91
CA ALA A 480 42.79 3.50 3.19
C ALA A 480 42.01 2.55 4.09
N ASP A 481 40.72 2.82 4.28
CA ASP A 481 39.92 2.04 5.23
C ASP A 481 39.25 0.83 4.60
N GLY A 482 39.33 0.66 3.28
CA GLY A 482 38.72 -0.49 2.64
C GLY A 482 37.21 -0.53 2.69
N LYS A 483 36.54 0.61 2.53
CA LYS A 483 35.10 0.69 2.55
C LYS A 483 34.59 1.38 1.29
N PHE A 484 33.40 1.00 0.86
CA PHE A 484 32.82 1.58 -0.35
C PHE A 484 32.36 3.02 -0.11
N GLY A 485 31.73 3.28 1.04
CA GLY A 485 31.34 4.64 1.37
C GLY A 485 29.92 4.80 1.84
N THR A 486 29.69 5.41 2.99
CA THR A 486 28.35 5.81 3.51
C THR A 486 28.46 7.10 4.28
N GLN A 487 27.37 7.72 4.60
CA GLN A 487 27.29 8.98 5.31
C GLN A 487 27.06 8.72 6.80
N GLU A 488 27.93 9.26 7.65
CA GLU A 488 27.87 9.08 9.09
C GLU A 488 28.07 10.42 9.78
N ARG A 489 27.91 10.41 11.11
CA ARG A 489 28.13 11.58 11.94
C ARG A 489 29.29 11.32 12.90
N VAL A 490 30.02 12.38 13.24
CA VAL A 490 31.26 12.27 14.00
C VAL A 490 31.20 13.18 15.22
N GLN A 491 31.55 12.62 16.37
CA GLN A 491 31.84 13.34 17.62
C GLN A 491 30.84 14.45 17.95
N ASN A 492 29.54 14.12 17.96
CA ASN A 492 28.49 15.02 18.43
C ASN A 492 28.57 16.39 17.73
N SER A 493 28.38 16.36 16.41
CA SER A 493 28.43 17.57 15.60
C SER A 493 27.23 17.57 14.65
N ASN A 494 26.85 18.78 14.23
CA ASN A 494 25.73 18.92 13.30
C ASN A 494 26.11 18.51 11.89
N LYS A 495 27.40 18.54 11.56
CA LYS A 495 27.85 18.19 10.23
C LYS A 495 27.71 16.69 9.99
N LYS A 496 27.64 16.31 8.72
CA LYS A 496 27.55 14.92 8.30
C LYS A 496 28.48 14.71 7.13
N GLU A 497 29.40 13.76 7.25
CA GLU A 497 30.50 13.62 6.31
C GLU A 497 30.66 12.16 5.90
N TRP A 498 31.11 11.98 4.65
CA TRP A 498 31.26 10.67 4.04
C TRP A 498 32.59 10.03 4.42
N ASN A 499 32.61 8.70 4.41
CA ASN A 499 33.81 7.92 4.66
C ASN A 499 34.05 6.99 3.48
N GLY A 500 35.12 6.21 3.55
CA GLY A 500 35.39 5.27 2.49
C GLY A 500 35.80 5.93 1.19
N MET A 501 35.41 5.27 0.09
CA MET A 501 35.80 5.73 -1.23
C MET A 501 35.03 6.98 -1.64
N MET A 502 33.80 7.15 -1.14
CA MET A 502 33.03 8.36 -1.45
C MET A 502 33.70 9.59 -0.88
N GLY A 503 34.23 9.50 0.34
CA GLY A 503 34.93 10.64 0.93
C GLY A 503 36.28 10.93 0.33
N GLU A 504 36.91 9.93 -0.27
CA GLU A 504 38.19 10.17 -0.95
C GLU A 504 38.02 11.11 -2.13
N LEU A 505 36.96 10.91 -2.92
CA LEU A 505 36.73 11.76 -4.09
C LEU A 505 36.25 13.15 -3.71
N LEU A 506 35.37 13.25 -2.71
CA LEU A 506 34.81 14.54 -2.33
C LEU A 506 35.81 15.44 -1.63
N SER A 507 36.85 14.87 -1.01
CA SER A 507 37.83 15.64 -0.26
C SER A 507 39.01 16.10 -1.11
N GLY A 508 38.99 15.82 -2.40
CA GLY A 508 40.05 16.25 -3.30
C GLY A 508 41.24 15.33 -3.39
N GLN A 509 41.18 14.16 -2.76
CA GLN A 509 42.27 13.18 -2.84
C GLN A 509 42.19 12.31 -4.08
N ALA A 510 41.18 12.49 -4.92
CA ALA A 510 41.00 11.65 -6.10
C ALA A 510 40.25 12.43 -7.17
N ASP A 511 40.33 11.92 -8.39
CA ASP A 511 39.62 12.49 -9.52
C ASP A 511 38.58 11.55 -10.13
N MET A 512 38.81 10.24 -10.06
CA MET A 512 37.88 9.26 -10.61
C MET A 512 37.80 8.05 -9.69
N ILE A 513 36.67 7.36 -9.75
CA ILE A 513 36.46 6.10 -9.04
C ILE A 513 36.26 5.01 -10.07
N VAL A 514 37.20 4.08 -10.13
CA VAL A 514 37.13 2.95 -11.06
C VAL A 514 37.04 1.68 -10.21
N ALA A 515 35.82 1.26 -9.91
CA ALA A 515 35.55 0.12 -9.06
C ALA A 515 34.08 -0.27 -9.17
N PRO A 516 33.69 -1.47 -8.72
CA PRO A 516 32.26 -1.81 -8.75
C PRO A 516 31.46 -1.03 -7.72
N LEU A 517 31.12 0.21 -8.05
CA LEU A 517 30.36 1.10 -7.17
C LEU A 517 28.91 1.14 -7.62
N THR A 518 27.99 0.93 -6.69
CA THR A 518 26.57 0.85 -7.01
C THR A 518 25.95 2.24 -7.12
N ILE A 519 25.20 2.46 -8.18
CA ILE A 519 24.50 3.73 -8.38
C ILE A 519 23.22 3.71 -7.56
N ASN A 520 23.04 4.74 -6.73
CA ASN A 520 21.83 4.86 -5.93
C ASN A 520 21.49 6.34 -5.78
N ASN A 521 20.30 6.60 -5.20
CA ASN A 521 19.82 7.96 -5.06
C ASN A 521 20.70 8.77 -4.11
N GLU A 522 21.16 8.15 -3.03
CA GLU A 522 21.86 8.89 -1.98
C GLU A 522 23.22 9.38 -2.45
N ARG A 523 23.96 8.54 -3.18
CA ARG A 523 25.27 8.95 -3.69
C ARG A 523 25.15 9.90 -4.87
N ALA A 524 24.02 9.88 -5.58
CA ALA A 524 23.84 10.69 -6.78
C ALA A 524 23.64 12.17 -6.48
N GLN A 525 23.46 12.54 -5.22
CA GLN A 525 23.25 13.94 -4.86
C GLN A 525 24.54 14.69 -4.55
N TYR A 526 25.70 14.01 -4.65
CA TYR A 526 26.96 14.66 -4.33
C TYR A 526 27.98 14.47 -5.46
N ILE A 527 27.89 13.37 -6.18
CA ILE A 527 28.81 13.04 -7.25
C ILE A 527 28.03 12.77 -8.53
N GLU A 528 28.76 12.47 -9.60
CA GLU A 528 28.18 12.18 -10.91
C GLU A 528 28.45 10.72 -11.27
N PHE A 529 27.47 10.10 -11.92
CA PHE A 529 27.59 8.74 -12.39
C PHE A 529 27.45 8.70 -13.91
N SER A 530 28.17 7.77 -14.54
CA SER A 530 28.12 7.59 -15.97
C SER A 530 27.10 6.49 -16.31
N LYS A 531 26.89 6.26 -17.57
CA LYS A 531 25.99 5.18 -17.91
C LYS A 531 26.58 3.89 -17.34
N PRO A 532 25.82 2.88 -16.97
CA PRO A 532 26.30 1.65 -16.35
C PRO A 532 27.07 0.79 -17.33
N PHE A 533 28.19 0.23 -16.85
CA PHE A 533 28.97 -0.74 -17.61
C PHE A 533 28.70 -2.17 -17.17
N LYS A 534 27.76 -2.36 -16.24
CA LYS A 534 27.40 -3.69 -15.77
C LYS A 534 26.01 -3.59 -15.15
N TYR A 535 25.13 -4.51 -15.53
CA TYR A 535 23.77 -4.57 -15.00
C TYR A 535 23.64 -5.80 -14.11
N GLN A 536 23.16 -5.60 -12.89
CA GLN A 536 23.14 -6.67 -11.90
C GLN A 536 21.95 -6.45 -10.96
N GLY A 537 21.91 -7.24 -9.89
CA GLY A 537 20.94 -7.09 -8.83
C GLY A 537 21.51 -7.57 -7.50
N LEU A 538 20.65 -8.00 -6.59
CA LEU A 538 21.06 -8.53 -5.30
C LEU A 538 20.59 -9.97 -5.17
N THR A 539 21.41 -10.80 -4.53
CA THR A 539 21.10 -12.22 -4.36
C THR A 539 21.63 -12.68 -3.02
N ILE A 540 21.42 -13.96 -2.71
CA ILE A 540 21.81 -14.55 -1.45
C ILE A 540 22.70 -15.76 -1.72
N LEU A 541 23.79 -15.88 -0.95
CA LEU A 541 24.73 -16.98 -1.08
C LEU A 541 24.62 -17.89 0.13
N VAL A 542 24.39 -19.18 -0.11
CA VAL A 542 24.23 -20.17 0.93
C VAL A 542 25.10 -21.37 0.60
N LYS A 543 25.13 -22.34 1.51
CA LYS A 543 25.87 -23.58 1.36
C LYS A 543 24.95 -24.69 0.87
N LYS A 544 25.55 -25.71 0.29
CA LYS A 544 24.82 -26.88 -0.20
C LYS A 544 25.52 -28.15 0.26
N GLU A 545 24.75 -29.22 0.39
CA GLU A 545 25.22 -30.46 0.98
C GLU A 545 25.40 -31.54 -0.09
N ILE A 546 25.72 -32.74 0.36
CA ILE A 546 26.04 -33.87 -0.52
C ILE A 546 24.81 -34.75 -0.66
N PRO A 547 24.60 -35.40 -1.81
CA PRO A 547 23.50 -36.36 -1.91
C PRO A 547 23.86 -37.73 -1.33
N ARG A 548 22.96 -38.69 -1.48
CA ARG A 548 23.14 -40.02 -0.94
C ARG A 548 24.07 -40.85 -1.84
N SER A 549 24.19 -42.14 -1.55
CA SER A 549 25.06 -43.03 -2.30
C SER A 549 24.31 -44.31 -2.65
N THR A 550 24.78 -44.99 -3.70
CA THR A 550 24.13 -46.22 -4.14
C THR A 550 24.35 -47.35 -3.14
N LEU A 551 25.39 -47.26 -2.33
CA LEU A 551 25.68 -48.21 -1.25
C LEU A 551 25.83 -49.61 -1.85
N ASP A 552 25.49 -50.64 -1.07
CA ASP A 552 25.57 -52.02 -1.53
C ASP A 552 24.46 -52.29 -2.54
N SER A 553 24.81 -52.97 -3.64
CA SER A 553 23.83 -53.24 -4.70
C SER A 553 22.72 -54.16 -4.20
N PHE A 554 23.08 -55.21 -3.47
CA PHE A 554 22.09 -56.22 -3.08
C PHE A 554 21.14 -55.69 -2.01
N MET A 555 21.66 -55.01 -1.00
CA MET A 555 20.90 -54.70 0.21
C MET A 555 19.97 -53.50 0.05
N GLN A 556 20.13 -52.78 -1.06
CA GLN A 556 19.30 -51.62 -1.19
C GLN A 556 17.86 -51.84 -1.58
N PRO A 557 17.62 -52.47 -2.71
CA PRO A 557 16.22 -52.68 -3.11
C PRO A 557 15.48 -53.66 -2.23
N PHE A 558 16.17 -54.65 -1.68
CA PHE A 558 15.56 -55.69 -0.86
C PHE A 558 16.18 -55.68 0.54
N GLN A 559 15.33 -55.79 1.55
CA GLN A 559 15.81 -55.93 2.91
C GLN A 559 16.44 -57.30 3.12
N SER A 560 17.37 -57.39 4.06
CA SER A 560 18.07 -58.64 4.30
C SER A 560 17.12 -59.75 4.75
N THR A 561 16.04 -59.40 5.43
CA THR A 561 15.08 -60.42 5.85
C THR A 561 14.32 -61.00 4.66
N LEU A 562 14.12 -60.20 3.60
CA LEU A 562 13.43 -60.70 2.43
C LEU A 562 14.33 -61.63 1.61
N TRP A 563 15.64 -61.36 1.63
CA TRP A 563 16.57 -62.23 0.91
C TRP A 563 16.54 -63.64 1.47
N LEU A 564 16.63 -63.76 2.81
CA LEU A 564 16.67 -65.09 3.43
C LEU A 564 15.32 -65.78 3.32
N LEU A 565 14.23 -65.05 3.51
CA LEU A 565 12.91 -65.67 3.49
C LEU A 565 12.58 -66.23 2.10
N VAL A 566 12.99 -65.52 1.06
CA VAL A 566 12.79 -66.02 -0.31
C VAL A 566 13.57 -67.32 -0.52
N GLY A 567 14.80 -67.37 -0.02
CA GLY A 567 15.61 -68.57 -0.18
C GLY A 567 14.99 -69.79 0.47
N LEU A 568 14.32 -69.60 1.61
CA LEU A 568 13.60 -70.71 2.24
C LEU A 568 12.48 -71.21 1.35
N SER A 569 11.75 -70.30 0.70
CA SER A 569 10.69 -70.70 -0.21
C SER A 569 11.22 -71.40 -1.46
N VAL A 570 12.48 -71.16 -1.82
CA VAL A 570 13.07 -71.83 -2.97
C VAL A 570 13.15 -73.34 -2.72
N HIS A 571 13.59 -73.72 -1.53
CA HIS A 571 13.68 -75.14 -1.20
C HIS A 571 12.31 -75.75 -0.90
N VAL A 572 11.35 -74.94 -0.44
CA VAL A 572 10.04 -75.46 -0.08
C VAL A 572 9.34 -76.05 -1.30
N VAL A 573 9.36 -75.33 -2.42
CA VAL A 573 8.70 -75.81 -3.63
C VAL A 573 9.44 -77.01 -4.20
N ALA A 574 10.78 -77.03 -4.11
CA ALA A 574 11.55 -78.14 -4.66
C ALA A 574 11.19 -79.46 -3.98
N VAL A 575 11.06 -79.44 -2.65
CA VAL A 575 10.64 -80.64 -1.94
C VAL A 575 9.22 -81.02 -2.31
N MET A 576 8.33 -80.02 -2.42
CA MET A 576 6.95 -80.30 -2.77
C MET A 576 6.83 -80.92 -4.15
N LEU A 577 7.59 -80.40 -5.13
CA LEU A 577 7.57 -80.98 -6.46
C LEU A 577 8.11 -82.41 -6.47
N TYR A 578 9.12 -82.68 -5.64
CA TYR A 578 9.70 -84.02 -5.60
C TYR A 578 8.69 -85.05 -5.10
N LEU A 579 7.88 -84.68 -4.10
CA LEU A 579 6.95 -85.63 -3.51
C LEU A 579 5.90 -86.10 -4.52
N LEU A 580 5.47 -85.23 -5.44
CA LEU A 580 4.48 -85.62 -6.43
C LEU A 580 4.99 -86.68 -7.38
N ASP A 581 6.31 -86.85 -7.51
CA ASP A 581 6.84 -87.90 -8.37
C ASP A 581 6.54 -89.28 -7.81
N ARG A 582 6.81 -89.49 -6.53
CA ARG A 582 6.54 -90.77 -5.89
C ARG A 582 5.11 -90.90 -5.37
N PHE A 583 4.35 -89.81 -5.35
CA PHE A 583 2.99 -89.87 -4.84
C PHE A 583 2.01 -90.41 -5.87
N SER A 584 2.42 -90.52 -7.13
CA SER A 584 1.56 -91.05 -8.17
C SER A 584 2.37 -91.70 -9.28
N THR A 602 13.78 -87.26 -10.12
CA THR A 602 14.60 -87.57 -8.91
C THR A 602 14.67 -86.34 -8.01
N LEU A 603 15.19 -86.48 -6.79
CA LEU A 603 15.16 -85.30 -5.90
C LEU A 603 16.09 -84.17 -6.29
N SER A 604 17.37 -84.43 -6.58
CA SER A 604 18.26 -83.27 -6.85
C SER A 604 17.81 -82.53 -8.11
N SER A 605 17.62 -83.27 -9.18
CA SER A 605 17.16 -82.59 -10.34
C SER A 605 15.99 -81.69 -9.98
N ALA A 606 15.06 -82.10 -9.15
CA ALA A 606 13.99 -81.20 -8.79
C ALA A 606 14.51 -79.94 -8.09
N MET A 607 15.48 -80.09 -7.21
CA MET A 607 16.02 -78.87 -6.61
C MET A 607 16.69 -77.98 -7.69
N TRP A 608 17.37 -78.59 -8.65
CA TRP A 608 17.96 -77.83 -9.73
C TRP A 608 16.91 -77.11 -10.49
N PHE A 609 15.76 -77.71 -10.76
CA PHE A 609 14.76 -77.02 -11.53
C PHE A 609 14.35 -75.79 -10.81
N SER A 610 14.10 -75.84 -9.50
CA SER A 610 13.83 -74.51 -8.92
C SER A 610 14.95 -73.51 -8.91
N TRP A 611 16.18 -73.91 -8.68
CA TRP A 611 17.24 -72.92 -8.75
C TRP A 611 17.35 -72.33 -10.15
N GLY A 612 17.20 -73.16 -11.16
CA GLY A 612 17.27 -72.71 -12.51
C GLY A 612 16.20 -71.73 -12.85
N VAL A 613 14.97 -71.84 -12.35
CA VAL A 613 13.97 -70.89 -12.81
C VAL A 613 14.00 -69.50 -12.22
N LEU A 614 14.63 -69.36 -11.11
CA LEU A 614 14.81 -68.10 -10.38
C LEU A 614 15.97 -67.29 -10.95
N LEU A 615 17.09 -67.93 -11.23
CA LEU A 615 18.27 -67.23 -11.72
C LEU A 615 18.27 -67.02 -13.22
N ASN A 616 17.26 -67.53 -13.93
CA ASN A 616 17.12 -67.39 -15.38
C ASN A 616 18.37 -67.91 -16.10
N SER A 617 18.68 -69.18 -15.85
CA SER A 617 19.77 -69.88 -16.49
C SER A 617 19.29 -71.21 -17.01
N GLY A 618 19.81 -71.62 -18.17
CA GLY A 618 19.45 -72.90 -18.73
C GLY A 618 20.33 -74.01 -18.20
N ILE A 619 19.82 -74.73 -17.21
CA ILE A 619 20.58 -75.80 -16.54
C ILE A 619 19.61 -76.92 -16.18
N GLY A 620 20.12 -78.14 -16.18
CA GLY A 620 19.32 -79.29 -15.85
C GLY A 620 18.46 -79.77 -17.02
N GLU A 621 17.80 -80.89 -16.79
CA GLU A 621 16.92 -81.48 -17.80
C GLU A 621 15.59 -81.95 -17.24
N GLY A 622 15.37 -81.84 -15.93
CA GLY A 622 14.15 -82.34 -15.34
C GLY A 622 12.94 -81.49 -15.71
N ALA A 623 11.77 -82.13 -15.71
CA ALA A 623 10.50 -81.50 -15.96
C ALA A 623 9.44 -82.30 -15.25
N PRO A 624 8.48 -81.66 -14.56
CA PRO A 624 7.49 -82.40 -13.78
C PRO A 624 6.49 -83.10 -14.69
N ARG A 625 6.63 -84.42 -14.82
CA ARG A 625 5.73 -85.18 -15.68
C ARG A 625 4.32 -85.24 -15.10
N SER A 626 4.22 -85.27 -13.77
CA SER A 626 2.91 -85.35 -13.12
C SER A 626 2.10 -84.09 -13.40
N PHE A 627 0.79 -84.28 -13.59
CA PHE A 627 -0.08 -83.15 -13.92
C PHE A 627 -0.22 -82.19 -12.75
N SER A 628 -0.17 -82.69 -11.51
CA SER A 628 -0.30 -81.81 -10.35
C SER A 628 0.89 -80.85 -10.25
N ALA A 629 2.11 -81.37 -10.35
CA ALA A 629 3.29 -80.50 -10.34
C ALA A 629 3.40 -79.68 -11.61
N ARG A 630 2.68 -80.08 -12.67
CA ARG A 630 2.66 -79.31 -13.90
C ARG A 630 2.05 -77.92 -13.71
N ILE A 631 1.16 -77.77 -12.73
CA ILE A 631 0.55 -76.48 -12.44
C ILE A 631 1.37 -75.74 -11.40
N LEU A 632 1.98 -76.49 -10.48
CA LEU A 632 2.80 -75.88 -9.44
C LEU A 632 3.99 -75.15 -10.04
N GLY A 633 4.62 -75.75 -11.07
CA GLY A 633 5.70 -75.08 -11.76
C GLY A 633 5.26 -73.91 -12.61
N MET A 634 4.00 -73.90 -13.04
CA MET A 634 3.50 -72.79 -13.85
C MET A 634 3.49 -71.49 -13.05
N VAL A 635 3.09 -71.55 -11.78
CA VAL A 635 3.07 -70.36 -10.94
C VAL A 635 4.45 -70.03 -10.39
N TRP A 636 5.34 -71.03 -10.29
CA TRP A 636 6.70 -70.77 -9.84
C TRP A 636 7.44 -69.86 -10.84
N ALA A 637 7.21 -70.08 -12.14
CA ALA A 637 7.80 -69.21 -13.14
C ALA A 637 7.24 -67.79 -13.04
N GLY A 638 5.95 -67.67 -12.76
CA GLY A 638 5.37 -66.36 -12.56
C GLY A 638 5.93 -65.63 -11.35
N PHE A 639 6.24 -66.38 -10.29
CA PHE A 639 6.82 -65.77 -9.10
C PHE A 639 8.25 -65.31 -9.35
N ALA A 640 9.00 -66.02 -10.20
CA ALA A 640 10.34 -65.57 -10.56
C ALA A 640 10.29 -64.24 -11.31
N MET A 641 9.31 -64.10 -12.21
CA MET A 641 9.20 -62.86 -12.99
C MET A 641 8.88 -61.67 -12.10
N ILE A 642 7.98 -61.86 -11.11
CA ILE A 642 7.55 -60.74 -10.29
C ILE A 642 8.69 -60.23 -9.42
N ILE A 643 9.47 -61.13 -8.88
CA ILE A 643 10.55 -60.68 -7.99
C ILE A 643 11.50 -59.81 -8.79
N VAL A 644 11.88 -60.24 -9.98
CA VAL A 644 12.87 -59.47 -10.79
C VAL A 644 12.30 -58.16 -11.32
N ALA A 645 11.07 -58.16 -11.78
CA ALA A 645 10.53 -56.91 -12.33
C ALA A 645 10.47 -55.89 -11.24
N SER A 646 9.97 -56.27 -10.07
CA SER A 646 9.88 -55.32 -8.95
C SER A 646 11.27 -54.92 -8.49
N TYR A 647 12.24 -55.81 -8.51
CA TYR A 647 13.57 -55.33 -8.10
C TYR A 647 14.02 -54.27 -9.09
N THR A 648 13.85 -54.44 -10.38
CA THR A 648 14.25 -53.36 -11.32
C THR A 648 13.44 -52.10 -11.09
N ALA A 649 12.14 -52.20 -10.91
CA ALA A 649 11.34 -50.99 -10.70
C ALA A 649 11.76 -50.23 -9.46
N ASN A 650 12.08 -50.87 -8.35
CA ASN A 650 12.50 -50.05 -7.19
C ASN A 650 13.83 -49.35 -7.46
N LEU A 651 14.83 -50.03 -7.98
CA LEU A 651 16.09 -49.36 -8.25
C LEU A 651 15.89 -48.08 -9.05
N ALA A 652 14.97 -48.11 -10.03
CA ALA A 652 14.72 -46.93 -10.85
C ALA A 652 14.15 -45.78 -10.01
N ALA A 653 13.23 -46.10 -9.09
CA ALA A 653 12.66 -45.07 -8.23
C ALA A 653 13.72 -44.46 -7.33
N PHE A 654 14.61 -45.30 -6.78
CA PHE A 654 15.63 -44.80 -5.86
C PHE A 654 16.64 -43.89 -6.56
N LEU A 655 16.87 -44.09 -7.86
CA LEU A 655 17.89 -43.33 -8.58
C LEU A 655 17.39 -41.98 -9.08
N VAL A 656 16.09 -41.71 -9.03
CA VAL A 656 15.53 -40.45 -9.52
C VAL A 656 14.78 -39.67 -8.46
N LEU A 657 14.45 -40.28 -7.33
CA LEU A 657 13.73 -39.60 -6.25
C LEU A 657 14.72 -39.03 -5.26
N ASP A 658 14.59 -37.74 -4.96
CA ASP A 658 15.50 -37.04 -4.07
C ASP A 658 14.74 -36.48 -2.88
N ARG A 659 15.44 -36.35 -1.76
CA ARG A 659 14.82 -35.82 -0.55
C ARG A 659 14.42 -34.37 -0.73
N PRO A 660 13.38 -33.90 -0.05
CA PRO A 660 12.97 -32.50 -0.17
C PRO A 660 14.06 -31.56 0.34
N GLU A 661 14.10 -30.37 -0.24
CA GLU A 661 15.12 -29.38 0.06
C GLU A 661 14.46 -28.08 0.47
N GLU A 662 15.14 -27.34 1.36
CA GLU A 662 14.59 -26.07 1.85
C GLU A 662 14.68 -24.99 0.78
N ARG A 663 15.90 -24.64 0.37
CA ARG A 663 16.10 -23.76 -0.78
C ARG A 663 15.41 -22.41 -0.61
N ILE A 664 15.92 -21.59 0.31
CA ILE A 664 15.36 -20.27 0.64
C ILE A 664 14.98 -19.53 -0.64
N THR A 665 13.75 -19.04 -0.70
CA THR A 665 13.16 -18.54 -1.94
C THR A 665 13.53 -17.10 -2.26
N GLY A 666 14.19 -16.38 -1.34
CA GLY A 666 14.59 -15.03 -1.60
C GLY A 666 14.39 -14.17 -0.37
N ILE A 667 14.09 -12.88 -0.61
CA ILE A 667 13.97 -11.92 0.46
C ILE A 667 12.64 -12.00 1.20
N ASN A 668 11.67 -12.74 0.66
CA ASN A 668 10.37 -12.90 1.29
C ASN A 668 10.22 -14.23 2.01
N ASP A 669 11.31 -14.97 2.18
CA ASP A 669 11.25 -16.26 2.86
C ASP A 669 10.89 -16.04 4.33
N PRO A 670 10.07 -16.93 4.91
CA PRO A 670 9.67 -16.75 6.32
C PRO A 670 10.85 -16.74 7.29
N ARG A 671 11.94 -17.44 6.98
CA ARG A 671 13.08 -17.46 7.89
C ARG A 671 13.70 -16.09 8.03
N LEU A 672 13.86 -15.36 6.92
CA LEU A 672 14.48 -14.04 6.98
C LEU A 672 13.52 -12.99 7.52
N ARG A 673 12.24 -13.06 7.15
CA ARG A 673 11.28 -12.04 7.59
C ARG A 673 11.05 -12.11 9.09
N ASN A 674 10.96 -13.31 9.64
CA ASN A 674 10.83 -13.52 11.09
C ASN A 674 12.09 -14.20 11.58
N PRO A 675 13.15 -13.46 11.88
CA PRO A 675 14.42 -14.09 12.24
C PRO A 675 14.44 -14.60 13.67
N SER A 676 15.32 -15.56 13.91
CA SER A 676 15.56 -16.13 15.23
C SER A 676 17.06 -16.24 15.46
N ASP A 677 17.43 -16.57 16.69
CA ASP A 677 18.83 -16.69 17.06
C ASP A 677 19.51 -17.90 16.47
N LYS A 678 18.76 -18.83 15.87
CA LYS A 678 19.34 -20.03 15.29
C LYS A 678 19.74 -19.85 13.83
N PHE A 679 19.25 -18.82 13.16
CA PHE A 679 19.58 -18.55 11.77
C PHE A 679 20.22 -17.17 11.67
N ILE A 680 21.39 -17.10 11.05
CA ILE A 680 22.19 -15.88 11.00
C ILE A 680 22.46 -15.51 9.54
N TYR A 681 22.20 -14.26 9.19
CA TYR A 681 22.57 -13.70 7.90
C TYR A 681 23.11 -12.30 8.12
N ALA A 682 24.01 -11.88 7.24
CA ALA A 682 24.69 -10.59 7.41
C ALA A 682 25.16 -10.08 6.05
N THR A 683 25.77 -8.91 6.08
CA THR A 683 26.31 -8.27 4.89
C THR A 683 27.59 -7.53 5.29
N VAL A 684 28.07 -6.66 4.41
CA VAL A 684 29.32 -5.92 4.63
C VAL A 684 28.98 -4.55 5.21
N LYS A 685 29.77 -4.12 6.19
CA LYS A 685 29.53 -2.82 6.83
C LYS A 685 29.77 -1.67 5.87
N GLN A 686 28.94 -0.64 5.98
CA GLN A 686 29.09 0.61 5.24
C GLN A 686 29.12 0.36 3.74
N SER A 687 28.10 -0.34 3.26
CA SER A 687 27.92 -0.64 1.85
C SER A 687 26.57 -0.10 1.38
N SER A 688 26.32 -0.16 0.10
CA SER A 688 25.04 0.29 -0.46
C SER A 688 23.99 -0.67 0.01
N VAL A 689 24.36 -1.91 0.26
CA VAL A 689 23.47 -2.97 0.73
C VAL A 689 22.97 -2.59 2.10
N ASP A 690 23.73 -1.93 2.92
CA ASP A 690 23.31 -1.42 4.23
C ASP A 690 22.34 -0.27 4.15
N ILE A 691 22.53 0.64 3.24
CA ILE A 691 21.69 1.83 3.00
C ILE A 691 20.30 1.38 2.61
N TYR A 692 20.16 0.31 1.88
CA TYR A 692 18.89 -0.20 1.36
C TYR A 692 18.02 -0.70 2.47
N PHE A 693 18.61 -1.43 3.36
CA PHE A 693 17.81 -1.97 4.45
C PHE A 693 17.48 -0.93 5.51
N ARG A 694 18.41 -0.08 5.81
CA ARG A 694 18.19 0.92 6.84
C ARG A 694 17.21 1.97 6.39
N ARG A 695 16.83 2.04 5.15
CA ARG A 695 15.97 3.14 4.72
C ARG A 695 14.56 2.70 4.39
N GLN A 696 14.21 1.46 4.41
CA GLN A 696 12.80 1.16 4.15
C GLN A 696 12.24 0.79 5.50
N VAL A 697 11.14 1.38 5.94
CA VAL A 697 10.60 1.11 7.31
C VAL A 697 9.99 -0.26 7.45
N GLU A 698 9.65 -0.94 6.38
CA GLU A 698 9.03 -2.28 6.53
C GLU A 698 10.08 -3.36 6.72
N LEU A 699 11.36 -3.06 6.67
CA LEU A 699 12.39 -4.07 6.83
C LEU A 699 13.12 -3.86 8.15
N SER A 700 12.58 -3.08 9.09
CA SER A 700 13.23 -2.70 10.35
C SER A 700 13.67 -3.92 11.15
N THR A 701 12.86 -4.93 11.19
CA THR A 701 13.16 -6.14 11.95
C THR A 701 14.34 -6.85 11.35
N MET A 702 14.44 -6.88 10.04
CA MET A 702 15.55 -7.56 9.37
C MET A 702 16.86 -6.81 9.56
N TYR A 703 16.81 -5.50 9.46
CA TYR A 703 17.97 -4.63 9.60
C TYR A 703 18.54 -4.78 10.99
N ARG A 704 17.71 -4.75 11.99
CA ARG A 704 18.15 -4.87 13.38
C ARG A 704 18.82 -6.21 13.63
N HIS A 705 18.34 -7.29 13.08
CA HIS A 705 18.98 -8.60 13.29
C HIS A 705 20.35 -8.61 12.68
N MET A 706 20.45 -8.16 11.44
CA MET A 706 21.64 -8.15 10.55
C MET A 706 22.73 -7.29 11.10
N GLU A 707 22.39 -6.12 11.56
CA GLU A 707 23.37 -5.10 12.01
C GLU A 707 24.32 -5.59 13.07
N LYS A 708 23.92 -6.48 13.94
CA LYS A 708 24.77 -7.03 14.99
C LYS A 708 25.72 -8.11 14.45
N HIS A 709 25.61 -8.56 13.22
CA HIS A 709 26.50 -9.61 12.72
C HIS A 709 27.24 -9.25 11.44
N ASN A 710 27.28 -8.00 10.97
CA ASN A 710 27.88 -7.59 9.67
C ASN A 710 29.39 -7.76 9.67
N TYR A 711 30.02 -7.96 8.52
CA TYR A 711 31.44 -8.20 8.36
C TYR A 711 32.11 -6.96 7.80
N GLU A 712 33.44 -7.01 7.71
CA GLU A 712 34.24 -5.89 7.23
C GLU A 712 34.51 -5.93 5.74
N SER A 713 34.69 -7.13 5.16
CA SER A 713 34.97 -7.27 3.74
C SER A 713 34.21 -8.47 3.21
N ALA A 714 34.05 -8.49 1.88
CA ALA A 714 33.32 -9.58 1.24
C ALA A 714 34.08 -10.90 1.34
N ALA A 715 35.41 -10.85 1.33
CA ALA A 715 36.21 -12.07 1.44
C ALA A 715 35.97 -12.76 2.78
N GLU A 716 35.91 -11.98 3.86
CA GLU A 716 35.67 -12.55 5.19
C GLU A 716 34.29 -13.19 5.27
N ALA A 717 33.28 -12.54 4.69
CA ALA A 717 31.92 -13.08 4.75
C ALA A 717 31.77 -14.32 3.89
N ILE A 718 32.41 -14.35 2.72
CA ILE A 718 32.34 -15.52 1.86
C ILE A 718 33.03 -16.72 2.53
N GLN A 719 34.18 -16.48 3.16
CA GLN A 719 34.89 -17.56 3.85
C GLN A 719 34.09 -18.09 5.03
N ALA A 720 33.40 -17.20 5.75
CA ALA A 720 32.63 -17.62 6.91
C ALA A 720 31.46 -18.54 6.54
N VAL A 721 30.92 -18.41 5.32
CA VAL A 721 29.85 -19.29 4.89
C VAL A 721 30.38 -20.71 4.72
N ARG A 722 31.57 -20.81 4.19
CA ARG A 722 32.23 -22.11 3.97
C ARG A 722 32.49 -22.81 5.30
N ASP A 723 32.68 -22.08 6.40
CA ASP A 723 33.05 -22.62 7.71
C ASP A 723 31.85 -22.82 8.62
N ASN A 724 30.63 -22.70 8.08
CA ASN A 724 29.39 -22.88 8.82
C ASN A 724 29.23 -21.88 9.95
N LYS A 725 29.99 -20.79 9.93
CA LYS A 725 29.84 -19.71 10.91
C LYS A 725 28.83 -18.67 10.44
N LEU A 726 28.30 -18.79 9.23
CA LEU A 726 27.28 -17.89 8.71
C LEU A 726 26.42 -18.69 7.74
N HIS A 727 25.11 -18.46 7.80
CA HIS A 727 24.17 -19.24 7.00
C HIS A 727 23.81 -18.60 5.67
N ALA A 728 23.73 -17.28 5.60
CA ALA A 728 23.40 -16.59 4.38
C ALA A 728 24.22 -15.31 4.25
N PHE A 729 24.55 -14.96 3.02
CA PHE A 729 25.29 -13.74 2.71
C PHE A 729 24.59 -13.00 1.60
N ILE A 730 24.32 -11.71 1.81
CA ILE A 730 23.65 -10.86 0.83
C ILE A 730 24.69 -9.91 0.25
N TRP A 731 24.87 -9.97 -1.06
CA TRP A 731 25.87 -9.16 -1.75
C TRP A 731 25.43 -9.00 -3.20
N ASP A 732 26.32 -8.45 -4.03
CA ASP A 732 26.02 -8.23 -5.43
C ASP A 732 25.98 -9.55 -6.19
N SER A 733 25.03 -9.65 -7.13
CA SER A 733 24.87 -10.88 -7.88
C SER A 733 26.05 -11.14 -8.81
N ALA A 734 26.67 -10.10 -9.35
CA ALA A 734 27.81 -10.28 -10.24
C ALA A 734 28.99 -10.91 -9.50
N VAL A 735 29.25 -10.46 -8.28
CA VAL A 735 30.35 -11.01 -7.49
C VAL A 735 30.00 -12.39 -6.97
N LEU A 736 28.78 -12.58 -6.46
CA LEU A 736 28.42 -13.84 -5.83
C LEU A 736 28.30 -14.97 -6.84
N GLU A 737 27.80 -14.69 -8.05
CA GLU A 737 27.66 -15.74 -9.05
C GLU A 737 29.02 -16.21 -9.57
N PHE A 738 30.01 -15.32 -9.59
CA PHE A 738 31.36 -15.73 -9.97
C PHE A 738 31.95 -16.70 -8.94
N GLU A 739 31.69 -16.46 -7.65
CA GLU A 739 32.23 -17.34 -6.62
C GLU A 739 31.58 -18.72 -6.67
N ALA A 740 30.30 -18.78 -7.01
CA ALA A 740 29.61 -20.07 -7.08
C ALA A 740 30.14 -20.93 -8.21
N SER A 741 30.69 -20.38 -9.25
CA SER A 741 31.14 -21.27 -10.31
C SER A 741 32.60 -21.63 -10.10
N GLN A 742 33.20 -21.32 -8.98
CA GLN A 742 34.63 -21.63 -8.82
C GLN A 742 34.86 -22.39 -7.55
N LYS A 743 33.86 -22.41 -6.68
CA LYS A 743 33.91 -23.18 -5.43
C LYS A 743 32.60 -23.92 -5.36
N CYS A 744 32.70 -25.21 -5.61
CA CYS A 744 31.76 -26.34 -5.68
C CYS A 744 30.81 -26.43 -4.49
N ASP A 745 31.20 -26.09 -3.28
CA ASP A 745 30.25 -26.25 -2.15
C ASP A 745 29.20 -25.16 -1.98
N LEU A 746 29.26 -24.02 -2.68
CA LEU A 746 28.35 -22.91 -2.47
C LEU A 746 27.36 -22.84 -3.62
N VAL A 747 26.27 -22.11 -3.40
CA VAL A 747 25.22 -21.96 -4.42
C VAL A 747 24.42 -20.70 -4.09
N THR A 748 23.77 -20.12 -5.10
CA THR A 748 22.93 -18.95 -4.94
C THR A 748 21.47 -19.34 -5.14
N THR A 749 20.59 -18.77 -4.32
CA THR A 749 19.18 -19.10 -4.33
C THR A 749 18.33 -17.83 -4.40
N GLY A 750 17.16 -17.95 -5.00
CA GLY A 750 16.18 -16.88 -5.03
C GLY A 750 16.27 -16.02 -6.27
N GLU A 751 15.45 -14.98 -6.27
CA GLU A 751 15.39 -14.02 -7.35
C GLU A 751 16.20 -12.78 -7.01
N LEU A 752 16.35 -11.89 -7.99
CA LEU A 752 17.09 -10.66 -7.81
C LEU A 752 16.17 -9.54 -7.34
N PHE A 753 16.74 -8.60 -6.59
CA PHE A 753 16.03 -7.43 -6.12
C PHE A 753 17.00 -6.26 -6.05
N PHE A 754 16.45 -5.05 -6.06
CA PHE A 754 17.23 -3.82 -6.10
C PHE A 754 18.21 -3.84 -7.28
N ARG A 755 17.71 -3.66 -8.47
CA ARG A 755 18.56 -3.77 -9.65
C ARG A 755 19.22 -2.47 -10.01
N SER A 756 20.34 -2.25 -9.37
CA SER A 756 21.20 -1.17 -9.84
C SER A 756 22.54 -1.82 -10.24
N GLY A 757 23.08 -1.31 -11.37
CA GLY A 757 24.38 -1.58 -12.01
C GLY A 757 25.48 -0.67 -11.51
N PHE A 758 26.69 -0.77 -12.10
CA PHE A 758 28.00 -0.24 -11.73
C PHE A 758 28.35 0.92 -12.64
N GLY A 759 28.83 2.01 -12.04
CA GLY A 759 29.19 3.20 -12.78
C GLY A 759 30.51 3.76 -12.32
N ILE A 760 30.94 4.82 -13.00
CA ILE A 760 32.19 5.51 -12.71
C ILE A 760 31.85 6.84 -12.04
N GLY A 761 32.48 7.10 -10.89
CA GLY A 761 32.15 8.26 -10.08
C GLY A 761 33.11 9.42 -10.34
N MET A 762 32.54 10.58 -10.61
CA MET A 762 33.29 11.81 -10.78
C MET A 762 32.58 12.93 -10.03
N ARG A 763 33.20 14.10 -10.01
CA ARG A 763 32.58 15.25 -9.38
C ARG A 763 31.62 15.93 -10.36
N LYS A 764 30.72 16.75 -9.79
CA LYS A 764 29.72 17.42 -10.60
C LYS A 764 30.32 18.43 -11.58
N ASP A 765 31.51 18.94 -11.30
CA ASP A 765 32.20 19.89 -12.16
C ASP A 765 33.46 19.22 -12.68
N SER A 766 33.31 18.46 -13.77
CA SER A 766 34.43 17.76 -14.38
C SER A 766 34.40 17.93 -15.89
N PRO A 767 35.56 18.16 -16.52
CA PRO A 767 35.60 18.21 -18.00
C PRO A 767 35.60 16.84 -18.65
N TRP A 768 35.66 15.76 -17.87
CA TRP A 768 35.74 14.41 -18.41
C TRP A 768 34.43 13.65 -18.36
N LYS A 769 33.42 14.14 -17.63
CA LYS A 769 32.25 13.32 -17.35
C LYS A 769 31.43 13.03 -18.59
N GLN A 770 31.39 13.94 -19.56
CA GLN A 770 30.61 13.70 -20.77
C GLN A 770 31.31 12.71 -21.71
N GLN A 771 32.64 12.73 -21.76
CA GLN A 771 33.37 11.83 -22.65
C GLN A 771 33.40 10.41 -22.12
N VAL A 772 33.38 10.23 -20.79
CA VAL A 772 33.42 8.88 -20.22
C VAL A 772 32.15 8.12 -20.58
N SER A 773 31.00 8.77 -20.49
CA SER A 773 29.73 8.09 -20.78
C SER A 773 29.63 7.68 -22.24
N LEU A 774 30.11 8.54 -23.15
CA LEU A 774 30.06 8.20 -24.57
C LEU A 774 30.99 7.04 -24.89
N SER A 775 32.15 6.98 -24.25
CA SER A 775 33.07 5.86 -24.48
C SER A 775 32.50 4.55 -23.95
N ILE A 776 31.80 4.58 -22.83
CA ILE A 776 31.21 3.36 -22.28
C ILE A 776 30.09 2.86 -23.19
N LEU A 777 29.27 3.78 -23.71
CA LEU A 777 28.21 3.39 -24.64
C LEU A 777 28.78 2.80 -25.91
N LYS A 778 29.87 3.39 -26.42
CA LYS A 778 30.50 2.87 -27.64
C LYS A 778 31.10 1.49 -27.40
N SER A 779 31.65 1.26 -26.21
CA SER A 779 32.29 -0.03 -25.93
C SER A 779 31.27 -1.16 -25.84
N HIS A 780 30.04 -0.87 -25.42
CA HIS A 780 29.01 -1.90 -25.37
C HIS A 780 28.57 -2.30 -26.77
N GLU A 781 28.58 -1.36 -27.72
CA GLU A 781 28.04 -1.63 -29.04
C GLU A 781 28.98 -2.52 -29.85
N ASN A 782 30.28 -2.26 -29.80
CA ASN A 782 31.24 -2.94 -30.66
C ASN A 782 31.71 -4.28 -30.09
N GLY A 783 31.27 -4.65 -28.90
CA GLY A 783 31.61 -5.94 -28.33
C GLY A 783 32.82 -5.96 -27.42
N PHE A 784 33.40 -4.80 -27.10
CA PHE A 784 34.55 -4.78 -26.19
C PHE A 784 34.17 -5.23 -24.79
N MET A 785 32.94 -4.92 -24.36
CA MET A 785 32.51 -5.34 -23.03
C MET A 785 32.27 -6.85 -22.96
N GLU A 786 31.80 -7.46 -24.06
CA GLU A 786 31.60 -8.89 -24.08
C GLU A 786 32.94 -9.64 -24.04
N ASP A 787 33.99 -9.05 -24.61
CA ASP A 787 35.31 -9.67 -24.54
C ASP A 787 35.80 -9.76 -23.10
N LEU A 788 35.54 -8.72 -22.31
CA LEU A 788 36.01 -8.71 -20.92
C LEU A 788 35.30 -9.76 -20.07
N ASP A 789 34.02 -10.03 -20.37
CA ASP A 789 33.29 -11.05 -19.62
C ASP A 789 33.89 -12.43 -19.84
N LYS A 790 34.29 -12.75 -21.08
CA LYS A 790 34.88 -14.05 -21.36
C LYS A 790 36.22 -14.20 -20.64
N THR A 791 37.02 -13.13 -20.60
CA THR A 791 38.37 -13.24 -20.04
C THR A 791 38.34 -13.37 -18.52
N TRP A 792 37.42 -12.67 -17.85
CA TRP A 792 37.47 -12.54 -16.40
C TRP A 792 36.29 -13.14 -15.66
N VAL A 793 35.16 -13.39 -16.34
CA VAL A 793 33.93 -13.77 -15.63
C VAL A 793 33.45 -15.15 -16.06
N ARG A 794 33.20 -15.33 -17.35
CA ARG A 794 32.45 -16.47 -17.86
C ARG A 794 33.33 -17.65 -18.26
N TYR A 795 34.53 -17.77 -17.69
CA TYR A 795 35.35 -18.94 -18.00
C TYR A 795 34.89 -20.17 -17.22
N GLN A 796 34.42 -19.99 -15.97
CA GLN A 796 33.67 -21.01 -15.25
C GLN A 796 34.52 -22.23 -14.89
N GLU A 797 33.98 -23.15 -14.09
CA GLU A 797 34.71 -24.34 -13.68
C GLU A 797 33.78 -25.53 -13.44
N CYS A 798 33.56 -25.89 -12.18
CA CYS A 798 32.58 -26.93 -11.88
C CYS A 798 31.17 -26.40 -12.09
N ASP A 799 30.30 -27.26 -12.62
CA ASP A 799 29.07 -26.82 -13.25
C ASP A 799 27.90 -26.86 -12.27
N SER A 800 26.72 -26.52 -12.79
CA SER A 800 25.48 -26.34 -12.05
C SER A 800 24.68 -27.66 -12.04
N ARG A 801 23.40 -27.53 -11.68
CA ARG A 801 22.38 -28.59 -11.64
C ARG A 801 22.40 -29.32 -10.30
N SER A 802 21.25 -29.88 -9.92
CA SER A 802 21.07 -30.50 -8.61
C SER A 802 20.60 -31.95 -8.70
N ASN A 803 19.79 -32.28 -9.71
CA ASN A 803 19.34 -33.66 -9.86
C ASN A 803 20.52 -34.60 -10.07
N ALA A 804 21.37 -34.24 -11.01
CA ALA A 804 22.53 -35.04 -11.22
C ALA A 804 22.36 -36.51 -11.49
N PRO A 805 21.75 -36.89 -12.62
CA PRO A 805 21.81 -38.32 -12.88
C PRO A 805 23.29 -38.67 -13.03
N ALA A 806 23.71 -39.75 -12.41
CA ALA A 806 25.11 -40.11 -12.41
C ALA A 806 25.55 -41.44 -12.96
N THR A 807 26.59 -41.50 -13.77
CA THR A 807 27.06 -42.80 -14.29
C THR A 807 27.52 -43.67 -13.12
N LEU A 808 27.18 -44.96 -13.13
CA LEU A 808 27.57 -45.82 -12.04
C LEU A 808 28.99 -46.12 -12.22
N THR A 809 29.74 -46.02 -11.12
CA THR A 809 31.19 -46.27 -11.15
C THR A 809 31.53 -47.61 -10.51
N PHE A 810 32.81 -47.82 -10.22
CA PHE A 810 33.34 -49.07 -9.70
C PHE A 810 32.77 -49.48 -8.35
N GLU A 811 32.15 -48.56 -7.60
CA GLU A 811 31.75 -48.87 -6.23
C GLU A 811 30.71 -49.99 -6.19
N ASN A 812 29.92 -50.15 -7.25
CA ASN A 812 28.92 -51.21 -7.27
C ASN A 812 29.57 -52.58 -7.43
N MET A 813 30.68 -52.65 -8.17
CA MET A 813 31.33 -53.94 -8.42
C MET A 813 31.86 -54.56 -7.14
N ALA A 814 32.22 -53.74 -6.16
CA ALA A 814 32.76 -54.26 -4.91
C ALA A 814 31.74 -55.15 -4.21
N GLY A 815 30.48 -54.73 -4.19
CA GLY A 815 29.43 -55.51 -3.57
C GLY A 815 28.86 -56.61 -4.44
N VAL A 816 29.30 -56.70 -5.70
CA VAL A 816 28.78 -57.68 -6.65
C VAL A 816 29.87 -58.64 -7.12
N PHE A 817 30.98 -58.10 -7.63
CA PHE A 817 32.03 -58.95 -8.17
C PHE A 817 32.71 -59.79 -7.10
N MET A 818 32.61 -59.39 -5.82
CA MET A 818 33.23 -60.15 -4.76
C MET A 818 32.56 -61.52 -4.60
N LEU A 819 31.27 -61.61 -4.83
CA LEU A 819 30.70 -62.93 -4.68
C LEU A 819 31.19 -63.91 -5.74
N VAL A 820 31.19 -63.50 -6.99
CA VAL A 820 31.69 -64.44 -8.00
C VAL A 820 33.18 -64.72 -7.77
N ALA A 821 33.95 -63.68 -7.43
CA ALA A 821 35.36 -63.89 -7.10
C ALA A 821 35.52 -64.78 -5.88
N GLY A 822 34.67 -64.58 -4.86
CA GLY A 822 34.66 -65.47 -3.72
C GLY A 822 34.11 -66.85 -4.03
N GLY A 823 33.29 -66.97 -5.08
CA GLY A 823 32.84 -68.29 -5.50
C GLY A 823 33.97 -69.14 -6.05
N ILE A 824 34.92 -68.51 -6.75
CA ILE A 824 36.04 -69.24 -7.32
C ILE A 824 36.88 -69.88 -6.23
N VAL A 825 37.21 -69.11 -5.18
CA VAL A 825 38.02 -69.66 -4.09
C VAL A 825 37.23 -70.68 -3.29
N ALA A 826 35.90 -70.59 -3.32
CA ALA A 826 35.04 -71.54 -2.63
C ALA A 826 34.62 -72.71 -3.53
N GLY A 827 35.08 -72.75 -4.77
CA GLY A 827 34.69 -73.81 -5.68
C GLY A 827 35.66 -74.97 -5.67
N ILE A 828 36.95 -74.69 -5.53
CA ILE A 828 37.97 -75.75 -5.53
C ILE A 828 37.79 -76.64 -4.31
N PHE A 829 37.33 -76.09 -3.19
CA PHE A 829 37.06 -76.91 -2.01
C PHE A 829 35.98 -77.94 -2.29
N LEU A 830 34.91 -77.53 -2.99
CA LEU A 830 33.86 -78.47 -3.35
C LEU A 830 34.31 -79.42 -4.45
N ILE A 831 35.33 -79.02 -5.23
CA ILE A 831 35.84 -79.89 -6.27
C ILE A 831 36.43 -81.16 -5.67
N PHE A 832 37.28 -81.00 -4.66
CA PHE A 832 37.91 -82.15 -4.02
C PHE A 832 36.88 -83.05 -3.35
N ILE A 833 35.89 -82.45 -2.69
CA ILE A 833 34.87 -83.24 -2.00
C ILE A 833 34.07 -84.07 -3.00
N GLU A 834 33.70 -83.46 -4.14
CA GLU A 834 32.88 -84.17 -5.11
C GLU A 834 33.62 -85.34 -5.75
N ILE A 835 34.86 -85.10 -6.19
CA ILE A 835 35.61 -86.15 -6.88
C ILE A 835 35.99 -87.27 -5.90
N ALA A 836 36.34 -86.90 -4.66
CA ALA A 836 36.67 -87.92 -3.66
C ALA A 836 35.46 -88.78 -3.32
N TYR A 837 34.27 -88.17 -3.30
CA TYR A 837 33.06 -88.92 -3.02
C TYR A 837 32.80 -90.01 -4.05
N LYS A 838 33.21 -89.79 -5.30
CA LYS A 838 33.09 -90.85 -6.31
C LYS A 838 33.98 -92.03 -5.95
N ARG A 839 35.20 -91.77 -5.49
CA ARG A 839 36.09 -92.84 -5.07
C ARG A 839 35.63 -93.44 -3.75
N HIS A 840 35.25 -92.59 -2.78
CA HIS A 840 34.79 -93.08 -1.49
C HIS A 840 33.46 -93.82 -1.58
N LYS A 841 32.54 -93.36 -2.41
CA LYS A 841 31.24 -94.00 -2.55
C LYS A 841 30.63 -93.72 -3.93
N SER B 65 46.42 33.96 50.67
CA SER B 65 45.90 35.28 51.02
C SER B 65 45.19 35.92 49.82
N ILE B 66 44.26 35.18 49.23
CA ILE B 66 43.52 35.65 48.08
C ILE B 66 42.21 36.28 48.54
N GLY B 67 41.92 37.48 48.05
CA GLY B 67 40.70 38.16 48.41
C GLY B 67 39.51 37.68 47.61
N ILE B 68 38.53 37.09 48.29
CA ILE B 68 37.32 36.56 47.66
C ILE B 68 36.13 37.33 48.21
N ALA B 69 35.30 37.85 47.31
CA ALA B 69 34.13 38.64 47.69
C ALA B 69 32.86 37.82 47.51
N VAL B 70 31.88 38.12 48.36
CA VAL B 70 30.58 37.47 48.34
C VAL B 70 29.51 38.55 48.25
N ILE B 71 28.64 38.46 47.24
CA ILE B 71 27.64 39.49 46.96
C ILE B 71 26.26 38.85 47.05
N LEU B 72 25.37 39.47 47.83
CA LEU B 72 23.98 39.08 47.92
C LEU B 72 23.09 40.24 47.51
N VAL B 73 21.93 39.91 46.95
CA VAL B 73 20.98 40.89 46.45
C VAL B 73 19.63 40.68 47.13
N GLY B 74 19.03 41.77 47.59
CA GLY B 74 17.73 41.67 48.22
C GLY B 74 17.79 41.04 49.60
N THR B 75 16.66 40.48 50.02
CA THR B 75 16.57 39.85 51.33
C THR B 75 17.14 38.44 51.29
N SER B 76 17.93 38.10 52.30
CA SER B 76 18.55 36.78 52.40
C SER B 76 19.05 36.59 53.82
N ASP B 77 19.21 35.32 54.21
CA ASP B 77 19.72 34.96 55.53
C ASP B 77 21.25 35.08 55.50
N GLU B 78 21.72 36.33 55.59
CA GLU B 78 23.16 36.57 55.55
C GLU B 78 23.87 35.94 56.73
N VAL B 79 23.25 35.98 57.91
CA VAL B 79 23.86 35.37 59.10
C VAL B 79 24.03 33.87 58.91
N ALA B 80 23.04 33.22 58.28
CA ALA B 80 23.18 31.80 57.99
C ALA B 80 24.32 31.54 57.00
N ILE B 81 24.45 32.40 55.99
CA ILE B 81 25.54 32.26 55.03
C ILE B 81 26.88 32.45 55.72
N LYS B 82 26.99 33.45 56.59
CA LYS B 82 28.24 33.68 57.31
C LYS B 82 28.58 32.49 58.22
N ASP B 83 27.57 31.93 58.89
CA ASP B 83 27.80 30.78 59.75
C ASP B 83 28.24 29.56 58.95
N ALA B 84 27.62 29.32 57.79
CA ALA B 84 27.94 28.16 56.98
C ALA B 84 29.20 28.34 56.13
N HIS B 85 29.72 29.57 56.03
CA HIS B 85 30.96 29.77 55.31
C HIS B 85 32.12 29.03 55.98
N GLU B 86 32.16 29.04 57.32
CA GLU B 86 33.19 28.34 58.07
C GLU B 86 32.77 26.90 58.36
N LYS B 87 32.44 26.18 57.28
CA LYS B 87 32.04 24.79 57.38
C LYS B 87 32.87 23.86 56.50
N ASP B 88 33.95 24.35 55.91
CA ASP B 88 34.82 23.55 55.05
C ASP B 88 36.19 23.40 55.69
N ASP B 89 36.85 22.28 55.37
CA ASP B 89 38.18 21.96 55.88
C ASP B 89 39.19 22.19 54.77
N PHE B 90 39.87 23.34 54.84
CA PHE B 90 40.85 23.69 53.82
C PHE B 90 42.24 23.90 54.44
N HIS B 91 42.63 23.00 55.35
CA HIS B 91 43.92 23.11 56.01
C HIS B 91 45.05 22.43 55.25
N HIS B 92 44.74 21.59 54.27
CA HIS B 92 45.74 20.87 53.50
C HIS B 92 46.20 21.66 52.28
N LEU B 93 45.99 22.97 52.26
CA LEU B 93 46.38 23.80 51.13
C LEU B 93 46.48 25.25 51.60
N SER B 94 47.57 25.91 51.22
CA SER B 94 47.86 27.27 51.69
C SER B 94 46.99 28.26 50.93
N VAL B 95 45.85 28.63 51.52
CA VAL B 95 44.92 29.56 50.89
C VAL B 95 44.69 30.79 51.77
N VAL B 96 44.46 30.56 53.06
CA VAL B 96 44.02 31.56 54.04
C VAL B 96 43.13 32.61 53.37
N PRO B 97 41.99 32.20 52.81
CA PRO B 97 41.21 33.13 51.98
C PRO B 97 40.49 34.17 52.82
N ARG B 98 40.17 35.28 52.16
CA ARG B 98 39.42 36.37 52.76
C ARG B 98 37.99 36.34 52.26
N VAL B 99 37.06 36.64 53.16
CA VAL B 99 35.63 36.64 52.85
C VAL B 99 35.07 38.02 53.14
N GLU B 100 34.28 38.54 52.20
CA GLU B 100 33.69 39.88 52.31
C GLU B 100 32.24 39.80 51.90
N LEU B 101 31.34 39.86 52.87
CA LEU B 101 29.90 39.83 52.62
C LEU B 101 29.40 41.25 52.39
N VAL B 102 28.95 41.54 51.18
CA VAL B 102 28.39 42.84 50.83
C VAL B 102 27.00 42.61 50.24
N ALA B 103 26.07 43.48 50.63
CA ALA B 103 24.70 43.41 50.15
C ALA B 103 24.29 44.75 49.56
N MET B 104 23.45 44.70 48.52
CA MET B 104 22.99 45.90 47.85
C MET B 104 21.70 45.60 47.12
N ASN B 105 21.01 46.65 46.72
CA ASN B 105 19.75 46.52 46.01
C ASN B 105 19.99 46.15 44.56
N GLU B 106 18.91 46.08 43.78
CA GLU B 106 18.95 45.76 42.35
C GLU B 106 18.78 47.01 41.50
N THR B 107 19.40 48.10 41.92
CA THR B 107 19.16 49.41 41.31
C THR B 107 19.36 49.38 39.80
N ASP B 108 20.58 49.10 39.34
CA ASP B 108 20.85 49.15 37.91
C ASP B 108 22.22 48.57 37.55
N PRO B 109 22.51 48.39 36.26
CA PRO B 109 23.87 47.99 35.88
C PRO B 109 24.95 48.94 36.36
N LYS B 110 24.68 50.24 36.42
CA LYS B 110 25.69 51.19 36.87
C LYS B 110 26.06 50.96 38.33
N SER B 111 25.07 50.66 39.18
CA SER B 111 25.36 50.35 40.57
C SER B 111 26.22 49.09 40.68
N ILE B 112 25.95 48.09 39.83
CA ILE B 112 26.76 46.88 39.82
C ILE B 112 28.20 47.20 39.42
N ILE B 113 28.35 47.98 38.35
CA ILE B 113 29.69 48.37 37.90
C ILE B 113 30.44 49.07 39.04
N THR B 114 29.78 50.04 39.68
CA THR B 114 30.41 50.78 40.76
C THR B 114 30.75 49.86 41.93
N ARG B 115 29.87 48.90 42.23
CA ARG B 115 30.09 48.01 43.36
C ARG B 115 31.33 47.15 43.16
N ILE B 116 31.42 46.45 42.02
CA ILE B 116 32.62 45.65 41.78
C ILE B 116 33.86 46.53 41.65
N CYS B 117 33.74 47.71 41.05
CA CYS B 117 34.91 48.59 40.96
C CYS B 117 35.42 48.97 42.35
N ASP B 118 34.52 49.42 43.23
CA ASP B 118 34.94 49.84 44.56
C ASP B 118 35.48 48.66 45.37
N LEU B 119 34.83 47.50 45.26
CA LEU B 119 35.30 46.33 46.00
C LEU B 119 36.70 45.91 45.53
N MET B 120 36.90 45.86 44.21
CA MET B 120 38.21 45.49 43.69
C MET B 120 39.28 46.50 44.08
N SER B 121 38.95 47.79 44.04
CA SER B 121 39.91 48.81 44.44
C SER B 121 40.08 48.89 45.94
N ASP B 122 39.23 48.21 46.71
CA ASP B 122 39.31 48.33 48.17
C ASP B 122 40.51 47.56 48.72
N ARG B 123 40.51 46.23 48.60
CA ARG B 123 41.64 45.45 49.11
C ARG B 123 41.76 44.16 48.28
N LYS B 124 42.58 44.23 47.23
CA LYS B 124 43.19 43.08 46.56
C LYS B 124 42.26 41.87 46.50
N ILE B 125 41.12 42.04 45.84
CA ILE B 125 40.20 40.93 45.62
C ILE B 125 40.67 40.14 44.41
N GLN B 126 40.85 38.82 44.60
CA GLN B 126 41.31 37.94 43.53
C GLN B 126 40.20 37.10 42.93
N GLY B 127 39.01 37.09 43.53
CA GLY B 127 37.91 36.31 43.00
C GLY B 127 36.60 36.76 43.61
N VAL B 128 35.51 36.45 42.91
CA VAL B 128 34.18 36.89 43.30
C VAL B 128 33.20 35.75 43.06
N VAL B 129 32.24 35.60 43.97
CA VAL B 129 31.07 34.74 43.76
C VAL B 129 29.84 35.62 43.85
N PHE B 130 28.95 35.49 42.87
CA PHE B 130 27.79 36.37 42.75
C PHE B 130 26.51 35.56 42.92
N ALA B 131 25.63 36.04 43.79
CA ALA B 131 24.32 35.46 44.01
C ALA B 131 23.26 36.50 43.73
N ASP B 132 22.02 36.03 43.52
CA ASP B 132 20.93 36.91 43.16
C ASP B 132 19.62 36.25 43.55
N ASP B 133 18.54 37.04 43.53
CA ASP B 133 17.21 36.56 43.86
C ASP B 133 16.17 36.96 42.83
N THR B 134 16.53 37.76 41.82
CA THR B 134 15.58 38.22 40.82
C THR B 134 15.51 37.24 39.65
N ASP B 135 14.63 37.56 38.70
CA ASP B 135 14.43 36.76 37.50
C ASP B 135 14.97 37.44 36.26
N GLN B 136 15.80 38.47 36.42
CA GLN B 136 16.35 39.19 35.27
C GLN B 136 17.28 38.29 34.47
N GLU B 137 17.25 38.45 33.15
CA GLU B 137 18.07 37.66 32.24
C GLU B 137 19.32 38.41 31.78
N ALA B 138 19.22 39.71 31.54
CA ALA B 138 20.36 40.49 31.06
C ALA B 138 21.43 40.66 32.13
N ILE B 139 21.14 40.33 33.39
CA ILE B 139 22.16 40.46 34.43
C ILE B 139 23.31 39.50 34.18
N ALA B 140 23.02 38.30 33.65
CA ALA B 140 24.07 37.37 33.29
C ALA B 140 24.97 37.95 32.20
N GLN B 141 24.36 38.58 31.19
CA GLN B 141 25.14 39.22 30.13
C GLN B 141 26.00 40.35 30.69
N ILE B 142 25.46 41.13 31.62
CA ILE B 142 26.22 42.22 32.23
C ILE B 142 27.42 41.67 32.99
N LEU B 143 27.19 40.66 33.83
CA LEU B 143 28.29 40.10 34.61
C LEU B 143 29.32 39.47 33.68
N ASP B 144 28.89 38.88 32.57
CA ASP B 144 29.83 38.39 31.56
C ASP B 144 30.62 39.54 30.93
N PHE B 145 29.97 40.69 30.75
CA PHE B 145 30.66 41.87 30.23
C PHE B 145 31.81 42.28 31.13
N ILE B 146 31.53 42.43 32.43
CA ILE B 146 32.61 42.74 33.38
C ILE B 146 33.66 41.62 33.39
N SER B 147 33.21 40.36 33.35
CA SER B 147 34.14 39.24 33.39
C SER B 147 35.11 39.27 32.21
N ALA B 148 34.60 39.63 31.03
CA ALA B 148 35.46 39.70 29.85
C ALA B 148 36.39 40.90 29.93
N GLN B 149 35.90 42.05 30.40
CA GLN B 149 36.72 43.26 30.35
C GLN B 149 37.81 43.26 31.41
N THR B 150 37.50 42.82 32.63
CA THR B 150 38.52 42.67 33.67
C THR B 150 38.70 41.20 34.00
N LEU B 151 39.95 40.79 34.18
CA LEU B 151 40.33 39.39 34.24
C LEU B 151 40.00 38.71 35.58
N THR B 152 39.23 39.35 36.45
CA THR B 152 38.90 38.71 37.72
C THR B 152 37.88 37.59 37.49
N PRO B 153 38.08 36.42 38.10
CA PRO B 153 37.12 35.33 37.94
C PRO B 153 35.91 35.52 38.83
N ILE B 154 34.72 35.36 38.26
CA ILE B 154 33.47 35.42 39.02
C ILE B 154 32.64 34.19 38.69
N LEU B 155 31.75 33.84 39.61
CA LEU B 155 30.87 32.68 39.49
C LEU B 155 29.42 33.10 39.75
N GLY B 156 28.51 32.55 38.94
CA GLY B 156 27.09 32.77 39.13
C GLY B 156 26.41 31.54 39.69
N ILE B 157 25.96 31.62 40.95
CA ILE B 157 25.46 30.44 41.64
C ILE B 157 23.94 30.42 41.80
N HIS B 158 23.27 31.57 41.81
CA HIS B 158 21.84 31.60 42.06
C HIS B 158 21.24 32.85 41.43
N GLY B 159 19.92 32.83 41.26
CA GLY B 159 19.20 33.97 40.73
C GLY B 159 19.36 34.12 39.23
N GLY B 160 19.19 35.35 38.76
CA GLY B 160 19.33 35.63 37.34
C GLY B 160 20.72 35.44 36.81
N SER B 161 21.73 35.51 37.67
CA SER B 161 23.11 35.26 37.24
C SER B 161 23.32 33.82 36.81
N SER B 162 22.45 32.91 37.23
CA SER B 162 22.54 31.51 36.84
C SER B 162 21.86 31.20 35.51
N MET B 163 21.15 32.17 34.93
CA MET B 163 20.52 31.96 33.64
C MET B 163 21.59 31.82 32.55
N ILE B 164 21.32 30.95 31.59
CA ILE B 164 22.27 30.70 30.51
C ILE B 164 22.16 31.81 29.48
N MET B 165 23.27 32.08 28.79
CA MET B 165 23.37 33.15 27.81
C MET B 165 23.43 32.57 26.40
N ALA B 166 23.55 33.47 25.42
CA ALA B 166 23.77 33.02 24.05
C ALA B 166 25.11 32.32 23.90
N ASP B 167 26.18 32.95 24.37
CA ASP B 167 27.53 32.41 24.31
C ASP B 167 28.45 33.28 25.15
N LYS B 168 29.56 32.71 25.57
CA LYS B 168 30.57 33.45 26.33
C LYS B 168 31.63 34.01 25.39
N ASP B 169 32.16 35.17 25.75
CA ASP B 169 33.25 35.76 24.97
C ASP B 169 34.48 34.88 25.07
N GLU B 170 35.32 34.94 24.02
CA GLU B 170 36.52 34.10 23.97
C GLU B 170 37.45 34.43 25.13
N SER B 171 37.63 35.72 25.43
CA SER B 171 38.46 36.16 26.54
C SER B 171 37.70 36.31 27.84
N SER B 172 36.42 35.93 27.87
CA SER B 172 35.60 36.10 29.06
C SER B 172 36.05 35.14 30.15
N MET B 173 35.74 35.50 31.40
CA MET B 173 36.10 34.73 32.58
C MET B 173 34.82 34.55 33.41
N PHE B 174 34.02 33.55 33.05
CA PHE B 174 32.69 33.42 33.64
C PHE B 174 32.25 31.97 33.65
N PHE B 175 31.66 31.53 34.77
CA PHE B 175 31.13 30.19 34.91
C PHE B 175 29.79 30.28 35.63
N GLN B 176 28.85 29.41 35.25
CA GLN B 176 27.51 29.44 35.80
C GLN B 176 27.11 28.06 36.30
N PHE B 177 26.23 28.05 37.30
CA PHE B 177 25.67 26.81 37.84
C PHE B 177 24.32 26.56 37.18
N GLY B 178 24.24 25.50 36.36
CA GLY B 178 23.02 25.14 35.69
C GLY B 178 23.25 24.38 34.40
N PRO B 179 22.27 23.60 33.99
CA PRO B 179 22.41 22.82 32.75
C PRO B 179 22.24 23.69 31.51
N SER B 180 22.76 23.16 30.40
CA SER B 180 22.64 23.83 29.11
C SER B 180 21.36 23.40 28.40
N ILE B 181 21.14 23.95 27.21
CA ILE B 181 19.94 23.60 26.44
C ILE B 181 20.01 22.15 25.97
N GLU B 182 21.18 21.71 25.51
CA GLU B 182 21.32 20.34 25.02
C GLU B 182 21.04 19.33 26.13
N GLN B 183 21.59 19.56 27.32
CA GLN B 183 21.33 18.65 28.44
C GLN B 183 19.87 18.66 28.85
N GLN B 184 19.22 19.82 28.83
CA GLN B 184 17.80 19.87 29.17
C GLN B 184 16.96 19.11 28.15
N ALA B 185 17.28 19.23 26.86
CA ALA B 185 16.56 18.47 25.84
C ALA B 185 16.79 16.98 26.01
N SER B 186 18.02 16.57 26.30
CA SER B 186 18.30 15.16 26.55
C SER B 186 17.52 14.66 27.76
N VAL B 187 17.41 15.48 28.80
CA VAL B 187 16.66 15.09 29.99
C VAL B 187 15.17 14.93 29.66
N MET B 188 14.59 15.89 28.94
CA MET B 188 13.17 15.85 28.65
C MET B 188 12.81 14.80 27.61
N LEU B 189 13.78 14.31 26.84
CA LEU B 189 13.51 13.14 25.97
C LEU B 189 13.39 11.84 26.76
N ASN B 190 14.14 11.70 27.86
CA ASN B 190 13.99 10.52 28.70
C ASN B 190 12.61 10.44 29.32
N ILE B 191 12.05 11.56 29.76
CA ILE B 191 10.70 11.57 30.31
C ILE B 191 9.71 11.06 29.27
N MET B 192 9.97 11.31 28.02
CA MET B 192 9.01 10.81 27.00
C MET B 192 9.17 9.35 26.69
N GLU B 193 10.20 8.67 27.13
CA GLU B 193 10.24 7.23 26.84
C GLU B 193 10.04 6.43 28.11
N GLU B 194 9.87 7.10 29.24
CA GLU B 194 9.48 6.43 30.48
C GLU B 194 8.02 6.03 30.31
N TYR B 195 7.24 6.85 29.62
CA TYR B 195 5.79 6.69 29.42
C TYR B 195 5.40 6.46 27.96
N ASP B 196 6.29 6.20 27.02
CA ASP B 196 5.91 5.78 25.67
C ASP B 196 5.10 6.86 24.95
N TRP B 197 5.62 8.08 24.98
CA TRP B 197 5.06 9.20 24.21
C TRP B 197 5.94 9.39 22.98
N TYR B 198 5.64 8.63 21.93
CA TYR B 198 6.45 8.63 20.72
C TYR B 198 5.92 9.58 19.65
N ILE B 199 4.82 10.29 19.92
CA ILE B 199 4.24 11.25 19.00
C ILE B 199 4.34 12.63 19.64
N PHE B 200 5.00 13.57 18.95
CA PHE B 200 5.21 14.89 19.52
C PHE B 200 5.46 15.90 18.40
N SER B 201 5.38 17.17 18.77
CA SER B 201 5.68 18.28 17.87
C SER B 201 6.47 19.32 18.65
N ILE B 202 7.19 20.17 17.92
CA ILE B 202 8.06 21.17 18.52
C ILE B 202 7.63 22.56 18.05
N VAL B 203 7.46 23.47 19.01
CA VAL B 203 7.14 24.86 18.74
C VAL B 203 8.08 25.73 19.56
N THR B 204 8.65 26.75 18.92
CA THR B 204 9.61 27.62 19.58
C THR B 204 9.62 28.98 18.91
N THR B 205 10.17 29.96 19.61
CA THR B 205 10.31 31.32 19.12
C THR B 205 11.80 31.65 18.92
N TYR B 206 12.07 32.91 18.61
CA TYR B 206 13.43 33.37 18.35
C TYR B 206 14.12 33.71 19.67
N PHE B 207 14.97 32.81 20.14
CA PHE B 207 15.71 32.97 21.38
C PHE B 207 17.13 32.48 21.16
N PRO B 208 18.09 32.99 21.93
CA PRO B 208 19.48 32.56 21.74
C PRO B 208 19.73 31.11 22.13
N GLY B 209 19.41 30.19 21.22
CA GLY B 209 19.57 28.78 21.49
C GLY B 209 18.49 27.92 20.86
N TYR B 210 17.57 28.54 20.12
CA TYR B 210 16.45 27.79 19.54
C TYR B 210 16.93 26.76 18.53
N GLN B 211 17.85 27.14 17.67
CA GLN B 211 18.29 26.12 16.68
C GLN B 211 18.94 24.95 17.40
N ASP B 212 19.85 25.17 18.32
CA ASP B 212 20.52 24.04 18.96
C ASP B 212 19.51 23.11 19.61
N PHE B 213 18.43 23.67 20.17
CA PHE B 213 17.43 22.83 20.82
C PHE B 213 16.81 21.85 19.84
N VAL B 214 16.30 22.35 18.71
CA VAL B 214 15.67 21.47 17.72
C VAL B 214 16.71 20.55 17.09
N ASN B 215 17.93 21.04 16.90
CA ASN B 215 18.99 20.21 16.33
C ASN B 215 19.29 19.01 17.23
N LYS B 216 19.23 19.21 18.55
CA LYS B 216 19.53 18.11 19.47
C LYS B 216 18.53 16.96 19.31
N ILE B 217 17.24 17.27 19.30
CA ILE B 217 16.23 16.22 19.09
C ILE B 217 16.36 15.62 17.70
N ARG B 218 16.57 16.45 16.67
CA ARG B 218 16.69 15.91 15.32
C ARG B 218 17.86 14.94 15.21
N SER B 219 18.97 15.22 15.91
CA SER B 219 20.10 14.32 15.89
C SER B 219 19.85 13.08 16.73
N THR B 220 19.14 13.22 17.84
CA THR B 220 18.95 12.10 18.76
C THR B 220 17.96 11.08 18.21
N ILE B 221 16.85 11.54 17.63
CA ILE B 221 15.78 10.64 17.22
C ILE B 221 15.97 10.06 15.82
N GLU B 222 16.94 10.55 15.06
CA GLU B 222 17.14 10.04 13.71
C GLU B 222 17.84 8.69 13.70
N ASN B 223 18.68 8.41 14.70
CA ASN B 223 19.44 7.17 14.77
C ASN B 223 19.06 6.45 16.07
N SER B 224 17.92 5.77 16.06
CA SER B 224 17.38 5.11 17.28
C SER B 224 16.60 3.88 16.87
N PHE B 225 16.56 2.87 17.73
CA PHE B 225 15.75 1.70 17.37
C PHE B 225 14.30 1.91 17.82
N VAL B 226 14.04 2.90 18.65
CA VAL B 226 12.68 3.28 19.11
C VAL B 226 11.92 3.92 17.96
N GLY B 227 10.59 3.85 17.93
CA GLY B 227 9.95 4.49 16.78
C GLY B 227 9.51 5.90 17.04
N TRP B 228 10.35 6.89 16.75
CA TRP B 228 10.04 8.30 16.97
C TRP B 228 9.32 8.86 15.75
N GLU B 229 8.27 9.65 16.00
CA GLU B 229 7.52 10.31 14.95
C GLU B 229 7.37 11.77 15.30
N LEU B 230 7.91 12.65 14.46
CA LEU B 230 7.84 14.09 14.65
C LEU B 230 6.88 14.69 13.64
N GLU B 231 5.97 15.53 14.11
CA GLU B 231 4.94 16.14 13.27
C GLU B 231 5.15 17.64 13.23
N GLU B 232 5.99 18.10 12.31
CA GLU B 232 6.21 19.51 12.00
C GLU B 232 6.90 20.27 13.12
N VAL B 233 7.64 21.31 12.75
CA VAL B 233 8.30 22.20 13.70
C VAL B 233 7.89 23.63 13.37
N LEU B 234 7.55 24.40 14.40
CA LEU B 234 7.08 25.77 14.24
C LEU B 234 8.15 26.74 14.72
N LEU B 235 8.36 27.81 13.95
CA LEU B 235 9.32 28.84 14.30
C LEU B 235 8.61 30.20 14.26
N LEU B 236 7.47 30.28 14.92
CA LEU B 236 6.65 31.49 14.90
C LEU B 236 7.39 32.66 15.55
N ASP B 237 7.14 33.86 15.05
CA ASP B 237 7.74 35.09 15.56
C ASP B 237 6.68 35.88 16.31
N MET B 238 6.95 36.20 17.57
CA MET B 238 6.02 36.95 18.40
C MET B 238 6.21 38.46 18.31
N SER B 239 7.25 38.92 17.62
CA SER B 239 7.51 40.35 17.51
C SER B 239 6.74 41.01 16.37
N LEU B 240 6.10 40.22 15.51
CA LEU B 240 5.37 40.78 14.39
C LEU B 240 4.10 41.49 14.85
N ASP B 241 3.73 42.53 14.13
CA ASP B 241 2.51 43.29 14.41
C ASP B 241 1.38 42.73 13.55
N ASP B 242 0.22 42.52 14.18
CA ASP B 242 -0.96 41.93 13.56
C ASP B 242 -0.75 40.49 13.09
N GLY B 243 0.36 39.87 13.47
CA GLY B 243 0.63 38.48 13.16
C GLY B 243 -0.01 37.49 14.09
N ASP B 244 -0.76 37.97 15.09
CA ASP B 244 -1.45 37.08 16.02
C ASP B 244 -2.48 36.22 15.30
N SER B 245 -3.17 36.77 14.30
CA SER B 245 -4.12 35.97 13.54
C SER B 245 -3.44 34.83 12.81
N LYS B 246 -2.30 35.09 12.17
CA LYS B 246 -1.55 34.02 11.51
C LYS B 246 -1.03 33.01 12.51
N ILE B 247 -0.58 33.48 13.69
CA ILE B 247 -0.10 32.56 14.72
C ILE B 247 -1.22 31.63 15.16
N GLN B 248 -2.40 32.20 15.42
CA GLN B 248 -3.54 31.37 15.82
C GLN B 248 -3.95 30.41 14.72
N ASN B 249 -3.91 30.86 13.47
CA ASN B 249 -4.28 29.98 12.36
C ASN B 249 -3.31 28.82 12.23
N GLN B 250 -2.01 29.06 12.35
CA GLN B 250 -1.03 27.98 12.23
C GLN B 250 -0.96 27.12 13.47
N LEU B 251 -1.43 27.61 14.63
CA LEU B 251 -1.48 26.77 15.82
C LEU B 251 -2.52 25.66 15.70
N LYS B 252 -3.49 25.80 14.78
CA LYS B 252 -4.52 24.78 14.64
C LYS B 252 -4.02 23.53 13.93
N LYS B 253 -2.88 23.62 13.23
CA LYS B 253 -2.35 22.48 12.49
C LYS B 253 -1.76 21.42 13.41
N LEU B 254 -1.56 21.71 14.68
CA LEU B 254 -0.96 20.75 15.60
C LEU B 254 -1.93 19.61 15.88
N GLN B 255 -1.42 18.38 15.82
CA GLN B 255 -2.23 17.19 16.06
C GLN B 255 -1.64 16.22 17.05
N SER B 256 -0.34 16.28 17.32
CA SER B 256 0.28 15.35 18.26
C SER B 256 -0.18 15.66 19.69
N PRO B 257 -0.28 14.63 20.54
CA PRO B 257 -0.72 14.86 21.92
C PRO B 257 0.38 15.37 22.84
N ILE B 258 1.62 15.47 22.37
CA ILE B 258 2.73 15.96 23.17
C ILE B 258 3.34 17.16 22.44
N ILE B 259 3.52 18.26 23.16
CA ILE B 259 4.03 19.50 22.59
C ILE B 259 5.23 19.95 23.41
N LEU B 260 6.32 20.30 22.72
CA LEU B 260 7.53 20.83 23.34
C LEU B 260 7.63 22.33 23.06
N LEU B 261 7.88 23.10 24.10
CA LEU B 261 7.91 24.55 24.02
C LEU B 261 9.27 25.08 24.43
N TYR B 262 9.72 26.15 23.77
CA TYR B 262 10.98 26.81 24.08
C TYR B 262 10.79 28.31 23.98
N CYS B 263 10.44 28.95 25.09
CA CYS B 263 10.16 30.38 25.10
C CYS B 263 10.57 30.96 26.45
N THR B 264 10.19 32.21 26.69
CA THR B 264 10.38 32.89 27.96
C THR B 264 8.99 33.14 28.57
N LYS B 265 8.98 33.51 29.86
CA LYS B 265 7.74 33.53 30.63
C LYS B 265 6.65 34.36 29.96
N GLU B 266 6.98 35.58 29.53
CA GLU B 266 5.96 36.48 29.00
C GLU B 266 5.34 35.94 27.72
N GLU B 267 6.18 35.59 26.74
CA GLU B 267 5.64 35.03 25.51
C GLU B 267 5.11 33.62 25.71
N ALA B 268 5.56 32.90 26.75
CA ALA B 268 4.95 31.63 27.09
C ALA B 268 3.50 31.84 27.51
N THR B 269 3.25 32.85 28.36
CA THR B 269 1.88 33.17 28.73
C THR B 269 1.06 33.62 27.54
N TYR B 270 1.66 34.43 26.66
CA TYR B 270 0.96 34.88 25.46
C TYR B 270 0.55 33.70 24.59
N ILE B 271 1.48 32.76 24.37
CA ILE B 271 1.21 31.60 23.54
C ILE B 271 0.17 30.69 24.20
N PHE B 272 0.25 30.54 25.52
CA PHE B 272 -0.73 29.73 26.23
C PHE B 272 -2.12 30.32 26.11
N GLU B 273 -2.24 31.64 26.23
CA GLU B 273 -3.55 32.28 26.05
C GLU B 273 -4.06 32.09 24.62
N VAL B 274 -3.19 32.26 23.63
CA VAL B 274 -3.60 32.09 22.24
C VAL B 274 -4.06 30.66 21.98
N ALA B 275 -3.33 29.68 22.51
CA ALA B 275 -3.71 28.29 22.33
C ALA B 275 -5.00 27.96 23.06
N ASN B 276 -5.20 28.53 24.26
CA ASN B 276 -6.46 28.33 24.97
C ASN B 276 -7.62 28.94 24.21
N SER B 277 -7.37 30.00 23.45
CA SER B 277 -8.40 30.50 22.54
C SER B 277 -8.78 29.43 21.52
N VAL B 278 -7.79 28.72 20.99
CA VAL B 278 -8.07 27.56 20.15
C VAL B 278 -8.67 26.43 20.98
N GLY B 279 -8.18 26.35 22.22
CA GLY B 279 -8.63 25.37 23.23
C GLY B 279 -7.80 24.11 23.37
N LEU B 280 -6.66 23.96 22.70
CA LEU B 280 -5.89 22.68 22.89
C LEU B 280 -4.94 22.81 24.08
N THR B 281 -5.49 22.92 25.28
CA THR B 281 -4.79 23.02 26.57
C THR B 281 -5.70 22.33 27.58
N GLY B 282 -6.62 21.48 27.13
CA GLY B 282 -7.62 21.01 28.09
C GLY B 282 -7.55 19.58 28.56
N TYR B 283 -7.52 18.62 27.66
CA TYR B 283 -7.65 17.26 28.22
C TYR B 283 -6.60 16.32 27.64
N GLY B 284 -6.56 16.26 26.32
CA GLY B 284 -5.67 15.29 25.72
C GLY B 284 -4.34 15.84 25.23
N TYR B 285 -3.92 16.99 25.76
CA TYR B 285 -2.68 17.62 25.33
C TYR B 285 -1.78 17.85 26.55
N THR B 286 -0.49 17.58 26.37
CA THR B 286 0.51 17.73 27.42
C THR B 286 1.65 18.59 26.91
N TRP B 287 2.08 19.54 27.73
CA TRP B 287 3.13 20.48 27.38
C TRP B 287 4.33 20.29 28.28
N ILE B 288 5.53 20.35 27.69
CA ILE B 288 6.79 20.26 28.41
C ILE B 288 7.59 21.52 28.13
N VAL B 289 8.12 22.14 29.17
CA VAL B 289 8.84 23.40 29.03
C VAL B 289 10.18 23.27 29.75
N PRO B 290 11.18 24.03 29.32
CA PRO B 290 12.50 23.97 29.96
C PRO B 290 12.52 24.77 31.27
N SER B 291 13.72 24.90 31.83
CA SER B 291 13.86 25.46 33.17
C SER B 291 13.54 26.95 33.22
N LEU B 292 13.87 27.71 32.17
CA LEU B 292 13.73 29.16 32.22
C LEU B 292 12.30 29.63 32.00
N VAL B 293 11.39 28.75 31.55
CA VAL B 293 10.00 29.15 31.42
C VAL B 293 9.34 29.39 32.77
N ALA B 294 9.47 28.42 33.66
CA ALA B 294 8.90 28.64 35.01
C ALA B 294 9.69 29.75 35.69
N GLY B 295 11.00 29.63 35.70
CA GLY B 295 11.90 30.60 36.36
C GLY B 295 11.79 30.58 37.87
N ASP B 296 10.71 31.08 38.45
CA ASP B 296 10.63 30.96 39.92
C ASP B 296 9.30 30.33 40.28
N THR B 297 9.39 29.34 41.16
CA THR B 297 8.26 28.48 41.60
C THR B 297 7.17 29.25 42.34
N ASP B 298 7.53 30.30 43.08
CA ASP B 298 6.61 31.10 43.94
C ASP B 298 5.46 31.78 43.19
N THR B 299 5.68 32.34 42.01
CA THR B 299 4.69 33.07 41.25
C THR B 299 4.23 32.26 40.04
N VAL B 300 2.92 32.23 39.83
CA VAL B 300 2.33 31.53 38.68
C VAL B 300 1.46 32.53 37.92
N PRO B 301 1.63 32.64 36.60
CA PRO B 301 0.82 33.60 35.83
C PRO B 301 -0.67 33.30 35.82
N SER B 302 -1.08 32.09 36.21
CA SER B 302 -2.47 31.66 36.30
C SER B 302 -3.08 31.42 34.92
N GLU B 303 -2.32 31.69 33.85
CA GLU B 303 -2.70 31.26 32.51
C GLU B 303 -1.90 30.04 32.04
N PHE B 304 -1.12 29.45 32.94
CA PHE B 304 -0.44 28.20 32.63
C PHE B 304 -1.43 27.04 32.71
N PRO B 305 -1.54 26.22 31.67
CA PRO B 305 -2.48 25.09 31.72
C PRO B 305 -2.15 24.14 32.86
N THR B 306 -3.19 23.60 33.48
CA THR B 306 -3.02 22.67 34.59
C THR B 306 -2.41 21.36 34.06
N GLY B 307 -1.46 20.83 34.83
CA GLY B 307 -0.74 19.65 34.42
C GLY B 307 0.53 19.93 33.64
N LEU B 308 1.05 21.15 33.68
CA LEU B 308 2.27 21.49 32.97
C LEU B 308 3.45 20.74 33.56
N ILE B 309 4.32 20.24 32.69
CA ILE B 309 5.53 19.51 33.09
C ILE B 309 6.73 20.38 32.76
N SER B 310 7.60 20.58 33.75
CA SER B 310 8.79 21.39 33.59
C SER B 310 9.96 20.76 34.31
N VAL B 311 11.16 21.00 33.80
CA VAL B 311 12.38 20.61 34.45
C VAL B 311 12.92 21.84 35.17
N SER B 312 13.67 21.62 36.25
CA SER B 312 14.17 22.72 37.05
C SER B 312 15.44 22.30 37.78
N TYR B 313 16.24 23.30 38.14
CA TYR B 313 17.43 23.06 38.93
C TYR B 313 17.05 22.74 40.38
N ASP B 314 17.79 21.81 40.98
CA ASP B 314 17.48 21.34 42.33
C ASP B 314 17.79 22.45 43.34
N GLU B 315 16.75 23.06 43.88
CA GLU B 315 16.90 24.12 44.88
C GLU B 315 16.27 23.78 46.22
N TRP B 316 15.41 22.76 46.28
CA TRP B 316 14.68 22.47 47.51
C TRP B 316 15.64 22.00 48.61
N ASP B 317 16.50 21.03 48.30
CA ASP B 317 17.46 20.52 49.27
C ASP B 317 18.88 20.93 48.90
N TYR B 318 19.06 21.91 48.00
CA TYR B 318 20.45 22.35 47.72
C TYR B 318 20.49 23.80 48.18
N GLY B 319 20.66 23.95 49.47
CA GLY B 319 20.59 25.27 50.11
C GLY B 319 21.66 26.21 49.63
N LEU B 320 21.32 27.49 49.66
CA LEU B 320 22.26 28.55 49.21
C LEU B 320 23.55 28.48 50.02
N PRO B 321 23.55 28.20 51.34
CA PRO B 321 24.77 28.05 52.09
C PRO B 321 25.79 27.05 51.52
N ALA B 322 25.36 25.93 50.93
CA ALA B 322 26.25 24.94 50.35
C ALA B 322 26.87 25.46 49.06
N ARG B 323 26.12 26.25 48.29
CA ARG B 323 26.64 26.76 47.02
C ARG B 323 27.81 27.70 47.22
N VAL B 324 27.73 28.59 48.22
CA VAL B 324 28.82 29.52 48.49
C VAL B 324 30.08 28.75 48.89
N ARG B 325 29.93 27.76 49.76
CA ARG B 325 31.06 26.95 50.18
C ARG B 325 31.65 26.20 49.00
N ASP B 326 30.80 25.66 48.13
CA ASP B 326 31.29 24.92 46.96
C ASP B 326 32.09 25.84 46.04
N GLY B 327 31.57 27.04 45.77
CA GLY B 327 32.29 27.97 44.92
C GLY B 327 33.60 28.42 45.52
N ILE B 328 33.60 28.70 46.83
CA ILE B 328 34.84 29.08 47.51
C ILE B 328 35.86 27.95 47.43
N ALA B 329 35.40 26.71 47.63
CA ALA B 329 36.31 25.57 47.54
C ALA B 329 36.89 25.43 46.14
N ILE B 330 36.05 25.59 45.11
CA ILE B 330 36.53 25.51 43.73
C ILE B 330 37.60 26.56 43.47
N ILE B 331 37.32 27.81 43.85
CA ILE B 331 38.27 28.89 43.59
C ILE B 331 39.58 28.63 44.34
N THR B 332 39.48 28.24 45.62
CA THR B 332 40.68 28.03 46.42
C THR B 332 41.52 26.89 45.87
N THR B 333 40.89 25.76 45.51
CA THR B 333 41.67 24.63 45.02
C THR B 333 42.28 24.93 43.65
N ALA B 334 41.56 25.66 42.79
CA ALA B 334 42.13 26.03 41.49
C ALA B 334 43.33 26.94 41.68
N ALA B 335 43.21 27.96 42.54
CA ALA B 335 44.34 28.84 42.80
C ALA B 335 45.52 28.10 43.41
N SER B 336 45.24 27.17 44.32
CA SER B 336 46.32 26.44 44.99
C SER B 336 47.07 25.54 44.01
N ASP B 337 46.33 24.73 43.23
CA ASP B 337 46.99 23.85 42.29
C ASP B 337 47.70 24.62 41.19
N MET B 338 47.18 25.79 40.82
CA MET B 338 47.89 26.63 39.86
C MET B 338 49.09 27.31 40.50
N LEU B 339 48.98 27.68 41.78
CA LEU B 339 50.08 28.36 42.45
C LEU B 339 51.24 27.40 42.73
N SER B 340 50.93 26.20 43.23
CA SER B 340 51.99 25.28 43.65
C SER B 340 52.83 24.81 42.47
N GLU B 341 52.18 24.40 41.37
CA GLU B 341 52.92 23.84 40.25
C GLU B 341 53.69 24.91 39.49
N HIS B 342 53.05 26.05 39.23
CA HIS B 342 53.65 27.09 38.41
C HIS B 342 54.44 28.12 39.22
N SER B 343 54.39 28.06 40.54
CA SER B 343 55.08 28.99 41.43
C SER B 343 54.68 30.44 41.17
N PHE B 344 53.50 30.67 40.61
CA PHE B 344 53.02 32.01 40.30
C PHE B 344 51.55 32.14 40.65
N ILE B 345 51.13 33.38 40.87
CA ILE B 345 49.73 33.70 41.15
C ILE B 345 49.48 35.14 40.73
N PRO B 346 48.39 35.42 40.01
CA PRO B 346 48.14 36.79 39.53
C PRO B 346 47.53 37.64 40.64
N GLU B 347 48.23 38.71 41.00
CA GLU B 347 47.71 39.74 41.91
C GLU B 347 47.88 41.05 41.16
N PRO B 348 46.91 41.42 40.32
CA PRO B 348 47.07 42.61 39.48
C PRO B 348 46.94 43.89 40.30
N LYS B 349 47.21 45.00 39.63
CA LYS B 349 47.00 46.32 40.22
C LYS B 349 45.50 46.54 40.37
N SER B 350 45.00 46.38 41.60
CA SER B 350 43.56 46.31 41.83
C SER B 350 42.91 47.68 41.70
N SER B 351 42.80 48.18 40.47
CA SER B 351 42.04 49.38 40.16
C SER B 351 41.10 49.11 38.99
N CYS B 352 39.84 49.49 39.18
CA CYS B 352 38.82 49.27 38.15
C CYS B 352 38.97 50.22 36.97
N TYR B 353 39.27 51.49 37.26
CA TYR B 353 39.62 52.43 36.19
C TYR B 353 41.02 52.14 35.67
N ASN B 354 41.26 52.51 34.41
CA ASN B 354 42.56 52.36 33.76
C ASN B 354 43.02 50.90 33.76
N THR B 355 42.23 50.06 33.08
CA THR B 355 42.57 48.67 32.85
C THR B 355 43.01 48.40 31.42
N HIS B 356 43.26 49.45 30.62
CA HIS B 356 43.75 49.25 29.26
C HIS B 356 45.11 48.58 29.27
N GLU B 357 45.99 48.99 30.17
CA GLU B 357 47.31 48.39 30.31
C GLU B 357 47.36 47.28 31.36
N LYS B 358 46.22 46.94 31.96
CA LYS B 358 46.18 45.91 32.98
C LYS B 358 46.34 44.51 32.41
N ARG B 359 46.30 44.35 31.09
CA ARG B 359 46.43 43.06 30.44
C ARG B 359 47.88 42.63 30.24
N ILE B 360 48.81 43.21 31.00
CA ILE B 360 50.22 42.85 30.85
C ILE B 360 50.47 41.40 31.22
N TYR B 361 49.83 40.93 32.29
CA TYR B 361 50.00 39.55 32.76
C TYR B 361 48.80 38.72 32.35
N GLN B 362 49.04 37.70 31.53
CA GLN B 362 47.96 36.81 31.11
C GLN B 362 47.49 35.95 32.27
N SER B 363 46.18 35.73 32.34
CA SER B 363 45.57 34.92 33.40
C SER B 363 44.79 33.74 32.83
N ASN B 364 45.11 33.30 31.62
CA ASN B 364 44.37 32.20 31.00
C ASN B 364 44.68 30.85 31.63
N MET B 365 45.82 30.71 32.31
CA MET B 365 46.13 29.47 32.99
C MET B 365 45.12 29.18 34.10
N LEU B 366 44.74 30.22 34.85
CA LEU B 366 43.69 30.05 35.84
C LEU B 366 42.39 29.62 35.19
N ASN B 367 42.05 30.23 34.04
CA ASN B 367 40.90 29.78 33.28
C ASN B 367 41.06 28.34 32.82
N ARG B 368 42.28 27.98 32.41
CA ARG B 368 42.53 26.61 31.93
C ARG B 368 42.32 25.59 33.04
N TYR B 369 42.61 25.94 34.29
CA TYR B 369 42.47 24.99 35.38
C TYR B 369 41.12 25.06 36.08
N LEU B 370 40.36 26.15 35.91
CA LEU B 370 39.08 26.27 36.60
C LEU B 370 38.04 25.25 36.14
N ILE B 371 38.27 24.55 35.03
CA ILE B 371 37.29 23.64 34.46
C ILE B 371 37.52 22.21 34.93
N ASN B 372 38.38 22.00 35.94
CA ASN B 372 38.61 20.65 36.46
C ASN B 372 38.97 20.77 37.95
N VAL B 373 37.97 20.59 38.80
CA VAL B 373 38.15 20.61 40.26
C VAL B 373 37.32 19.49 40.86
N THR B 374 37.67 19.12 42.10
CA THR B 374 36.90 18.15 42.86
C THR B 374 37.24 18.29 44.33
N PHE B 375 36.25 18.05 45.18
CA PHE B 375 36.44 18.12 46.62
C PHE B 375 35.26 17.47 47.32
N GLU B 376 35.53 16.85 48.47
CA GLU B 376 34.51 16.26 49.33
C GLU B 376 33.67 15.24 48.57
N GLY B 377 34.33 14.46 47.70
CA GLY B 377 33.62 13.44 46.94
C GLY B 377 32.57 14.00 45.99
N ARG B 378 32.87 15.10 45.31
CA ARG B 378 31.96 15.70 44.36
C ARG B 378 32.72 16.11 43.11
N ASN B 379 32.03 16.08 41.98
CA ASN B 379 32.59 16.47 40.69
C ASN B 379 32.01 17.81 40.29
N LEU B 380 32.87 18.82 40.16
CA LEU B 380 32.45 20.17 39.83
C LEU B 380 33.12 20.69 38.56
N SER B 381 33.64 19.80 37.71
CA SER B 381 34.29 20.21 36.48
C SER B 381 33.30 20.92 35.58
N PHE B 382 33.70 22.08 35.06
CA PHE B 382 32.87 22.88 34.17
C PHE B 382 33.07 22.41 32.74
N SER B 383 32.44 23.11 31.79
CA SER B 383 32.57 22.82 30.38
C SER B 383 33.19 24.01 29.67
N GLU B 384 33.52 23.81 28.39
CA GLU B 384 34.09 24.89 27.59
C GLU B 384 33.08 26.01 27.38
N ASP B 385 31.79 25.68 27.32
CA ASP B 385 30.74 26.67 27.16
C ASP B 385 30.37 27.38 28.45
N GLY B 386 30.93 26.95 29.58
CA GLY B 386 30.69 27.63 30.84
C GLY B 386 29.53 27.11 31.66
N TYR B 387 29.13 25.85 31.47
CA TYR B 387 28.04 25.26 32.23
C TYR B 387 28.58 24.12 33.09
N GLN B 388 27.71 23.62 33.98
CA GLN B 388 28.15 22.70 35.03
C GLN B 388 28.56 21.34 34.51
N MET B 389 27.92 20.86 33.43
CA MET B 389 28.28 19.63 32.74
C MET B 389 27.90 18.40 33.57
N HIS B 390 27.51 18.60 34.82
CA HIS B 390 27.07 17.52 35.69
C HIS B 390 26.16 18.06 36.79
N PRO B 391 24.98 18.56 36.46
CA PRO B 391 24.10 19.16 37.48
C PRO B 391 23.22 18.11 38.14
N LYS B 392 22.40 18.57 39.07
CA LYS B 392 21.34 17.77 39.68
C LYS B 392 20.01 18.40 39.31
N LEU B 393 19.14 17.63 38.66
CA LEU B 393 17.90 18.14 38.10
C LEU B 393 16.70 17.46 38.75
N VAL B 394 15.59 18.18 38.78
CA VAL B 394 14.33 17.69 39.30
C VAL B 394 13.24 18.00 38.30
N ILE B 395 12.12 17.29 38.42
CA ILE B 395 10.97 17.45 37.53
C ILE B 395 9.78 17.89 38.38
N ILE B 396 9.11 18.96 37.95
CA ILE B 396 8.01 19.55 38.69
C ILE B 396 6.75 19.49 37.84
N LEU B 397 5.61 19.42 38.52
CA LEU B 397 4.30 19.31 37.88
C LEU B 397 3.34 20.31 38.52
N LEU B 398 2.40 20.81 37.71
CA LEU B 398 1.42 21.77 38.18
C LEU B 398 0.11 21.04 38.47
N ASN B 399 -0.35 21.13 39.70
CA ASN B 399 -1.58 20.49 40.16
C ASN B 399 -2.71 21.52 40.24
N LYS B 400 -3.86 21.09 40.80
CA LYS B 400 -5.07 21.89 40.72
C LYS B 400 -4.92 23.24 41.42
N GLU B 401 -4.48 23.23 42.67
CA GLU B 401 -4.16 24.47 43.36
C GLU B 401 -2.76 24.91 42.94
N ARG B 402 -2.69 26.04 42.23
CA ARG B 402 -1.52 26.38 41.42
C ARG B 402 -0.24 26.36 42.26
N LYS B 403 0.62 25.37 41.99
CA LYS B 403 1.82 25.11 42.75
C LYS B 403 2.59 24.02 42.00
N TRP B 404 3.90 23.98 42.23
CA TRP B 404 4.78 23.01 41.57
C TRP B 404 5.09 21.89 42.54
N GLU B 405 4.85 20.65 42.10
CA GLU B 405 5.07 19.47 42.91
C GLU B 405 6.23 18.65 42.34
N ARG B 406 7.13 18.21 43.21
CA ARG B 406 8.32 17.47 42.80
C ARG B 406 7.91 16.05 42.44
N VAL B 407 8.17 15.67 41.19
CA VAL B 407 7.77 14.37 40.67
C VAL B 407 8.94 13.41 40.58
N GLY B 408 10.04 13.83 39.96
CA GLY B 408 11.16 12.92 39.74
C GLY B 408 12.49 13.64 39.83
N LYS B 409 13.57 12.87 39.89
CA LYS B 409 14.94 13.38 40.01
C LYS B 409 15.80 12.76 38.93
N TRP B 410 16.73 13.51 38.38
CA TRP B 410 17.60 13.09 37.30
C TRP B 410 19.06 13.32 37.69
N LYS B 411 19.91 12.33 37.39
CA LYS B 411 21.32 12.42 37.72
C LYS B 411 22.09 11.38 36.94
N ASP B 412 23.17 11.81 36.28
CA ASP B 412 24.11 10.95 35.50
C ASP B 412 23.43 10.15 34.39
N LYS B 413 22.48 10.76 33.68
CA LYS B 413 21.70 10.19 32.54
C LYS B 413 20.69 9.16 33.05
N SER B 414 20.48 9.11 34.37
CA SER B 414 19.58 8.12 34.93
C SER B 414 18.36 8.84 35.48
N LEU B 415 17.17 8.42 35.05
CA LEU B 415 15.93 9.01 35.51
C LEU B 415 15.32 8.17 36.62
N GLN B 416 14.68 8.85 37.58
CA GLN B 416 14.08 8.17 38.74
C GLN B 416 12.77 8.90 39.07
N MET B 417 11.67 8.34 38.58
CA MET B 417 10.35 8.91 38.82
C MET B 417 9.71 8.30 40.06
N LYS B 418 8.83 9.07 40.69
CA LYS B 418 8.12 8.61 41.88
C LYS B 418 6.85 7.84 41.53
N TYR B 419 6.44 7.84 40.27
CA TYR B 419 5.26 7.11 39.83
C TYR B 419 5.68 6.00 38.86
N TYR B 420 4.79 5.03 38.69
CA TYR B 420 4.98 3.99 37.69
C TYR B 420 4.12 4.21 36.45
N VAL B 421 2.98 4.87 36.59
CA VAL B 421 2.13 5.22 35.46
C VAL B 421 1.68 6.66 35.63
N TRP B 422 1.62 7.40 34.52
CA TRP B 422 1.25 8.80 34.59
C TRP B 422 -0.23 8.94 34.94
N PRO B 423 -0.57 9.67 36.01
CA PRO B 423 -1.98 9.89 36.33
C PRO B 423 -2.67 10.69 35.24
N ARG B 424 -3.93 10.34 34.98
CA ARG B 424 -4.75 11.02 33.92
C ARG B 424 -5.53 12.18 34.55
N MET B 425 -5.23 13.40 34.09
CA MET B 425 -5.89 14.60 34.60
C MET B 425 -5.91 15.70 33.54
N ASP B 434 -15.82 7.45 29.23
CA ASP B 434 -14.46 7.52 28.73
C ASP B 434 -14.22 6.48 27.65
N ASP B 435 -13.24 6.73 26.80
CA ASP B 435 -12.89 5.83 25.70
C ASP B 435 -11.45 5.35 25.84
N HIS B 436 -11.02 5.12 27.08
CA HIS B 436 -9.71 4.53 27.37
C HIS B 436 -9.95 3.22 28.10
N LEU B 437 -9.63 2.12 27.43
CA LEU B 437 -10.00 0.78 27.90
C LEU B 437 -8.76 0.01 28.35
N SER B 438 -9.01 -0.97 29.22
CA SER B 438 -7.98 -1.93 29.59
C SER B 438 -8.02 -3.14 28.66
N ILE B 439 -6.86 -3.77 28.49
CA ILE B 439 -6.74 -4.95 27.66
C ILE B 439 -5.93 -6.00 28.40
N VAL B 440 -6.37 -7.26 28.34
CA VAL B 440 -5.63 -8.38 28.91
C VAL B 440 -5.34 -9.36 27.78
N THR B 441 -4.19 -10.02 27.87
CA THR B 441 -3.74 -10.92 26.81
C THR B 441 -2.87 -12.01 27.43
N LEU B 442 -2.40 -12.91 26.58
CA LEU B 442 -1.57 -14.03 27.00
C LEU B 442 -0.69 -14.46 25.84
N GLU B 443 0.54 -14.85 26.17
CA GLU B 443 1.51 -15.25 25.15
C GLU B 443 1.20 -16.66 24.66
N GLU B 444 1.04 -16.81 23.35
CA GLU B 444 0.73 -18.10 22.74
C GLU B 444 0.89 -17.99 21.23
N ALA B 445 1.56 -18.98 20.64
CA ALA B 445 1.61 -19.16 19.20
C ALA B 445 2.28 -17.95 18.54
N PRO B 446 2.19 -17.76 17.22
CA PRO B 446 2.58 -16.48 16.63
C PRO B 446 1.50 -15.40 16.68
N PHE B 447 0.47 -15.57 17.50
CA PHE B 447 -0.54 -14.53 17.66
C PHE B 447 -0.15 -13.49 18.69
N VAL B 448 0.56 -13.90 19.75
CA VAL B 448 1.05 -12.98 20.78
C VAL B 448 2.48 -13.40 21.12
N ILE B 449 3.44 -12.51 20.89
CA ILE B 449 4.85 -12.74 21.18
C ILE B 449 5.32 -11.66 22.14
N VAL B 450 5.97 -12.07 23.22
CA VAL B 450 6.45 -11.16 24.26
C VAL B 450 7.97 -11.15 24.23
N GLU B 451 8.55 -9.96 24.17
CA GLU B 451 9.99 -9.76 24.17
C GLU B 451 10.40 -8.93 25.38
N SER B 452 11.68 -8.54 25.42
CA SER B 452 12.22 -7.70 26.47
C SER B 452 12.60 -6.34 25.88
N VAL B 453 12.60 -5.32 26.73
CA VAL B 453 12.89 -3.97 26.28
C VAL B 453 14.35 -3.87 25.82
N ASP B 454 14.62 -2.86 25.02
CA ASP B 454 15.97 -2.64 24.50
C ASP B 454 16.90 -2.23 25.63
N PRO B 455 18.01 -2.94 25.86
CA PRO B 455 18.90 -2.57 26.97
C PRO B 455 19.56 -1.22 26.80
N LEU B 456 19.71 -0.73 25.56
CA LEU B 456 20.38 0.55 25.35
C LEU B 456 19.51 1.72 25.81
N SER B 457 18.22 1.70 25.47
CA SER B 457 17.33 2.80 25.77
C SER B 457 16.25 2.47 26.78
N GLY B 458 16.06 1.21 27.15
CA GLY B 458 15.08 0.84 28.14
C GLY B 458 13.64 1.09 27.76
N THR B 459 13.27 0.77 26.51
CA THR B 459 11.89 0.90 26.05
C THR B 459 11.67 -0.09 24.92
N CYS B 460 10.55 0.06 24.21
CA CYS B 460 10.14 -0.89 23.20
C CYS B 460 10.57 -0.45 21.81
N MET B 461 10.84 -1.44 20.95
CA MET B 461 11.27 -1.18 19.59
C MET B 461 10.09 -0.69 18.73
N ARG B 462 10.39 -0.35 17.48
CA ARG B 462 9.35 0.03 16.54
C ARG B 462 8.50 -1.18 16.16
N ASN B 463 7.25 -0.92 15.83
CA ASN B 463 6.27 -1.94 15.41
C ASN B 463 5.96 -2.91 16.54
N THR B 464 6.06 -2.46 17.78
CA THR B 464 5.69 -3.24 18.95
C THR B 464 4.79 -2.40 19.84
N VAL B 465 4.24 -3.02 20.88
CA VAL B 465 3.35 -2.35 21.81
C VAL B 465 3.81 -2.63 23.23
N PRO B 466 3.94 -1.63 24.09
CA PRO B 466 4.36 -1.89 25.47
C PRO B 466 3.26 -2.62 26.24
N CYS B 467 3.64 -3.76 26.81
CA CYS B 467 2.73 -4.58 27.60
C CYS B 467 3.35 -4.85 28.97
N GLN B 468 2.63 -4.64 30.06
CA GLN B 468 3.14 -4.85 31.39
C GLN B 468 2.82 -6.12 32.02
N LYS B 469 3.54 -6.59 32.95
CA LYS B 469 3.33 -7.80 33.74
C LYS B 469 3.71 -7.51 35.18
N ARG B 470 3.07 -8.21 36.12
CA ARG B 470 3.32 -8.03 37.54
C ARG B 470 3.93 -9.30 38.11
N ILE B 471 4.77 -9.12 39.13
CA ILE B 471 5.49 -10.22 39.76
C ILE B 471 5.19 -10.21 41.26
N ILE B 472 5.03 -11.40 41.83
CA ILE B 472 4.85 -11.59 43.27
C ILE B 472 5.90 -12.61 43.71
N SER B 473 6.92 -12.14 44.43
CA SER B 473 8.04 -12.99 44.81
C SER B 473 7.92 -13.50 46.25
N GLU B 474 7.81 -12.59 47.22
CA GLU B 474 7.77 -12.98 48.62
C GLU B 474 6.41 -13.56 48.98
N ASN B 475 6.43 -14.55 49.88
CA ASN B 475 5.21 -15.18 50.36
C ASN B 475 4.83 -14.74 51.76
N LYS B 476 5.81 -14.42 52.62
CA LYS B 476 5.50 -13.91 53.95
C LYS B 476 4.79 -12.56 53.87
N THR B 477 5.22 -11.70 52.95
CA THR B 477 4.61 -10.40 52.73
C THR B 477 4.38 -10.20 51.24
N ASP B 478 3.40 -9.36 50.90
CA ASP B 478 3.02 -9.11 49.52
C ASP B 478 3.69 -7.83 49.03
N GLU B 479 4.12 -7.84 47.77
CA GLU B 479 4.78 -6.70 47.14
C GLU B 479 3.72 -5.86 46.44
N GLU B 480 3.53 -4.65 46.92
CA GLU B 480 2.54 -3.73 46.36
C GLU B 480 2.93 -3.29 44.97
N PRO B 481 1.97 -3.29 44.02
CA PRO B 481 2.25 -2.96 42.61
C PRO B 481 3.68 -3.06 42.11
N GLY B 482 4.23 -4.28 42.09
CA GLY B 482 5.51 -4.52 41.45
C GLY B 482 5.34 -4.99 40.03
N TYR B 483 5.76 -4.19 39.06
CA TYR B 483 5.48 -4.46 37.65
C TYR B 483 6.78 -4.46 36.85
N ILE B 484 6.73 -5.18 35.72
CA ILE B 484 7.82 -5.24 34.76
C ILE B 484 7.26 -4.89 33.39
N LYS B 485 8.04 -4.10 32.64
CA LYS B 485 7.64 -3.62 31.32
C LYS B 485 8.24 -4.52 30.25
N LYS B 486 7.40 -5.01 29.35
CA LYS B 486 7.80 -5.86 28.25
C LYS B 486 7.32 -5.27 26.93
N CYS B 487 7.62 -5.95 25.83
CA CYS B 487 7.15 -5.58 24.51
C CYS B 487 6.37 -6.74 23.94
N CYS B 488 5.19 -6.43 23.37
CA CYS B 488 4.29 -7.45 22.85
C CYS B 488 3.99 -7.20 21.38
N LYS B 489 3.97 -8.28 20.61
CA LYS B 489 3.69 -8.21 19.18
C LYS B 489 3.16 -9.56 18.72
N GLY B 490 2.60 -9.57 17.51
CA GLY B 490 2.11 -10.80 16.93
C GLY B 490 0.97 -10.52 15.98
N PHE B 491 0.28 -11.61 15.59
CA PHE B 491 -0.81 -11.51 14.63
C PHE B 491 -1.99 -10.74 15.21
N CYS B 492 -2.33 -11.00 16.48
CA CYS B 492 -3.48 -10.32 17.09
C CYS B 492 -3.17 -8.87 17.44
N ILE B 493 -1.90 -8.54 17.69
CA ILE B 493 -1.56 -7.16 18.03
C ILE B 493 -1.78 -6.23 16.86
N ASP B 494 -1.46 -6.67 15.63
CA ASP B 494 -1.74 -5.85 14.46
C ASP B 494 -3.24 -5.63 14.27
N ILE B 495 -4.04 -6.68 14.49
CA ILE B 495 -5.49 -6.53 14.40
C ILE B 495 -6.00 -5.55 15.45
N LEU B 496 -5.47 -5.63 16.67
CA LEU B 496 -5.87 -4.68 17.71
C LEU B 496 -5.48 -3.25 17.33
N LYS B 497 -4.29 -3.08 16.78
CA LYS B 497 -3.87 -1.74 16.34
C LYS B 497 -4.80 -1.19 15.27
N LYS B 498 -5.14 -2.02 14.27
CA LYS B 498 -6.01 -1.56 13.21
C LYS B 498 -7.42 -1.25 13.73
N ILE B 499 -7.92 -2.07 14.67
CA ILE B 499 -9.24 -1.81 15.24
C ILE B 499 -9.24 -0.50 16.00
N SER B 500 -8.31 -0.25 16.89
CA SER B 500 -8.46 1.01 17.64
C SER B 500 -8.29 2.23 16.77
N LYS B 501 -7.43 2.21 15.80
CA LYS B 501 -7.27 3.40 14.98
C LYS B 501 -8.58 3.75 14.30
N SER B 502 -9.29 2.81 13.71
CA SER B 502 -10.61 3.08 13.05
C SER B 502 -11.81 3.34 13.97
N VAL B 503 -11.98 2.66 15.08
CA VAL B 503 -13.18 2.93 15.90
C VAL B 503 -12.86 3.98 16.95
N LYS B 504 -11.60 4.37 17.04
CA LYS B 504 -10.97 5.41 17.88
C LYS B 504 -11.13 5.17 19.36
N PHE B 505 -10.12 4.62 19.99
CA PHE B 505 -10.07 4.40 21.44
C PHE B 505 -8.60 4.22 21.82
N THR B 506 -8.25 4.47 23.07
CA THR B 506 -6.90 4.17 23.52
C THR B 506 -6.96 3.04 24.54
N TYR B 507 -5.80 2.42 24.78
CA TYR B 507 -5.76 1.22 25.59
C TYR B 507 -4.39 1.07 26.24
N ASP B 508 -4.32 0.18 27.22
CA ASP B 508 -3.07 -0.25 27.82
C ASP B 508 -3.13 -1.75 28.03
N LEU B 509 -2.04 -2.44 27.75
CA LEU B 509 -2.01 -3.89 27.82
C LEU B 509 -1.35 -4.38 29.10
N TYR B 510 -1.79 -5.54 29.58
CA TYR B 510 -1.12 -6.25 30.65
C TYR B 510 -1.36 -7.74 30.47
N LEU B 511 -0.46 -8.54 31.03
CA LEU B 511 -0.51 -9.99 30.88
C LEU B 511 -1.25 -10.62 32.05
N VAL B 512 -1.98 -11.69 31.76
CA VAL B 512 -2.71 -12.42 32.79
C VAL B 512 -1.73 -13.19 33.64
N THR B 513 -2.09 -13.27 34.90
CA THR B 513 -1.23 -13.78 35.97
C THR B 513 -1.71 -15.10 36.50
N ASN B 514 -2.95 -15.28 36.95
CA ASN B 514 -3.26 -16.66 37.39
C ASN B 514 -4.21 -17.32 36.40
N GLY B 515 -3.89 -18.51 35.93
CA GLY B 515 -4.70 -19.15 34.90
C GLY B 515 -4.23 -18.79 33.52
N LYS B 516 -4.78 -19.40 32.49
CA LYS B 516 -4.37 -19.05 31.12
C LYS B 516 -5.56 -18.59 30.34
N HIS B 517 -6.04 -19.34 29.41
CA HIS B 517 -7.20 -18.92 28.60
C HIS B 517 -8.46 -18.78 29.43
N GLY B 518 -8.70 -19.66 30.37
CA GLY B 518 -9.89 -19.56 31.20
C GLY B 518 -10.52 -20.90 31.53
N LYS B 519 -10.92 -21.07 32.79
CA LYS B 519 -11.54 -22.30 33.25
C LYS B 519 -12.46 -21.99 34.42
N LYS B 520 -13.56 -22.74 34.50
CA LYS B 520 -14.53 -22.59 35.58
C LYS B 520 -14.17 -23.57 36.70
N ILE B 521 -13.65 -23.05 37.79
CA ILE B 521 -13.22 -23.86 38.93
C ILE B 521 -14.19 -23.58 40.07
N ASN B 522 -14.97 -24.60 40.46
CA ASN B 522 -15.87 -24.54 41.61
C ASN B 522 -16.87 -23.40 41.50
N GLY B 523 -17.26 -23.04 40.28
CA GLY B 523 -18.18 -21.95 40.06
C GLY B 523 -17.55 -20.60 39.84
N THR B 524 -16.22 -20.54 39.69
CA THR B 524 -15.51 -19.29 39.49
C THR B 524 -14.57 -19.44 38.30
N TRP B 525 -14.42 -18.34 37.57
CA TRP B 525 -13.56 -18.30 36.36
C TRP B 525 -12.20 -17.71 36.66
N ASN B 526 -11.19 -18.19 35.96
CA ASN B 526 -9.75 -17.86 35.96
C ASN B 526 -9.31 -17.31 34.60
N GLY B 527 -8.07 -16.95 34.40
CA GLY B 527 -7.58 -16.65 33.05
C GLY B 527 -8.09 -15.38 32.55
N MET B 528 -8.14 -15.19 31.27
CA MET B 528 -8.66 -13.99 30.64
C MET B 528 -10.17 -13.88 30.81
N ILE B 529 -10.88 -15.01 30.68
CA ILE B 529 -12.33 -15.00 30.88
C ILE B 529 -12.65 -14.60 32.32
N GLY B 530 -11.92 -15.17 33.28
CA GLY B 530 -12.12 -14.80 34.67
C GLY B 530 -11.84 -13.35 34.94
N GLU B 531 -10.82 -12.79 34.27
CA GLU B 531 -10.56 -11.36 34.39
C GLU B 531 -11.72 -10.53 33.86
N VAL B 532 -12.16 -10.83 32.63
CA VAL B 532 -13.19 -10.01 31.98
C VAL B 532 -14.52 -10.11 32.73
N VAL B 533 -14.82 -11.29 33.30
CA VAL B 533 -16.08 -11.47 34.00
C VAL B 533 -16.16 -10.54 35.21
N MET B 534 -15.06 -10.40 35.95
CA MET B 534 -15.02 -9.57 37.15
C MET B 534 -14.67 -8.12 36.86
N LYS B 535 -14.97 -7.64 35.66
CA LYS B 535 -14.62 -6.30 35.20
C LYS B 535 -13.09 -6.16 35.27
N ARG B 536 -12.58 -4.93 35.44
CA ARG B 536 -11.17 -4.68 35.68
C ARG B 536 -10.33 -4.93 34.42
N ALA B 537 -10.93 -5.53 33.40
CA ALA B 537 -10.24 -5.73 32.14
C ALA B 537 -11.03 -5.23 30.93
N TYR B 538 -12.34 -5.45 30.91
CA TYR B 538 -13.26 -4.87 29.93
C TYR B 538 -13.11 -5.47 28.53
N MET B 539 -12.08 -6.27 28.30
CA MET B 539 -11.83 -6.84 26.98
C MET B 539 -10.65 -7.80 27.08
N ALA B 540 -10.63 -8.77 26.15
CA ALA B 540 -9.54 -9.73 26.08
C ALA B 540 -9.27 -10.06 24.62
N VAL B 541 -7.99 -10.00 24.22
CA VAL B 541 -7.58 -10.35 22.88
C VAL B 541 -6.56 -11.48 22.96
N GLY B 542 -6.51 -12.28 21.91
CA GLY B 542 -5.60 -13.42 21.86
C GLY B 542 -6.28 -14.60 21.21
N SER B 543 -5.83 -15.79 21.60
CA SER B 543 -6.35 -17.04 21.04
C SER B 543 -7.43 -17.61 21.97
N LEU B 544 -8.58 -16.93 21.95
CA LEU B 544 -9.75 -17.37 22.69
C LEU B 544 -10.74 -18.00 21.72
N THR B 545 -11.08 -19.27 21.96
CA THR B 545 -12.03 -19.98 21.12
C THR B 545 -13.45 -19.72 21.61
N ILE B 546 -14.36 -19.52 20.66
CA ILE B 546 -15.75 -19.25 20.98
C ILE B 546 -16.48 -20.57 21.17
N ASN B 547 -17.12 -20.74 22.33
CA ASN B 547 -17.91 -21.92 22.61
C ASN B 547 -19.15 -21.50 23.40
N GLU B 548 -20.08 -22.44 23.56
CA GLU B 548 -21.34 -22.12 24.21
C GLU B 548 -21.14 -21.78 25.69
N GLU B 549 -20.25 -22.51 26.37
CA GLU B 549 -20.13 -22.35 27.83
C GLU B 549 -19.66 -20.94 28.20
N ARG B 550 -18.72 -20.38 27.44
CA ARG B 550 -18.20 -19.05 27.73
C ARG B 550 -19.12 -17.94 27.28
N SER B 551 -20.22 -18.26 26.58
CA SER B 551 -21.08 -17.24 25.99
C SER B 551 -22.13 -16.69 26.95
N GLU B 552 -22.30 -17.29 28.13
CA GLU B 552 -23.23 -16.77 29.12
C GLU B 552 -22.59 -15.78 30.09
N VAL B 553 -21.30 -15.52 29.95
CA VAL B 553 -20.61 -14.60 30.85
C VAL B 553 -19.94 -13.44 30.12
N VAL B 554 -19.57 -13.60 28.85
CA VAL B 554 -18.97 -12.53 28.06
C VAL B 554 -19.64 -12.49 26.69
N ASP B 555 -19.31 -11.46 25.93
CA ASP B 555 -19.82 -11.28 24.58
C ASP B 555 -18.67 -11.40 23.58
N PHE B 556 -18.87 -12.21 22.55
CA PHE B 556 -17.86 -12.47 21.54
C PHE B 556 -18.18 -11.71 20.26
N SER B 557 -17.13 -11.34 19.52
CA SER B 557 -17.27 -10.62 18.28
C SER B 557 -17.28 -11.60 17.11
N VAL B 558 -17.35 -11.08 15.89
CA VAL B 558 -17.26 -11.94 14.71
C VAL B 558 -15.87 -12.56 14.65
N PRO B 559 -15.74 -13.87 14.42
CA PRO B 559 -14.41 -14.46 14.37
C PRO B 559 -13.57 -13.91 13.22
N PHE B 560 -12.27 -13.75 13.49
CA PHE B 560 -11.33 -13.27 12.49
C PHE B 560 -10.43 -14.38 11.94
N ILE B 561 -10.62 -15.61 12.39
CA ILE B 561 -9.86 -16.76 11.88
C ILE B 561 -10.65 -18.01 12.24
N GLU B 562 -10.44 -19.06 11.45
CA GLU B 562 -11.14 -20.33 11.64
C GLU B 562 -10.21 -21.33 12.32
N THR B 563 -10.70 -22.01 13.35
CA THR B 563 -9.92 -22.97 14.10
C THR B 563 -10.81 -24.17 14.43
N GLY B 564 -10.28 -25.08 15.24
CA GLY B 564 -11.01 -26.26 15.66
C GLY B 564 -10.17 -27.23 16.44
N ILE B 565 -10.34 -28.52 16.18
CA ILE B 565 -9.58 -29.58 16.84
C ILE B 565 -8.90 -30.42 15.77
N SER B 566 -7.60 -30.66 15.94
CA SER B 566 -6.81 -31.40 14.96
C SER B 566 -5.94 -32.44 15.66
N VAL B 567 -5.53 -33.44 14.90
CA VAL B 567 -4.66 -34.51 15.37
C VAL B 567 -3.38 -34.47 14.54
N MET B 568 -2.24 -34.45 15.23
CA MET B 568 -0.94 -34.36 14.57
C MET B 568 -0.07 -35.53 15.00
N VAL B 569 0.54 -36.20 14.03
CA VAL B 569 1.42 -37.34 14.25
C VAL B 569 2.75 -37.06 13.55
N SER B 570 3.65 -38.03 13.62
CA SER B 570 4.94 -37.98 12.96
C SER B 570 4.90 -38.85 11.72
N ARG B 571 5.29 -38.29 10.57
CA ARG B 571 5.21 -39.01 9.32
C ARG B 571 6.19 -40.18 9.31
N SER B 572 5.74 -41.32 8.79
CA SER B 572 6.56 -42.52 8.70
C SER B 572 7.21 -42.58 7.32
N ASN B 573 8.51 -42.83 7.30
CA ASN B 573 9.28 -42.86 6.05
C ASN B 573 9.00 -44.17 5.28
N GLY B 574 7.80 -44.25 4.74
CA GLY B 574 7.39 -45.39 3.95
C GLY B 574 6.30 -45.08 2.95
N THR B 575 5.95 -46.05 2.12
CA THR B 575 4.91 -45.90 1.12
C THR B 575 3.83 -46.95 1.37
N VAL B 576 2.73 -46.85 0.63
CA VAL B 576 1.63 -47.79 0.71
C VAL B 576 1.55 -48.56 -0.60
N SER B 577 1.69 -49.88 -0.52
CA SER B 577 1.62 -50.73 -1.70
C SER B 577 1.35 -52.18 -1.31
N PRO B 578 0.19 -52.48 -0.71
CA PRO B 578 -0.11 -53.89 -0.39
C PRO B 578 -0.22 -54.77 -1.61
N SER B 579 -0.73 -54.24 -2.73
CA SER B 579 -0.94 -54.99 -3.96
C SER B 579 -0.44 -54.19 -5.16
N ALA B 580 0.78 -53.66 -5.03
CA ALA B 580 1.35 -52.88 -6.14
C ALA B 580 1.56 -53.73 -7.37
N PHE B 581 1.88 -55.02 -7.20
CA PHE B 581 2.10 -55.90 -8.34
C PHE B 581 0.82 -56.24 -9.09
N LEU B 582 -0.34 -56.11 -8.44
CA LEU B 582 -1.62 -56.29 -9.11
C LEU B 582 -2.15 -55.02 -9.76
N GLU B 583 -1.63 -53.86 -9.37
CA GLU B 583 -2.15 -52.60 -9.90
C GLU B 583 -1.98 -52.44 -11.41
N PRO B 584 -0.81 -52.66 -12.01
CA PRO B 584 -0.71 -52.52 -13.47
C PRO B 584 -1.49 -53.60 -14.19
N PHE B 585 -1.88 -53.26 -15.43
CA PHE B 585 -2.69 -54.12 -16.32
C PHE B 585 -4.16 -54.09 -15.87
N SER B 586 -4.97 -55.01 -16.41
CA SER B 586 -6.35 -55.20 -15.99
C SER B 586 -6.63 -56.67 -15.72
N ALA B 587 -7.77 -56.92 -15.08
CA ALA B 587 -8.16 -58.30 -14.81
C ALA B 587 -8.59 -59.02 -16.08
N ASP B 588 -9.22 -58.30 -17.02
CA ASP B 588 -9.73 -58.94 -18.21
C ASP B 588 -8.63 -59.32 -19.19
N VAL B 589 -7.52 -58.57 -19.20
CA VAL B 589 -6.48 -58.84 -20.18
C VAL B 589 -5.81 -60.19 -19.95
N TRP B 590 -5.77 -60.65 -18.69
CA TRP B 590 -5.13 -61.93 -18.39
C TRP B 590 -5.90 -63.08 -19.03
N VAL B 591 -7.23 -63.11 -18.85
CA VAL B 591 -8.01 -64.14 -19.53
C VAL B 591 -8.07 -63.86 -21.03
N MET B 592 -8.05 -62.60 -21.43
CA MET B 592 -8.07 -62.25 -22.85
C MET B 592 -6.80 -62.69 -23.56
N MET B 593 -5.72 -62.95 -22.82
CA MET B 593 -4.53 -63.54 -23.42
C MET B 593 -4.43 -65.04 -23.20
N PHE B 594 -4.98 -65.55 -22.10
CA PHE B 594 -5.04 -67.00 -21.90
C PHE B 594 -5.91 -67.67 -22.96
N VAL B 595 -6.99 -67.01 -23.38
CA VAL B 595 -7.81 -67.57 -24.48
C VAL B 595 -6.97 -67.68 -25.74
N MET B 596 -6.09 -66.71 -25.99
CA MET B 596 -5.18 -66.81 -27.12
C MET B 596 -4.12 -67.90 -26.91
N LEU B 597 -3.66 -68.13 -25.68
CA LEU B 597 -2.83 -69.31 -25.43
C LEU B 597 -3.56 -70.57 -25.88
N LEU B 598 -4.82 -70.72 -25.48
CA LEU B 598 -5.57 -71.92 -25.86
C LEU B 598 -5.73 -72.01 -27.37
N ILE B 599 -6.03 -70.89 -28.01
CA ILE B 599 -6.24 -70.87 -29.46
C ILE B 599 -4.95 -71.25 -30.20
N VAL B 600 -3.82 -70.67 -29.78
CA VAL B 600 -2.55 -70.95 -30.44
C VAL B 600 -2.13 -72.40 -30.19
N SER B 601 -2.40 -72.91 -28.98
CA SER B 601 -2.09 -74.31 -28.71
C SER B 601 -2.90 -75.25 -29.61
N ALA B 602 -4.20 -74.98 -29.75
CA ALA B 602 -5.02 -75.79 -30.64
C ALA B 602 -4.55 -75.69 -32.09
N VAL B 603 -4.21 -74.48 -32.53
CA VAL B 603 -3.74 -74.26 -33.90
C VAL B 603 -2.44 -75.01 -34.14
N ALA B 604 -1.53 -74.97 -33.18
CA ALA B 604 -0.25 -75.67 -33.32
C ALA B 604 -0.45 -77.19 -33.33
N VAL B 605 -1.37 -77.69 -32.50
CA VAL B 605 -1.67 -79.11 -32.53
C VAL B 605 -2.23 -79.52 -33.90
N PHE B 606 -3.10 -78.68 -34.46
CA PHE B 606 -3.61 -78.95 -35.80
C PHE B 606 -2.48 -78.92 -36.83
N VAL B 607 -1.55 -77.97 -36.68
CA VAL B 607 -0.43 -77.85 -37.60
C VAL B 607 0.47 -79.09 -37.51
N PHE B 608 0.73 -79.56 -36.29
CA PHE B 608 1.60 -80.72 -36.11
C PHE B 608 1.03 -81.97 -36.76
N GLU B 609 -0.29 -82.01 -36.98
CA GLU B 609 -0.88 -83.14 -37.68
C GLU B 609 -0.41 -83.18 -39.14
N TYR B 610 -0.31 -82.02 -39.78
CA TYR B 610 0.15 -81.95 -41.16
C TYR B 610 1.67 -81.92 -41.23
N SER B 630 6.14 -86.10 -31.96
CA SER B 630 6.10 -86.32 -30.53
C SER B 630 5.53 -85.11 -29.81
N PHE B 631 4.92 -84.20 -30.56
CA PHE B 631 4.36 -82.98 -30.00
C PHE B 631 2.97 -83.27 -29.45
N THR B 632 2.88 -83.39 -28.13
CA THR B 632 1.61 -83.69 -27.46
C THR B 632 0.84 -82.40 -27.22
N ILE B 633 -0.25 -82.48 -26.45
CA ILE B 633 -1.06 -81.30 -26.17
C ILE B 633 -0.52 -80.52 -24.98
N GLY B 634 -0.18 -81.22 -23.89
CA GLY B 634 0.28 -80.51 -22.69
C GLY B 634 1.59 -79.77 -22.91
N LYS B 635 2.50 -80.35 -23.70
CA LYS B 635 3.75 -79.68 -24.01
C LYS B 635 3.52 -78.39 -24.78
N ALA B 636 2.45 -78.29 -25.56
CA ALA B 636 2.13 -77.04 -26.25
C ALA B 636 1.89 -75.92 -25.25
N ILE B 637 1.01 -76.14 -24.28
CA ILE B 637 0.74 -75.12 -23.27
C ILE B 637 1.98 -74.87 -22.42
N TRP B 638 2.76 -75.92 -22.15
CA TRP B 638 3.96 -75.74 -21.34
C TRP B 638 4.97 -74.82 -22.03
N LEU B 639 5.29 -75.11 -23.30
CA LEU B 639 6.20 -74.24 -24.04
C LEU B 639 5.62 -72.84 -24.20
N LEU B 640 4.32 -72.74 -24.47
CA LEU B 640 3.72 -71.44 -24.71
C LEU B 640 3.68 -70.60 -23.44
N TRP B 641 3.58 -71.25 -22.28
CA TRP B 641 3.69 -70.58 -21.00
C TRP B 641 5.13 -70.16 -20.71
N GLY B 642 6.10 -70.94 -21.21
CA GLY B 642 7.49 -70.64 -20.95
C GLY B 642 7.93 -69.28 -21.48
N LEU B 643 7.45 -68.90 -22.66
CA LEU B 643 7.89 -67.65 -23.28
C LEU B 643 7.32 -66.43 -22.58
N VAL B 644 6.16 -66.55 -21.94
CA VAL B 644 5.52 -65.39 -21.33
C VAL B 644 6.34 -64.86 -20.16
N PHE B 645 6.95 -65.76 -19.39
CA PHE B 645 7.70 -65.40 -18.19
C PHE B 645 9.20 -65.65 -18.38
N ASN B 646 9.73 -65.27 -19.56
CA ASN B 646 11.13 -65.40 -19.92
C ASN B 646 11.52 -66.87 -20.09
N ASN B 647 12.49 -67.13 -20.98
CA ASN B 647 12.91 -68.50 -21.29
C ASN B 647 13.76 -69.02 -20.13
N SER B 648 13.08 -69.43 -19.07
CA SER B 648 13.71 -70.06 -17.92
C SER B 648 13.35 -71.53 -17.75
N VAL B 649 12.30 -71.99 -18.43
CA VAL B 649 11.81 -73.36 -18.32
C VAL B 649 12.28 -74.18 -19.52
N PRO B 650 12.82 -75.37 -19.30
CA PRO B 650 13.16 -76.25 -20.43
C PRO B 650 11.91 -76.67 -21.20
N VAL B 651 11.99 -76.76 -22.50
CA VAL B 651 10.84 -77.12 -23.30
C VAL B 651 11.26 -77.91 -24.49
N GLN B 652 10.31 -78.38 -25.29
CA GLN B 652 10.71 -78.92 -26.57
C GLN B 652 9.95 -78.37 -27.77
N ASN B 653 10.72 -77.89 -28.73
CA ASN B 653 10.21 -77.24 -29.92
C ASN B 653 9.58 -78.15 -30.89
N PRO B 654 8.51 -77.66 -31.51
CA PRO B 654 7.69 -78.32 -32.52
C PRO B 654 8.36 -78.14 -33.85
N LYS B 655 8.68 -79.22 -34.53
CA LYS B 655 9.37 -79.20 -35.83
C LYS B 655 8.53 -78.52 -36.96
N GLY B 656 7.22 -78.40 -36.74
CA GLY B 656 6.36 -77.75 -37.72
C GLY B 656 6.85 -76.39 -38.17
N THR B 657 6.92 -76.19 -39.48
CA THR B 657 7.45 -74.93 -40.02
C THR B 657 6.58 -73.74 -39.71
N THR B 658 5.27 -73.84 -39.94
CA THR B 658 4.37 -72.72 -39.65
C THR B 658 4.21 -72.52 -38.14
N SER B 659 4.30 -73.61 -37.38
CA SER B 659 4.28 -73.49 -35.93
C SER B 659 5.47 -72.68 -35.42
N LYS B 660 6.61 -72.80 -36.11
CA LYS B 660 7.77 -71.98 -35.75
C LYS B 660 7.48 -70.50 -35.94
N ILE B 661 6.82 -70.14 -37.05
CA ILE B 661 6.45 -68.75 -37.27
C ILE B 661 5.46 -68.29 -36.20
N MET B 662 4.50 -69.16 -35.87
CA MET B 662 3.51 -68.80 -34.84
C MET B 662 4.17 -68.55 -33.49
N VAL B 663 5.11 -69.41 -33.09
CA VAL B 663 5.75 -69.23 -31.79
C VAL B 663 6.72 -68.05 -31.83
N SER B 664 7.29 -67.73 -33.00
CA SER B 664 8.10 -66.52 -33.11
C SER B 664 7.23 -65.28 -32.91
N VAL B 665 6.04 -65.26 -33.51
CA VAL B 665 5.10 -64.16 -33.29
C VAL B 665 4.72 -64.08 -31.82
N TRP B 666 4.52 -65.25 -31.18
CA TRP B 666 4.20 -65.25 -29.75
C TRP B 666 5.34 -64.68 -28.93
N ALA B 667 6.58 -65.01 -29.28
CA ALA B 667 7.73 -64.44 -28.57
C ALA B 667 7.79 -62.93 -28.76
N PHE B 668 7.50 -62.44 -29.97
CA PHE B 668 7.45 -61.01 -30.20
C PHE B 668 6.36 -60.36 -29.35
N PHE B 669 5.22 -61.04 -29.18
CA PHE B 669 4.19 -60.56 -28.27
C PHE B 669 4.69 -60.52 -26.84
N ALA B 670 5.37 -61.57 -26.39
CA ALA B 670 5.77 -61.69 -24.99
C ALA B 670 6.82 -60.65 -24.63
N VAL B 671 7.71 -60.32 -25.57
CA VAL B 671 8.72 -59.30 -25.31
C VAL B 671 8.06 -57.97 -24.98
N ILE B 672 7.11 -57.55 -25.82
CA ILE B 672 6.38 -56.31 -25.58
C ILE B 672 5.58 -56.41 -24.28
N PHE B 673 4.96 -57.57 -24.04
CA PHE B 673 4.25 -57.81 -22.80
C PHE B 673 5.12 -57.48 -21.59
N LEU B 674 6.22 -58.19 -21.43
CA LEU B 674 7.05 -57.95 -20.23
C LEU B 674 7.58 -56.53 -20.17
N ALA B 675 8.04 -55.95 -21.26
CA ALA B 675 8.63 -54.60 -21.16
C ALA B 675 7.60 -53.60 -20.70
N SER B 676 6.39 -53.66 -21.20
CA SER B 676 5.40 -52.66 -20.73
C SER B 676 5.06 -52.89 -19.29
N TYR B 677 4.95 -54.14 -18.90
CA TYR B 677 4.67 -54.35 -17.48
C TYR B 677 5.78 -53.73 -16.67
N THR B 678 7.05 -53.90 -17.02
CA THR B 678 8.05 -53.26 -16.14
C THR B 678 7.94 -51.76 -16.22
N ALA B 679 7.72 -51.16 -17.35
CA ALA B 679 7.71 -49.69 -17.32
C ALA B 679 6.57 -49.19 -16.44
N ASN B 680 5.39 -49.77 -16.55
CA ASN B 680 4.25 -49.25 -15.76
C ASN B 680 4.46 -49.47 -14.28
N LEU B 681 4.94 -50.66 -13.92
CA LEU B 681 5.14 -50.98 -12.51
C LEU B 681 6.15 -49.98 -12.03
N ALA B 682 7.11 -49.64 -12.86
CA ALA B 682 8.03 -48.67 -12.33
C ALA B 682 7.35 -47.40 -12.13
N ALA B 683 6.46 -47.04 -13.00
CA ALA B 683 5.81 -45.76 -12.93
C ALA B 683 5.01 -45.52 -11.70
N PHE B 684 4.33 -46.53 -11.17
CA PHE B 684 3.55 -46.37 -9.96
C PHE B 684 4.46 -45.98 -8.84
N MET B 685 5.57 -46.65 -8.72
CA MET B 685 6.48 -46.35 -7.66
C MET B 685 7.01 -44.94 -7.70
N ILE B 686 7.27 -44.38 -8.84
CA ILE B 686 7.67 -43.00 -8.87
C ILE B 686 6.53 -42.09 -8.41
N GLN B 687 5.31 -42.40 -8.75
CA GLN B 687 4.22 -41.53 -8.36
C GLN B 687 3.22 -42.10 -7.35
N GLU B 688 3.68 -42.89 -6.38
CA GLU B 688 2.77 -43.44 -5.39
C GLU B 688 2.18 -42.31 -4.52
N GLU B 689 1.28 -42.70 -3.63
CA GLU B 689 0.59 -41.77 -2.74
C GLU B 689 0.89 -42.11 -1.27
N TYR B 690 0.21 -41.41 -0.37
CA TYR B 690 0.40 -41.59 1.07
C TYR B 690 -0.95 -41.76 1.74
N VAL B 691 -0.98 -42.61 2.77
CA VAL B 691 -2.18 -42.91 3.53
C VAL B 691 -1.93 -42.63 5.00
N ASP B 692 -2.82 -41.88 5.63
CA ASP B 692 -2.69 -41.55 7.04
C ASP B 692 -2.95 -42.79 7.91
N GLN B 693 -2.40 -42.74 9.13
CA GLN B 693 -2.53 -43.87 10.03
C GLN B 693 -3.94 -43.95 10.63
N VAL B 694 -4.51 -42.81 11.00
CA VAL B 694 -5.82 -42.76 11.65
C VAL B 694 -6.74 -41.86 10.84
N SER B 695 -8.00 -42.26 10.72
CA SER B 695 -8.97 -41.48 9.97
C SER B 695 -9.42 -40.24 10.75
N GLY B 696 -9.66 -40.39 12.06
CA GLY B 696 -10.10 -39.27 12.87
C GLY B 696 -10.23 -39.61 14.34
N LEU B 697 -11.11 -38.91 15.03
CA LEU B 697 -11.34 -39.12 16.46
C LEU B 697 -12.26 -40.30 16.75
N SER B 698 -12.90 -40.86 15.73
CA SER B 698 -13.78 -42.02 15.90
C SER B 698 -13.10 -43.32 15.53
N ASP B 699 -11.79 -43.29 15.27
CA ASP B 699 -11.06 -44.49 14.90
C ASP B 699 -11.02 -45.48 16.06
N LYS B 700 -10.94 -46.77 15.73
CA LYS B 700 -10.93 -47.80 16.75
C LYS B 700 -9.70 -47.70 17.64
N LYS B 701 -8.61 -47.12 17.13
CA LYS B 701 -7.42 -46.95 17.96
C LYS B 701 -7.69 -46.02 19.12
N PHE B 702 -8.44 -44.94 18.90
CA PHE B 702 -8.80 -44.03 19.98
C PHE B 702 -9.90 -44.62 20.85
N GLN B 703 -10.84 -45.34 20.25
CA GLN B 703 -11.97 -45.89 21.01
C GLN B 703 -11.55 -47.07 21.88
N ARG B 704 -10.63 -47.90 21.39
CA ARG B 704 -10.16 -49.09 22.11
C ARG B 704 -8.64 -49.04 22.19
N PRO B 705 -8.09 -48.26 23.13
CA PRO B 705 -6.62 -48.15 23.18
C PRO B 705 -5.94 -49.40 23.69
N ASN B 706 -6.47 -50.04 24.73
CA ASN B 706 -5.79 -51.18 25.33
C ASN B 706 -5.82 -52.43 24.46
N ASP B 707 -6.68 -52.47 23.45
CA ASP B 707 -6.76 -53.63 22.56
C ASP B 707 -5.74 -53.58 21.42
N PHE B 708 -4.47 -53.35 21.74
CA PHE B 708 -3.43 -53.25 20.72
C PHE B 708 -2.11 -53.71 21.33
N SER B 709 -1.21 -54.14 20.45
CA SER B 709 0.15 -54.43 20.87
C SER B 709 0.86 -53.12 21.21
N PRO B 710 1.65 -53.09 22.28
CA PRO B 710 1.99 -51.84 22.97
C PRO B 710 0.94 -50.76 22.77
N PRO B 711 0.01 -50.60 23.71
CA PRO B 711 -1.21 -49.84 23.46
C PRO B 711 -0.93 -48.40 23.01
N PHE B 712 -1.77 -47.93 22.09
CA PHE B 712 -1.62 -46.59 21.53
C PHE B 712 -1.73 -45.55 22.64
N ARG B 713 -0.84 -44.57 22.63
CA ARG B 713 -0.78 -43.55 23.66
C ARG B 713 -0.90 -42.16 23.04
N PHE B 714 -1.69 -41.31 23.68
CA PHE B 714 -1.95 -39.96 23.19
C PHE B 714 -2.39 -39.10 24.36
N GLY B 715 -2.27 -37.79 24.19
CA GLY B 715 -2.65 -36.88 25.26
C GLY B 715 -2.75 -35.46 24.75
N THR B 716 -3.09 -34.56 25.67
CA THR B 716 -3.21 -33.14 25.39
C THR B 716 -2.84 -32.36 26.65
N VAL B 717 -2.87 -31.04 26.54
CA VAL B 717 -2.65 -30.19 27.71
C VAL B 717 -3.99 -29.95 28.39
N PRO B 718 -4.05 -29.99 29.72
CA PRO B 718 -5.32 -29.79 30.42
C PRO B 718 -5.68 -28.31 30.49
N ASN B 719 -6.80 -28.04 31.16
CA ASN B 719 -7.30 -26.71 31.50
C ASN B 719 -7.76 -25.92 30.28
N GLY B 720 -7.81 -26.52 29.10
CA GLY B 720 -8.17 -25.81 27.89
C GLY B 720 -9.56 -26.17 27.38
N SER B 721 -9.88 -25.63 26.21
CA SER B 721 -11.17 -25.90 25.59
C SER B 721 -11.22 -27.28 24.96
N THR B 722 -10.09 -27.78 24.45
CA THR B 722 -10.06 -29.12 23.87
C THR B 722 -10.40 -30.18 24.90
N GLU B 723 -9.84 -30.06 26.11
CA GLU B 723 -10.17 -31.00 27.17
C GLU B 723 -11.64 -30.91 27.56
N ARG B 724 -12.21 -29.73 27.60
CA ARG B 724 -13.65 -29.63 27.89
C ARG B 724 -14.46 -30.27 26.78
N ASN B 725 -14.08 -30.10 25.56
CA ASN B 725 -14.84 -30.76 24.50
C ASN B 725 -14.73 -32.27 24.59
N ILE B 726 -13.56 -32.81 24.80
CA ILE B 726 -13.39 -34.27 24.90
C ILE B 726 -14.05 -34.82 26.13
N ARG B 727 -14.06 -34.17 27.24
CA ARG B 727 -14.74 -34.74 28.40
C ARG B 727 -16.24 -34.89 28.21
N ASN B 728 -16.96 -33.99 27.54
CA ASN B 728 -18.40 -34.09 27.41
C ASN B 728 -18.86 -35.00 26.28
N ASN B 729 -17.95 -35.46 25.42
CA ASN B 729 -18.33 -36.27 24.27
C ASN B 729 -17.65 -37.63 24.21
N TYR B 730 -16.46 -37.78 24.79
CA TYR B 730 -15.69 -39.00 24.70
C TYR B 730 -15.15 -39.38 26.07
N ALA B 731 -16.05 -39.41 27.06
CA ALA B 731 -15.65 -39.60 28.46
C ALA B 731 -14.91 -40.91 28.69
N GLU B 732 -15.07 -41.91 27.82
CA GLU B 732 -14.33 -43.15 27.99
C GLU B 732 -12.84 -42.95 27.80
N MET B 733 -12.53 -42.26 26.71
CA MET B 733 -11.22 -41.87 26.20
C MET B 733 -10.59 -40.73 26.98
N HIS B 734 -11.31 -40.05 27.83
CA HIS B 734 -10.82 -38.94 28.63
C HIS B 734 -10.09 -39.42 29.88
N ALA B 735 -10.63 -40.44 30.54
CA ALA B 735 -9.93 -41.02 31.70
C ALA B 735 -8.64 -41.70 31.28
N TYR B 736 -8.65 -42.37 30.13
CA TYR B 736 -7.45 -43.07 29.68
C TYR B 736 -6.32 -42.09 29.35
N MET B 737 -6.65 -40.98 28.71
CA MET B 737 -5.64 -40.05 28.24
C MET B 737 -5.18 -39.06 29.31
N GLY B 738 -5.70 -39.18 30.53
CA GLY B 738 -5.30 -38.30 31.60
C GLY B 738 -3.90 -38.54 32.13
N LYS B 739 -3.34 -39.73 31.85
CA LYS B 739 -2.00 -40.04 32.31
C LYS B 739 -0.92 -39.52 31.36
N PHE B 740 -1.29 -39.02 30.19
CA PHE B 740 -0.36 -38.51 29.20
C PHE B 740 -0.45 -37.00 29.05
N ASN B 741 -0.79 -36.29 30.12
CA ASN B 741 -0.93 -34.84 30.05
C ASN B 741 0.42 -34.18 29.77
N GLN B 742 0.40 -33.16 28.93
CA GLN B 742 1.60 -32.41 28.59
C GLN B 742 1.59 -31.06 29.28
N ARG B 743 2.77 -30.43 29.32
CA ARG B 743 2.95 -29.12 29.94
C ARG B 743 2.82 -27.98 28.93
N GLY B 744 3.20 -28.20 27.69
CA GLY B 744 3.10 -27.17 26.67
C GLY B 744 3.20 -27.77 25.28
N VAL B 745 3.16 -26.89 24.29
CA VAL B 745 3.25 -27.35 22.90
C VAL B 745 4.65 -27.85 22.58
N ASP B 746 5.68 -27.15 23.05
CA ASP B 746 7.06 -27.56 22.76
C ASP B 746 7.39 -28.90 23.40
N ASP B 747 6.92 -29.13 24.63
CA ASP B 747 7.14 -30.42 25.26
C ASP B 747 6.46 -31.54 24.48
N ALA B 748 5.25 -31.29 23.98
CA ALA B 748 4.58 -32.29 23.14
C ALA B 748 5.36 -32.55 21.86
N LEU B 749 5.89 -31.49 21.31
CA LEU B 749 6.65 -31.60 20.05
C LEU B 749 7.95 -32.36 20.29
N LEU B 750 8.58 -32.28 21.45
CA LEU B 750 9.73 -33.10 21.85
C LEU B 750 9.31 -34.55 22.09
N SER B 751 8.17 -34.74 22.74
CA SER B 751 7.71 -36.10 23.04
C SER B 751 7.43 -36.88 21.76
N LEU B 752 6.77 -36.27 20.79
CA LEU B 752 6.56 -36.95 19.52
C LEU B 752 7.86 -37.14 18.74
N LYS B 753 8.78 -36.18 18.83
CA LYS B 753 10.04 -36.31 18.09
C LYS B 753 10.90 -37.44 18.65
N THR B 754 10.93 -37.60 19.97
CA THR B 754 11.75 -38.63 20.60
C THR B 754 11.00 -39.95 20.78
N GLY B 755 9.76 -40.05 20.30
CA GLY B 755 9.02 -41.29 20.38
C GLY B 755 8.29 -41.54 21.68
N LYS B 756 8.33 -40.61 22.63
CA LYS B 756 7.63 -40.79 23.89
C LYS B 756 6.12 -40.67 23.76
N LEU B 757 5.62 -40.17 22.62
CA LEU B 757 4.20 -40.02 22.40
C LEU B 757 3.89 -40.37 20.94
N ASP B 758 2.65 -40.79 20.69
CA ASP B 758 2.23 -41.21 19.36
C ASP B 758 1.31 -40.22 18.68
N ALA B 759 0.49 -39.48 19.42
CA ALA B 759 -0.43 -38.53 18.82
C ALA B 759 -0.64 -37.36 19.79
N PHE B 760 -1.02 -36.22 19.22
CA PHE B 760 -1.26 -35.01 19.99
C PHE B 760 -2.58 -34.39 19.55
N ILE B 761 -3.45 -34.04 20.49
CA ILE B 761 -4.74 -33.37 20.17
C ILE B 761 -4.70 -31.98 20.73
N TYR B 762 -4.82 -30.95 19.90
CA TYR B 762 -4.70 -29.55 20.25
C TYR B 762 -5.48 -28.71 19.24
N ASP B 763 -5.30 -27.40 19.31
CA ASP B 763 -6.03 -26.48 18.45
C ASP B 763 -5.56 -26.61 17.01
N ALA B 764 -6.51 -26.43 16.07
CA ALA B 764 -6.20 -26.62 14.66
C ALA B 764 -5.22 -25.57 14.14
N ALA B 765 -5.43 -24.29 14.50
CA ALA B 765 -4.60 -23.22 13.95
C ALA B 765 -3.16 -23.33 14.42
N VAL B 766 -2.97 -23.55 15.73
CA VAL B 766 -1.62 -23.64 16.28
C VAL B 766 -0.88 -24.83 15.69
N LEU B 767 -1.54 -25.98 15.58
CA LEU B 767 -0.90 -27.15 15.01
C LEU B 767 -0.58 -26.94 13.53
N ASN B 768 -1.49 -26.30 12.79
CA ASN B 768 -1.24 -26.03 11.37
C ASN B 768 -0.05 -25.10 11.19
N TYR B 769 0.09 -24.11 12.08
CA TYR B 769 1.28 -23.26 12.04
C TYR B 769 2.54 -24.05 12.36
N MET B 770 2.59 -24.78 13.43
CA MET B 770 3.78 -25.52 13.89
C MET B 770 4.21 -26.56 12.88
N ALA B 771 3.28 -27.22 12.27
CA ALA B 771 3.65 -28.24 11.30
C ALA B 771 4.45 -27.64 10.15
N GLY B 772 4.04 -26.47 9.65
CA GLY B 772 4.69 -25.84 8.53
C GLY B 772 5.92 -25.05 8.85
N ARG B 773 6.32 -25.00 10.12
CA ARG B 773 7.50 -24.27 10.56
C ARG B 773 8.44 -25.20 11.34
N ASP B 774 8.69 -26.38 10.79
CA ASP B 774 9.44 -27.42 11.48
C ASP B 774 10.79 -27.63 10.82
N GLU B 775 11.83 -27.82 11.64
CA GLU B 775 13.18 -28.06 11.06
C GLU B 775 13.13 -29.52 10.70
N GLY B 776 13.36 -29.83 9.43
CA GLY B 776 13.00 -31.15 8.88
C GLY B 776 11.54 -31.03 8.44
N CYS B 777 10.88 -32.09 8.05
CA CYS B 777 9.44 -31.94 7.79
C CYS B 777 8.78 -33.11 8.47
N LYS B 778 9.28 -33.45 9.65
CA LYS B 778 8.89 -34.69 10.36
C LYS B 778 7.43 -34.75 10.76
N LEU B 779 6.89 -33.71 11.38
CA LEU B 779 5.54 -33.58 11.91
C LEU B 779 4.54 -33.27 10.79
N VAL B 780 3.36 -33.90 10.87
CA VAL B 780 2.30 -33.71 9.89
C VAL B 780 0.97 -33.89 10.58
N THR B 781 -0.06 -33.24 10.03
CA THR B 781 -1.42 -33.32 10.53
C THR B 781 -2.18 -34.33 9.70
N ILE B 782 -3.01 -35.13 10.36
CA ILE B 782 -3.78 -36.22 9.70
C ILE B 782 -4.90 -35.61 8.91
N GLY B 783 -5.33 -36.32 7.88
CA GLY B 783 -6.49 -35.95 7.06
C GLY B 783 -6.22 -34.83 6.12
N SER B 784 -4.96 -34.47 5.90
CA SER B 784 -4.57 -33.32 5.05
C SER B 784 -5.26 -32.05 5.56
N GLY B 785 -5.28 -31.85 6.88
CA GLY B 785 -5.92 -30.71 7.56
C GLY B 785 -7.42 -30.84 7.68
N LYS B 786 -7.89 -31.69 8.56
CA LYS B 786 -9.33 -31.78 8.92
C LYS B 786 -9.54 -31.11 10.26
N VAL B 787 -10.76 -30.77 10.58
CA VAL B 787 -11.11 -30.10 11.84
C VAL B 787 -12.36 -30.82 12.34
N PHE B 788 -12.64 -30.83 13.62
CA PHE B 788 -13.73 -31.67 14.10
C PHE B 788 -14.82 -30.92 14.85
N ALA B 789 -14.47 -29.80 15.48
CA ALA B 789 -15.44 -28.92 16.14
C ALA B 789 -15.15 -27.50 15.64
N SER B 790 -15.79 -27.14 14.54
CA SER B 790 -15.49 -25.87 13.88
C SER B 790 -15.87 -24.69 14.75
N THR B 791 -14.92 -23.78 14.92
CA THR B 791 -15.13 -22.54 15.66
C THR B 791 -14.07 -21.54 15.20
N GLY B 792 -13.94 -20.43 15.92
CA GLY B 792 -12.94 -19.44 15.57
C GLY B 792 -12.52 -18.63 16.78
N TYR B 793 -11.45 -17.85 16.58
CA TYR B 793 -10.96 -16.94 17.60
C TYR B 793 -11.75 -15.64 17.54
N GLY B 794 -12.09 -15.12 18.73
CA GLY B 794 -12.85 -13.90 18.83
C GLY B 794 -12.33 -13.02 19.96
N ILE B 795 -12.93 -11.85 20.09
CA ILE B 795 -12.58 -10.88 21.11
C ILE B 795 -13.68 -10.86 22.16
N ALA B 796 -13.31 -11.12 23.41
CA ALA B 796 -14.27 -11.16 24.51
C ALA B 796 -14.47 -9.75 25.05
N ILE B 797 -15.74 -9.33 25.13
CA ILE B 797 -16.09 -8.00 25.61
C ILE B 797 -17.12 -8.16 26.73
N GLN B 798 -17.20 -7.14 27.57
CA GLN B 798 -18.16 -7.14 28.66
C GLN B 798 -19.58 -7.20 28.10
N LYS B 799 -20.45 -7.95 28.79
CA LYS B 799 -21.81 -8.14 28.32
C LYS B 799 -22.59 -6.83 28.37
N ASP B 800 -23.44 -6.64 27.36
CA ASP B 800 -24.30 -5.46 27.24
C ASP B 800 -23.46 -4.18 27.19
N SER B 801 -22.64 -4.10 26.14
CA SER B 801 -21.79 -2.95 25.90
C SER B 801 -21.98 -2.46 24.47
N GLY B 802 -21.80 -1.15 24.29
CA GLY B 802 -22.01 -0.54 22.99
C GLY B 802 -20.85 -0.66 22.02
N TRP B 803 -19.70 -1.15 22.48
CA TRP B 803 -18.53 -1.28 21.61
C TRP B 803 -18.59 -2.50 20.71
N LYS B 804 -19.47 -3.45 21.01
CA LYS B 804 -19.47 -4.73 20.30
C LYS B 804 -19.84 -4.56 18.83
N ARG B 805 -20.85 -3.75 18.64
CA ARG B 805 -21.41 -3.45 17.33
C ARG B 805 -20.39 -2.77 16.44
N GLN B 806 -19.60 -1.85 16.94
CA GLN B 806 -18.53 -1.15 16.24
C GLN B 806 -17.34 -2.06 15.98
N VAL B 807 -16.97 -2.89 16.96
CA VAL B 807 -15.85 -3.81 16.76
C VAL B 807 -16.18 -4.82 15.67
N ASP B 808 -17.41 -5.35 15.66
CA ASP B 808 -17.80 -6.29 14.62
C ASP B 808 -17.75 -5.65 13.25
N LEU B 809 -18.26 -4.42 13.13
CA LEU B 809 -18.25 -3.73 11.85
C LEU B 809 -16.82 -3.46 11.38
N ALA B 810 -15.94 -3.07 12.29
CA ALA B 810 -14.54 -2.83 11.91
C ALA B 810 -13.86 -4.12 11.48
N ILE B 811 -14.14 -5.23 12.18
CA ILE B 811 -13.54 -6.51 11.79
C ILE B 811 -14.04 -6.94 10.42
N LEU B 812 -15.33 -6.76 10.16
CA LEU B 812 -15.87 -7.11 8.84
C LEU B 812 -15.29 -6.21 7.76
N GLN B 813 -15.09 -4.92 8.05
CA GLN B 813 -14.44 -4.03 7.09
C GLN B 813 -13.01 -4.47 6.81
N LEU B 814 -12.31 -4.99 7.82
CA LEU B 814 -10.97 -5.52 7.60
C LEU B 814 -10.99 -6.69 6.60
N PHE B 815 -11.96 -7.58 6.74
CA PHE B 815 -12.11 -8.66 5.77
C PHE B 815 -12.46 -8.12 4.38
N GLY B 816 -13.30 -7.08 4.33
CA GLY B 816 -13.72 -6.55 3.04
C GLY B 816 -12.59 -5.94 2.24
N ASP B 817 -11.69 -5.21 2.92
CA ASP B 817 -10.62 -4.49 2.24
C ASP B 817 -9.44 -5.37 1.87
N GLY B 818 -9.39 -6.61 2.36
CA GLY B 818 -8.30 -7.51 2.03
C GLY B 818 -7.08 -7.41 2.92
N GLU B 819 -7.18 -6.77 4.08
CA GLU B 819 -6.02 -6.65 4.95
C GLU B 819 -5.69 -7.98 5.62
N MET B 820 -6.69 -8.85 5.81
CA MET B 820 -6.45 -10.14 6.46
C MET B 820 -5.56 -11.02 5.61
N GLU B 821 -5.66 -10.93 4.28
CA GLU B 821 -4.75 -11.66 3.41
C GLU B 821 -3.30 -11.26 3.67
N GLU B 822 -3.04 -9.96 3.74
CA GLU B 822 -1.69 -9.48 4.02
C GLU B 822 -1.22 -9.92 5.40
N LEU B 823 -2.12 -9.85 6.39
CA LEU B 823 -1.74 -10.26 7.74
C LEU B 823 -1.37 -11.73 7.80
N GLU B 824 -2.14 -12.58 7.18
CA GLU B 824 -1.84 -14.01 7.20
C GLU B 824 -0.57 -14.26 6.46
N ALA B 825 -0.41 -13.64 5.32
CA ALA B 825 0.82 -13.85 4.57
C ALA B 825 2.04 -13.40 5.36
N LEU B 826 1.89 -12.34 6.17
CA LEU B 826 3.03 -11.83 6.93
C LEU B 826 3.35 -12.72 8.12
N TRP B 827 2.33 -13.25 8.79
CA TRP B 827 2.54 -13.94 10.06
C TRP B 827 2.34 -15.45 10.00
N LEU B 828 1.55 -15.98 9.07
CA LEU B 828 1.24 -17.42 9.20
C LEU B 828 1.76 -18.29 8.07
N THR B 829 2.61 -17.82 7.17
CA THR B 829 3.14 -18.65 6.06
C THR B 829 4.21 -19.57 6.57
N GLY B 830 4.40 -20.72 5.96
CA GLY B 830 5.43 -21.66 6.41
C GLY B 830 6.15 -22.36 5.30
N ILE B 831 7.27 -23.01 5.58
CA ILE B 831 8.13 -23.70 4.57
C ILE B 831 7.60 -25.01 3.97
N CYS B 832 7.19 -25.95 4.79
CA CYS B 832 6.84 -27.29 4.34
C CYS B 832 5.46 -27.38 3.76
N HIS B 833 5.03 -28.61 3.58
CA HIS B 833 3.71 -29.04 3.02
C HIS B 833 3.56 -28.60 1.59
N ASN B 834 4.30 -29.26 0.71
CA ASN B 834 4.18 -29.07 -0.77
C ASN B 834 3.72 -30.42 -1.34
N GLU B 835 2.49 -30.48 -1.87
CA GLU B 835 1.97 -31.78 -2.39
C GLU B 835 2.13 -32.86 -1.31
N LYS B 836 2.75 -33.98 -1.70
CA LYS B 836 3.14 -35.11 -0.81
C LYS B 836 4.42 -35.72 -1.44
N ASN B 837 5.56 -35.53 -0.79
CA ASN B 837 6.85 -35.95 -1.42
C ASN B 837 6.86 -37.46 -1.64
N GLU B 838 7.45 -37.87 -2.76
CA GLU B 838 7.60 -39.32 -3.02
C GLU B 838 8.36 -39.84 -1.83
N VAL B 839 7.83 -40.88 -1.20
CA VAL B 839 8.37 -41.46 0.06
C VAL B 839 9.77 -42.06 -0.13
N MET B 840 10.12 -42.50 -1.36
CA MET B 840 11.43 -43.10 -1.66
C MET B 840 11.63 -44.27 -0.70
N SER B 841 10.58 -45.04 -0.44
CA SER B 841 10.85 -46.14 0.48
C SER B 841 11.85 -47.12 -0.13
N SER B 842 12.42 -47.99 0.71
CA SER B 842 13.49 -48.86 0.26
C SER B 842 13.40 -50.20 0.97
N GLN B 843 14.11 -51.19 0.41
CA GLN B 843 14.33 -52.50 1.00
C GLN B 843 13.10 -53.40 0.95
N LEU B 844 11.96 -52.84 0.54
CA LEU B 844 10.77 -53.61 0.18
C LEU B 844 10.43 -54.73 1.17
N ASP B 845 10.02 -54.36 2.39
CA ASP B 845 9.80 -55.34 3.44
C ASP B 845 8.67 -56.30 3.06
N ILE B 846 8.45 -57.29 3.93
CA ILE B 846 7.53 -58.39 3.65
C ILE B 846 6.09 -57.91 3.45
N ASP B 847 5.72 -56.78 4.05
CA ASP B 847 4.33 -56.33 4.00
C ASP B 847 3.84 -56.10 2.58
N ASN B 848 4.75 -55.76 1.66
CA ASN B 848 4.35 -55.53 0.28
C ASN B 848 4.23 -56.84 -0.51
N MET B 849 5.12 -57.80 -0.23
CA MET B 849 5.14 -59.07 -0.95
C MET B 849 4.16 -60.10 -0.36
N ALA B 850 3.37 -59.70 0.63
CA ALA B 850 2.38 -60.61 1.20
C ALA B 850 1.42 -61.10 0.13
N GLY B 851 1.09 -60.26 -0.85
CA GLY B 851 0.18 -60.69 -1.90
C GLY B 851 0.75 -61.82 -2.74
N VAL B 852 2.01 -61.67 -3.17
CA VAL B 852 2.61 -62.72 -4.01
C VAL B 852 2.82 -64.00 -3.21
N PHE B 853 3.20 -63.86 -1.93
CA PHE B 853 3.36 -65.05 -1.12
C PHE B 853 2.04 -65.76 -0.87
N TYR B 854 0.95 -65.00 -0.65
CA TYR B 854 -0.37 -65.61 -0.51
C TYR B 854 -0.79 -66.29 -1.81
N MET B 855 -0.50 -65.67 -2.96
CA MET B 855 -0.81 -66.31 -4.23
C MET B 855 -0.05 -67.62 -4.41
N LEU B 856 1.23 -67.64 -4.03
CA LEU B 856 2.01 -68.87 -4.13
C LEU B 856 1.45 -69.95 -3.21
N GLY B 857 1.10 -69.59 -1.98
CA GLY B 857 0.54 -70.56 -1.06
C GLY B 857 -0.80 -71.11 -1.55
N ALA B 858 -1.66 -70.23 -2.04
CA ALA B 858 -2.95 -70.68 -2.58
C ALA B 858 -2.74 -71.58 -3.79
N ALA B 859 -1.79 -71.25 -4.65
CA ALA B 859 -1.52 -72.06 -5.83
C ALA B 859 -1.04 -73.46 -5.43
N MET B 860 -0.12 -73.55 -4.47
CA MET B 860 0.38 -74.86 -4.08
C MET B 860 -0.70 -75.67 -3.37
N ALA B 861 -1.52 -75.01 -2.54
CA ALA B 861 -2.62 -75.70 -1.89
C ALA B 861 -3.62 -76.24 -2.91
N LEU B 862 -3.95 -75.43 -3.91
CA LEU B 862 -4.86 -75.88 -4.96
C LEU B 862 -4.25 -77.01 -5.76
N SER B 863 -2.94 -76.97 -6.01
CA SER B 863 -2.29 -78.05 -6.75
C SER B 863 -2.35 -79.36 -5.99
N LEU B 864 -2.08 -79.32 -4.68
CA LEU B 864 -2.14 -80.55 -3.90
C LEU B 864 -3.58 -81.06 -3.78
N ILE B 865 -4.55 -80.15 -3.66
CA ILE B 865 -5.96 -80.56 -3.60
C ILE B 865 -6.36 -81.23 -4.91
N THR B 866 -5.96 -80.65 -6.04
CA THR B 866 -6.27 -81.26 -7.33
C THR B 866 -5.57 -82.60 -7.49
N PHE B 867 -4.35 -82.75 -6.97
CA PHE B 867 -3.69 -84.04 -7.01
C PHE B 867 -4.47 -85.08 -6.22
N ILE B 868 -4.94 -84.71 -5.03
CA ILE B 868 -5.73 -85.64 -4.22
C ILE B 868 -7.01 -86.03 -4.95
N CYS B 869 -7.68 -85.06 -5.56
CA CYS B 869 -8.91 -85.34 -6.29
C CYS B 869 -8.65 -86.27 -7.48
N GLU B 870 -7.58 -86.00 -8.23
CA GLU B 870 -7.26 -86.85 -9.37
C GLU B 870 -6.90 -88.27 -8.94
N HIS B 871 -6.14 -88.40 -7.86
CA HIS B 871 -5.80 -89.72 -7.35
C HIS B 871 -7.03 -90.48 -6.90
N LEU B 872 -7.95 -89.80 -6.22
CA LEU B 872 -9.19 -90.44 -5.79
C LEU B 872 -10.03 -90.86 -6.99
N PHE B 873 -10.09 -90.02 -8.02
CA PHE B 873 -10.85 -90.37 -9.22
C PHE B 873 -10.23 -91.57 -9.93
N TYR B 874 -8.89 -91.62 -10.02
CA TYR B 874 -8.23 -92.73 -10.68
C TYR B 874 -8.37 -94.02 -9.89
N TRP B 875 -8.35 -93.94 -8.55
CA TRP B 875 -8.48 -95.14 -7.73
C TRP B 875 -9.84 -95.79 -7.92
N GLN B 876 -10.91 -94.99 -7.98
CA GLN B 876 -12.25 -95.52 -8.16
C GLN B 876 -12.50 -95.93 -9.60
N LYS C 25 -37.90 58.56 17.95
CA LYS C 25 -38.72 58.38 16.77
C LYS C 25 -40.00 57.62 17.11
N ILE C 26 -40.88 57.46 16.12
CA ILE C 26 -42.14 56.76 16.28
C ILE C 26 -42.16 55.58 15.31
N VAL C 27 -42.40 54.39 15.84
CA VAL C 27 -42.47 53.17 15.05
C VAL C 27 -43.90 52.64 15.14
N ASN C 28 -44.56 52.52 13.99
CA ASN C 28 -45.93 52.07 13.92
C ASN C 28 -45.98 50.61 13.48
N ILE C 29 -46.87 49.83 14.09
CA ILE C 29 -47.00 48.41 13.84
C ILE C 29 -48.44 48.11 13.44
N GLY C 30 -48.61 47.39 12.33
CA GLY C 30 -49.91 46.97 11.85
C GLY C 30 -50.21 45.54 12.25
N ALA C 31 -51.46 45.15 12.02
CA ALA C 31 -51.92 43.81 12.39
C ALA C 31 -53.14 43.45 11.56
N VAL C 32 -53.43 42.16 11.50
CA VAL C 32 -54.62 41.63 10.85
C VAL C 32 -55.38 40.80 11.87
N LEU C 33 -56.62 41.20 12.17
CA LEU C 33 -57.44 40.48 13.13
C LEU C 33 -58.78 40.11 12.51
N SER C 34 -59.68 39.54 13.31
CA SER C 34 -60.97 39.06 12.83
C SER C 34 -62.15 39.85 13.36
N THR C 35 -62.05 40.42 14.56
CA THR C 35 -63.15 41.13 15.19
C THR C 35 -62.74 42.57 15.50
N ARG C 36 -63.68 43.49 15.31
CA ARG C 36 -63.42 44.89 15.67
C ARG C 36 -63.14 45.02 17.17
N LYS C 37 -63.82 44.20 17.98
CA LYS C 37 -63.50 44.16 19.41
C LYS C 37 -62.08 43.68 19.64
N HIS C 38 -61.61 42.70 18.85
CA HIS C 38 -60.23 42.27 18.94
C HIS C 38 -59.28 43.40 18.54
N GLU C 39 -59.65 44.18 17.53
CA GLU C 39 -58.82 45.32 17.14
C GLU C 39 -58.73 46.35 18.26
N GLN C 40 -59.86 46.62 18.91
CA GLN C 40 -59.85 47.55 20.06
C GLN C 40 -59.01 47.00 21.20
N MET C 41 -59.09 45.69 21.45
CA MET C 41 -58.26 45.08 22.48
C MET C 41 -56.78 45.21 22.14
N PHE C 42 -56.42 44.99 20.87
CA PHE C 42 -55.03 45.15 20.46
C PHE C 42 -54.56 46.60 20.61
N ARG C 43 -55.42 47.56 20.27
CA ARG C 43 -55.08 48.96 20.45
C ARG C 43 -54.86 49.29 21.92
N GLU C 44 -55.73 48.78 22.80
CA GLU C 44 -55.55 48.99 24.22
C GLU C 44 -54.27 48.35 24.72
N ALA C 45 -53.96 47.15 24.21
CA ALA C 45 -52.74 46.46 24.63
C ALA C 45 -51.49 47.24 24.22
N VAL C 46 -51.46 47.74 22.99
CA VAL C 46 -50.29 48.49 22.55
C VAL C 46 -50.19 49.82 23.27
N ASN C 47 -51.34 50.45 23.57
CA ASN C 47 -51.31 51.69 24.34
C ASN C 47 -50.75 51.44 25.74
N GLN C 48 -51.15 50.34 26.38
CA GLN C 48 -50.62 50.01 27.70
C GLN C 48 -49.13 49.68 27.63
N ALA C 49 -48.71 48.94 26.60
CA ALA C 49 -47.31 48.55 26.48
C ALA C 49 -46.42 49.72 26.06
N ASN C 50 -47.00 50.81 25.55
CA ASN C 50 -46.21 51.99 25.21
C ASN C 50 -45.44 52.51 26.41
N LYS C 51 -45.98 52.32 27.63
CA LYS C 51 -45.25 52.73 28.82
C LYS C 51 -43.96 51.94 29.00
N ARG C 52 -43.97 50.66 28.65
CA ARG C 52 -42.79 49.81 28.77
C ARG C 52 -41.74 50.19 27.72
N ILE C 58 -40.01 56.10 22.69
CA ILE C 58 -40.36 55.65 21.34
C ILE C 58 -41.82 55.25 21.30
N GLN C 59 -42.68 56.16 20.84
CA GLN C 59 -44.11 55.89 20.78
C GLN C 59 -44.43 54.91 19.65
N LEU C 60 -45.60 54.27 19.78
CA LEU C 60 -46.07 53.32 18.78
C LEU C 60 -47.47 53.72 18.31
N GLN C 61 -47.76 53.39 17.06
CA GLN C 61 -49.06 53.65 16.45
C GLN C 61 -49.68 52.33 16.01
N ALA C 62 -50.99 52.23 16.14
CA ALA C 62 -51.71 50.98 15.91
C ALA C 62 -52.66 51.10 14.73
N THR C 63 -52.69 50.06 13.90
CA THR C 63 -53.66 49.93 12.82
C THR C 63 -53.96 48.46 12.60
N SER C 64 -55.14 48.17 12.08
CA SER C 64 -55.58 46.78 11.92
C SER C 64 -56.54 46.68 10.74
N VAL C 65 -56.58 45.48 10.15
CA VAL C 65 -57.45 45.17 9.03
C VAL C 65 -58.16 43.85 9.31
N THR C 66 -59.43 43.77 8.95
CA THR C 66 -60.22 42.55 9.12
C THR C 66 -60.00 41.59 7.96
N HIS C 67 -60.81 40.54 7.89
CA HIS C 67 -60.71 39.54 6.85
C HIS C 67 -61.95 39.58 5.95
N LYS C 68 -61.77 39.11 4.72
CA LYS C 68 -62.82 39.03 3.71
C LYS C 68 -62.71 37.70 2.99
N PRO C 69 -63.82 37.19 2.44
CA PRO C 69 -63.82 35.89 1.74
C PRO C 69 -63.24 35.95 0.33
N ASN C 70 -62.05 36.53 0.21
CA ASN C 70 -61.36 36.60 -1.07
C ASN C 70 -59.89 36.90 -0.82
N ALA C 71 -59.01 36.07 -1.40
CA ALA C 71 -57.58 36.30 -1.25
C ALA C 71 -57.09 37.53 -1.99
N ILE C 72 -57.76 37.90 -3.09
CA ILE C 72 -57.37 39.10 -3.84
C ILE C 72 -57.55 40.34 -2.98
N GLN C 73 -58.62 40.38 -2.20
CA GLN C 73 -58.90 41.54 -1.35
C GLN C 73 -57.73 41.80 -0.40
N MET C 74 -57.29 40.75 0.31
CA MET C 74 -56.12 40.89 1.18
C MET C 74 -54.86 41.20 0.38
N ALA C 75 -54.68 40.51 -0.75
CA ALA C 75 -53.48 40.71 -1.55
C ALA C 75 -53.30 42.18 -1.93
N LEU C 76 -54.40 42.87 -2.19
CA LEU C 76 -54.33 44.31 -2.42
C LEU C 76 -54.19 45.08 -1.10
N SER C 77 -55.08 44.80 -0.14
CA SER C 77 -55.21 45.64 1.05
C SER C 77 -53.93 45.67 1.87
N VAL C 78 -53.12 44.60 1.84
CA VAL C 78 -51.89 44.59 2.63
C VAL C 78 -51.04 45.81 2.32
N CYS C 79 -50.60 45.95 1.06
CA CYS C 79 -49.79 47.13 0.77
C CYS C 79 -50.62 48.38 0.52
N GLU C 80 -51.93 48.23 0.24
CA GLU C 80 -52.79 49.41 0.17
C GLU C 80 -52.81 50.16 1.50
N ASP C 81 -52.79 49.43 2.62
CA ASP C 81 -52.66 50.05 3.93
C ASP C 81 -51.21 50.24 4.36
N LEU C 82 -50.28 49.46 3.81
CA LEU C 82 -48.86 49.69 4.05
C LEU C 82 -48.43 51.06 3.56
N ILE C 83 -48.96 51.49 2.41
CA ILE C 83 -48.62 52.81 1.88
C ILE C 83 -49.04 53.89 2.87
N SER C 84 -50.26 53.78 3.40
CA SER C 84 -50.77 54.81 4.30
C SER C 84 -50.27 54.64 5.74
N SER C 85 -49.62 53.54 6.05
CA SER C 85 -49.18 53.28 7.42
C SER C 85 -47.69 53.07 7.59
N GLN C 86 -47.00 52.49 6.60
CA GLN C 86 -45.58 52.15 6.70
C GLN C 86 -45.34 51.20 7.88
N VAL C 87 -45.97 50.02 7.78
CA VAL C 87 -45.92 49.02 8.84
C VAL C 87 -44.53 48.41 8.94
N TYR C 88 -44.02 48.30 10.17
CA TYR C 88 -42.74 47.65 10.42
C TYR C 88 -42.87 46.14 10.61
N ALA C 89 -44.00 45.67 11.15
CA ALA C 89 -44.22 44.24 11.35
C ALA C 89 -45.72 44.00 11.42
N ILE C 90 -46.15 42.88 10.83
CA ILE C 90 -47.56 42.56 10.67
C ILE C 90 -47.91 41.39 11.57
N LEU C 91 -49.04 41.50 12.26
CA LEU C 91 -49.60 40.43 13.07
C LEU C 91 -50.83 39.88 12.36
N VAL C 92 -50.92 38.55 12.28
CA VAL C 92 -52.00 37.88 11.57
C VAL C 92 -52.62 36.83 12.47
N SER C 93 -53.95 36.76 12.46
CA SER C 93 -54.69 35.76 13.21
C SER C 93 -55.72 35.12 12.28
N HIS C 94 -56.11 33.88 12.61
CA HIS C 94 -57.00 33.13 11.72
C HIS C 94 -58.42 33.67 11.79
N PRO C 95 -59.15 33.60 10.69
CA PRO C 95 -60.56 33.99 10.69
C PRO C 95 -61.42 32.84 11.20
N PRO C 96 -62.76 33.05 11.32
CA PRO C 96 -63.62 31.95 11.75
C PRO C 96 -63.71 30.79 10.77
N THR C 97 -62.92 30.84 9.68
CA THR C 97 -62.91 29.76 8.72
C THR C 97 -62.44 28.47 9.39
N PRO C 98 -63.12 27.34 9.18
CA PRO C 98 -62.75 26.10 9.88
C PRO C 98 -61.38 25.57 9.49
N ASN C 99 -61.13 25.40 8.20
CA ASN C 99 -59.87 24.83 7.75
C ASN C 99 -58.70 25.75 8.06
N ASP C 100 -58.81 27.03 7.67
CA ASP C 100 -57.79 28.05 7.92
C ASP C 100 -56.42 27.66 7.37
N HIS C 101 -56.39 26.85 6.30
CA HIS C 101 -55.12 26.39 5.74
C HIS C 101 -54.59 27.30 4.64
N PHE C 102 -55.37 28.29 4.18
CA PHE C 102 -54.95 29.16 3.10
C PHE C 102 -55.05 30.64 3.42
N THR C 103 -55.80 31.00 4.47
CA THR C 103 -55.96 32.42 4.80
C THR C 103 -54.66 33.16 5.12
N PRO C 104 -53.70 32.61 5.86
CA PRO C 104 -52.48 33.37 6.16
C PRO C 104 -51.48 33.43 5.02
N THR C 105 -51.72 32.75 3.89
CA THR C 105 -50.74 32.76 2.82
C THR C 105 -50.70 34.07 2.05
N PRO C 106 -51.82 34.77 1.79
CA PRO C 106 -51.68 36.09 1.13
C PRO C 106 -50.77 37.04 1.90
N VAL C 107 -50.84 37.04 3.23
CA VAL C 107 -50.08 38.01 4.02
C VAL C 107 -48.58 37.68 3.97
N SER C 108 -48.25 36.39 3.96
CA SER C 108 -46.87 35.97 4.19
C SER C 108 -45.92 36.51 3.13
N TYR C 109 -46.06 36.06 1.88
CA TYR C 109 -45.06 36.43 0.88
C TYR C 109 -45.30 37.81 0.31
N THR C 110 -46.49 38.40 0.54
CA THR C 110 -46.71 39.79 0.16
C THR C 110 -45.82 40.71 0.98
N ALA C 111 -45.77 40.50 2.30
CA ALA C 111 -44.83 41.24 3.13
C ALA C 111 -43.41 40.72 2.95
N GLY C 112 -43.26 39.45 2.57
CA GLY C 112 -41.94 38.93 2.27
C GLY C 112 -41.32 39.53 1.03
N PHE C 113 -42.13 40.14 0.17
CA PHE C 113 -41.60 40.86 -0.99
C PHE C 113 -40.71 42.04 -0.58
N TYR C 114 -40.88 42.54 0.65
CA TYR C 114 -40.03 43.60 1.17
C TYR C 114 -39.27 43.16 2.42
N ARG C 115 -39.20 41.85 2.69
CA ARG C 115 -38.52 41.32 3.88
C ARG C 115 -39.07 41.91 5.17
N ILE C 116 -40.39 42.05 5.24
CA ILE C 116 -41.07 42.53 6.44
C ILE C 116 -41.54 41.31 7.23
N PRO C 117 -41.02 41.08 8.43
CA PRO C 117 -41.42 39.89 9.19
C PRO C 117 -42.90 39.90 9.53
N VAL C 118 -43.51 38.70 9.54
CA VAL C 118 -44.91 38.53 9.87
C VAL C 118 -45.02 37.50 10.99
N LEU C 119 -45.76 37.84 12.03
CA LEU C 119 -45.97 36.96 13.18
C LEU C 119 -47.37 36.37 13.11
N GLY C 120 -47.44 35.04 13.14
CA GLY C 120 -48.71 34.33 13.15
C GLY C 120 -49.05 33.87 14.55
N LEU C 121 -50.34 33.96 14.90
CA LEU C 121 -50.80 33.68 16.25
C LEU C 121 -51.47 32.31 16.38
N THR C 122 -52.49 32.03 15.57
CA THR C 122 -53.29 30.83 15.71
C THR C 122 -53.19 29.95 14.45
N THR C 123 -51.99 29.79 13.93
CA THR C 123 -51.73 28.91 12.80
C THR C 123 -50.97 27.69 13.26
N ARG C 124 -51.45 26.50 12.86
CA ARG C 124 -50.84 25.24 13.30
C ARG C 124 -50.25 24.43 12.15
N MET C 125 -50.58 24.73 10.90
CA MET C 125 -50.03 23.97 9.80
C MET C 125 -48.52 24.17 9.70
N SER C 126 -47.82 23.09 9.36
CA SER C 126 -46.36 23.11 9.27
C SER C 126 -45.85 23.54 7.90
N ILE C 127 -46.76 23.87 6.98
CA ILE C 127 -46.34 24.36 5.67
C ILE C 127 -45.60 25.68 5.80
N TYR C 128 -45.86 26.42 6.88
CA TYR C 128 -45.22 27.71 7.12
C TYR C 128 -43.86 27.57 7.80
N SER C 129 -43.48 26.36 8.20
CA SER C 129 -42.22 26.16 8.93
C SER C 129 -41.01 26.05 8.03
N ASP C 130 -41.20 25.93 6.72
CA ASP C 130 -40.06 25.83 5.81
C ASP C 130 -39.39 27.19 5.64
N LYS C 131 -38.07 27.17 5.49
CA LYS C 131 -37.29 28.40 5.33
C LYS C 131 -37.07 28.79 3.88
N SER C 132 -37.67 28.07 2.93
CA SER C 132 -37.51 28.37 1.51
C SER C 132 -38.64 29.22 0.96
N ILE C 133 -39.87 29.00 1.42
CA ILE C 133 -41.01 29.75 0.92
C ILE C 133 -41.43 30.89 1.85
N HIS C 134 -41.04 30.82 3.13
CA HIS C 134 -41.58 31.69 4.17
C HIS C 134 -40.43 32.27 5.01
N LEU C 135 -39.44 32.84 4.31
CA LEU C 135 -38.26 33.39 4.98
C LEU C 135 -38.63 34.44 6.03
N SER C 136 -39.76 35.12 5.84
CA SER C 136 -40.15 36.18 6.77
C SER C 136 -41.46 35.82 7.46
N PHE C 137 -41.60 34.58 7.90
CA PHE C 137 -42.78 34.14 8.63
C PHE C 137 -42.35 33.53 9.95
N LEU C 138 -42.92 34.04 11.04
CA LEU C 138 -42.73 33.50 12.38
C LEU C 138 -44.10 33.17 12.98
N ARG C 139 -44.09 32.41 14.06
CA ARG C 139 -45.31 31.86 14.65
C ARG C 139 -45.41 32.29 16.10
N THR C 140 -46.54 31.95 16.72
CA THR C 140 -46.73 32.15 18.15
C THR C 140 -47.04 30.85 18.89
N VAL C 141 -47.63 29.86 18.22
CA VAL C 141 -47.98 28.58 18.82
C VAL C 141 -47.18 27.49 18.11
N PRO C 142 -46.97 26.33 18.71
CA PRO C 142 -46.23 25.26 18.02
C PRO C 142 -47.13 24.50 17.07
N PRO C 143 -46.59 24.01 15.96
CA PRO C 143 -47.41 23.36 14.94
C PRO C 143 -47.73 21.92 15.31
N TYR C 144 -48.49 21.27 14.43
CA TYR C 144 -48.87 19.87 14.62
C TYR C 144 -47.71 18.91 14.46
N SER C 145 -46.58 19.36 13.92
CA SER C 145 -45.46 18.47 13.67
C SER C 145 -44.59 18.23 14.89
N HIS C 146 -44.67 19.09 15.91
CA HIS C 146 -43.87 18.91 17.11
C HIS C 146 -44.61 18.22 18.25
N GLN C 147 -45.86 17.80 18.04
CA GLN C 147 -46.51 16.98 19.06
C GLN C 147 -46.12 15.52 18.86
N SER C 148 -44.81 15.27 18.74
CA SER C 148 -44.26 13.94 18.69
C SER C 148 -43.21 13.69 19.76
N SER C 149 -42.55 14.72 20.27
CA SER C 149 -41.71 14.55 21.45
C SER C 149 -42.54 14.15 22.66
N VAL C 150 -43.79 14.61 22.72
CA VAL C 150 -44.69 14.17 23.79
C VAL C 150 -44.92 12.66 23.70
N TRP C 151 -45.17 12.16 22.50
CA TRP C 151 -45.34 10.72 22.30
C TRP C 151 -44.06 9.97 22.63
N PHE C 152 -42.91 10.51 22.22
CA PHE C 152 -41.64 9.86 22.51
C PHE C 152 -41.39 9.76 24.01
N GLU C 153 -41.63 10.84 24.75
CA GLU C 153 -41.44 10.80 26.19
C GLU C 153 -42.47 9.92 26.89
N MET C 154 -43.71 9.88 26.38
CA MET C 154 -44.71 8.98 26.93
C MET C 154 -44.30 7.53 26.73
N MET C 155 -43.75 7.21 25.56
CA MET C 155 -43.23 5.86 25.32
C MET C 155 -42.06 5.56 26.25
N ARG C 156 -41.18 6.54 26.45
CA ARG C 156 -40.04 6.34 27.34
C ARG C 156 -40.48 6.08 28.78
N VAL C 157 -41.50 6.80 29.26
CA VAL C 157 -41.93 6.65 30.64
C VAL C 157 -42.88 5.48 30.84
N TYR C 158 -43.59 5.05 29.81
CA TYR C 158 -44.52 3.93 29.89
C TYR C 158 -43.92 2.62 29.41
N ASN C 159 -42.66 2.63 28.97
CA ASN C 159 -41.96 1.43 28.51
C ASN C 159 -42.69 0.75 27.37
N TRP C 160 -42.83 1.49 26.26
CA TRP C 160 -43.42 0.98 25.04
C TRP C 160 -42.36 1.00 23.94
N ASN C 161 -42.16 -0.14 23.28
CA ASN C 161 -41.10 -0.27 22.29
C ASN C 161 -41.58 -0.76 20.93
N HIS C 162 -42.86 -1.08 20.78
CA HIS C 162 -43.41 -1.58 19.52
C HIS C 162 -44.67 -0.79 19.19
N ILE C 163 -44.59 0.08 18.19
CA ILE C 163 -45.69 0.95 17.81
C ILE C 163 -45.93 0.84 16.31
N ILE C 164 -47.13 1.22 15.89
CA ILE C 164 -47.50 1.28 14.48
C ILE C 164 -47.86 2.72 14.16
N LEU C 165 -47.19 3.29 13.16
CA LEU C 165 -47.41 4.66 12.75
C LEU C 165 -48.34 4.68 11.54
N LEU C 166 -49.46 5.40 11.67
CA LEU C 166 -50.47 5.47 10.61
C LEU C 166 -50.76 6.94 10.35
N VAL C 167 -50.24 7.46 9.23
CA VAL C 167 -50.35 8.87 8.90
C VAL C 167 -50.89 9.01 7.48
N SER C 168 -51.35 10.23 7.18
CA SER C 168 -51.82 10.56 5.84
C SER C 168 -50.64 10.85 4.92
N ASP C 169 -50.93 10.88 3.61
CA ASP C 169 -49.90 11.05 2.61
C ASP C 169 -49.60 12.51 2.30
N ASP C 170 -50.25 13.45 2.98
CA ASP C 170 -50.05 14.88 2.70
C ASP C 170 -48.81 15.39 3.43
N HIS C 171 -48.63 16.71 3.40
CA HIS C 171 -47.41 17.31 3.95
C HIS C 171 -47.35 17.16 5.47
N GLU C 172 -48.49 17.33 6.15
CA GLU C 172 -48.51 17.26 7.61
C GLU C 172 -48.10 15.87 8.09
N GLY C 173 -48.65 14.83 7.47
CA GLY C 173 -48.28 13.47 7.85
C GLY C 173 -46.82 13.17 7.58
N ARG C 174 -46.29 13.65 6.45
CA ARG C 174 -44.89 13.45 6.15
C ARG C 174 -43.98 14.12 7.17
N ALA C 175 -44.31 15.35 7.56
CA ALA C 175 -43.51 16.05 8.55
C ALA C 175 -43.56 15.34 9.90
N ALA C 176 -44.76 14.92 10.32
CA ALA C 176 -44.87 14.20 11.58
C ALA C 176 -44.10 12.89 11.55
N GLN C 177 -44.18 12.16 10.44
CA GLN C 177 -43.45 10.91 10.31
C GLN C 177 -41.94 11.14 10.36
N LYS C 178 -41.45 12.18 9.69
CA LYS C 178 -40.02 12.47 9.72
C LYS C 178 -39.57 12.83 11.13
N ARG C 179 -40.35 13.64 11.84
CA ARG C 179 -39.99 14.03 13.20
C ARG C 179 -39.96 12.81 14.12
N LEU C 180 -40.98 11.97 14.05
CA LEU C 180 -41.02 10.77 14.90
C LEU C 180 -39.88 9.82 14.54
N GLU C 181 -39.58 9.69 13.25
CA GLU C 181 -38.52 8.78 12.83
C GLU C 181 -37.16 9.25 13.32
N THR C 182 -36.88 10.56 13.24
CA THR C 182 -35.59 11.03 13.74
C THR C 182 -35.51 10.95 15.25
N LEU C 183 -36.62 11.20 15.96
CA LEU C 183 -36.62 11.03 17.41
C LEU C 183 -36.34 9.58 17.79
N LEU C 184 -36.95 8.63 17.08
CA LEU C 184 -36.69 7.22 17.36
C LEU C 184 -35.28 6.81 16.98
N GLU C 185 -34.75 7.35 15.88
CA GLU C 185 -33.38 7.04 15.47
C GLU C 185 -32.38 7.58 16.49
N GLU C 186 -32.74 8.66 17.18
CA GLU C 186 -31.86 9.21 18.21
C GLU C 186 -31.48 8.15 19.25
N ARG C 187 -32.41 7.25 19.58
CA ARG C 187 -32.14 6.17 20.52
C ARG C 187 -31.85 4.84 19.82
N GLU C 188 -31.61 4.86 18.51
CA GLU C 188 -31.31 3.66 17.73
C GLU C 188 -32.43 2.64 17.84
N SER C 189 -33.61 3.04 17.36
CA SER C 189 -34.79 2.17 17.34
C SER C 189 -35.47 2.36 15.99
N LYS C 190 -36.65 1.75 15.85
CA LYS C 190 -37.40 1.83 14.60
C LYS C 190 -38.86 1.53 14.89
N ALA C 191 -39.71 1.97 13.97
CA ALA C 191 -41.13 1.66 14.01
C ALA C 191 -41.38 0.36 13.25
N GLU C 192 -42.34 -0.43 13.72
CA GLU C 192 -42.61 -1.72 13.10
C GLU C 192 -43.04 -1.57 11.66
N LYS C 193 -43.96 -0.65 11.38
CA LYS C 193 -44.42 -0.40 10.02
C LYS C 193 -45.13 0.94 9.98
N VAL C 194 -44.96 1.65 8.87
CA VAL C 194 -45.62 2.92 8.62
C VAL C 194 -46.63 2.70 7.49
N LEU C 195 -47.89 3.04 7.74
CA LEU C 195 -48.97 2.87 6.78
C LEU C 195 -49.45 4.24 6.32
N GLN C 196 -49.49 4.44 5.01
CA GLN C 196 -49.91 5.70 4.42
C GLN C 196 -51.17 5.49 3.59
N PHE C 197 -52.07 6.47 3.64
CA PHE C 197 -53.30 6.42 2.87
C PHE C 197 -53.58 7.81 2.30
N ASP C 198 -54.26 7.83 1.16
CA ASP C 198 -54.55 9.10 0.50
C ASP C 198 -55.61 9.89 1.28
N PRO C 199 -55.44 11.19 1.43
CA PRO C 199 -56.45 12.00 2.14
C PRO C 199 -57.78 11.98 1.40
N GLY C 200 -58.86 12.06 2.17
CA GLY C 200 -60.19 12.10 1.61
C GLY C 200 -60.74 10.77 1.14
N THR C 201 -60.05 9.67 1.43
CA THR C 201 -60.52 8.37 1.00
C THR C 201 -61.78 7.96 1.76
N LYS C 202 -62.56 7.07 1.14
CA LYS C 202 -63.79 6.57 1.75
C LYS C 202 -63.69 5.11 2.17
N ASN C 203 -62.68 4.37 1.71
CA ASN C 203 -62.51 2.97 2.05
C ASN C 203 -61.09 2.77 2.57
N VAL C 204 -60.97 2.50 3.86
CA VAL C 204 -59.67 2.33 4.50
C VAL C 204 -59.53 0.99 5.22
N THR C 205 -60.59 0.18 5.28
CA THR C 205 -60.53 -1.07 6.01
C THR C 205 -59.52 -2.05 5.40
N ALA C 206 -59.15 -1.86 4.13
CA ALA C 206 -58.14 -2.73 3.53
C ALA C 206 -56.77 -2.51 4.17
N LEU C 207 -56.44 -1.25 4.48
CA LEU C 207 -55.14 -0.97 5.10
C LEU C 207 -55.08 -1.45 6.54
N LEU C 208 -56.21 -1.38 7.27
CA LEU C 208 -56.22 -1.80 8.66
C LEU C 208 -56.07 -3.31 8.82
N MET C 209 -56.25 -4.07 7.75
CA MET C 209 -56.04 -5.52 7.82
C MET C 209 -54.57 -5.85 8.03
N GLU C 210 -53.67 -5.05 7.45
CA GLU C 210 -52.24 -5.29 7.63
C GLU C 210 -51.81 -5.09 9.08
N ALA C 211 -52.34 -4.05 9.73
CA ALA C 211 -51.95 -3.76 11.11
C ALA C 211 -52.42 -4.84 12.08
N ARG C 212 -53.50 -5.54 11.75
CA ARG C 212 -54.03 -6.59 12.65
C ARG C 212 -53.10 -7.79 12.68
N GLU C 213 -52.26 -7.95 11.67
CA GLU C 213 -51.36 -9.10 11.63
C GLU C 213 -50.05 -8.84 12.35
N LEU C 214 -49.69 -7.58 12.53
CA LEU C 214 -48.41 -7.24 13.14
C LEU C 214 -48.41 -7.55 14.63
N GLU C 215 -47.21 -7.63 15.20
CA GLU C 215 -47.07 -7.95 16.62
C GLU C 215 -47.39 -6.76 17.50
N ALA C 216 -47.04 -5.55 17.05
CA ALA C 216 -47.25 -4.35 17.85
C ALA C 216 -48.74 -4.10 18.07
N ARG C 217 -49.07 -3.60 19.26
CA ARG C 217 -50.45 -3.30 19.62
C ARG C 217 -50.66 -1.84 20.00
N VAL C 218 -49.72 -0.97 19.67
CA VAL C 218 -49.82 0.46 19.94
C VAL C 218 -49.96 1.18 18.60
N ILE C 219 -51.00 2.00 18.48
CA ILE C 219 -51.32 2.69 17.23
C ILE C 219 -51.28 4.19 17.48
N ILE C 220 -50.58 4.90 16.60
CA ILE C 220 -50.49 6.36 16.64
C ILE C 220 -51.15 6.90 15.39
N LEU C 221 -52.11 7.80 15.57
CA LEU C 221 -52.90 8.34 14.47
C LEU C 221 -52.51 9.78 14.17
N SER C 222 -52.60 10.15 12.90
CA SER C 222 -52.30 11.52 12.47
C SER C 222 -53.11 11.79 11.20
N ALA C 223 -54.23 12.50 11.35
CA ALA C 223 -55.10 12.81 10.23
C ALA C 223 -56.01 13.96 10.63
N SER C 224 -56.84 14.40 9.69
CA SER C 224 -57.78 15.48 9.96
C SER C 224 -58.98 14.94 10.74
N GLU C 225 -59.75 15.87 11.33
CA GLU C 225 -60.84 15.48 12.20
C GLU C 225 -61.93 14.73 11.45
N ASP C 226 -62.23 15.14 10.21
CA ASP C 226 -63.25 14.46 9.42
C ASP C 226 -62.74 13.14 8.85
N ASP C 227 -61.46 13.09 8.47
CA ASP C 227 -60.89 11.87 7.90
C ASP C 227 -60.64 10.80 8.96
N ALA C 228 -60.24 11.22 10.16
CA ALA C 228 -59.99 10.26 11.24
C ALA C 228 -61.26 9.56 11.71
N ALA C 229 -62.44 10.11 11.39
CA ALA C 229 -63.68 9.46 11.78
C ALA C 229 -63.88 8.14 11.04
N THR C 230 -63.41 8.05 9.80
CA THR C 230 -63.52 6.79 9.05
C THR C 230 -62.69 5.69 9.69
N VAL C 231 -61.54 6.03 10.27
CA VAL C 231 -60.72 5.02 10.94
C VAL C 231 -61.45 4.43 12.12
N TYR C 232 -62.14 5.27 12.90
CA TYR C 232 -62.87 4.79 14.07
C TYR C 232 -64.02 3.87 13.68
N ARG C 233 -64.63 4.12 12.52
CA ARG C 233 -65.74 3.31 12.05
C ARG C 233 -65.28 2.07 11.27
N ALA C 234 -63.96 1.89 11.11
CA ALA C 234 -63.41 0.70 10.47
C ALA C 234 -62.69 -0.22 11.42
N ALA C 235 -62.00 0.32 12.43
CA ALA C 235 -61.36 -0.53 13.43
C ALA C 235 -62.39 -1.20 14.33
N ALA C 236 -63.52 -0.52 14.61
CA ALA C 236 -64.56 -1.12 15.43
C ALA C 236 -65.17 -2.35 14.74
N MET C 237 -65.34 -2.27 13.42
CA MET C 237 -65.87 -3.42 12.68
C MET C 237 -64.91 -4.60 12.74
N LEU C 238 -63.61 -4.34 12.68
CA LEU C 238 -62.60 -5.38 12.74
C LEU C 238 -62.21 -5.76 14.16
N ASP C 239 -62.83 -5.13 15.17
CA ASP C 239 -62.59 -5.42 16.58
C ASP C 239 -61.12 -5.19 16.94
N MET C 240 -60.66 -3.97 16.65
CA MET C 240 -59.32 -3.53 17.02
C MET C 240 -59.33 -2.50 18.13
N THR C 241 -60.50 -2.20 18.70
CA THR C 241 -60.63 -1.25 19.80
C THR C 241 -60.82 -1.93 21.14
N GLY C 242 -60.67 -3.25 21.21
CA GLY C 242 -60.89 -3.99 22.44
C GLY C 242 -59.70 -3.93 23.38
N SER C 243 -59.69 -4.85 24.32
CA SER C 243 -58.63 -4.90 25.33
C SER C 243 -57.30 -5.28 24.68
N GLY C 244 -56.21 -4.71 25.21
CA GLY C 244 -54.88 -4.96 24.69
C GLY C 244 -54.39 -3.97 23.68
N TYR C 245 -55.23 -3.03 23.25
CA TYR C 245 -54.87 -2.05 22.24
C TYR C 245 -54.71 -0.67 22.88
N VAL C 246 -53.81 0.12 22.31
CA VAL C 246 -53.50 1.47 22.81
C VAL C 246 -53.54 2.43 21.62
N TRP C 247 -54.24 3.55 21.79
CA TRP C 247 -54.38 4.56 20.76
C TRP C 247 -53.83 5.89 21.25
N LEU C 248 -53.03 6.54 20.41
CA LEU C 248 -52.48 7.86 20.69
C LEU C 248 -52.85 8.79 19.55
N VAL C 249 -53.48 9.91 19.89
CA VAL C 249 -53.92 10.88 18.88
C VAL C 249 -53.40 12.27 19.25
N GLY C 250 -53.77 13.27 18.46
CA GLY C 250 -53.30 14.62 18.66
C GLY C 250 -54.47 15.60 18.73
N GLU C 251 -54.19 16.84 18.31
CA GLU C 251 -55.17 17.92 18.46
C GLU C 251 -56.40 17.69 17.59
N ARG C 252 -56.18 17.40 16.30
CA ARG C 252 -57.29 17.37 15.34
C ARG C 252 -58.18 16.16 15.52
N GLU C 253 -57.61 15.01 15.90
CA GLU C 253 -58.41 13.80 16.03
C GLU C 253 -59.34 13.83 17.24
N ILE C 254 -59.22 14.82 18.12
CA ILE C 254 -60.09 14.89 19.28
C ILE C 254 -61.39 15.61 18.95
N SER C 255 -61.28 16.86 18.48
CA SER C 255 -62.45 17.71 18.30
C SER C 255 -63.24 17.29 17.06
N GLY C 256 -64.32 18.03 16.78
CA GLY C 256 -65.16 17.76 15.64
C GLY C 256 -66.02 16.51 15.82
N ASN C 257 -66.48 15.98 14.69
CA ASN C 257 -67.28 14.75 14.70
C ASN C 257 -66.46 13.52 15.04
N ALA C 258 -65.13 13.63 15.11
CA ALA C 258 -64.30 12.50 15.47
C ALA C 258 -64.60 12.03 16.90
N LEU C 259 -64.85 12.98 17.80
CA LEU C 259 -65.15 12.62 19.19
C LEU C 259 -66.44 11.82 19.29
N ARG C 260 -67.42 12.09 18.42
CA ARG C 260 -68.68 11.37 18.48
C ARG C 260 -68.48 9.88 18.22
N TYR C 261 -67.54 9.53 17.35
CA TYR C 261 -67.30 8.14 16.98
C TYR C 261 -66.00 7.59 17.58
N ALA C 262 -65.34 8.35 18.43
CA ALA C 262 -64.08 7.88 19.01
C ALA C 262 -64.34 6.80 20.05
N PRO C 263 -63.68 5.64 19.95
CA PRO C 263 -63.85 4.62 20.99
C PRO C 263 -63.28 5.07 22.33
N ASP C 264 -63.86 4.54 23.41
CA ASP C 264 -63.45 4.91 24.75
C ASP C 264 -62.03 4.43 25.04
N GLY C 265 -61.28 5.24 25.78
CA GLY C 265 -59.93 4.89 26.18
C GLY C 265 -58.82 5.56 25.40
N ILE C 266 -59.15 6.43 24.44
CA ILE C 266 -58.12 7.10 23.66
C ILE C 266 -57.47 8.19 24.49
N ILE C 267 -56.15 8.33 24.36
CA ILE C 267 -55.38 9.37 25.04
C ILE C 267 -55.02 10.42 24.00
N GLY C 268 -55.48 11.66 24.22
CA GLY C 268 -55.24 12.75 23.31
C GLY C 268 -54.42 13.87 23.95
N LEU C 269 -54.23 14.93 23.18
CA LEU C 269 -53.48 16.09 23.62
C LEU C 269 -54.23 17.37 23.31
N GLN C 270 -54.07 18.35 24.20
CA GLN C 270 -54.54 19.71 23.96
C GLN C 270 -53.52 20.68 24.54
N LEU C 271 -52.97 21.54 23.69
CA LEU C 271 -52.03 22.54 24.14
C LEU C 271 -52.70 23.55 25.07
N ILE C 272 -51.91 24.09 26.00
CA ILE C 272 -52.45 24.89 27.08
C ILE C 272 -53.05 26.21 26.60
N ASN C 273 -52.62 26.72 25.45
CA ASN C 273 -53.02 28.05 24.97
C ASN C 273 -53.49 27.97 23.53
N GLY C 274 -54.36 27.01 23.25
CA GLY C 274 -54.83 26.78 21.89
C GLY C 274 -55.56 27.94 21.24
N LYS C 275 -56.74 28.28 21.76
CA LYS C 275 -57.57 29.35 21.17
C LYS C 275 -57.72 30.45 22.22
N ASN C 276 -56.75 31.36 22.25
CA ASN C 276 -56.79 32.55 23.10
C ASN C 276 -56.11 33.68 22.33
N GLU C 277 -56.90 34.44 21.58
CA GLU C 277 -56.34 35.54 20.79
C GLU C 277 -55.81 36.65 21.69
N SER C 278 -56.56 36.99 22.76
CA SER C 278 -56.17 38.11 23.61
C SER C 278 -54.82 37.85 24.29
N ALA C 279 -54.61 36.63 24.77
CA ALA C 279 -53.34 36.29 25.43
C ALA C 279 -52.19 36.38 24.45
N HIS C 280 -52.37 35.86 23.24
CA HIS C 280 -51.30 35.90 22.24
C HIS C 280 -51.06 37.30 21.73
N ILE C 281 -52.12 38.11 21.63
CA ILE C 281 -51.97 39.50 21.20
C ILE C 281 -51.10 40.26 22.19
N SER C 282 -51.36 40.06 23.49
CA SER C 282 -50.57 40.74 24.51
C SER C 282 -49.11 40.34 24.44
N ASP C 283 -48.83 39.05 24.23
CA ASP C 283 -47.45 38.60 24.08
C ASP C 283 -46.85 39.01 22.74
N ALA C 284 -47.69 39.24 21.73
CA ALA C 284 -47.17 39.64 20.42
C ALA C 284 -46.56 41.03 20.48
N VAL C 285 -47.29 42.00 21.05
CA VAL C 285 -46.77 43.35 21.16
C VAL C 285 -45.62 43.41 22.17
N GLY C 286 -45.63 42.54 23.17
CA GLY C 286 -44.61 42.58 24.20
C GLY C 286 -43.22 42.25 23.67
N VAL C 287 -43.13 41.22 22.82
CA VAL C 287 -41.81 40.79 22.34
C VAL C 287 -41.24 41.81 21.37
N VAL C 288 -42.07 42.38 20.49
CA VAL C 288 -41.57 43.35 19.52
C VAL C 288 -41.20 44.66 20.21
N ALA C 289 -41.95 45.04 21.25
CA ALA C 289 -41.65 46.27 21.97
C ALA C 289 -40.28 46.19 22.64
N GLN C 290 -39.96 45.06 23.25
CA GLN C 290 -38.64 44.88 23.86
C GLN C 290 -37.54 44.68 22.82
N ALA C 291 -37.90 44.40 21.57
CA ALA C 291 -36.91 44.22 20.51
C ALA C 291 -36.71 45.49 19.69
N VAL C 292 -37.76 46.28 19.50
CA VAL C 292 -37.62 47.53 18.75
C VAL C 292 -36.74 48.52 19.50
N HIS C 293 -36.73 48.44 20.84
CA HIS C 293 -35.84 49.31 21.61
C HIS C 293 -34.37 49.00 21.31
N GLU C 294 -34.03 47.72 21.19
CA GLU C 294 -32.69 47.32 20.81
C GLU C 294 -32.44 47.42 19.31
N LEU C 295 -33.48 47.69 18.52
CA LEU C 295 -33.33 47.82 17.08
C LEU C 295 -32.85 49.21 16.70
N LEU C 296 -33.50 50.24 17.24
CA LEU C 296 -33.15 51.62 16.92
C LEU C 296 -31.80 52.04 17.51
N GLU C 297 -31.21 51.22 18.38
CA GLU C 297 -29.90 51.51 18.97
C GLU C 297 -28.76 50.92 18.15
N LYS C 298 -28.96 50.71 16.86
CA LYS C 298 -27.93 50.16 15.99
C LYS C 298 -27.64 51.13 14.86
N GLU C 299 -26.42 51.04 14.33
CA GLU C 299 -25.98 51.95 13.28
C GLU C 299 -26.51 51.52 11.92
N ASN C 300 -26.63 52.49 11.01
CA ASN C 300 -27.05 52.26 9.62
C ASN C 300 -28.45 51.65 9.54
N ILE C 301 -29.32 51.98 10.49
CA ILE C 301 -30.70 51.54 10.45
C ILE C 301 -31.46 52.40 9.44
N THR C 302 -32.20 51.74 8.54
CA THR C 302 -32.91 52.41 7.47
C THR C 302 -34.41 52.16 7.60
N ASP C 303 -35.19 53.21 7.43
CA ASP C 303 -36.64 53.11 7.50
C ASP C 303 -37.17 52.34 6.30
N PRO C 304 -37.90 51.23 6.50
CA PRO C 304 -38.51 50.53 5.37
C PRO C 304 -39.58 51.39 4.72
N PRO C 305 -39.37 51.77 3.46
CA PRO C 305 -40.33 52.65 2.80
C PRO C 305 -41.69 51.99 2.62
N ARG C 306 -42.74 52.80 2.66
CA ARG C 306 -44.10 52.35 2.46
C ARG C 306 -44.49 52.31 0.98
N GLY C 307 -43.51 52.30 0.09
CA GLY C 307 -43.76 52.37 -1.33
C GLY C 307 -44.09 51.05 -2.00
N CYS C 308 -45.32 50.58 -1.84
CA CYS C 308 -45.79 49.45 -2.65
C CYS C 308 -45.60 49.81 -4.12
N VAL C 309 -46.32 50.83 -4.58
CA VAL C 309 -46.21 51.27 -5.97
C VAL C 309 -44.82 51.83 -6.24
N GLY C 310 -44.23 52.53 -5.27
CA GLY C 310 -42.97 53.21 -5.47
C GLY C 310 -41.75 52.32 -5.63
N ASN C 311 -41.40 51.58 -4.59
CA ASN C 311 -40.14 50.86 -4.52
C ASN C 311 -40.37 49.36 -4.68
N THR C 312 -39.46 48.70 -5.41
CA THR C 312 -39.47 47.25 -5.58
C THR C 312 -38.17 46.63 -5.10
N ASN C 313 -37.44 47.29 -4.21
CA ASN C 313 -36.16 46.82 -3.71
C ASN C 313 -36.35 46.11 -2.37
N ILE C 314 -35.23 45.77 -1.74
CA ILE C 314 -35.22 45.08 -0.46
C ILE C 314 -34.62 46.01 0.59
N TRP C 315 -35.37 46.25 1.65
CA TRP C 315 -34.91 47.14 2.71
C TRP C 315 -33.75 46.53 3.48
N LYS C 316 -32.81 47.39 3.88
CA LYS C 316 -31.68 46.92 4.68
C LYS C 316 -32.15 46.37 6.03
N THR C 317 -33.15 47.00 6.63
CA THR C 317 -33.75 46.47 7.86
C THR C 317 -34.78 45.42 7.53
N GLY C 318 -34.36 44.41 6.76
CA GLY C 318 -35.19 43.29 6.38
C GLY C 318 -34.86 42.08 7.22
N PRO C 319 -34.02 41.19 6.69
CA PRO C 319 -33.49 40.08 7.50
C PRO C 319 -32.83 40.55 8.78
N LEU C 320 -32.51 41.85 8.86
CA LEU C 320 -32.06 42.43 10.12
C LEU C 320 -33.11 42.26 11.20
N PHE C 321 -34.38 42.48 10.86
CA PHE C 321 -35.46 42.27 11.82
C PHE C 321 -35.51 40.81 12.28
N LYS C 322 -35.40 39.87 11.34
CA LYS C 322 -35.40 38.46 11.71
C LYS C 322 -34.19 38.10 12.55
N ARG C 323 -33.03 38.68 12.23
CA ARG C 323 -31.82 38.37 12.98
C ARG C 323 -31.92 38.83 14.43
N VAL C 324 -32.49 40.01 14.67
CA VAL C 324 -32.59 40.54 16.02
C VAL C 324 -33.76 39.95 16.80
N LEU C 325 -34.79 39.46 16.12
CA LEU C 325 -35.90 38.83 16.83
C LEU C 325 -35.52 37.46 17.36
N MET C 326 -34.54 36.79 16.74
CA MET C 326 -34.09 35.48 17.18
C MET C 326 -33.12 35.56 18.34
N SER C 327 -32.64 36.75 18.70
CA SER C 327 -31.74 36.91 19.84
C SER C 327 -32.46 37.28 21.13
N SER C 328 -33.70 37.71 21.06
CA SER C 328 -34.42 38.14 22.25
C SER C 328 -34.82 36.94 23.11
N LYS C 329 -35.12 37.23 24.37
CA LYS C 329 -35.60 36.22 25.32
C LYS C 329 -36.56 36.94 26.27
N TYR C 330 -37.86 36.83 25.97
CA TYR C 330 -38.86 37.56 26.73
C TYR C 330 -38.88 37.09 28.18
N ALA C 331 -39.00 38.04 29.10
CA ALA C 331 -38.90 37.72 30.53
C ALA C 331 -40.03 36.79 30.96
N ASP C 332 -41.27 37.25 30.88
CA ASP C 332 -42.41 36.44 31.28
C ASP C 332 -43.67 37.04 30.68
N GLY C 333 -44.47 36.20 30.02
CA GLY C 333 -45.73 36.61 29.44
C GLY C 333 -46.91 35.92 30.12
N VAL C 334 -48.10 36.27 29.63
CA VAL C 334 -49.32 35.66 30.15
C VAL C 334 -49.36 34.17 29.84
N THR C 335 -48.68 33.74 28.78
CA THR C 335 -48.62 32.33 28.40
C THR C 335 -47.25 31.72 28.67
N GLY C 336 -46.60 32.12 29.75
CA GLY C 336 -45.30 31.56 30.10
C GLY C 336 -44.17 32.17 29.32
N ARG C 337 -42.99 31.57 29.50
CA ARG C 337 -41.79 32.04 28.82
C ARG C 337 -41.93 31.87 27.32
N VAL C 338 -41.46 32.88 26.57
CA VAL C 338 -41.53 32.88 25.12
C VAL C 338 -40.09 32.94 24.59
N GLU C 339 -39.68 31.87 23.92
CA GLU C 339 -38.37 31.80 23.28
C GLU C 339 -38.52 31.07 21.96
N PHE C 340 -37.58 31.30 21.05
CA PHE C 340 -37.68 30.79 19.69
C PHE C 340 -36.38 30.09 19.29
N ASN C 341 -36.51 29.12 18.39
CA ASN C 341 -35.39 28.37 17.86
C ASN C 341 -34.92 28.99 16.54
N GLU C 342 -34.03 28.28 15.85
CA GLU C 342 -33.50 28.78 14.58
C GLU C 342 -34.59 28.90 13.53
N ASP C 343 -35.51 27.95 13.49
CA ASP C 343 -36.58 27.95 12.49
C ASP C 343 -37.77 28.81 12.89
N GLY C 344 -37.75 29.40 14.08
CA GLY C 344 -38.82 30.27 14.52
C GLY C 344 -40.07 29.54 14.94
N ASP C 345 -39.97 28.75 15.99
CA ASP C 345 -41.12 28.04 16.57
C ASP C 345 -41.11 28.21 18.07
N ARG C 346 -42.30 28.24 18.66
CA ARG C 346 -42.44 28.45 20.11
C ARG C 346 -41.85 27.25 20.83
N LYS C 347 -40.83 27.51 21.66
CA LYS C 347 -40.15 26.47 22.41
C LYS C 347 -40.65 26.45 23.85
N PHE C 348 -40.63 25.26 24.46
CA PHE C 348 -41.10 25.03 25.83
C PHE C 348 -42.58 25.40 25.97
N ALA C 349 -43.40 24.69 25.21
CA ALA C 349 -44.84 24.80 25.32
C ALA C 349 -45.39 23.74 26.27
N GLN C 350 -46.63 23.93 26.71
CA GLN C 350 -47.28 23.03 27.64
C GLN C 350 -48.47 22.35 26.97
N TYR C 351 -48.56 21.03 27.16
CA TYR C 351 -49.65 20.21 26.66
C TYR C 351 -50.33 19.49 27.80
N SER C 352 -51.64 19.28 27.68
CA SER C 352 -52.41 18.55 28.67
C SER C 352 -52.74 17.17 28.12
N ILE C 353 -52.33 16.12 28.84
CA ILE C 353 -52.54 14.75 28.41
C ILE C 353 -53.91 14.30 28.91
N MET C 354 -54.93 14.42 28.06
CA MET C 354 -56.31 14.16 28.45
C MET C 354 -56.63 12.67 28.25
N ASN C 355 -57.91 12.33 28.35
CA ASN C 355 -58.33 10.94 28.24
C ASN C 355 -59.79 10.93 27.78
N LEU C 356 -60.42 9.75 27.81
CA LEU C 356 -61.82 9.62 27.43
C LEU C 356 -62.45 8.59 28.37
N GLN C 357 -63.07 9.07 29.45
CA GLN C 357 -63.69 8.21 30.45
C GLN C 357 -65.20 8.43 30.41
N ASN C 358 -65.92 7.52 29.78
CA ASN C 358 -67.38 7.56 29.66
C ASN C 358 -67.85 8.86 29.03
N ARG C 359 -67.39 9.08 27.79
CA ARG C 359 -67.80 10.21 26.96
C ARG C 359 -67.50 11.55 27.61
N LYS C 360 -66.50 11.59 28.50
CA LYS C 360 -66.11 12.82 29.18
C LYS C 360 -64.59 12.87 29.23
N LEU C 361 -64.02 13.89 28.61
CA LEU C 361 -62.57 14.00 28.47
C LEU C 361 -61.99 14.63 29.73
N VAL C 362 -61.56 13.78 30.66
CA VAL C 362 -60.96 14.21 31.92
C VAL C 362 -59.45 14.27 31.75
N GLN C 363 -58.84 15.35 32.23
CA GLN C 363 -57.39 15.47 32.19
C GLN C 363 -56.75 14.54 33.19
N VAL C 364 -55.71 13.83 32.75
CA VAL C 364 -54.98 12.89 33.60
C VAL C 364 -53.52 13.27 33.75
N GLY C 365 -53.04 14.27 33.02
CA GLY C 365 -51.66 14.70 33.17
C GLY C 365 -51.41 15.97 32.39
N ILE C 366 -50.24 16.54 32.64
CA ILE C 366 -49.80 17.75 31.95
C ILE C 366 -48.33 17.55 31.55
N TYR C 367 -48.01 18.00 30.34
CA TYR C 367 -46.66 17.88 29.80
C TYR C 367 -46.00 19.26 29.78
N ASN C 368 -44.94 19.43 30.56
CA ASN C 368 -44.14 20.63 30.51
C ASN C 368 -42.75 20.27 29.98
N GLY C 369 -42.02 21.30 29.55
CA GLY C 369 -40.59 21.18 29.30
C GLY C 369 -40.16 19.93 28.56
N THR C 370 -39.43 19.05 29.26
CA THR C 370 -38.99 17.78 28.71
C THR C 370 -39.43 16.59 29.56
N HIS C 371 -40.47 16.76 30.37
CA HIS C 371 -40.93 15.69 31.26
C HIS C 371 -42.45 15.65 31.32
N VAL C 372 -42.98 14.50 31.72
CA VAL C 372 -44.42 14.26 31.82
C VAL C 372 -44.81 14.17 33.29
N ILE C 373 -45.84 14.91 33.68
CA ILE C 373 -46.29 14.96 35.07
C ILE C 373 -47.75 14.49 35.10
N PRO C 374 -48.03 13.32 35.67
CA PRO C 374 -49.42 12.87 35.84
C PRO C 374 -50.07 13.57 37.03
N ASN C 375 -51.33 13.19 37.30
CA ASN C 375 -52.06 13.76 38.43
C ASN C 375 -52.74 12.67 39.24
N ASP C 376 -53.63 13.08 40.15
CA ASP C 376 -54.31 12.11 41.01
C ASP C 376 -55.28 11.24 40.23
N ARG C 377 -55.69 11.66 39.03
CA ARG C 377 -56.63 10.90 38.24
C ARG C 377 -56.01 9.58 37.79
N LYS C 378 -56.86 8.56 37.67
CA LYS C 378 -56.45 7.23 37.26
C LYS C 378 -56.88 6.96 35.82
N ILE C 379 -56.06 6.18 35.12
CA ILE C 379 -56.25 5.91 33.70
C ILE C 379 -57.07 4.64 33.52
N ILE C 380 -58.07 4.69 32.65
CA ILE C 380 -58.74 3.50 32.15
C ILE C 380 -58.35 3.33 30.69
N TRP C 381 -58.20 2.09 30.26
CA TRP C 381 -57.69 1.76 28.95
C TRP C 381 -58.80 1.20 28.07
N PRO C 382 -58.61 1.20 26.74
CA PRO C 382 -59.65 0.69 25.85
C PRO C 382 -60.04 -0.74 26.18
N GLY C 383 -61.33 -1.03 26.01
CA GLY C 383 -61.90 -2.30 26.40
C GLY C 383 -62.35 -2.38 27.84
N GLY C 384 -62.22 -1.29 28.61
CA GLY C 384 -62.65 -1.26 29.99
C GLY C 384 -61.59 -1.70 30.99
N GLU C 385 -60.44 -2.19 30.52
CA GLU C 385 -59.41 -2.66 31.43
C GLU C 385 -58.81 -1.49 32.22
N THR C 386 -58.39 -1.79 33.45
CA THR C 386 -57.75 -0.80 34.30
C THR C 386 -56.24 -0.97 34.38
N GLU C 387 -55.75 -2.21 34.31
CA GLU C 387 -54.31 -2.48 34.33
C GLU C 387 -53.69 -2.04 33.01
N LYS C 388 -52.47 -1.52 33.09
CA LYS C 388 -51.80 -1.02 31.90
C LYS C 388 -51.58 -2.16 30.90
N PRO C 389 -51.91 -1.97 29.63
CA PRO C 389 -51.73 -3.05 28.65
C PRO C 389 -50.26 -3.35 28.42
N ARG C 390 -50.01 -4.60 28.02
CA ARG C 390 -48.64 -5.01 27.68
C ARG C 390 -48.10 -4.24 26.49
N GLY C 391 -48.95 -4.03 25.47
CA GLY C 391 -48.50 -3.36 24.26
C GLY C 391 -47.68 -4.23 23.33
N TYR C 392 -47.76 -5.54 23.47
CA TYR C 392 -47.01 -6.46 22.63
C TYR C 392 -47.72 -7.80 22.59
N GLN C 393 -47.50 -8.54 21.52
CA GLN C 393 -48.08 -9.88 21.36
C GLN C 393 -47.08 -10.71 20.55
N MET C 394 -46.28 -11.51 21.25
CA MET C 394 -45.27 -12.31 20.60
C MET C 394 -45.91 -13.42 19.77
N SER C 395 -45.36 -13.63 18.58
CA SER C 395 -45.88 -14.61 17.64
C SER C 395 -44.94 -15.81 17.56
N THR C 396 -45.51 -17.01 17.46
CA THR C 396 -44.73 -18.25 17.42
C THR C 396 -44.83 -18.94 16.07
N ARG C 397 -45.19 -18.22 15.02
CA ARG C 397 -45.27 -18.78 13.66
C ARG C 397 -44.49 -17.85 12.74
N LEU C 398 -43.35 -18.32 12.25
CA LEU C 398 -42.44 -17.50 11.47
C LEU C 398 -42.55 -17.81 9.98
N LYS C 399 -42.06 -16.88 9.18
CA LYS C 399 -42.01 -17.02 7.73
C LYS C 399 -40.56 -17.17 7.29
N ILE C 400 -40.28 -18.19 6.48
CA ILE C 400 -38.93 -18.52 6.06
C ILE C 400 -38.84 -18.34 4.55
N VAL C 401 -37.77 -17.70 4.09
CA VAL C 401 -37.49 -17.52 2.67
C VAL C 401 -36.16 -18.18 2.35
N THR C 402 -36.14 -18.95 1.26
CA THR C 402 -34.94 -19.68 0.86
C THR C 402 -34.62 -19.41 -0.61
N ILE C 403 -33.58 -20.08 -1.12
CA ILE C 403 -33.16 -19.97 -2.50
C ILE C 403 -32.74 -21.36 -2.98
N HIS C 404 -32.70 -21.51 -4.30
CA HIS C 404 -32.31 -22.78 -4.91
C HIS C 404 -30.78 -22.86 -4.97
N GLN C 405 -30.09 -23.66 -4.20
CA GLN C 405 -28.67 -23.75 -4.27
C GLN C 405 -28.33 -25.13 -4.02
N GLU C 406 -27.67 -25.84 -4.87
CA GLU C 406 -27.61 -27.28 -4.70
C GLU C 406 -27.12 -28.17 -3.62
N PRO C 407 -25.96 -28.15 -2.87
CA PRO C 407 -25.93 -29.16 -1.80
C PRO C 407 -26.93 -28.81 -0.74
N PHE C 408 -27.17 -27.55 -0.47
CA PHE C 408 -28.03 -26.92 0.54
C PHE C 408 -29.54 -26.90 0.34
N VAL C 409 -30.11 -26.64 -0.81
CA VAL C 409 -31.58 -26.66 -0.91
C VAL C 409 -31.87 -27.29 -2.23
N TYR C 410 -32.75 -28.26 -2.34
CA TYR C 410 -33.09 -28.87 -3.65
C TYR C 410 -34.53 -28.64 -3.91
N VAL C 411 -34.96 -28.20 -5.07
CA VAL C 411 -36.41 -27.96 -5.23
C VAL C 411 -36.91 -28.92 -6.29
N LYS C 412 -37.93 -29.72 -6.01
CA LYS C 412 -38.49 -30.71 -6.91
C LYS C 412 -40.00 -30.59 -6.96
N PRO C 413 -40.62 -30.90 -8.11
CA PRO C 413 -42.06 -30.80 -8.27
C PRO C 413 -42.79 -31.84 -7.43
N THR C 414 -43.91 -31.46 -6.85
CA THR C 414 -44.69 -32.37 -5.99
C THR C 414 -45.37 -33.45 -6.82
N MET C 415 -45.75 -34.56 -6.17
CA MET C 415 -46.43 -35.65 -6.89
C MET C 415 -47.85 -35.22 -7.23
N SER C 416 -48.46 -35.90 -8.18
CA SER C 416 -49.82 -35.54 -8.70
C SER C 416 -50.91 -35.58 -7.62
N ASP C 417 -50.78 -36.42 -6.61
CA ASP C 417 -51.73 -36.33 -5.47
C ASP C 417 -51.54 -34.96 -4.78
N GLY C 418 -50.28 -34.49 -4.65
CA GLY C 418 -49.98 -33.20 -3.98
C GLY C 418 -49.02 -33.35 -2.81
N THR C 419 -48.42 -34.50 -2.61
CA THR C 419 -47.48 -34.66 -1.47
C THR C 419 -46.13 -35.11 -2.01
N CYS C 420 -45.10 -34.99 -1.22
CA CYS C 420 -43.71 -35.21 -1.58
C CYS C 420 -43.42 -36.70 -1.72
N LYS C 421 -42.43 -37.01 -2.55
CA LYS C 421 -42.03 -38.39 -2.77
C LYS C 421 -41.36 -38.96 -1.50
N GLU C 422 -41.55 -40.26 -1.30
CA GLU C 422 -40.91 -40.98 -0.21
C GLU C 422 -39.53 -41.44 -0.68
N GLU C 423 -38.50 -41.05 0.08
CA GLU C 423 -37.12 -41.32 -0.31
C GLU C 423 -36.34 -41.81 0.89
N PHE C 424 -35.36 -42.67 0.63
CA PHE C 424 -34.47 -43.18 1.66
C PHE C 424 -33.03 -43.00 1.19
N THR C 425 -32.13 -42.85 2.16
CA THR C 425 -30.72 -42.63 1.86
C THR C 425 -30.05 -43.95 1.47
N VAL C 426 -28.71 -43.91 1.37
CA VAL C 426 -27.95 -45.09 1.00
C VAL C 426 -28.06 -46.16 2.09
N ASN C 427 -28.19 -45.75 3.35
CA ASN C 427 -28.25 -46.68 4.48
C ASN C 427 -29.67 -46.82 5.04
N GLY C 428 -30.69 -46.56 4.22
CA GLY C 428 -32.07 -46.71 4.65
C GLY C 428 -32.52 -45.76 5.74
N ASP C 429 -32.14 -44.49 5.63
CA ASP C 429 -32.58 -43.46 6.56
C ASP C 429 -33.54 -42.52 5.84
N PRO C 430 -34.78 -42.38 6.31
CA PRO C 430 -35.76 -41.54 5.60
C PRO C 430 -35.30 -40.11 5.47
N VAL C 431 -35.63 -39.50 4.34
CA VAL C 431 -35.25 -38.12 4.02
C VAL C 431 -36.43 -37.22 4.36
N LYS C 432 -36.17 -36.19 5.17
CA LYS C 432 -37.22 -35.25 5.54
C LYS C 432 -37.41 -34.20 4.45
N LYS C 433 -38.67 -33.90 4.15
CA LYS C 433 -39.02 -32.95 3.12
C LYS C 433 -40.07 -31.99 3.64
N VAL C 434 -40.22 -30.85 2.99
CA VAL C 434 -41.18 -29.83 3.47
C VAL C 434 -41.90 -29.22 2.27
N ILE C 435 -43.09 -28.70 2.41
CA ILE C 435 -43.75 -28.13 1.20
C ILE C 435 -43.39 -26.66 1.13
N CYS C 436 -42.76 -26.19 0.07
CA CYS C 436 -42.49 -24.74 0.03
C CYS C 436 -43.04 -24.19 -1.25
N THR C 437 -43.90 -23.19 -1.23
CA THR C 437 -44.46 -22.66 -2.47
C THR C 437 -43.50 -21.67 -3.09
N GLY C 438 -43.42 -21.63 -4.41
CA GLY C 438 -42.57 -20.72 -5.15
C GLY C 438 -43.04 -20.55 -6.58
N PRO C 439 -42.47 -19.57 -7.28
CA PRO C 439 -42.89 -19.28 -8.66
C PRO C 439 -42.31 -20.31 -9.63
N ASN C 440 -43.19 -21.01 -10.34
CA ASN C 440 -42.75 -21.88 -11.42
C ASN C 440 -42.30 -21.03 -12.61
N ASP C 441 -41.53 -21.67 -13.50
CA ASP C 441 -40.94 -20.98 -14.65
C ASP C 441 -40.07 -19.81 -14.18
N THR C 442 -38.98 -20.19 -13.50
CA THR C 442 -38.11 -19.23 -12.80
C THR C 442 -37.76 -18.02 -13.65
N SER C 443 -37.78 -18.15 -14.96
CA SER C 443 -37.59 -16.99 -15.83
C SER C 443 -38.74 -16.02 -15.64
N PRO C 444 -38.51 -14.82 -15.10
CA PRO C 444 -39.63 -13.94 -14.72
C PRO C 444 -40.18 -13.15 -15.90
N GLY C 445 -39.77 -13.49 -17.12
CA GLY C 445 -40.33 -12.82 -18.28
C GLY C 445 -41.81 -13.07 -18.45
N SER C 446 -42.22 -14.33 -18.31
CA SER C 446 -43.64 -14.66 -18.38
C SER C 446 -44.30 -14.40 -17.02
N PRO C 447 -45.60 -14.09 -17.01
CA PRO C 447 -46.31 -13.93 -15.73
C PRO C 447 -46.24 -15.19 -14.88
N ARG C 448 -45.60 -15.08 -13.71
CA ARG C 448 -45.36 -16.23 -12.85
C ARG C 448 -46.46 -16.36 -11.81
N HIS C 449 -46.78 -17.60 -11.45
CA HIS C 449 -47.76 -17.90 -10.40
C HIS C 449 -47.16 -18.93 -9.46
N THR C 450 -47.39 -18.74 -8.16
CA THR C 450 -46.80 -19.61 -7.16
C THR C 450 -47.50 -20.97 -7.15
N VAL C 451 -46.69 -22.04 -7.11
CA VAL C 451 -47.20 -23.40 -7.02
C VAL C 451 -46.45 -24.13 -5.90
N PRO C 452 -47.08 -25.09 -5.23
CA PRO C 452 -46.37 -25.83 -4.18
C PRO C 452 -45.33 -26.78 -4.76
N GLN C 453 -44.23 -26.93 -4.04
CA GLN C 453 -43.14 -27.82 -4.45
C GLN C 453 -42.60 -28.50 -3.19
N CYS C 454 -41.51 -29.25 -3.35
CA CYS C 454 -40.86 -29.96 -2.26
C CYS C 454 -39.45 -29.41 -2.05
N CYS C 455 -39.06 -29.27 -0.80
CA CYS C 455 -37.75 -28.73 -0.45
C CYS C 455 -37.05 -29.66 0.54
N TYR C 456 -35.77 -29.91 0.30
CA TYR C 456 -34.94 -30.70 1.21
C TYR C 456 -33.48 -30.37 0.92
N GLY C 457 -32.63 -30.67 1.89
CA GLY C 457 -31.21 -30.45 1.73
C GLY C 457 -30.54 -30.16 3.07
N PHE C 458 -29.34 -29.61 2.98
CA PHE C 458 -28.55 -29.32 4.17
C PHE C 458 -29.22 -28.27 5.04
N CYS C 459 -29.79 -27.22 4.42
CA CYS C 459 -30.37 -26.12 5.17
C CYS C 459 -31.79 -26.42 5.65
N ILE C 460 -32.41 -27.50 5.17
CA ILE C 460 -33.80 -27.76 5.52
C ILE C 460 -33.89 -28.51 6.85
N ASP C 461 -33.07 -29.53 7.06
CA ASP C 461 -33.09 -30.27 8.30
C ASP C 461 -32.37 -29.55 9.44
N LEU C 462 -31.61 -28.50 9.13
CA LEU C 462 -31.11 -27.61 10.17
C LEU C 462 -32.24 -26.71 10.70
N LEU C 463 -33.14 -26.29 9.81
CA LEU C 463 -34.31 -25.54 10.26
C LEU C 463 -35.25 -26.42 11.08
N ILE C 464 -35.35 -27.70 10.73
CA ILE C 464 -36.25 -28.61 11.44
C ILE C 464 -35.80 -28.77 12.90
N LYS C 465 -34.50 -28.94 13.12
CA LYS C 465 -34.00 -29.09 14.49
C LYS C 465 -34.13 -27.78 15.26
N LEU C 466 -33.91 -26.65 14.60
CA LEU C 466 -34.03 -25.36 15.26
C LEU C 466 -35.46 -25.11 15.74
N ALA C 467 -36.45 -25.50 14.94
CA ALA C 467 -37.84 -25.32 15.33
C ALA C 467 -38.19 -26.19 16.54
N ARG C 468 -37.67 -27.42 16.57
CA ARG C 468 -37.98 -28.32 17.68
C ARG C 468 -37.43 -27.79 19.01
N THR C 469 -36.20 -27.27 18.99
CA THR C 469 -35.60 -26.79 20.22
C THR C 469 -36.27 -25.51 20.72
N MET C 470 -36.57 -24.58 19.82
CA MET C 470 -37.16 -23.30 20.20
C MET C 470 -38.68 -23.30 20.16
N GLN C 471 -39.31 -24.40 19.73
CA GLN C 471 -40.76 -24.59 19.79
C GLN C 471 -41.50 -23.48 19.03
N PHE C 472 -41.25 -23.45 17.72
CA PHE C 472 -41.98 -22.54 16.83
C PHE C 472 -42.34 -23.28 15.56
N THR C 473 -43.39 -22.81 14.89
CA THR C 473 -43.82 -23.32 13.61
C THR C 473 -43.41 -22.36 12.51
N TYR C 474 -43.37 -22.86 11.28
CA TYR C 474 -42.79 -22.11 10.18
C TYR C 474 -43.56 -22.37 8.89
N GLU C 475 -43.40 -21.51 7.90
CA GLU C 475 -43.88 -21.75 6.53
C GLU C 475 -42.74 -21.30 5.64
N VAL C 476 -42.40 -22.02 4.61
CA VAL C 476 -41.25 -21.84 3.74
C VAL C 476 -41.72 -21.48 2.34
N HIS C 477 -41.14 -20.42 1.78
CA HIS C 477 -41.39 -20.04 0.40
C HIS C 477 -40.07 -19.64 -0.24
N LEU C 478 -40.09 -19.51 -1.56
CA LEU C 478 -38.90 -19.17 -2.33
C LEU C 478 -38.92 -17.70 -2.72
N VAL C 479 -37.72 -17.14 -2.89
CA VAL C 479 -37.59 -15.74 -3.26
C VAL C 479 -38.14 -15.52 -4.66
N ALA C 480 -38.83 -14.40 -4.86
CA ALA C 480 -39.56 -14.17 -6.11
C ALA C 480 -38.60 -14.02 -7.28
N ASP C 481 -37.60 -13.16 -7.16
CA ASP C 481 -36.70 -12.86 -8.27
C ASP C 481 -35.48 -13.75 -8.32
N GLY C 482 -35.30 -14.66 -7.35
CA GLY C 482 -34.20 -15.59 -7.40
C GLY C 482 -32.83 -14.98 -7.20
N LYS C 483 -32.75 -13.85 -6.51
CA LYS C 483 -31.49 -13.17 -6.25
C LYS C 483 -31.12 -13.30 -4.78
N PHE C 484 -29.83 -13.07 -4.49
CA PHE C 484 -29.37 -13.09 -3.11
C PHE C 484 -29.58 -11.75 -2.44
N GLY C 485 -29.24 -10.66 -3.12
CA GLY C 485 -29.54 -9.34 -2.62
C GLY C 485 -28.38 -8.37 -2.60
N THR C 486 -28.55 -7.23 -3.26
CA THR C 486 -27.61 -6.11 -3.20
C THR C 486 -28.41 -4.83 -2.98
N GLN C 487 -27.72 -3.71 -2.89
CA GLN C 487 -28.35 -2.41 -2.70
C GLN C 487 -28.18 -1.61 -3.99
N GLU C 488 -29.29 -1.30 -4.65
CA GLU C 488 -29.27 -0.66 -5.95
C GLU C 488 -29.98 0.69 -5.87
N ARG C 489 -30.14 1.34 -7.02
CA ARG C 489 -30.75 2.65 -7.12
C ARG C 489 -32.11 2.55 -7.81
N VAL C 490 -33.06 3.35 -7.34
CA VAL C 490 -34.40 3.35 -7.94
C VAL C 490 -34.36 4.06 -9.30
N GLN C 491 -33.27 4.78 -9.58
CA GLN C 491 -33.06 5.49 -10.84
C GLN C 491 -34.07 6.62 -11.03
N ASN C 492 -34.81 6.96 -9.97
CA ASN C 492 -35.75 8.07 -10.02
C ASN C 492 -35.36 9.15 -9.03
N SER C 493 -35.15 8.76 -7.77
CA SER C 493 -34.82 9.70 -6.71
C SER C 493 -33.56 9.26 -5.98
N ASN C 494 -33.26 9.92 -4.85
CA ASN C 494 -32.09 9.58 -4.07
C ASN C 494 -32.40 8.48 -3.07
N LYS C 495 -33.41 7.67 -3.37
CA LYS C 495 -33.80 6.54 -2.53
C LYS C 495 -33.01 5.31 -2.97
N LYS C 496 -32.49 4.57 -2.01
CA LYS C 496 -31.64 3.42 -2.27
C LYS C 496 -32.18 2.25 -1.47
N GLU C 497 -32.45 1.12 -2.15
CA GLU C 497 -33.24 0.04 -1.58
C GLU C 497 -32.70 -1.31 -2.03
N TRP C 498 -32.99 -2.33 -1.22
CA TRP C 498 -32.43 -3.67 -1.39
C TRP C 498 -33.35 -4.54 -2.23
N ASN C 499 -32.76 -5.50 -2.94
CA ASN C 499 -33.51 -6.46 -3.74
C ASN C 499 -33.23 -7.87 -3.25
N GLY C 500 -33.77 -8.86 -3.97
CA GLY C 500 -33.60 -10.25 -3.58
C GLY C 500 -34.31 -10.55 -2.27
N MET C 501 -33.88 -11.63 -1.62
CA MET C 501 -34.42 -11.97 -0.30
C MET C 501 -33.82 -11.12 0.80
N MET C 502 -32.75 -10.37 0.50
CA MET C 502 -32.23 -9.40 1.46
C MET C 502 -33.23 -8.29 1.73
N GLY C 503 -33.91 -7.82 0.69
CA GLY C 503 -34.94 -6.81 0.85
C GLY C 503 -36.29 -7.40 1.23
N GLU C 504 -36.44 -8.71 1.01
CA GLU C 504 -37.66 -9.39 1.43
C GLU C 504 -37.78 -9.44 2.95
N LEU C 505 -36.65 -9.66 3.63
CA LEU C 505 -36.67 -9.67 5.10
C LEU C 505 -36.90 -8.28 5.66
N LEU C 506 -36.34 -7.26 5.01
CA LEU C 506 -36.47 -5.89 5.49
C LEU C 506 -37.86 -5.30 5.26
N SER C 507 -38.62 -5.85 4.31
CA SER C 507 -39.94 -5.34 3.99
C SER C 507 -41.05 -6.03 4.77
N GLY C 508 -40.72 -6.96 5.66
CA GLY C 508 -41.70 -7.64 6.46
C GLY C 508 -42.29 -8.89 5.84
N GLN C 509 -41.92 -9.23 4.61
CA GLN C 509 -42.45 -10.43 3.97
C GLN C 509 -41.89 -11.72 4.54
N ALA C 510 -40.81 -11.65 5.31
CA ALA C 510 -40.22 -12.83 5.91
C ALA C 510 -39.66 -12.47 7.28
N ASP C 511 -39.51 -13.49 8.12
CA ASP C 511 -38.98 -13.31 9.46
C ASP C 511 -37.58 -13.88 9.65
N MET C 512 -37.16 -14.81 8.80
CA MET C 512 -35.85 -15.44 8.93
C MET C 512 -35.38 -15.89 7.56
N ILE C 513 -34.06 -15.91 7.39
CA ILE C 513 -33.42 -16.40 6.17
C ILE C 513 -32.62 -17.63 6.53
N VAL C 514 -32.98 -18.76 5.93
CA VAL C 514 -32.29 -20.03 6.13
C VAL C 514 -31.79 -20.48 4.77
N ALA C 515 -30.57 -20.09 4.43
CA ALA C 515 -29.96 -20.35 3.13
C ALA C 515 -28.47 -20.01 3.22
N PRO C 516 -27.65 -20.42 2.24
CA PRO C 516 -26.24 -20.00 2.28
C PRO C 516 -26.10 -18.52 1.97
N LEU C 517 -25.83 -17.73 3.00
CA LEU C 517 -25.74 -16.28 2.89
C LEU C 517 -24.45 -15.82 3.55
N THR C 518 -23.58 -15.18 2.77
CA THR C 518 -22.28 -14.77 3.28
C THR C 518 -22.41 -13.53 4.16
N ILE C 519 -21.64 -13.50 5.24
CA ILE C 519 -21.62 -12.36 6.14
C ILE C 519 -20.60 -11.35 5.64
N ASN C 520 -21.06 -10.13 5.37
CA ASN C 520 -20.18 -9.07 4.89
C ASN C 520 -20.56 -7.76 5.56
N ASN C 521 -19.72 -6.74 5.34
CA ASN C 521 -19.92 -5.46 6.01
C ASN C 521 -21.19 -4.77 5.55
N GLU C 522 -21.50 -4.84 4.24
CA GLU C 522 -22.63 -4.11 3.70
C GLU C 522 -23.95 -4.60 4.29
N ARG C 523 -24.13 -5.91 4.39
CA ARG C 523 -25.38 -6.47 4.91
C ARG C 523 -25.48 -6.37 6.42
N ALA C 524 -24.35 -6.33 7.12
CA ALA C 524 -24.35 -6.31 8.58
C ALA C 524 -24.84 -4.98 9.16
N GLN C 525 -24.98 -3.95 8.34
CA GLN C 525 -25.44 -2.65 8.83
C GLN C 525 -26.97 -2.55 8.88
N TYR C 526 -27.69 -3.53 8.35
CA TYR C 526 -29.15 -3.48 8.31
C TYR C 526 -29.83 -4.65 8.99
N ILE C 527 -29.19 -5.81 9.06
CA ILE C 527 -29.76 -6.99 9.70
C ILE C 527 -28.75 -7.54 10.71
N GLU C 528 -29.16 -8.59 11.42
CA GLU C 528 -28.35 -9.24 12.44
C GLU C 528 -27.98 -10.64 11.99
N PHE C 529 -26.69 -10.96 12.06
CA PHE C 529 -26.19 -12.28 11.73
C PHE C 529 -25.88 -13.07 12.98
N SER C 530 -26.00 -14.40 12.87
CA SER C 530 -25.64 -15.31 13.94
C SER C 530 -24.23 -15.85 13.69
N LYS C 531 -23.75 -16.66 14.63
CA LYS C 531 -22.45 -17.29 14.45
C LYS C 531 -22.50 -18.23 13.25
N PRO C 532 -21.46 -18.23 12.43
CA PRO C 532 -21.49 -19.04 11.19
C PRO C 532 -21.61 -20.53 11.48
N PHE C 533 -22.40 -21.20 10.66
CA PHE C 533 -22.53 -22.66 10.69
C PHE C 533 -21.73 -23.33 9.59
N LYS C 534 -20.93 -22.57 8.84
CA LYS C 534 -20.10 -23.13 7.78
C LYS C 534 -19.01 -22.12 7.45
N TYR C 535 -17.76 -22.59 7.44
CA TYR C 535 -16.61 -21.77 7.11
C TYR C 535 -16.11 -22.15 5.74
N GLN C 536 -15.93 -21.15 4.87
CA GLN C 536 -15.59 -21.40 3.47
C GLN C 536 -14.99 -20.13 2.89
N GLY C 537 -14.80 -20.12 1.58
CA GLY C 537 -14.23 -18.98 0.90
C GLY C 537 -14.62 -18.95 -0.56
N LEU C 538 -13.81 -18.26 -1.35
CA LEU C 538 -14.04 -18.12 -2.78
C LEU C 538 -12.96 -18.86 -3.56
N THR C 539 -13.37 -19.52 -4.64
CA THR C 539 -12.45 -20.28 -5.48
C THR C 539 -12.90 -20.14 -6.94
N ILE C 540 -12.17 -20.81 -7.84
CA ILE C 540 -12.41 -20.70 -9.27
C ILE C 540 -12.64 -22.10 -9.83
N LEU C 541 -13.62 -22.23 -10.72
CA LEU C 541 -13.98 -23.49 -11.34
C LEU C 541 -13.65 -23.44 -12.82
N VAL C 542 -12.89 -24.42 -13.30
CA VAL C 542 -12.50 -24.51 -14.71
C VAL C 542 -12.81 -25.93 -15.20
N LYS C 543 -12.44 -26.19 -16.45
CA LYS C 543 -12.66 -27.49 -17.07
C LYS C 543 -11.38 -28.32 -17.01
N LYS C 544 -11.57 -29.62 -16.89
CA LYS C 544 -10.43 -30.56 -16.77
C LYS C 544 -9.83 -30.88 -18.13
N GLU C 545 -8.52 -30.83 -18.20
CA GLU C 545 -7.72 -31.11 -19.41
C GLU C 545 -7.81 -32.59 -19.76
N ILE C 546 -7.84 -32.89 -21.05
CA ILE C 546 -7.98 -34.22 -21.63
C ILE C 546 -6.74 -35.04 -21.31
N PRO C 547 -6.88 -36.23 -20.73
CA PRO C 547 -5.71 -37.05 -20.42
C PRO C 547 -5.03 -37.56 -21.67
N ARG C 548 -3.72 -37.77 -21.56
CA ARG C 548 -2.94 -38.29 -22.68
C ARG C 548 -3.23 -39.77 -22.90
N SER C 549 -3.27 -40.19 -24.16
CA SER C 549 -3.52 -41.58 -24.49
C SER C 549 -2.21 -42.36 -24.59
N THR C 550 -2.34 -43.69 -24.60
CA THR C 550 -1.18 -44.56 -24.69
C THR C 550 -0.72 -44.79 -26.13
N LEU C 551 -1.49 -44.36 -27.11
CA LEU C 551 -1.14 -44.48 -28.53
C LEU C 551 -0.99 -45.93 -28.95
N ASP C 552 -0.43 -46.16 -30.13
CA ASP C 552 -0.16 -47.52 -30.59
C ASP C 552 1.12 -48.04 -29.96
N SER C 553 1.10 -49.29 -29.49
CA SER C 553 2.25 -49.85 -28.79
C SER C 553 3.48 -49.92 -29.70
N PHE C 554 3.29 -50.33 -30.95
CA PHE C 554 4.43 -50.50 -31.86
C PHE C 554 4.99 -49.15 -32.29
N MET C 555 4.13 -48.17 -32.55
CA MET C 555 4.56 -46.92 -33.18
C MET C 555 4.93 -45.82 -32.19
N GLN C 556 4.50 -45.93 -30.94
CA GLN C 556 4.74 -44.83 -29.99
C GLN C 556 6.22 -44.60 -29.72
N PRO C 557 7.04 -45.62 -29.35
CA PRO C 557 8.45 -45.31 -29.03
C PRO C 557 9.40 -45.52 -30.20
N PHE C 558 8.91 -46.09 -31.29
CA PHE C 558 9.75 -46.39 -32.45
C PHE C 558 9.07 -45.92 -33.73
N GLN C 559 9.81 -45.16 -34.54
CA GLN C 559 9.33 -44.79 -35.86
C GLN C 559 9.35 -46.00 -36.79
N SER C 560 8.43 -45.99 -37.76
CA SER C 560 8.33 -47.11 -38.71
C SER C 560 9.61 -47.31 -39.51
N THR C 561 10.41 -46.25 -39.70
CA THR C 561 11.68 -46.41 -40.40
C THR C 561 12.69 -47.19 -39.57
N LEU C 562 12.61 -47.05 -38.24
CA LEU C 562 13.51 -47.79 -37.36
C LEU C 562 13.25 -49.30 -37.45
N TRP C 563 11.98 -49.69 -37.56
CA TRP C 563 11.66 -51.10 -37.71
C TRP C 563 12.27 -51.67 -38.99
N LEU C 564 12.25 -50.89 -40.08
CA LEU C 564 12.83 -51.34 -41.33
C LEU C 564 14.34 -51.54 -41.19
N LEU C 565 15.02 -50.60 -40.54
CA LEU C 565 16.46 -50.70 -40.39
C LEU C 565 16.85 -51.93 -39.57
N VAL C 566 16.15 -52.17 -38.46
CA VAL C 566 16.40 -53.38 -37.69
C VAL C 566 15.79 -54.59 -38.41
N GLY C 567 14.77 -54.36 -39.24
CA GLY C 567 14.19 -55.45 -40.00
C GLY C 567 15.13 -55.98 -41.08
N LEU C 568 15.91 -55.08 -41.69
CA LEU C 568 16.81 -55.51 -42.75
C LEU C 568 18.15 -56.01 -42.21
N SER C 569 18.59 -55.49 -41.07
CA SER C 569 19.91 -55.86 -40.54
C SER C 569 19.98 -57.31 -40.11
N VAL C 570 18.86 -57.92 -39.73
CA VAL C 570 18.88 -59.34 -39.34
C VAL C 570 19.23 -60.20 -40.54
N HIS C 571 18.75 -59.84 -41.74
CA HIS C 571 19.13 -60.56 -42.94
C HIS C 571 20.59 -60.32 -43.31
N VAL C 572 21.11 -59.11 -43.06
CA VAL C 572 22.51 -58.82 -43.34
C VAL C 572 23.41 -59.71 -42.49
N VAL C 573 23.07 -59.88 -41.22
CA VAL C 573 23.82 -60.81 -40.37
C VAL C 573 23.69 -62.24 -40.89
N ALA C 574 22.48 -62.63 -41.29
CA ALA C 574 22.28 -63.96 -41.86
C ALA C 574 23.08 -64.14 -43.14
N VAL C 575 23.11 -63.11 -44.00
CA VAL C 575 23.92 -63.16 -45.21
C VAL C 575 25.40 -63.22 -44.85
N MET C 576 25.81 -62.50 -43.80
CA MET C 576 27.21 -62.51 -43.38
C MET C 576 27.65 -63.91 -42.98
N LEU C 577 26.80 -64.65 -42.26
CA LEU C 577 27.13 -66.03 -41.91
C LEU C 577 27.22 -66.91 -43.16
N TYR C 578 26.46 -66.60 -44.19
CA TYR C 578 26.54 -67.37 -45.43
C TYR C 578 27.90 -67.21 -46.10
N LEU C 579 28.53 -66.03 -45.97
CA LEU C 579 29.86 -65.84 -46.52
C LEU C 579 30.90 -66.71 -45.82
N LEU C 580 30.73 -66.97 -44.52
CA LEU C 580 31.67 -67.82 -43.82
C LEU C 580 31.50 -69.28 -44.23
N ASP C 581 30.31 -69.68 -44.67
CA ASP C 581 30.09 -71.04 -45.14
C ASP C 581 30.83 -71.29 -46.46
N ARG C 582 30.83 -70.28 -47.34
CA ARG C 582 31.49 -70.44 -48.64
C ARG C 582 33.01 -70.45 -48.49
N PHE C 583 33.54 -69.53 -47.68
CA PHE C 583 34.98 -69.45 -47.50
C PHE C 583 35.53 -70.66 -46.76
N SER C 584 34.84 -71.09 -45.70
CA SER C 584 35.28 -72.24 -44.92
C SER C 584 34.13 -72.81 -44.10
N THR C 602 25.01 -72.98 -42.94
CA THR C 602 23.83 -73.63 -43.48
C THR C 602 22.86 -72.53 -43.69
N LEU C 603 22.45 -72.28 -44.92
CA LEU C 603 21.61 -71.13 -45.18
C LEU C 603 20.17 -71.08 -44.69
N SER C 604 19.68 -72.20 -44.22
CA SER C 604 18.36 -72.22 -43.63
C SER C 604 18.50 -72.17 -42.08
N SER C 605 19.47 -72.91 -41.54
CA SER C 605 19.59 -72.98 -40.10
C SER C 605 19.92 -71.67 -39.54
N ALA C 606 20.86 -70.99 -40.17
CA ALA C 606 21.31 -69.66 -39.74
C ALA C 606 20.28 -68.53 -39.99
N MET C 607 19.24 -68.79 -40.76
CA MET C 607 18.25 -67.80 -40.95
C MET C 607 17.63 -67.61 -39.61
N TRP C 608 17.26 -68.71 -38.95
CA TRP C 608 16.60 -68.72 -37.67
C TRP C 608 17.42 -68.14 -36.55
N PHE C 609 18.70 -68.49 -36.49
CA PHE C 609 19.57 -68.08 -35.40
C PHE C 609 19.62 -66.61 -35.27
N SER C 610 19.73 -65.90 -36.34
CA SER C 610 19.78 -64.47 -36.25
C SER C 610 18.48 -63.91 -35.71
N TRP C 611 17.35 -64.45 -36.11
CA TRP C 611 16.12 -63.91 -35.59
C TRP C 611 15.92 -64.40 -34.20
N GLY C 612 16.23 -65.64 -33.93
CA GLY C 612 15.95 -66.15 -32.59
C GLY C 612 16.58 -65.32 -31.49
N VAL C 613 17.79 -64.81 -31.73
CA VAL C 613 18.47 -63.99 -30.72
C VAL C 613 17.68 -62.72 -30.46
N LEU C 614 17.17 -62.08 -31.51
CA LEU C 614 16.38 -60.87 -31.34
C LEU C 614 15.11 -61.13 -30.54
N LEU C 615 14.46 -62.27 -30.79
CA LEU C 615 13.22 -62.62 -30.12
C LEU C 615 13.44 -63.53 -28.91
N ASN C 616 14.69 -63.66 -28.45
CA ASN C 616 15.12 -64.43 -27.27
C ASN C 616 14.29 -65.69 -27.06
N SER C 617 14.09 -66.46 -28.12
CA SER C 617 13.33 -67.70 -28.08
C SER C 617 14.25 -68.87 -28.44
N GLY C 618 13.97 -70.04 -27.85
CA GLY C 618 14.78 -71.22 -28.06
C GLY C 618 14.61 -71.92 -29.39
N ILE C 619 14.07 -71.23 -30.40
CA ILE C 619 13.86 -71.86 -31.69
C ILE C 619 15.21 -72.04 -32.40
N GLY C 620 15.46 -73.26 -32.85
CA GLY C 620 16.68 -73.57 -33.59
C GLY C 620 17.82 -73.96 -32.68
N GLU C 621 18.76 -74.73 -33.25
CA GLU C 621 19.95 -75.17 -32.52
C GLU C 621 21.19 -75.06 -33.39
N GLY C 622 21.26 -74.05 -34.25
CA GLY C 622 22.39 -73.89 -35.14
C GLY C 622 23.43 -72.90 -34.63
N ALA C 623 24.53 -73.42 -34.08
CA ALA C 623 25.63 -72.60 -33.60
C ALA C 623 26.60 -72.27 -34.71
N PRO C 624 27.27 -71.12 -34.65
CA PRO C 624 28.27 -70.79 -35.67
C PRO C 624 29.45 -71.75 -35.62
N ARG C 625 30.02 -72.00 -36.80
CA ARG C 625 31.11 -72.96 -36.93
C ARG C 625 32.47 -72.28 -36.91
N SER C 626 32.68 -71.28 -37.77
CA SER C 626 33.98 -70.62 -37.86
C SER C 626 34.27 -69.80 -36.61
N PHE C 627 35.57 -69.66 -36.31
CA PHE C 627 35.97 -68.84 -35.17
C PHE C 627 35.58 -67.38 -35.37
N SER C 628 35.81 -66.86 -36.58
CA SER C 628 35.39 -65.49 -36.87
C SER C 628 33.87 -65.37 -36.90
N ALA C 629 33.19 -66.40 -37.42
CA ALA C 629 31.73 -66.40 -37.37
C ALA C 629 31.22 -66.45 -35.93
N ARG C 630 32.00 -67.05 -35.03
CA ARG C 630 31.59 -67.12 -33.62
C ARG C 630 31.55 -65.73 -33.00
N ILE C 631 32.53 -64.89 -33.30
CA ILE C 631 32.59 -63.56 -32.68
C ILE C 631 31.63 -62.59 -33.35
N LEU C 632 31.21 -62.86 -34.59
CA LEU C 632 30.23 -61.98 -35.23
C LEU C 632 28.89 -62.07 -34.53
N GLY C 633 28.41 -63.29 -34.27
CA GLY C 633 27.21 -63.46 -33.47
C GLY C 633 27.38 -63.14 -32.01
N MET C 634 28.64 -63.14 -31.54
CA MET C 634 28.92 -62.71 -30.17
C MET C 634 28.54 -61.25 -29.97
N VAL C 635 28.85 -60.40 -30.94
CA VAL C 635 28.43 -59.00 -30.88
C VAL C 635 26.93 -58.88 -31.15
N TRP C 636 26.40 -59.76 -32.00
CA TRP C 636 24.99 -59.68 -32.36
C TRP C 636 24.07 -59.87 -31.16
N ALA C 637 24.50 -60.67 -30.18
CA ALA C 637 23.71 -60.84 -28.97
C ALA C 637 23.62 -59.53 -28.20
N GLY C 638 24.74 -58.79 -28.13
CA GLY C 638 24.73 -57.52 -27.43
C GLY C 638 23.85 -56.47 -28.07
N PHE C 639 23.72 -56.50 -29.39
CA PHE C 639 22.87 -55.53 -30.09
C PHE C 639 21.42 -55.68 -29.67
N ALA C 640 20.94 -56.92 -29.52
CA ALA C 640 19.56 -57.15 -29.13
C ALA C 640 19.29 -56.63 -27.73
N MET C 641 20.26 -56.77 -26.82
CA MET C 641 20.08 -56.31 -25.45
C MET C 641 19.92 -54.79 -25.41
N ILE C 642 20.69 -54.08 -26.25
CA ILE C 642 20.70 -52.62 -26.19
C ILE C 642 19.34 -52.06 -26.61
N ILE C 643 18.81 -52.53 -27.73
CA ILE C 643 17.56 -51.96 -28.26
C ILE C 643 16.38 -52.31 -27.36
N VAL C 644 16.38 -53.52 -26.80
CA VAL C 644 15.30 -53.92 -25.89
C VAL C 644 15.34 -53.08 -24.62
N ALA C 645 16.54 -52.87 -24.07
CA ALA C 645 16.65 -52.05 -22.86
C ALA C 645 16.21 -50.62 -23.11
N SER C 646 16.58 -50.05 -24.26
CA SER C 646 16.14 -48.70 -24.59
C SER C 646 14.65 -48.66 -24.85
N TYR C 647 14.08 -49.76 -25.33
CA TYR C 647 12.64 -49.80 -25.60
C TYR C 647 11.83 -49.61 -24.32
N THR C 648 12.17 -50.35 -23.28
CA THR C 648 11.52 -50.27 -21.95
C THR C 648 11.81 -48.95 -21.27
N ALA C 649 13.01 -48.49 -21.41
CA ALA C 649 13.40 -47.27 -20.72
C ALA C 649 12.64 -46.06 -21.24
N ASN C 650 12.61 -45.94 -22.56
CA ASN C 650 11.97 -44.78 -23.21
C ASN C 650 10.50 -44.79 -22.84
N LEU C 651 9.89 -45.96 -22.89
CA LEU C 651 8.45 -46.06 -22.63
C LEU C 651 8.17 -45.56 -21.24
N ALA C 652 8.94 -45.94 -20.23
CA ALA C 652 8.59 -45.50 -18.87
C ALA C 652 8.67 -43.99 -18.82
N ALA C 653 9.70 -43.40 -19.39
CA ALA C 653 9.81 -41.92 -19.40
C ALA C 653 8.55 -41.32 -19.99
N PHE C 654 8.06 -41.91 -21.06
CA PHE C 654 6.84 -41.37 -21.66
C PHE C 654 5.70 -41.46 -20.65
N LEU C 655 5.51 -42.59 -19.97
CA LEU C 655 4.39 -42.66 -19.00
C LEU C 655 4.61 -41.64 -17.87
N VAL C 656 5.80 -41.45 -17.34
CA VAL C 656 5.86 -40.47 -16.21
C VAL C 656 5.63 -39.01 -16.62
N LEU C 657 6.35 -38.50 -17.63
CA LEU C 657 6.38 -37.09 -17.99
C LEU C 657 5.03 -36.65 -18.57
N ASP C 658 4.55 -35.51 -18.11
CA ASP C 658 3.30 -34.93 -18.57
C ASP C 658 3.50 -33.45 -18.89
N ARG C 659 2.59 -32.91 -19.68
CA ARG C 659 2.67 -31.50 -20.05
C ARG C 659 2.48 -30.65 -18.80
N PRO C 660 3.36 -29.66 -18.56
CA PRO C 660 3.19 -28.82 -17.36
C PRO C 660 1.87 -28.09 -17.32
N GLU C 661 1.36 -27.66 -18.48
CA GLU C 661 0.05 -27.03 -18.62
C GLU C 661 -0.07 -25.73 -17.81
N GLU C 662 -1.23 -25.09 -17.90
CA GLU C 662 -1.51 -23.86 -17.17
C GLU C 662 -2.88 -24.00 -16.54
N ARG C 663 -2.94 -23.82 -15.21
CA ARG C 663 -4.15 -24.15 -14.45
C ARG C 663 -4.56 -23.00 -13.54
N ILE C 664 -4.37 -21.76 -13.98
CA ILE C 664 -4.88 -20.57 -13.30
C ILE C 664 -4.46 -20.57 -11.83
N THR C 665 -3.20 -20.23 -11.57
CA THR C 665 -2.61 -20.28 -10.23
C THR C 665 -3.50 -19.64 -9.15
N GLY C 666 -4.26 -18.62 -9.51
CA GLY C 666 -5.16 -18.02 -8.54
C GLY C 666 -5.73 -16.70 -9.04
N ILE C 667 -6.13 -15.87 -8.10
CA ILE C 667 -6.68 -14.55 -8.43
C ILE C 667 -5.61 -13.60 -8.94
N ASN C 668 -4.34 -13.91 -8.70
CA ASN C 668 -3.23 -13.08 -9.16
C ASN C 668 -2.65 -13.56 -10.49
N ASP C 669 -3.32 -14.51 -11.15
CA ASP C 669 -2.85 -15.00 -12.43
C ASP C 669 -2.87 -13.88 -13.46
N PRO C 670 -1.84 -13.75 -14.30
CA PRO C 670 -1.82 -12.64 -15.28
C PRO C 670 -2.96 -12.67 -16.28
N ARG C 671 -3.57 -13.85 -16.51
CA ARG C 671 -4.69 -13.92 -17.44
C ARG C 671 -5.93 -13.20 -16.90
N LEU C 672 -6.01 -13.05 -15.57
CA LEU C 672 -7.14 -12.37 -14.96
C LEU C 672 -6.86 -10.89 -14.71
N ARG C 673 -5.64 -10.55 -14.27
CA ARG C 673 -5.31 -9.17 -14.01
C ARG C 673 -5.30 -8.34 -15.29
N ASN C 674 -4.84 -8.94 -16.39
CA ASN C 674 -4.84 -8.30 -17.71
C ASN C 674 -5.69 -9.16 -18.64
N PRO C 675 -7.01 -8.94 -18.67
CA PRO C 675 -7.89 -9.84 -19.43
C PRO C 675 -7.92 -9.47 -20.91
N SER C 676 -7.65 -10.45 -21.76
CA SER C 676 -7.81 -10.30 -23.19
C SER C 676 -9.20 -10.78 -23.59
N ASP C 677 -9.44 -10.90 -24.90
CA ASP C 677 -10.71 -11.38 -25.41
C ASP C 677 -10.72 -12.90 -25.59
N LYS C 678 -9.59 -13.56 -25.40
CA LYS C 678 -9.52 -15.02 -25.51
C LYS C 678 -9.81 -15.74 -24.20
N PHE C 679 -10.01 -15.01 -23.11
CA PHE C 679 -10.33 -15.61 -21.82
C PHE C 679 -11.52 -14.89 -21.23
N ILE C 680 -12.62 -15.58 -20.97
CA ILE C 680 -13.76 -14.87 -20.36
C ILE C 680 -14.14 -15.60 -19.08
N TYR C 681 -14.33 -14.86 -17.99
CA TYR C 681 -14.72 -15.29 -16.66
C TYR C 681 -15.80 -14.36 -16.14
N ALA C 682 -16.68 -14.90 -15.29
CA ALA C 682 -17.82 -14.13 -14.80
C ALA C 682 -18.27 -14.73 -13.47
N THR C 683 -19.38 -14.20 -12.96
CA THR C 683 -19.96 -14.63 -11.69
C THR C 683 -21.47 -14.46 -11.79
N VAL C 684 -22.15 -14.49 -10.64
CA VAL C 684 -23.61 -14.38 -10.58
C VAL C 684 -23.98 -12.93 -10.29
N LYS C 685 -24.98 -12.43 -11.01
CA LYS C 685 -25.41 -11.05 -10.86
C LYS C 685 -26.06 -10.82 -9.51
N GLN C 686 -25.87 -9.65 -8.93
CA GLN C 686 -26.47 -9.24 -7.65
C GLN C 686 -26.18 -10.21 -6.53
N SER C 687 -24.94 -10.48 -6.21
CA SER C 687 -24.54 -11.43 -5.13
C SER C 687 -23.41 -10.83 -4.31
N SER C 688 -22.78 -11.57 -3.42
CA SER C 688 -21.74 -10.96 -2.61
C SER C 688 -20.40 -10.95 -3.33
N VAL C 689 -20.22 -11.70 -4.42
CA VAL C 689 -19.02 -11.59 -5.22
C VAL C 689 -18.99 -10.27 -5.97
N ASP C 690 -20.16 -9.79 -6.42
CA ASP C 690 -20.22 -8.49 -7.09
C ASP C 690 -19.82 -7.37 -6.14
N ILE C 691 -20.24 -7.46 -4.87
CA ILE C 691 -19.89 -6.43 -3.89
C ILE C 691 -18.39 -6.38 -3.67
N TYR C 692 -17.74 -7.55 -3.67
CA TYR C 692 -16.31 -7.61 -3.38
C TYR C 692 -15.49 -6.90 -4.45
N PHE C 693 -15.79 -7.16 -5.73
CA PHE C 693 -15.00 -6.58 -6.81
C PHE C 693 -15.34 -5.12 -7.05
N ARG C 694 -16.61 -4.75 -6.92
CA ARG C 694 -17.03 -3.38 -7.21
C ARG C 694 -16.50 -2.37 -6.19
N ARG C 695 -16.22 -2.80 -4.96
CA ARG C 695 -15.93 -1.90 -3.85
C ARG C 695 -14.51 -1.39 -3.83
N GLN C 696 -13.59 -2.32 -3.99
CA GLN C 696 -12.15 -2.01 -3.89
C GLN C 696 -11.55 -1.76 -5.25
N VAL C 697 -10.98 -0.55 -5.42
CA VAL C 697 -10.48 0.20 -6.62
C VAL C 697 -9.33 -0.41 -7.36
N GLU C 698 -8.64 -1.38 -6.83
CA GLU C 698 -7.54 -1.93 -7.64
C GLU C 698 -8.02 -3.17 -8.38
N LEU C 699 -9.31 -3.44 -8.39
CA LEU C 699 -9.80 -4.59 -9.15
C LEU C 699 -10.71 -4.09 -10.25
N SER C 700 -10.66 -2.82 -10.63
CA SER C 700 -11.56 -2.17 -11.61
C SER C 700 -11.48 -2.80 -12.97
N THR C 701 -10.30 -3.11 -13.41
CA THR C 701 -10.16 -3.76 -14.71
C THR C 701 -10.89 -5.07 -14.73
N MET C 702 -10.77 -5.87 -13.67
CA MET C 702 -11.42 -7.18 -13.56
C MET C 702 -12.93 -7.04 -13.45
N TYR C 703 -13.41 -6.05 -12.70
CA TYR C 703 -14.86 -5.86 -12.56
C TYR C 703 -15.50 -5.47 -13.88
N ARG C 704 -14.82 -4.64 -14.68
CA ARG C 704 -15.36 -4.23 -15.96
C ARG C 704 -15.54 -5.43 -16.90
N HIS C 705 -14.58 -6.35 -16.90
CA HIS C 705 -14.65 -7.51 -17.77
C HIS C 705 -15.82 -8.41 -17.40
N MET C 706 -16.04 -8.62 -16.11
CA MET C 706 -17.09 -9.56 -15.68
C MET C 706 -18.49 -8.97 -15.83
N GLU C 707 -18.62 -7.65 -15.80
CA GLU C 707 -19.94 -7.03 -15.73
C GLU C 707 -20.79 -7.38 -16.94
N LYS C 708 -20.17 -7.56 -18.12
CA LYS C 708 -20.90 -7.86 -19.34
C LYS C 708 -21.06 -9.36 -19.58
N HIS C 709 -20.61 -10.21 -18.65
CA HIS C 709 -20.70 -11.65 -18.83
C HIS C 709 -21.37 -12.36 -17.67
N ASN C 710 -21.80 -11.65 -16.63
CA ASN C 710 -22.35 -12.29 -15.45
C ASN C 710 -23.68 -12.97 -15.77
N TYR C 711 -23.99 -14.01 -15.00
CA TYR C 711 -25.16 -14.85 -15.23
C TYR C 711 -26.25 -14.53 -14.20
N GLU C 712 -27.38 -15.22 -14.34
CA GLU C 712 -28.51 -15.04 -13.44
C GLU C 712 -28.49 -16.03 -12.27
N SER C 713 -28.13 -17.28 -12.45
CA SER C 713 -28.06 -18.26 -11.34
C SER C 713 -26.84 -19.13 -11.47
N ALA C 714 -26.46 -19.88 -10.45
CA ALA C 714 -25.23 -20.65 -10.54
C ALA C 714 -25.42 -21.95 -11.27
N ALA C 715 -26.63 -22.43 -11.45
CA ALA C 715 -26.84 -23.66 -12.21
C ALA C 715 -26.47 -23.39 -13.66
N GLU C 716 -26.81 -22.23 -14.17
CA GLU C 716 -26.46 -21.76 -15.53
C GLU C 716 -24.96 -21.53 -15.72
N ALA C 717 -24.26 -20.91 -14.79
CA ALA C 717 -22.82 -20.73 -14.96
C ALA C 717 -22.07 -22.05 -14.90
N ILE C 718 -22.50 -22.98 -14.05
CA ILE C 718 -21.85 -24.28 -13.99
C ILE C 718 -22.08 -25.05 -15.28
N GLN C 719 -23.30 -24.98 -15.82
CA GLN C 719 -23.58 -25.63 -17.10
C GLN C 719 -22.77 -25.00 -18.23
N ALA C 720 -22.59 -23.67 -18.20
CA ALA C 720 -21.84 -22.98 -19.22
C ALA C 720 -20.34 -23.24 -19.16
N VAL C 721 -19.88 -24.00 -18.17
CA VAL C 721 -18.47 -24.36 -18.07
C VAL C 721 -18.29 -25.76 -18.65
N ARG C 722 -19.33 -26.58 -18.54
CA ARG C 722 -19.27 -27.94 -19.08
C ARG C 722 -19.05 -27.90 -20.59
N ASP C 723 -19.74 -27.00 -21.28
CA ASP C 723 -19.40 -26.63 -22.64
C ASP C 723 -18.47 -25.42 -22.61
N ASN C 724 -17.88 -25.11 -23.77
CA ASN C 724 -16.79 -24.14 -23.80
C ASN C 724 -17.27 -22.72 -24.00
N LYS C 725 -18.51 -22.41 -23.59
CA LYS C 725 -19.00 -21.04 -23.65
C LYS C 725 -18.44 -20.16 -22.55
N LEU C 726 -17.95 -20.76 -21.45
CA LEU C 726 -17.32 -20.02 -20.37
C LEU C 726 -16.05 -20.74 -19.95
N HIS C 727 -15.05 -19.97 -19.55
CA HIS C 727 -13.73 -20.53 -19.21
C HIS C 727 -13.45 -20.57 -17.73
N ALA C 728 -14.03 -19.69 -16.92
CA ALA C 728 -13.79 -19.67 -15.50
C ALA C 728 -15.01 -19.13 -14.78
N PHE C 729 -15.34 -19.73 -13.63
CA PHE C 729 -16.46 -19.31 -12.81
C PHE C 729 -15.97 -19.10 -11.39
N ILE C 730 -16.32 -17.95 -10.80
CA ILE C 730 -15.94 -17.61 -9.44
C ILE C 730 -17.18 -17.67 -8.57
N TRP C 731 -17.14 -18.49 -7.53
CA TRP C 731 -18.29 -18.71 -6.66
C TRP C 731 -17.76 -19.20 -5.31
N ASP C 732 -18.69 -19.57 -4.43
CA ASP C 732 -18.33 -20.04 -3.10
C ASP C 732 -17.65 -21.40 -3.18
N SER C 733 -16.63 -21.60 -2.35
CA SER C 733 -15.88 -22.85 -2.36
C SER C 733 -16.75 -24.02 -1.92
N ALA C 734 -17.64 -23.81 -0.94
CA ALA C 734 -18.46 -24.91 -0.45
C ALA C 734 -19.35 -25.47 -1.56
N VAL C 735 -19.95 -24.59 -2.37
CA VAL C 735 -20.78 -25.06 -3.47
C VAL C 735 -19.92 -25.68 -4.57
N LEU C 736 -18.78 -25.07 -4.87
CA LEU C 736 -17.97 -25.52 -6.01
C LEU C 736 -17.24 -26.84 -5.72
N GLU C 737 -16.81 -27.04 -4.53
CA GLU C 737 -16.14 -28.30 -4.21
C GLU C 737 -17.12 -29.46 -4.29
N PHE C 738 -18.40 -29.28 -4.05
CA PHE C 738 -19.39 -30.33 -4.24
C PHE C 738 -19.55 -30.66 -5.72
N GLU C 739 -19.58 -29.65 -6.59
CA GLU C 739 -19.79 -29.88 -8.01
C GLU C 739 -18.59 -30.62 -8.63
N ALA C 740 -17.38 -30.31 -8.17
CA ALA C 740 -16.20 -30.96 -8.74
C ALA C 740 -16.10 -32.42 -8.35
N SER C 741 -16.75 -32.84 -7.27
CA SER C 741 -16.73 -34.23 -6.83
C SER C 741 -17.89 -35.05 -7.39
N GLN C 742 -18.78 -34.44 -8.15
CA GLN C 742 -19.89 -35.14 -8.79
C GLN C 742 -19.82 -35.12 -10.30
N LYS C 743 -19.24 -34.09 -10.91
CA LYS C 743 -19.05 -34.07 -12.39
C LYS C 743 -17.56 -34.20 -12.69
N CYS C 744 -17.14 -35.07 -13.62
CA CYS C 744 -15.68 -35.28 -13.81
C CYS C 744 -14.92 -34.37 -14.78
N ASP C 745 -15.59 -33.60 -15.62
CA ASP C 745 -14.86 -32.66 -16.49
C ASP C 745 -14.23 -31.52 -15.68
N LEU C 746 -14.94 -31.03 -14.67
CA LEU C 746 -14.65 -29.85 -13.83
C LEU C 746 -13.59 -30.06 -12.78
N VAL C 747 -12.90 -28.99 -12.40
CA VAL C 747 -11.87 -29.04 -11.33
C VAL C 747 -11.74 -27.65 -10.68
N THR C 748 -11.26 -27.49 -9.47
CA THR C 748 -11.05 -26.19 -8.84
C THR C 748 -9.56 -25.91 -8.71
N THR C 749 -9.19 -24.65 -8.91
CA THR C 749 -7.79 -24.25 -8.93
C THR C 749 -7.56 -23.08 -7.98
N GLY C 750 -6.34 -22.99 -7.47
CA GLY C 750 -5.93 -21.86 -6.66
C GLY C 750 -6.29 -22.03 -5.19
N GLU C 751 -6.06 -20.94 -4.46
CA GLU C 751 -6.34 -20.87 -3.04
C GLU C 751 -7.66 -20.14 -2.81
N LEU C 752 -7.99 -19.90 -1.54
CA LEU C 752 -9.15 -19.11 -1.16
C LEU C 752 -8.67 -17.73 -0.72
N PHE C 753 -9.42 -16.70 -1.09
CA PHE C 753 -8.99 -15.34 -0.83
C PHE C 753 -9.97 -14.51 -0.02
N PHE C 754 -11.27 -14.68 -0.23
CA PHE C 754 -12.29 -13.94 0.53
C PHE C 754 -12.96 -14.94 1.48
N ARG C 755 -12.51 -14.95 2.70
CA ARG C 755 -12.89 -15.99 3.66
C ARG C 755 -13.92 -15.59 4.67
N SER C 756 -15.15 -15.71 4.29
CA SER C 756 -16.21 -15.46 5.26
C SER C 756 -16.86 -16.78 5.66
N GLY C 757 -18.14 -16.75 5.91
CA GLY C 757 -18.96 -17.89 6.33
C GLY C 757 -20.41 -17.65 6.03
N PHE C 758 -21.26 -18.61 6.27
CA PHE C 758 -22.72 -18.56 6.05
C PHE C 758 -23.38 -18.46 7.39
N GLY C 759 -24.37 -17.59 7.54
CA GLY C 759 -25.08 -17.33 8.78
C GLY C 759 -26.58 -17.24 8.54
N ILE C 760 -27.31 -17.08 9.64
CA ILE C 760 -28.76 -16.96 9.61
C ILE C 760 -29.13 -15.49 9.68
N GLY C 761 -29.95 -15.04 8.73
CA GLY C 761 -30.34 -13.65 8.65
C GLY C 761 -31.65 -13.41 9.38
N MET C 762 -31.63 -12.42 10.28
CA MET C 762 -32.80 -12.05 11.06
C MET C 762 -32.87 -10.54 11.15
N ARG C 763 -34.09 -10.04 11.37
CA ARG C 763 -34.29 -8.61 11.53
C ARG C 763 -33.63 -8.11 12.82
N LYS C 764 -33.11 -6.89 12.77
CA LYS C 764 -32.44 -6.32 13.93
C LYS C 764 -33.43 -6.13 15.07
N ASP C 765 -32.95 -6.36 16.30
CA ASP C 765 -33.78 -6.31 17.51
C ASP C 765 -34.94 -7.31 17.41
N SER C 766 -34.55 -8.58 17.31
CA SER C 766 -35.48 -9.69 17.20
C SER C 766 -35.45 -10.53 18.48
N PRO C 767 -36.60 -11.06 18.90
CA PRO C 767 -36.63 -11.86 20.14
C PRO C 767 -35.84 -13.15 20.03
N TRP C 768 -35.69 -13.68 18.84
CA TRP C 768 -35.07 -15.00 18.66
C TRP C 768 -33.60 -14.92 18.36
N LYS C 769 -33.01 -13.77 18.23
CA LYS C 769 -31.62 -13.71 17.76
C LYS C 769 -30.67 -14.40 18.68
N GLN C 770 -30.78 -14.15 19.95
CA GLN C 770 -29.78 -14.65 20.90
C GLN C 770 -29.79 -16.15 21.08
N GLN C 771 -30.95 -16.77 21.12
CA GLN C 771 -31.08 -18.22 21.21
C GLN C 771 -30.71 -18.91 19.92
N VAL C 772 -31.03 -18.35 18.80
CA VAL C 772 -30.62 -18.98 17.55
C VAL C 772 -29.12 -19.20 17.52
N SER C 773 -28.35 -18.18 17.94
CA SER C 773 -26.90 -18.27 17.87
C SER C 773 -26.33 -19.27 18.87
N LEU C 774 -26.95 -19.40 20.05
CA LEU C 774 -26.46 -20.36 21.03
C LEU C 774 -26.74 -21.80 20.59
N SER C 775 -27.81 -22.03 19.84
CA SER C 775 -28.10 -23.36 19.34
C SER C 775 -27.12 -23.77 18.24
N ILE C 776 -26.65 -22.81 17.44
CA ILE C 776 -25.67 -23.11 16.42
C ILE C 776 -24.35 -23.53 17.04
N LEU C 777 -23.95 -22.86 18.12
CA LEU C 777 -22.70 -23.20 18.80
C LEU C 777 -22.78 -24.60 19.41
N LYS C 778 -23.92 -24.95 19.98
CA LYS C 778 -24.07 -26.26 20.60
C LYS C 778 -23.95 -27.39 19.57
N SER C 779 -24.53 -27.19 18.38
CA SER C 779 -24.52 -28.25 17.37
C SER C 779 -23.12 -28.54 16.87
N HIS C 780 -22.23 -27.54 16.87
CA HIS C 780 -20.86 -27.78 16.44
C HIS C 780 -20.11 -28.65 17.44
N GLU C 781 -20.36 -28.46 18.73
CA GLU C 781 -19.67 -29.25 19.74
C GLU C 781 -20.22 -30.67 19.82
N ASN C 782 -21.54 -30.82 19.65
CA ASN C 782 -22.17 -32.13 19.74
C ASN C 782 -21.69 -33.05 18.62
N GLY C 783 -21.52 -32.51 17.42
CA GLY C 783 -21.25 -33.29 16.23
C GLY C 783 -22.41 -33.41 15.28
N PHE C 784 -23.54 -32.77 15.58
CA PHE C 784 -24.68 -32.79 14.67
C PHE C 784 -24.35 -32.10 13.36
N MET C 785 -23.60 -30.99 13.42
CA MET C 785 -23.22 -30.29 12.21
C MET C 785 -22.27 -31.13 11.35
N GLU C 786 -21.42 -31.95 11.99
CA GLU C 786 -20.55 -32.84 11.24
C GLU C 786 -21.34 -33.99 10.61
N ASP C 787 -22.44 -34.41 11.26
CA ASP C 787 -23.28 -35.46 10.70
C ASP C 787 -23.94 -35.00 9.40
N LEU C 788 -24.38 -33.74 9.34
CA LEU C 788 -25.00 -33.22 8.14
C LEU C 788 -24.01 -33.14 6.97
N ASP C 789 -22.73 -32.88 7.27
CA ASP C 789 -21.73 -32.80 6.22
C ASP C 789 -21.55 -34.13 5.52
N LYS C 790 -21.54 -35.22 6.28
CA LYS C 790 -21.38 -36.55 5.70
C LYS C 790 -22.57 -36.91 4.80
N THR C 791 -23.77 -36.57 5.24
CA THR C 791 -24.97 -36.98 4.51
C THR C 791 -25.10 -36.27 3.17
N TRP C 792 -24.77 -34.97 3.12
CA TRP C 792 -25.09 -34.15 1.96
C TRP C 792 -23.87 -33.64 1.19
N VAL C 793 -22.67 -33.69 1.76
CA VAL C 793 -21.53 -32.99 1.18
C VAL C 793 -20.31 -33.90 0.95
N ARG C 794 -20.20 -35.02 1.64
CA ARG C 794 -18.92 -35.71 1.81
C ARG C 794 -18.92 -37.08 1.15
N TYR C 795 -19.34 -37.18 -0.09
CA TYR C 795 -19.13 -38.49 -0.74
C TYR C 795 -18.77 -38.22 -2.18
N GLN C 796 -17.73 -38.85 -2.69
CA GLN C 796 -17.34 -38.47 -4.05
C GLN C 796 -17.13 -39.67 -4.93
N GLU C 797 -17.23 -39.42 -6.23
CA GLU C 797 -17.08 -40.37 -7.33
C GLU C 797 -15.85 -40.00 -8.14
N CYS C 798 -15.79 -38.76 -8.61
CA CYS C 798 -14.67 -38.36 -9.47
C CYS C 798 -13.47 -38.08 -8.59
N ASP C 799 -12.53 -39.02 -8.63
CA ASP C 799 -11.34 -38.99 -7.76
C ASP C 799 -10.35 -37.91 -8.21
N SER C 800 -9.51 -37.55 -7.24
CA SER C 800 -8.45 -36.51 -7.32
C SER C 800 -7.11 -37.12 -7.76
N ARG C 801 -6.03 -36.37 -7.50
CA ARG C 801 -4.57 -36.53 -7.76
C ARG C 801 -4.21 -35.82 -9.06
N SER C 802 -2.96 -35.35 -9.19
CA SER C 802 -2.58 -34.81 -10.50
C SER C 802 -1.74 -35.75 -11.33
N ASN C 803 -0.95 -36.62 -10.71
CA ASN C 803 -0.13 -37.56 -11.46
C ASN C 803 -1.02 -38.49 -12.30
N ALA C 804 -2.07 -39.03 -11.69
CA ALA C 804 -3.06 -39.89 -12.34
C ALA C 804 -2.42 -41.00 -13.15
N PRO C 805 -1.70 -41.93 -12.51
CA PRO C 805 -1.10 -43.03 -13.28
C PRO C 805 -2.14 -43.98 -13.84
N ALA C 806 -2.30 -43.96 -15.16
CA ALA C 806 -3.38 -44.68 -15.83
C ALA C 806 -3.00 -46.16 -15.97
N THR C 807 -3.74 -47.03 -15.30
CA THR C 807 -3.54 -48.46 -15.47
C THR C 807 -3.89 -48.88 -16.89
N LEU C 808 -3.02 -49.71 -17.48
CA LEU C 808 -3.25 -50.18 -18.84
C LEU C 808 -4.46 -51.10 -18.89
N THR C 809 -5.27 -50.92 -19.94
CA THR C 809 -6.48 -51.71 -20.13
C THR C 809 -6.51 -52.35 -21.51
N PHE C 810 -7.68 -52.87 -21.92
CA PHE C 810 -7.81 -53.63 -23.15
C PHE C 810 -7.54 -52.81 -24.40
N GLU C 811 -7.47 -51.48 -24.29
CA GLU C 811 -7.24 -50.64 -25.47
C GLU C 811 -5.95 -51.01 -26.18
N ASN C 812 -4.94 -51.50 -25.45
CA ASN C 812 -3.68 -51.87 -26.08
C ASN C 812 -3.78 -53.13 -26.93
N MET C 813 -4.91 -53.84 -26.86
CA MET C 813 -5.05 -55.09 -27.60
C MET C 813 -4.98 -54.85 -29.11
N ALA C 814 -5.65 -53.79 -29.59
CA ALA C 814 -5.69 -53.53 -31.02
C ALA C 814 -4.30 -53.36 -31.62
N GLY C 815 -3.36 -52.82 -30.85
CA GLY C 815 -2.00 -52.70 -31.35
C GLY C 815 -1.30 -54.04 -31.49
N VAL C 816 -1.54 -54.97 -30.54
CA VAL C 816 -0.78 -56.20 -30.43
C VAL C 816 -1.66 -57.43 -30.58
N PHE C 817 -2.77 -57.49 -29.83
CA PHE C 817 -3.58 -58.70 -29.79
C PHE C 817 -4.15 -59.06 -31.17
N MET C 818 -4.35 -58.05 -32.03
CA MET C 818 -4.83 -58.32 -33.38
C MET C 818 -3.71 -58.88 -34.26
N LEU C 819 -2.45 -58.51 -33.98
CA LEU C 819 -1.34 -58.99 -34.80
C LEU C 819 -1.19 -60.49 -34.67
N VAL C 820 -1.22 -61.01 -33.44
CA VAL C 820 -1.12 -62.46 -33.25
C VAL C 820 -2.37 -63.14 -33.78
N ALA C 821 -3.54 -62.52 -33.61
CA ALA C 821 -4.76 -63.07 -34.21
C ALA C 821 -4.67 -63.08 -35.73
N GLY C 822 -4.14 -62.01 -36.32
CA GLY C 822 -3.91 -62.00 -37.76
C GLY C 822 -2.87 -63.01 -38.19
N GLY C 823 -1.86 -63.23 -37.35
CA GLY C 823 -0.83 -64.21 -37.68
C GLY C 823 -1.36 -65.63 -37.72
N ILE C 824 -2.41 -65.92 -36.94
CA ILE C 824 -2.99 -67.26 -36.94
C ILE C 824 -3.56 -67.58 -38.32
N VAL C 825 -4.31 -66.64 -38.91
CA VAL C 825 -4.89 -66.86 -40.24
C VAL C 825 -3.89 -66.59 -41.35
N ALA C 826 -2.76 -65.94 -41.05
CA ALA C 826 -1.73 -65.72 -42.07
C ALA C 826 -0.86 -66.94 -42.29
N GLY C 827 -0.91 -67.93 -41.40
CA GLY C 827 -0.10 -69.12 -41.54
C GLY C 827 -0.79 -70.23 -42.29
N ILE C 828 -2.11 -70.34 -42.11
CA ILE C 828 -2.86 -71.39 -42.80
C ILE C 828 -2.84 -71.18 -44.30
N PHE C 829 -2.79 -69.92 -44.75
CA PHE C 829 -2.63 -69.66 -46.18
C PHE C 829 -1.31 -70.21 -46.69
N LEU C 830 -0.23 -70.04 -45.91
CA LEU C 830 1.05 -70.62 -46.27
C LEU C 830 1.09 -72.12 -46.05
N ILE C 831 0.18 -72.67 -45.23
CA ILE C 831 0.16 -74.11 -45.00
C ILE C 831 -0.20 -74.84 -46.29
N PHE C 832 -1.23 -74.35 -46.99
CA PHE C 832 -1.64 -75.00 -48.23
C PHE C 832 -0.54 -74.90 -49.30
N ILE C 833 0.16 -73.78 -49.34
CA ILE C 833 1.26 -73.63 -50.29
C ILE C 833 2.43 -74.52 -49.90
N GLU C 834 2.74 -74.57 -48.61
CA GLU C 834 3.90 -75.35 -48.16
C GLU C 834 3.72 -76.84 -48.41
N ILE C 835 2.52 -77.37 -48.13
CA ILE C 835 2.29 -78.80 -48.33
C ILE C 835 2.31 -79.14 -49.81
N ALA C 836 1.80 -78.23 -50.65
CA ALA C 836 1.87 -78.44 -52.10
C ALA C 836 3.31 -78.35 -52.60
N TYR C 837 4.10 -77.43 -52.02
CA TYR C 837 5.48 -77.26 -52.43
C TYR C 837 6.34 -78.48 -52.12
N LYS C 838 5.91 -79.32 -51.17
CA LYS C 838 6.63 -80.55 -50.89
C LYS C 838 6.57 -81.50 -52.09
N ARG C 839 5.41 -81.58 -52.74
CA ARG C 839 5.25 -82.42 -53.92
C ARG C 839 5.47 -81.66 -55.22
N HIS C 840 5.41 -80.32 -55.19
CA HIS C 840 5.63 -79.52 -56.40
C HIS C 840 7.07 -79.56 -56.89
N LYS C 841 8.02 -79.99 -56.06
CA LYS C 841 9.41 -80.07 -56.46
C LYS C 841 10.12 -81.21 -55.75
N SER D 65 -62.02 30.87 -30.59
CA SER D 65 -62.29 32.24 -30.19
C SER D 65 -61.79 32.50 -28.77
N ILE D 66 -60.74 31.77 -28.37
CA ILE D 66 -60.19 31.95 -27.04
C ILE D 66 -59.45 33.27 -26.95
N GLY D 67 -59.34 33.79 -25.72
CA GLY D 67 -58.65 35.03 -25.44
C GLY D 67 -57.30 34.76 -24.79
N ILE D 68 -56.26 35.37 -25.35
CA ILE D 68 -54.90 35.24 -24.87
C ILE D 68 -54.33 36.64 -24.67
N ALA D 69 -53.73 36.87 -23.50
CA ALA D 69 -53.18 38.17 -23.16
C ALA D 69 -51.67 38.15 -23.20
N VAL D 70 -51.08 39.29 -23.55
CA VAL D 70 -49.64 39.47 -23.60
C VAL D 70 -49.31 40.74 -22.82
N ILE D 71 -48.49 40.62 -21.79
CA ILE D 71 -48.09 41.73 -20.94
C ILE D 71 -46.60 41.97 -21.13
N LEU D 72 -46.24 43.18 -21.51
CA LEU D 72 -44.86 43.54 -21.78
C LEU D 72 -44.49 44.75 -20.94
N VAL D 73 -43.35 44.67 -20.25
CA VAL D 73 -42.82 45.76 -19.45
C VAL D 73 -41.35 45.95 -19.77
N GLY D 74 -40.91 47.19 -19.84
CA GLY D 74 -39.56 47.52 -20.25
C GLY D 74 -39.49 47.92 -21.70
N THR D 75 -38.25 48.18 -22.15
CA THR D 75 -38.00 48.58 -23.52
C THR D 75 -37.89 47.36 -24.41
N SER D 76 -38.65 47.35 -25.50
CA SER D 76 -38.68 46.23 -26.43
C SER D 76 -39.40 46.67 -27.70
N ASP D 77 -39.08 46.00 -28.80
CA ASP D 77 -39.70 46.29 -30.10
C ASP D 77 -41.08 45.64 -30.12
N GLU D 78 -42.06 46.36 -29.58
CA GLU D 78 -43.43 45.86 -29.54
C GLU D 78 -44.04 45.79 -30.93
N VAL D 79 -43.64 46.68 -31.82
CA VAL D 79 -44.17 46.69 -33.18
C VAL D 79 -43.76 45.41 -33.92
N ALA D 80 -42.53 44.94 -33.69
CA ALA D 80 -42.08 43.70 -34.32
C ALA D 80 -42.89 42.52 -33.81
N ILE D 81 -43.19 42.49 -32.50
CA ILE D 81 -44.00 41.42 -31.94
C ILE D 81 -45.40 41.45 -32.53
N LYS D 82 -45.98 42.65 -32.66
CA LYS D 82 -47.30 42.77 -33.25
C LYS D 82 -47.30 42.29 -34.70
N ASP D 83 -46.27 42.66 -35.47
CA ASP D 83 -46.19 42.23 -36.86
C ASP D 83 -46.04 40.72 -36.97
N ALA D 84 -45.21 40.12 -36.11
CA ALA D 84 -44.92 38.69 -36.20
C ALA D 84 -45.85 37.83 -35.36
N HIS D 85 -46.89 38.40 -34.75
CA HIS D 85 -47.79 37.61 -33.91
C HIS D 85 -48.50 36.54 -34.74
N GLU D 86 -48.98 36.90 -35.92
CA GLU D 86 -49.68 35.95 -36.79
C GLU D 86 -48.71 35.39 -37.82
N LYS D 87 -47.73 34.62 -37.33
CA LYS D 87 -46.70 34.02 -38.16
C LYS D 87 -46.76 32.50 -38.16
N ASP D 88 -47.84 31.91 -37.67
CA ASP D 88 -47.99 30.47 -37.61
C ASP D 88 -49.07 30.02 -38.60
N ASP D 89 -49.20 28.69 -38.72
CA ASP D 89 -50.19 28.07 -39.61
C ASP D 89 -51.12 27.23 -38.75
N PHE D 90 -52.24 27.82 -38.34
CA PHE D 90 -53.23 27.14 -37.50
C PHE D 90 -54.59 27.08 -38.19
N HIS D 91 -54.60 27.05 -39.52
CA HIS D 91 -55.85 26.96 -40.26
C HIS D 91 -56.41 25.55 -40.32
N HIS D 92 -55.64 24.56 -39.90
CA HIS D 92 -56.08 23.17 -39.88
C HIS D 92 -56.82 22.80 -38.60
N LEU D 93 -57.20 23.79 -37.79
CA LEU D 93 -57.94 23.56 -36.56
C LEU D 93 -58.62 24.85 -36.11
N SER D 94 -59.92 24.77 -35.82
CA SER D 94 -60.78 25.94 -35.64
C SER D 94 -60.58 26.52 -34.24
N VAL D 95 -59.73 27.54 -34.14
CA VAL D 95 -59.52 28.25 -32.88
C VAL D 95 -59.74 29.76 -33.07
N VAL D 96 -59.18 30.32 -34.14
CA VAL D 96 -59.09 31.76 -34.41
C VAL D 96 -58.91 32.56 -33.12
N PRO D 97 -57.81 32.38 -32.41
CA PRO D 97 -57.65 33.07 -31.12
C PRO D 97 -57.44 34.57 -31.30
N ARG D 98 -57.83 35.31 -30.26
CA ARG D 98 -57.63 36.76 -30.21
C ARG D 98 -56.56 37.08 -29.18
N VAL D 99 -55.58 37.89 -29.58
CA VAL D 99 -54.44 38.24 -28.73
C VAL D 99 -54.49 39.74 -28.47
N GLU D 100 -54.41 40.12 -27.20
CA GLU D 100 -54.42 41.52 -26.79
C GLU D 100 -53.10 41.84 -26.12
N LEU D 101 -52.43 42.88 -26.62
CA LEU D 101 -51.15 43.32 -26.07
C LEU D 101 -51.35 44.55 -25.20
N VAL D 102 -50.58 44.63 -24.12
CA VAL D 102 -50.68 45.74 -23.18
C VAL D 102 -49.30 46.01 -22.61
N ALA D 103 -48.97 47.29 -22.49
CA ALA D 103 -47.73 47.74 -21.87
C ALA D 103 -48.00 48.24 -20.46
N MET D 104 -47.00 48.08 -19.59
CA MET D 104 -47.14 48.45 -18.19
C MET D 104 -45.78 48.80 -17.63
N ASN D 105 -45.76 49.14 -16.34
CA ASN D 105 -44.54 49.45 -15.62
C ASN D 105 -44.28 48.38 -14.56
N GLU D 106 -43.22 48.59 -13.77
CA GLU D 106 -42.84 47.68 -12.69
C GLU D 106 -43.20 48.25 -11.32
N THR D 107 -44.36 48.91 -11.23
CA THR D 107 -44.73 49.62 -10.00
C THR D 107 -44.81 48.68 -8.80
N ASP D 108 -45.77 47.74 -8.83
CA ASP D 108 -45.99 46.88 -7.68
C ASP D 108 -46.81 45.64 -8.04
N PRO D 109 -46.78 44.60 -7.20
CA PRO D 109 -47.66 43.44 -7.45
C PRO D 109 -49.14 43.80 -7.48
N LYS D 110 -49.55 44.83 -6.75
CA LYS D 110 -50.94 45.26 -6.81
C LYS D 110 -51.31 45.73 -8.20
N SER D 111 -50.38 46.41 -8.89
CA SER D 111 -50.63 46.79 -10.27
C SER D 111 -50.79 45.57 -11.17
N ILE D 112 -49.97 44.54 -10.95
CA ILE D 112 -50.09 43.31 -11.74
C ILE D 112 -51.45 42.68 -11.51
N ILE D 113 -51.88 42.62 -10.25
CA ILE D 113 -53.19 42.04 -9.93
C ILE D 113 -54.30 42.85 -10.59
N THR D 114 -54.22 44.18 -10.51
CA THR D 114 -55.26 45.02 -11.08
C THR D 114 -55.32 44.87 -12.60
N ARG D 115 -54.17 44.84 -13.26
CA ARG D 115 -54.16 44.72 -14.72
C ARG D 115 -54.66 43.37 -15.18
N ILE D 116 -54.22 42.29 -14.53
CA ILE D 116 -54.71 40.98 -14.94
C ILE D 116 -56.20 40.86 -14.66
N CYS D 117 -56.67 41.46 -13.56
CA CYS D 117 -58.09 41.52 -13.26
C CYS D 117 -58.85 42.24 -14.38
N ASP D 118 -58.35 43.41 -14.80
CA ASP D 118 -59.05 44.17 -15.83
C ASP D 118 -59.10 43.41 -17.14
N LEU D 119 -57.98 42.80 -17.54
CA LEU D 119 -57.96 42.04 -18.79
C LEU D 119 -58.89 40.83 -18.73
N MET D 120 -58.88 40.10 -17.62
CA MET D 120 -59.74 38.92 -17.56
C MET D 120 -61.21 39.31 -17.50
N SER D 121 -61.54 40.41 -16.82
CA SER D 121 -62.92 40.86 -16.76
C SER D 121 -63.40 41.38 -18.12
N ASP D 122 -62.54 42.06 -18.85
CA ASP D 122 -62.96 42.66 -20.12
C ASP D 122 -62.95 41.64 -21.25
N ARG D 123 -61.78 41.08 -21.56
CA ARG D 123 -61.63 40.23 -22.74
C ARG D 123 -61.86 38.75 -22.46
N LYS D 124 -62.20 38.39 -21.23
CA LYS D 124 -62.37 36.98 -20.84
C LYS D 124 -61.11 36.19 -21.15
N ILE D 125 -60.01 36.58 -20.50
CA ILE D 125 -58.70 36.03 -20.81
C ILE D 125 -58.64 34.56 -20.43
N GLN D 126 -58.19 33.73 -21.37
CA GLN D 126 -58.00 32.29 -21.14
C GLN D 126 -56.53 31.90 -21.22
N GLY D 127 -55.62 32.87 -21.13
CA GLY D 127 -54.20 32.59 -21.17
C GLY D 127 -53.37 33.85 -21.01
N VAL D 128 -52.35 33.78 -20.16
CA VAL D 128 -51.53 34.94 -19.83
C VAL D 128 -50.08 34.64 -20.18
N VAL D 129 -49.45 35.55 -20.92
CA VAL D 129 -48.03 35.46 -21.27
C VAL D 129 -47.34 36.67 -20.67
N PHE D 130 -46.29 36.43 -19.89
CA PHE D 130 -45.62 37.48 -19.15
C PHE D 130 -44.14 37.52 -19.53
N ALA D 131 -43.60 38.73 -19.62
CA ALA D 131 -42.18 38.94 -19.88
C ALA D 131 -41.75 40.25 -19.25
N ASP D 132 -40.50 40.29 -18.83
CA ASP D 132 -39.96 41.48 -18.16
C ASP D 132 -38.45 41.54 -18.40
N ASP D 133 -37.77 42.43 -17.68
CA ASP D 133 -36.33 42.59 -17.83
C ASP D 133 -35.62 42.72 -16.49
N THR D 134 -36.31 42.49 -15.37
CA THR D 134 -35.71 42.59 -14.05
C THR D 134 -35.01 41.27 -13.70
N ASP D 135 -34.36 41.26 -12.54
CA ASP D 135 -33.60 40.10 -12.07
C ASP D 135 -34.09 39.63 -10.71
N GLN D 136 -35.41 39.57 -10.54
CA GLN D 136 -36.03 39.13 -9.29
C GLN D 136 -36.97 37.96 -9.55
N GLU D 137 -36.90 36.95 -8.69
CA GLU D 137 -37.77 35.79 -8.78
C GLU D 137 -39.12 36.01 -8.10
N ALA D 138 -39.29 37.10 -7.37
CA ALA D 138 -40.54 37.37 -6.69
C ALA D 138 -41.70 37.55 -7.67
N ILE D 139 -41.43 38.00 -8.89
CA ILE D 139 -42.49 38.15 -9.88
C ILE D 139 -43.13 36.79 -10.17
N ALA D 140 -42.31 35.79 -10.46
CA ALA D 140 -42.83 34.45 -10.69
C ALA D 140 -43.40 33.85 -9.40
N GLN D 141 -42.75 34.13 -8.26
CA GLN D 141 -43.21 33.59 -6.99
C GLN D 141 -44.63 34.04 -6.67
N ILE D 142 -44.97 35.28 -7.03
CA ILE D 142 -46.33 35.76 -6.76
C ILE D 142 -47.26 35.41 -7.91
N LEU D 143 -46.74 35.36 -9.14
CA LEU D 143 -47.55 34.98 -10.29
C LEU D 143 -48.03 33.53 -10.20
N ASP D 144 -47.32 32.71 -9.43
CA ASP D 144 -47.80 31.35 -9.18
C ASP D 144 -49.17 31.36 -8.50
N PHE D 145 -49.40 32.29 -7.58
CA PHE D 145 -50.64 32.30 -6.82
C PHE D 145 -51.83 32.65 -7.69
N ILE D 146 -51.66 33.58 -8.65
CA ILE D 146 -52.78 33.93 -9.53
C ILE D 146 -53.19 32.72 -10.36
N SER D 147 -52.20 31.98 -10.89
CA SER D 147 -52.51 30.77 -11.63
C SER D 147 -53.14 29.70 -10.74
N ALA D 148 -52.70 29.62 -9.48
CA ALA D 148 -53.31 28.66 -8.56
C ALA D 148 -54.76 29.00 -8.27
N GLN D 149 -55.07 30.28 -8.08
CA GLN D 149 -56.41 30.72 -7.70
C GLN D 149 -57.32 31.00 -8.89
N THR D 150 -56.81 30.89 -10.11
CA THR D 150 -57.61 31.08 -11.31
C THR D 150 -57.53 29.85 -12.19
N LEU D 151 -58.64 29.51 -12.84
CA LEU D 151 -58.70 28.32 -13.67
C LEU D 151 -57.89 28.45 -14.96
N THR D 152 -57.40 29.64 -15.28
CA THR D 152 -56.65 29.84 -16.51
C THR D 152 -55.15 29.64 -16.27
N PRO D 153 -54.44 29.03 -17.22
CA PRO D 153 -52.99 28.88 -17.10
C PRO D 153 -52.26 30.19 -17.38
N ILE D 154 -51.02 30.25 -16.89
CA ILE D 154 -50.15 31.39 -17.07
C ILE D 154 -48.77 30.90 -17.48
N LEU D 155 -48.16 31.56 -18.46
CA LEU D 155 -46.86 31.18 -18.98
C LEU D 155 -45.87 32.34 -18.83
N GLY D 156 -44.69 32.04 -18.32
CA GLY D 156 -43.60 33.00 -18.26
C GLY D 156 -42.48 32.58 -19.21
N ILE D 157 -42.02 33.54 -20.02
CA ILE D 157 -41.13 33.24 -21.13
C ILE D 157 -39.82 34.02 -21.08
N HIS D 158 -39.72 35.09 -20.31
CA HIS D 158 -38.52 35.92 -20.37
C HIS D 158 -38.34 36.68 -19.06
N GLY D 159 -37.07 36.85 -18.69
CA GLY D 159 -36.73 37.76 -17.60
C GLY D 159 -37.07 37.19 -16.24
N GLY D 160 -37.67 38.03 -15.39
CA GLY D 160 -37.94 37.67 -14.01
C GLY D 160 -38.91 36.52 -13.85
N SER D 161 -39.81 36.33 -14.82
CA SER D 161 -40.75 35.22 -14.79
C SER D 161 -40.20 33.97 -15.46
N SER D 162 -38.87 33.85 -15.55
CA SER D 162 -38.22 32.69 -16.14
C SER D 162 -37.36 31.91 -15.17
N MET D 163 -36.78 32.54 -14.15
CA MET D 163 -36.05 31.81 -13.14
C MET D 163 -37.00 30.93 -12.35
N ILE D 164 -36.64 29.66 -12.20
CA ILE D 164 -37.52 28.67 -11.58
C ILE D 164 -37.47 28.84 -10.07
N MET D 165 -38.64 28.95 -9.46
CA MET D 165 -38.75 29.06 -8.01
C MET D 165 -38.53 27.70 -7.36
N ALA D 166 -38.74 27.61 -6.06
CA ALA D 166 -38.53 26.37 -5.32
C ALA D 166 -39.44 25.26 -5.82
N ASP D 167 -40.76 25.45 -5.69
CA ASP D 167 -41.71 24.45 -6.14
C ASP D 167 -43.07 25.11 -6.37
N LYS D 168 -43.87 24.49 -7.23
CA LYS D 168 -45.22 24.96 -7.53
C LYS D 168 -46.24 24.17 -6.73
N ASP D 169 -47.46 24.73 -6.66
CA ASP D 169 -48.54 24.08 -5.95
C ASP D 169 -49.18 23.00 -6.82
N GLU D 170 -49.97 22.14 -6.17
CA GLU D 170 -50.61 21.04 -6.88
C GLU D 170 -51.67 21.54 -7.85
N SER D 171 -52.45 22.55 -7.45
CA SER D 171 -53.52 23.07 -8.28
C SER D 171 -53.08 24.22 -9.18
N SER D 172 -51.80 24.55 -9.18
CA SER D 172 -51.30 25.64 -10.01
C SER D 172 -51.21 25.21 -11.47
N MET D 173 -51.08 26.20 -12.35
CA MET D 173 -50.94 25.97 -13.79
C MET D 173 -49.81 26.81 -14.38
N PHE D 174 -48.91 27.32 -13.54
CA PHE D 174 -47.85 28.21 -13.99
C PHE D 174 -46.71 27.39 -14.58
N PHE D 175 -46.32 27.70 -15.81
CA PHE D 175 -45.24 27.02 -16.51
C PHE D 175 -44.21 28.04 -16.98
N GLN D 176 -42.94 27.73 -16.80
CA GLN D 176 -41.84 28.63 -17.12
C GLN D 176 -41.00 28.09 -18.26
N PHE D 177 -40.21 28.98 -18.87
CA PHE D 177 -39.27 28.65 -19.91
C PHE D 177 -37.87 28.66 -19.30
N GLY D 178 -37.34 27.49 -18.97
CA GLY D 178 -36.01 27.39 -18.42
C GLY D 178 -35.65 25.98 -17.96
N PRO D 179 -34.37 25.74 -17.73
CA PRO D 179 -33.92 24.42 -17.27
C PRO D 179 -33.86 24.31 -15.76
N SER D 180 -34.00 23.07 -15.29
CA SER D 180 -34.01 22.79 -13.87
C SER D 180 -32.57 22.70 -13.32
N ILE D 181 -32.47 22.49 -12.01
CA ILE D 181 -31.17 22.41 -11.36
C ILE D 181 -30.43 21.14 -11.79
N GLU D 182 -31.14 20.01 -11.82
CA GLU D 182 -30.51 18.74 -12.18
C GLU D 182 -29.97 18.76 -13.61
N GLN D 183 -30.75 19.31 -14.54
CA GLN D 183 -30.30 19.36 -15.93
C GLN D 183 -29.09 20.28 -16.09
N GLN D 184 -29.09 21.41 -15.36
CA GLN D 184 -27.93 22.29 -15.40
C GLN D 184 -26.70 21.62 -14.82
N ALA D 185 -26.87 20.84 -13.75
CA ALA D 185 -25.75 20.09 -13.19
C ALA D 185 -25.22 19.06 -14.18
N SER D 186 -26.13 18.38 -14.89
CA SER D 186 -25.70 17.41 -15.91
C SER D 186 -24.94 18.11 -17.04
N VAL D 187 -25.42 19.27 -17.48
CA VAL D 187 -24.73 20.02 -18.52
C VAL D 187 -23.35 20.44 -18.04
N MET D 188 -23.29 20.80 -16.77
CA MET D 188 -22.10 21.29 -16.02
C MET D 188 -21.07 20.19 -15.89
N LEU D 189 -21.47 18.94 -15.75
CA LEU D 189 -20.62 17.76 -15.72
C LEU D 189 -20.25 17.28 -17.12
N ASN D 190 -21.08 17.56 -18.12
CA ASN D 190 -20.72 17.22 -19.50
C ASN D 190 -19.48 17.98 -19.96
N ILE D 191 -19.31 19.23 -19.52
CA ILE D 191 -18.09 19.97 -19.85
C ILE D 191 -16.87 19.30 -19.24
N MET D 192 -16.98 18.87 -17.98
CA MET D 192 -15.89 18.17 -17.31
C MET D 192 -15.62 16.81 -17.93
N GLU D 193 -16.61 16.20 -18.57
CA GLU D 193 -16.34 15.01 -19.36
C GLU D 193 -15.61 15.35 -20.66
N GLU D 194 -16.02 16.44 -21.32
CA GLU D 194 -15.41 16.83 -22.58
C GLU D 194 -13.93 17.16 -22.41
N TYR D 195 -13.61 18.01 -21.44
CA TYR D 195 -12.23 18.34 -21.10
C TYR D 195 -11.85 17.56 -19.85
N ASP D 196 -10.73 16.84 -19.92
CA ASP D 196 -10.43 15.76 -18.97
C ASP D 196 -10.12 16.36 -17.60
N TRP D 197 -11.18 16.78 -16.91
CA TRP D 197 -11.11 17.32 -15.57
C TRP D 197 -11.86 16.37 -14.64
N TYR D 198 -11.14 15.68 -13.78
CA TYR D 198 -11.88 14.71 -12.96
C TYR D 198 -11.69 14.96 -11.50
N ILE D 199 -10.86 15.87 -11.06
CA ILE D 199 -10.75 16.06 -9.60
C ILE D 199 -11.44 17.37 -9.33
N PHE D 200 -12.37 17.47 -8.39
CA PHE D 200 -13.03 18.78 -8.26
C PHE D 200 -13.60 18.99 -6.86
N SER D 201 -14.11 20.19 -6.56
CA SER D 201 -14.73 20.39 -5.25
C SER D 201 -16.01 21.21 -5.44
N ILE D 202 -16.88 21.14 -4.45
CA ILE D 202 -18.18 21.79 -4.50
C ILE D 202 -18.31 22.74 -3.32
N VAL D 203 -18.68 23.98 -3.60
CA VAL D 203 -19.01 24.97 -2.57
C VAL D 203 -20.35 25.59 -2.94
N THR D 204 -21.25 25.60 -1.97
CA THR D 204 -22.63 26.03 -2.23
C THR D 204 -23.11 26.90 -1.09
N THR D 205 -24.23 27.58 -1.28
CA THR D 205 -24.77 28.48 -0.24
C THR D 205 -26.21 28.12 0.06
N TYR D 206 -26.89 28.95 0.84
CA TYR D 206 -28.23 28.65 1.43
C TYR D 206 -29.42 28.81 0.50
N PHE D 207 -29.21 29.13 -0.77
CA PHE D 207 -30.37 29.32 -1.69
C PHE D 207 -31.18 28.02 -1.82
N PRO D 208 -32.45 28.05 -2.25
CA PRO D 208 -33.29 26.86 -2.19
C PRO D 208 -32.94 25.42 -2.65
N GLY D 209 -32.39 25.18 -3.84
CA GLY D 209 -32.24 23.77 -4.26
C GLY D 209 -30.92 23.10 -3.93
N TYR D 210 -30.11 23.63 -3.02
CA TYR D 210 -28.75 23.12 -2.78
C TYR D 210 -28.74 21.61 -2.52
N GLN D 211 -29.66 21.06 -1.72
CA GLN D 211 -29.71 19.62 -1.45
C GLN D 211 -29.93 18.93 -2.77
N ASP D 212 -30.69 19.56 -3.64
CA ASP D 212 -31.00 18.84 -4.87
C ASP D 212 -29.80 18.83 -5.82
N PHE D 213 -29.09 19.95 -5.91
CA PHE D 213 -27.87 20.02 -6.73
C PHE D 213 -26.84 19.01 -6.26
N VAL D 214 -26.57 18.98 -4.96
CA VAL D 214 -25.57 18.06 -4.42
C VAL D 214 -26.02 16.62 -4.62
N ASN D 215 -27.31 16.34 -4.40
CA ASN D 215 -27.82 14.98 -4.56
C ASN D 215 -27.71 14.51 -6.00
N LYS D 216 -28.05 15.38 -6.95
CA LYS D 216 -27.92 15.01 -8.36
C LYS D 216 -26.47 14.75 -8.74
N ILE D 217 -25.55 15.60 -8.26
CA ILE D 217 -24.14 15.40 -8.57
C ILE D 217 -23.65 14.07 -7.99
N ARG D 218 -23.82 13.82 -6.70
CA ARG D 218 -23.25 12.57 -6.14
C ARG D 218 -23.85 11.37 -6.85
N SER D 219 -25.12 11.45 -7.14
CA SER D 219 -25.82 10.32 -7.77
C SER D 219 -25.15 9.97 -9.10
N THR D 220 -24.79 10.93 -9.94
CA THR D 220 -24.16 10.54 -11.23
C THR D 220 -22.75 9.98 -11.08
N ILE D 221 -21.92 10.58 -10.24
CA ILE D 221 -20.54 10.07 -10.21
C ILE D 221 -20.48 8.74 -9.50
N GLU D 222 -21.44 8.38 -8.64
CA GLU D 222 -21.23 7.03 -8.02
C GLU D 222 -21.38 5.94 -9.04
N ASN D 223 -22.39 6.01 -9.89
CA ASN D 223 -22.68 4.91 -10.82
C ASN D 223 -21.90 5.06 -12.13
N SER D 224 -20.58 5.14 -12.08
CA SER D 224 -19.84 5.39 -13.35
C SER D 224 -18.50 4.67 -13.46
N PHE D 225 -18.05 4.51 -14.70
CA PHE D 225 -16.78 3.79 -14.90
C PHE D 225 -15.63 4.78 -15.03
N VAL D 226 -15.90 6.08 -15.08
CA VAL D 226 -14.87 7.12 -15.22
C VAL D 226 -14.21 7.39 -13.87
N GLY D 227 -12.95 7.79 -13.83
CA GLY D 227 -12.30 8.11 -12.57
C GLY D 227 -12.66 9.46 -11.96
N TRP D 228 -13.93 9.67 -11.66
CA TRP D 228 -14.33 10.85 -10.91
C TRP D 228 -13.78 10.78 -9.49
N GLU D 229 -13.41 11.94 -8.95
CA GLU D 229 -12.89 12.04 -7.59
C GLU D 229 -13.42 13.33 -6.95
N LEU D 230 -14.49 13.21 -6.17
CA LEU D 230 -15.00 14.32 -5.37
C LEU D 230 -14.34 14.26 -3.99
N GLU D 231 -13.78 15.38 -3.55
CA GLU D 231 -12.95 15.39 -2.35
C GLU D 231 -13.23 16.53 -1.39
N GLU D 232 -14.11 17.47 -1.72
CA GLU D 232 -14.35 18.60 -0.81
C GLU D 232 -15.73 19.18 -1.09
N VAL D 233 -16.55 19.27 -0.04
CA VAL D 233 -17.86 19.91 -0.10
C VAL D 233 -17.95 20.93 1.03
N LEU D 234 -18.32 22.16 0.68
CA LEU D 234 -18.46 23.23 1.65
C LEU D 234 -19.87 23.78 1.61
N LEU D 235 -20.51 23.84 2.78
CA LEU D 235 -21.81 24.47 2.95
C LEU D 235 -21.63 25.74 3.78
N LEU D 236 -22.03 26.88 3.22
CA LEU D 236 -21.78 28.17 3.83
C LEU D 236 -23.08 28.83 4.24
N ASP D 237 -23.07 29.46 5.42
CA ASP D 237 -24.22 30.20 5.94
C ASP D 237 -23.81 31.67 6.02
N MET D 238 -24.15 32.44 5.00
CA MET D 238 -23.78 33.85 4.92
C MET D 238 -24.85 34.78 5.48
N SER D 239 -25.97 34.25 5.97
CA SER D 239 -26.96 35.09 6.62
C SER D 239 -26.40 35.76 7.87
N LEU D 240 -25.65 35.00 8.67
CA LEU D 240 -25.05 35.54 9.87
C LEU D 240 -23.89 36.46 9.51
N ASP D 241 -23.86 37.65 10.12
CA ASP D 241 -22.81 38.61 9.86
C ASP D 241 -21.56 38.25 10.68
N ASP D 242 -20.46 38.95 10.37
CA ASP D 242 -19.18 38.78 11.06
C ASP D 242 -18.62 37.38 10.86
N GLY D 243 -19.19 36.63 9.92
CA GLY D 243 -18.73 35.28 9.62
C GLY D 243 -17.63 35.21 8.58
N ASP D 244 -17.10 36.34 8.14
CA ASP D 244 -16.05 36.33 7.12
C ASP D 244 -14.80 35.62 7.61
N SER D 245 -14.50 35.69 8.91
CA SER D 245 -13.33 35.00 9.44
C SER D 245 -13.48 33.49 9.28
N LYS D 246 -14.66 32.95 9.59
CA LYS D 246 -14.89 31.52 9.44
C LYS D 246 -14.80 31.11 7.97
N ILE D 247 -15.36 31.91 7.07
CA ILE D 247 -15.32 31.60 5.65
C ILE D 247 -13.87 31.58 5.16
N GLN D 248 -13.09 32.58 5.57
CA GLN D 248 -11.68 32.63 5.16
C GLN D 248 -10.90 31.45 5.73
N ASN D 249 -11.19 31.06 6.97
CA ASN D 249 -10.49 29.94 7.59
C ASN D 249 -10.89 28.59 7.02
N GLN D 250 -12.10 28.47 6.47
CA GLN D 250 -12.54 27.21 5.90
C GLN D 250 -12.31 27.11 4.39
N LEU D 251 -12.08 28.22 3.70
CA LEU D 251 -11.75 28.16 2.29
C LEU D 251 -10.38 27.51 2.05
N LYS D 252 -9.54 27.44 3.07
CA LYS D 252 -8.24 26.77 2.92
C LYS D 252 -8.39 25.28 2.68
N LYS D 253 -9.56 24.71 2.97
CA LYS D 253 -9.78 23.29 2.74
C LYS D 253 -9.87 22.95 1.25
N LEU D 254 -10.11 23.94 0.41
CA LEU D 254 -10.18 23.69 -1.03
C LEU D 254 -8.79 23.46 -1.60
N GLN D 255 -8.63 22.36 -2.33
CA GLN D 255 -7.36 22.03 -2.97
C GLN D 255 -7.50 21.59 -4.42
N SER D 256 -8.69 21.20 -4.87
CA SER D 256 -8.86 20.74 -6.24
C SER D 256 -8.71 21.90 -7.21
N PRO D 257 -8.22 21.64 -8.43
CA PRO D 257 -8.05 22.71 -9.42
C PRO D 257 -9.36 23.34 -9.86
N ILE D 258 -10.50 22.67 -9.69
CA ILE D 258 -11.78 23.17 -10.17
C ILE D 258 -12.78 23.15 -9.01
N ILE D 259 -13.51 24.25 -8.85
CA ILE D 259 -14.49 24.40 -7.79
C ILE D 259 -15.82 24.81 -8.40
N LEU D 260 -16.90 24.16 -7.98
CA LEU D 260 -18.24 24.46 -8.45
C LEU D 260 -18.95 25.35 -7.43
N LEU D 261 -19.56 26.42 -7.91
CA LEU D 261 -20.21 27.41 -7.05
C LEU D 261 -21.69 27.45 -7.34
N TYR D 262 -22.50 27.47 -6.28
CA TYR D 262 -23.97 27.55 -6.37
C TYR D 262 -24.43 28.63 -5.40
N CYS D 263 -24.46 29.88 -5.86
CA CYS D 263 -24.86 31.01 -5.03
C CYS D 263 -25.61 32.01 -5.90
N THR D 264 -25.94 33.15 -5.31
CA THR D 264 -26.63 34.25 -5.97
C THR D 264 -25.61 35.31 -6.35
N LYS D 265 -25.98 36.20 -7.28
CA LYS D 265 -25.05 37.19 -7.81
C LYS D 265 -24.38 37.99 -6.71
N GLU D 266 -25.16 38.51 -5.77
CA GLU D 266 -24.58 39.21 -4.62
C GLU D 266 -23.76 38.26 -3.75
N GLU D 267 -24.30 37.05 -3.51
CA GLU D 267 -23.55 36.03 -2.80
C GLU D 267 -22.28 35.65 -3.55
N ALA D 268 -22.37 35.58 -4.88
CA ALA D 268 -21.18 35.29 -5.69
C ALA D 268 -20.13 36.39 -5.54
N THR D 269 -20.57 37.65 -5.53
CA THR D 269 -19.62 38.76 -5.35
C THR D 269 -18.96 38.70 -3.98
N TYR D 270 -19.73 38.40 -2.93
CA TYR D 270 -19.13 38.28 -1.60
C TYR D 270 -18.15 37.12 -1.54
N ILE D 271 -18.51 35.98 -2.13
CA ILE D 271 -17.62 34.82 -2.14
C ILE D 271 -16.35 35.14 -2.91
N PHE D 272 -16.46 35.90 -4.01
CA PHE D 272 -15.27 36.29 -4.76
C PHE D 272 -14.42 37.29 -3.99
N GLU D 273 -15.03 38.18 -3.21
CA GLU D 273 -14.27 39.01 -2.28
C GLU D 273 -13.42 38.15 -1.35
N VAL D 274 -14.06 37.16 -0.71
CA VAL D 274 -13.34 36.32 0.23
C VAL D 274 -12.25 35.50 -0.49
N ALA D 275 -12.54 35.04 -1.71
CA ALA D 275 -11.58 34.23 -2.45
C ALA D 275 -10.37 35.05 -2.88
N ASN D 276 -10.60 36.28 -3.36
CA ASN D 276 -9.48 37.16 -3.69
C ASN D 276 -8.70 37.56 -2.45
N SER D 277 -9.36 37.62 -1.30
CA SER D 277 -8.64 37.86 -0.05
C SER D 277 -7.67 36.72 0.25
N VAL D 278 -8.10 35.48 0.03
CA VAL D 278 -7.25 34.32 0.31
C VAL D 278 -6.37 33.94 -0.88
N GLY D 279 -6.61 34.53 -2.05
CA GLY D 279 -5.78 34.27 -3.22
C GLY D 279 -5.85 32.86 -3.76
N LEU D 280 -7.07 32.33 -3.90
CA LEU D 280 -7.28 31.00 -4.47
C LEU D 280 -8.06 31.13 -5.77
N THR D 281 -7.74 32.17 -6.56
CA THR D 281 -8.42 32.40 -7.83
C THR D 281 -7.52 32.86 -8.96
N GLY D 282 -6.20 32.96 -8.76
CA GLY D 282 -5.34 33.59 -9.75
C GLY D 282 -5.14 32.84 -11.05
N TYR D 283 -4.46 31.69 -10.99
CA TYR D 283 -3.99 31.02 -12.21
C TYR D 283 -4.52 29.59 -12.33
N GLY D 284 -4.33 28.75 -11.33
CA GLY D 284 -4.61 27.33 -11.45
C GLY D 284 -5.99 26.88 -11.10
N TYR D 285 -6.95 27.81 -10.92
CA TYR D 285 -8.29 27.47 -10.50
C TYR D 285 -9.30 27.93 -11.54
N THR D 286 -10.35 27.13 -11.72
CA THR D 286 -11.41 27.40 -12.68
C THR D 286 -12.76 27.23 -11.99
N TRP D 287 -13.67 28.16 -12.25
CA TRP D 287 -14.98 28.19 -11.59
C TRP D 287 -16.08 28.04 -12.64
N ILE D 288 -17.06 27.20 -12.33
CA ILE D 288 -18.24 26.99 -13.17
C ILE D 288 -19.47 27.31 -12.34
N VAL D 289 -20.37 28.14 -12.87
CA VAL D 289 -21.53 28.60 -12.14
C VAL D 289 -22.78 28.36 -12.98
N PRO D 290 -23.95 28.22 -12.33
CA PRO D 290 -25.19 28.03 -13.09
C PRO D 290 -25.68 29.31 -13.76
N SER D 291 -26.87 29.25 -14.36
CA SER D 291 -27.39 30.36 -15.14
C SER D 291 -27.85 31.54 -14.31
N LEU D 292 -28.24 31.32 -13.05
CA LEU D 292 -28.77 32.40 -12.23
C LEU D 292 -27.68 33.25 -11.60
N VAL D 293 -26.43 32.81 -11.62
CA VAL D 293 -25.34 33.64 -11.12
C VAL D 293 -25.05 34.83 -12.02
N ALA D 294 -25.11 34.65 -13.34
CA ALA D 294 -24.93 35.74 -14.29
C ALA D 294 -26.25 36.43 -14.59
N GLY D 295 -27.23 35.68 -15.10
CA GLY D 295 -28.57 36.21 -15.31
C GLY D 295 -28.67 37.19 -16.46
N ASP D 296 -28.07 38.36 -16.30
CA ASP D 296 -28.11 39.43 -17.30
C ASP D 296 -26.72 39.58 -17.90
N THR D 297 -26.61 39.33 -19.21
CA THR D 297 -25.32 39.47 -19.88
C THR D 297 -24.92 40.94 -20.03
N ASP D 298 -25.90 41.83 -20.09
CA ASP D 298 -25.59 43.25 -20.31
C ASP D 298 -24.75 43.83 -19.18
N THR D 299 -25.07 43.47 -17.93
CA THR D 299 -24.35 43.98 -16.77
C THR D 299 -23.40 42.92 -16.25
N VAL D 300 -22.16 43.32 -15.96
CA VAL D 300 -21.14 42.44 -15.42
C VAL D 300 -20.69 42.98 -14.07
N PRO D 301 -20.86 42.23 -12.97
CA PRO D 301 -20.35 42.67 -11.69
C PRO D 301 -18.87 43.06 -11.69
N SER D 302 -18.42 43.64 -10.57
CA SER D 302 -17.12 44.30 -10.54
C SER D 302 -15.97 43.31 -10.66
N GLU D 303 -16.02 42.21 -9.89
CA GLU D 303 -14.83 41.39 -9.69
C GLU D 303 -15.07 39.93 -10.07
N PHE D 304 -15.89 39.66 -11.08
CA PHE D 304 -15.97 38.30 -11.59
C PHE D 304 -14.63 37.91 -12.20
N PRO D 305 -14.02 36.80 -11.76
CA PRO D 305 -12.68 36.45 -12.27
C PRO D 305 -12.69 36.22 -13.77
N THR D 306 -11.60 36.62 -14.40
CA THR D 306 -11.45 36.42 -15.84
C THR D 306 -11.31 34.94 -16.15
N GLY D 307 -12.09 34.47 -17.12
CA GLY D 307 -12.14 33.06 -17.45
C GLY D 307 -13.27 32.29 -16.80
N LEU D 308 -14.23 32.98 -16.18
CA LEU D 308 -15.35 32.30 -15.55
C LEU D 308 -16.18 31.56 -16.58
N ILE D 309 -16.59 30.34 -16.22
CA ILE D 309 -17.38 29.48 -17.09
C ILE D 309 -18.81 29.44 -16.56
N SER D 310 -19.80 29.56 -17.43
CA SER D 310 -21.21 29.45 -17.00
C SER D 310 -22.06 28.93 -18.14
N VAL D 311 -23.24 28.43 -17.83
CA VAL D 311 -24.19 27.84 -18.82
C VAL D 311 -25.43 28.70 -18.87
N SER D 312 -25.91 29.12 -20.02
CA SER D 312 -27.07 30.03 -19.94
C SER D 312 -28.13 29.66 -20.95
N TYR D 313 -29.34 30.10 -20.69
CA TYR D 313 -30.39 29.87 -21.67
C TYR D 313 -30.09 30.65 -22.94
N ASP D 314 -30.41 30.04 -24.09
CA ASP D 314 -30.15 30.67 -25.38
C ASP D 314 -31.03 31.91 -25.56
N GLU D 315 -30.41 33.09 -25.48
CA GLU D 315 -31.14 34.35 -25.62
C GLU D 315 -30.70 35.15 -26.84
N TRP D 316 -29.75 34.67 -27.63
CA TRP D 316 -29.28 35.40 -28.81
C TRP D 316 -30.03 34.98 -30.06
N ASP D 317 -30.01 33.68 -30.38
CA ASP D 317 -30.67 33.16 -31.57
C ASP D 317 -32.12 32.77 -31.33
N TYR D 318 -32.64 33.01 -30.12
CA TYR D 318 -34.01 32.67 -29.76
C TYR D 318 -34.64 33.96 -29.23
N GLY D 319 -35.23 34.75 -30.14
CA GLY D 319 -35.63 36.09 -29.83
C GLY D 319 -37.00 36.19 -29.17
N LEU D 320 -37.39 37.43 -28.89
CA LEU D 320 -38.67 37.70 -28.24
C LEU D 320 -39.88 37.23 -29.04
N PRO D 321 -40.01 37.54 -30.33
CA PRO D 321 -41.21 37.08 -31.06
C PRO D 321 -41.35 35.57 -31.10
N ALA D 322 -40.24 34.84 -31.14
CA ALA D 322 -40.32 33.38 -31.16
C ALA D 322 -40.93 32.84 -29.88
N ARG D 323 -40.57 33.41 -28.73
CA ARG D 323 -41.12 32.94 -27.46
C ARG D 323 -42.62 33.19 -27.39
N VAL D 324 -43.06 34.37 -27.79
CA VAL D 324 -44.50 34.70 -27.77
C VAL D 324 -45.25 33.78 -28.72
N ARG D 325 -44.70 33.58 -29.92
CA ARG D 325 -45.35 32.69 -30.89
C ARG D 325 -45.45 31.27 -30.36
N ASP D 326 -44.39 30.76 -29.74
CA ASP D 326 -44.42 29.41 -29.18
C ASP D 326 -45.44 29.29 -28.06
N GLY D 327 -45.50 30.28 -27.17
CA GLY D 327 -46.46 30.23 -26.09
C GLY D 327 -47.90 30.29 -26.59
N ILE D 328 -48.17 31.18 -27.53
CA ILE D 328 -49.51 31.26 -28.10
C ILE D 328 -49.87 29.96 -28.80
N ALA D 329 -48.92 29.38 -29.54
CA ALA D 329 -49.19 28.14 -30.25
C ALA D 329 -49.47 27.00 -29.28
N ILE D 330 -48.70 26.88 -28.20
CA ILE D 330 -48.90 25.77 -27.29
C ILE D 330 -50.23 25.93 -26.54
N ILE D 331 -50.56 27.14 -26.11
CA ILE D 331 -51.84 27.37 -25.45
C ILE D 331 -52.99 27.04 -26.41
N THR D 332 -52.89 27.52 -27.65
CA THR D 332 -53.95 27.31 -28.63
C THR D 332 -54.13 25.83 -28.94
N THR D 333 -53.04 25.10 -29.15
CA THR D 333 -53.17 23.68 -29.50
C THR D 333 -53.63 22.87 -28.30
N ALA D 334 -53.25 23.24 -27.07
CA ALA D 334 -53.79 22.56 -25.91
C ALA D 334 -55.29 22.79 -25.79
N ALA D 335 -55.74 24.02 -26.01
CA ALA D 335 -57.18 24.30 -25.97
C ALA D 335 -57.91 23.52 -27.07
N SER D 336 -57.34 23.45 -28.27
CA SER D 336 -57.99 22.73 -29.36
C SER D 336 -58.05 21.24 -29.08
N ASP D 337 -56.95 20.66 -28.57
CA ASP D 337 -56.93 19.24 -28.25
C ASP D 337 -57.91 18.90 -27.13
N MET D 338 -58.00 19.76 -26.10
CA MET D 338 -58.97 19.55 -25.04
C MET D 338 -60.40 19.70 -25.52
N LEU D 339 -60.62 20.44 -26.61
CA LEU D 339 -61.95 20.64 -27.19
C LEU D 339 -62.25 19.65 -28.31
N SER D 340 -61.39 18.66 -28.52
CA SER D 340 -61.60 17.65 -29.55
C SER D 340 -61.80 16.26 -28.96
N GLU D 341 -60.94 15.85 -28.03
CA GLU D 341 -61.11 14.55 -27.40
C GLU D 341 -62.39 14.50 -26.57
N HIS D 342 -62.67 15.58 -25.82
CA HIS D 342 -63.87 15.65 -24.99
C HIS D 342 -64.92 16.61 -25.52
N SER D 343 -64.62 17.35 -26.58
CA SER D 343 -65.55 18.29 -27.22
C SER D 343 -65.92 19.44 -26.30
N PHE D 344 -65.29 19.52 -25.13
CA PHE D 344 -65.56 20.58 -24.18
C PHE D 344 -64.34 21.50 -24.04
N ILE D 345 -64.60 22.77 -23.79
CA ILE D 345 -63.54 23.76 -23.61
C ILE D 345 -63.91 24.66 -22.44
N PRO D 346 -63.20 24.55 -21.31
CA PRO D 346 -63.59 25.34 -20.13
C PRO D 346 -63.29 26.83 -20.28
N GLU D 347 -64.33 27.62 -20.47
CA GLU D 347 -64.24 29.08 -20.51
C GLU D 347 -65.31 29.63 -19.57
N PRO D 348 -65.09 29.54 -18.26
CA PRO D 348 -66.12 29.97 -17.30
C PRO D 348 -66.35 31.47 -17.35
N LYS D 349 -67.30 31.92 -16.55
CA LYS D 349 -67.60 33.34 -16.43
C LYS D 349 -66.40 34.06 -15.82
N SER D 350 -65.70 34.85 -16.63
CA SER D 350 -64.47 35.51 -16.21
C SER D 350 -64.81 36.68 -15.29
N SER D 351 -65.20 36.34 -14.07
CA SER D 351 -65.52 37.33 -13.05
C SER D 351 -64.35 37.47 -12.08
N CYS D 352 -64.03 38.72 -11.74
CA CYS D 352 -62.89 39.02 -10.89
C CYS D 352 -63.27 39.10 -9.40
N TYR D 353 -64.44 39.64 -9.10
CA TYR D 353 -64.91 39.65 -7.73
C TYR D 353 -65.54 38.31 -7.36
N ASN D 354 -65.21 37.82 -6.16
CA ASN D 354 -65.74 36.57 -5.64
C ASN D 354 -65.41 35.40 -6.57
N THR D 355 -64.11 35.12 -6.69
CA THR D 355 -63.63 34.02 -7.52
C THR D 355 -63.74 32.67 -6.84
N HIS D 356 -64.17 32.63 -5.57
CA HIS D 356 -64.29 31.36 -4.87
C HIS D 356 -65.33 30.46 -5.51
N GLU D 357 -66.47 31.02 -5.90
CA GLU D 357 -67.54 30.23 -6.50
C GLU D 357 -67.33 29.96 -7.99
N LYS D 358 -66.36 30.63 -8.62
CA LYS D 358 -66.11 30.45 -10.04
C LYS D 358 -65.26 29.22 -10.35
N ARG D 359 -64.73 28.54 -9.33
CA ARG D 359 -63.88 27.38 -9.54
C ARG D 359 -64.65 26.06 -9.57
N ILE D 360 -65.96 26.10 -9.83
CA ILE D 360 -66.74 24.88 -9.90
C ILE D 360 -66.29 24.03 -11.09
N TYR D 361 -66.03 24.65 -12.24
CA TYR D 361 -65.62 23.93 -13.44
C TYR D 361 -64.12 23.68 -13.39
N GLN D 362 -63.73 22.77 -12.50
CA GLN D 362 -62.33 22.38 -12.41
C GLN D 362 -61.92 21.59 -13.64
N SER D 363 -60.80 22.00 -14.25
CA SER D 363 -60.35 21.35 -15.48
C SER D 363 -59.99 19.89 -15.24
N ASN D 364 -58.94 19.65 -14.44
CA ASN D 364 -58.47 18.32 -14.06
C ASN D 364 -57.90 17.58 -15.27
N MET D 365 -57.96 18.19 -16.45
CA MET D 365 -57.37 17.63 -17.66
C MET D 365 -56.61 18.64 -18.49
N LEU D 366 -56.77 19.95 -18.26
CA LEU D 366 -56.00 20.94 -19.01
C LEU D 366 -54.51 20.81 -18.72
N ASN D 367 -54.15 20.57 -17.46
CA ASN D 367 -52.74 20.33 -17.13
C ASN D 367 -52.24 19.05 -17.77
N ARG D 368 -53.12 18.07 -17.98
CA ARG D 368 -52.70 16.83 -18.63
C ARG D 368 -52.47 17.04 -20.12
N TYR D 369 -53.09 18.06 -20.71
CA TYR D 369 -52.93 18.36 -22.13
C TYR D 369 -52.08 19.60 -22.38
N LEU D 370 -51.57 20.24 -21.34
CA LEU D 370 -50.65 21.35 -21.46
C LEU D 370 -49.19 20.93 -21.31
N ILE D 371 -48.93 19.64 -21.13
CA ILE D 371 -47.59 19.13 -20.94
C ILE D 371 -47.14 18.28 -22.12
N ASN D 372 -47.80 18.42 -23.27
CA ASN D 372 -47.42 17.67 -24.46
C ASN D 372 -47.90 18.46 -25.68
N VAL D 373 -46.97 19.10 -26.38
CA VAL D 373 -47.28 19.90 -27.55
C VAL D 373 -46.22 19.67 -28.62
N THR D 374 -46.66 19.54 -29.86
CA THR D 374 -45.77 19.52 -31.02
C THR D 374 -46.11 20.71 -31.91
N PHE D 375 -45.08 21.37 -32.42
CA PHE D 375 -45.24 22.57 -33.25
C PHE D 375 -44.36 22.47 -34.50
N GLU D 376 -44.44 21.32 -35.17
CA GLU D 376 -43.73 21.09 -36.44
C GLU D 376 -42.22 21.07 -36.26
N GLY D 377 -41.74 20.31 -35.27
CA GLY D 377 -40.32 20.09 -35.12
C GLY D 377 -39.77 20.28 -33.71
N ARG D 378 -40.33 21.24 -32.97
CA ARG D 378 -39.84 21.54 -31.63
C ARG D 378 -40.74 20.87 -30.60
N ASN D 379 -40.16 19.99 -29.79
CA ASN D 379 -40.88 19.35 -28.69
C ASN D 379 -40.93 20.30 -27.51
N LEU D 380 -42.11 20.86 -27.25
CA LEU D 380 -42.29 21.86 -26.20
C LEU D 380 -43.06 21.29 -25.01
N SER D 381 -42.83 20.01 -24.70
CA SER D 381 -43.47 19.37 -23.57
C SER D 381 -42.84 19.85 -22.27
N PHE D 382 -43.65 19.94 -21.22
CA PHE D 382 -43.21 20.39 -19.91
C PHE D 382 -43.16 19.22 -18.93
N SER D 383 -42.63 19.49 -17.75
CA SER D 383 -42.61 18.53 -16.66
C SER D 383 -43.68 18.88 -15.63
N GLU D 384 -44.06 17.88 -14.83
CA GLU D 384 -45.06 18.11 -13.79
C GLU D 384 -44.54 19.10 -12.75
N ASP D 385 -43.22 19.19 -12.58
CA ASP D 385 -42.67 20.17 -11.65
C ASP D 385 -42.82 21.59 -12.17
N GLY D 386 -42.75 21.78 -13.48
CA GLY D 386 -43.00 23.09 -14.06
C GLY D 386 -41.99 23.59 -15.07
N TYR D 387 -40.87 22.88 -15.24
CA TYR D 387 -39.84 23.30 -16.17
C TYR D 387 -39.97 22.58 -17.51
N GLN D 388 -39.09 22.93 -18.44
CA GLN D 388 -39.13 22.40 -19.79
C GLN D 388 -38.36 21.09 -19.88
N MET D 389 -38.76 20.25 -20.83
CA MET D 389 -38.13 18.93 -20.98
C MET D 389 -36.88 19.01 -21.85
N HIS D 390 -36.94 19.74 -22.96
CA HIS D 390 -35.83 19.81 -23.92
C HIS D 390 -35.48 21.27 -24.21
N PRO D 391 -34.81 21.94 -23.29
CA PRO D 391 -34.38 23.32 -23.54
C PRO D 391 -33.16 23.36 -24.45
N LYS D 392 -32.86 24.52 -25.00
CA LYS D 392 -31.61 24.65 -25.78
C LYS D 392 -30.69 25.55 -24.97
N LEU D 393 -29.52 25.05 -24.56
CA LEU D 393 -28.60 25.87 -23.73
C LEU D 393 -27.39 26.31 -24.55
N VAL D 394 -26.65 27.28 -24.03
CA VAL D 394 -25.37 27.73 -24.56
C VAL D 394 -24.39 27.87 -23.40
N ILE D 395 -23.11 27.92 -23.74
CA ILE D 395 -22.03 28.05 -22.77
C ILE D 395 -21.30 29.36 -23.03
N ILE D 396 -21.13 30.16 -22.00
CA ILE D 396 -20.56 31.50 -22.12
C ILE D 396 -19.28 31.59 -21.29
N LEU D 397 -18.33 32.37 -21.78
CA LEU D 397 -17.04 32.56 -21.14
C LEU D 397 -16.75 34.04 -20.97
N LEU D 398 -16.12 34.39 -19.85
CA LEU D 398 -15.74 35.77 -19.55
C LEU D 398 -14.27 35.95 -19.94
N ASN D 399 -14.03 36.60 -21.07
CA ASN D 399 -12.68 36.80 -21.57
C ASN D 399 -12.06 38.04 -20.92
N LYS D 400 -10.92 38.49 -21.48
CA LYS D 400 -10.09 39.48 -20.79
C LYS D 400 -10.84 40.79 -20.57
N GLU D 401 -11.40 41.36 -21.63
CA GLU D 401 -12.25 42.54 -21.49
C GLU D 401 -13.65 42.07 -21.15
N ARG D 402 -14.30 42.75 -20.20
CA ARG D 402 -15.46 42.19 -19.53
C ARG D 402 -16.63 42.07 -20.49
N LYS D 403 -16.78 40.88 -21.07
CA LYS D 403 -17.88 40.52 -21.96
C LYS D 403 -18.07 39.01 -21.87
N TRP D 404 -19.25 38.55 -22.29
CA TRP D 404 -19.57 37.13 -22.31
C TRP D 404 -19.57 36.66 -23.76
N GLU D 405 -18.73 35.67 -24.06
CA GLU D 405 -18.62 35.12 -25.41
C GLU D 405 -19.53 33.90 -25.52
N ARG D 406 -19.43 33.19 -26.65
CA ARG D 406 -20.19 31.97 -26.89
C ARG D 406 -19.20 30.85 -27.18
N VAL D 407 -19.19 29.84 -26.31
CA VAL D 407 -18.21 28.77 -26.40
C VAL D 407 -18.80 27.51 -27.03
N GLY D 408 -19.98 27.09 -26.59
CA GLY D 408 -20.54 25.86 -27.11
C GLY D 408 -22.04 25.81 -26.94
N LYS D 409 -22.67 24.76 -27.45
CA LYS D 409 -24.13 24.55 -27.39
C LYS D 409 -24.40 23.18 -26.81
N TRP D 410 -25.60 22.95 -26.33
CA TRP D 410 -26.03 21.72 -25.69
C TRP D 410 -27.47 21.43 -26.09
N LYS D 411 -27.73 20.17 -26.46
CA LYS D 411 -29.06 19.74 -26.85
C LYS D 411 -29.08 18.23 -26.91
N ASP D 412 -30.14 17.63 -26.36
CA ASP D 412 -30.35 16.18 -26.39
C ASP D 412 -29.15 15.43 -25.82
N LYS D 413 -28.62 15.93 -24.70
CA LYS D 413 -27.47 15.35 -24.01
C LYS D 413 -26.23 15.28 -24.90
N SER D 414 -26.12 16.19 -25.85
CA SER D 414 -24.97 16.26 -26.76
C SER D 414 -24.32 17.62 -26.61
N LEU D 415 -23.01 17.63 -26.42
CA LEU D 415 -22.24 18.86 -26.27
C LEU D 415 -21.45 19.14 -27.54
N GLN D 416 -21.52 20.39 -28.01
CA GLN D 416 -20.83 20.83 -29.23
C GLN D 416 -20.00 22.06 -28.87
N MET D 417 -18.72 21.84 -28.60
CA MET D 417 -17.83 22.90 -28.16
C MET D 417 -17.00 23.41 -29.34
N LYS D 418 -16.77 24.73 -29.36
CA LYS D 418 -16.03 25.34 -30.45
C LYS D 418 -14.54 25.00 -30.36
N TYR D 419 -13.96 25.10 -29.16
CA TYR D 419 -12.54 24.85 -28.97
C TYR D 419 -12.30 23.36 -28.74
N TYR D 420 -11.41 22.81 -29.56
CA TYR D 420 -10.95 21.42 -29.39
C TYR D 420 -10.13 21.29 -28.11
N VAL D 421 -9.31 22.28 -27.81
CA VAL D 421 -8.54 22.20 -26.53
C VAL D 421 -8.80 23.51 -25.78
N TRP D 422 -8.90 23.46 -24.46
CA TRP D 422 -9.21 24.65 -23.67
C TRP D 422 -8.03 25.61 -23.66
N PRO D 423 -8.26 26.90 -23.90
CA PRO D 423 -7.17 27.88 -23.81
C PRO D 423 -6.80 28.15 -22.36
N ARG D 424 -5.50 28.07 -22.09
CA ARG D 424 -4.93 28.28 -20.73
C ARG D 424 -4.97 29.74 -20.32
N MET D 425 -5.24 29.99 -19.05
CA MET D 425 -5.28 31.36 -18.55
C MET D 425 -3.98 31.70 -17.82
N ASP D 434 8.12 27.43 -17.52
CA ASP D 434 6.79 26.85 -17.35
C ASP D 434 6.88 25.42 -16.84
N ASP D 435 5.84 24.98 -16.14
CA ASP D 435 5.76 23.64 -15.58
C ASP D 435 4.65 22.84 -16.25
N HIS D 436 4.45 23.07 -17.53
CA HIS D 436 3.51 22.30 -18.35
C HIS D 436 4.20 21.92 -19.65
N LEU D 437 4.43 20.63 -19.87
CA LEU D 437 5.19 20.21 -21.06
C LEU D 437 4.40 19.22 -21.86
N SER D 438 4.75 19.08 -23.12
CA SER D 438 4.21 18.09 -24.04
C SER D 438 5.09 16.84 -24.00
N ILE D 439 4.58 15.69 -24.39
CA ILE D 439 5.36 14.44 -24.38
C ILE D 439 4.94 13.61 -25.57
N VAL D 440 5.82 12.96 -26.29
CA VAL D 440 5.40 12.10 -27.43
C VAL D 440 5.53 10.64 -27.02
N THR D 441 4.73 9.76 -27.59
CA THR D 441 4.71 8.35 -27.19
C THR D 441 4.46 7.47 -28.40
N LEU D 442 4.71 6.21 -28.26
CA LEU D 442 4.44 5.27 -29.35
C LEU D 442 3.92 4.01 -28.71
N GLU D 443 3.20 3.23 -29.44
CA GLU D 443 2.57 2.02 -28.93
C GLU D 443 3.53 0.84 -28.99
N GLU D 444 3.77 0.20 -27.86
CA GLU D 444 4.46 -1.08 -27.79
C GLU D 444 3.66 -1.98 -26.85
N ALA D 445 3.53 -3.26 -27.24
CA ALA D 445 2.52 -4.11 -26.64
C ALA D 445 2.56 -4.19 -25.11
N PRO D 446 3.72 -4.41 -24.45
CA PRO D 446 3.69 -4.51 -22.99
C PRO D 446 3.87 -3.19 -22.27
N PHE D 447 4.42 -2.18 -22.95
CA PHE D 447 4.79 -0.94 -22.29
C PHE D 447 3.80 0.20 -22.52
N VAL D 448 3.24 0.33 -23.72
CA VAL D 448 2.30 1.39 -24.03
C VAL D 448 1.13 0.79 -24.78
N ILE D 449 -0.03 0.67 -24.18
CA ILE D 449 -1.19 0.04 -24.86
C ILE D 449 -2.22 1.12 -25.11
N VAL D 450 -2.75 1.26 -26.30
CA VAL D 450 -3.73 2.34 -26.55
C VAL D 450 -5.03 1.77 -27.09
N GLU D 451 -6.17 2.23 -26.57
CA GLU D 451 -7.52 1.83 -27.01
C GLU D 451 -8.48 3.00 -26.90
N SER D 452 -9.63 2.90 -27.54
CA SER D 452 -10.70 3.95 -27.61
C SER D 452 -11.52 4.08 -26.35
N VAL D 453 -12.06 5.27 -26.16
CA VAL D 453 -12.86 5.78 -25.03
C VAL D 453 -14.21 5.08 -24.95
N ASP D 454 -14.82 5.12 -23.76
CA ASP D 454 -16.05 4.42 -23.41
C ASP D 454 -17.20 4.91 -24.29
N PRO D 455 -17.88 4.02 -25.02
CA PRO D 455 -19.03 4.46 -25.82
C PRO D 455 -20.14 5.09 -24.99
N LEU D 456 -20.28 4.69 -23.73
CA LEU D 456 -21.35 5.22 -22.89
C LEU D 456 -21.09 6.69 -22.54
N SER D 457 -19.86 7.00 -22.13
CA SER D 457 -19.54 8.35 -21.65
C SER D 457 -18.68 9.15 -22.61
N GLY D 458 -17.98 8.52 -23.54
CA GLY D 458 -17.17 9.25 -24.49
C GLY D 458 -15.87 9.80 -23.94
N THR D 459 -15.38 9.24 -22.83
CA THR D 459 -14.11 9.68 -22.24
C THR D 459 -13.34 8.44 -21.81
N CYS D 460 -12.24 8.65 -21.09
CA CYS D 460 -11.33 7.57 -20.73
C CYS D 460 -11.71 6.94 -19.40
N MET D 461 -11.44 5.64 -19.28
CA MET D 461 -11.73 4.90 -18.07
C MET D 461 -10.76 5.30 -16.95
N ARG D 462 -10.97 4.70 -15.78
CA ARG D 462 -10.06 4.93 -14.67
C ARG D 462 -8.72 4.24 -14.92
N ASN D 463 -7.69 4.74 -14.22
CA ASN D 463 -6.33 4.20 -14.27
C ASN D 463 -5.71 4.30 -15.67
N THR D 464 -6.22 5.19 -16.51
CA THR D 464 -5.66 5.43 -17.84
C THR D 464 -5.34 6.91 -17.97
N VAL D 465 -4.74 7.26 -19.11
CA VAL D 465 -4.37 8.65 -19.39
C VAL D 465 -4.82 8.99 -20.81
N PRO D 466 -5.32 10.17 -21.09
CA PRO D 466 -5.66 10.52 -22.48
C PRO D 466 -4.51 10.86 -23.47
N CYS D 467 -4.48 10.28 -24.65
CA CYS D 467 -3.53 10.65 -25.68
C CYS D 467 -4.40 11.10 -26.87
N GLN D 468 -3.95 12.11 -27.56
CA GLN D 468 -4.58 12.62 -28.71
C GLN D 468 -3.77 12.15 -29.83
N LYS D 469 -4.43 11.76 -30.90
CA LYS D 469 -3.86 11.29 -32.11
C LYS D 469 -4.23 12.13 -33.27
N ARG D 470 -3.45 12.32 -34.27
CA ARG D 470 -3.79 13.15 -35.43
C ARG D 470 -4.07 12.27 -36.64
N ILE D 471 -5.02 12.70 -37.46
CA ILE D 471 -5.43 11.96 -38.65
C ILE D 471 -5.19 12.83 -39.88
N ILE D 472 -4.69 12.20 -40.94
CA ILE D 472 -4.43 12.88 -42.21
C ILE D 472 -5.25 12.17 -43.29
N SER D 473 -6.08 12.93 -43.99
CA SER D 473 -6.91 12.38 -45.06
C SER D 473 -6.10 12.26 -46.33
N GLU D 474 -6.77 12.02 -47.45
CA GLU D 474 -6.09 11.89 -48.74
C GLU D 474 -5.38 13.17 -49.11
N ASN D 475 -4.22 13.04 -49.75
CA ASN D 475 -3.40 14.19 -50.11
C ASN D 475 -4.03 15.06 -51.20
N LYS D 476 -5.01 14.53 -51.94
CA LYS D 476 -5.68 15.34 -52.96
C LYS D 476 -6.42 16.51 -52.33
N THR D 477 -7.09 16.28 -51.21
CA THR D 477 -7.75 17.33 -50.46
C THR D 477 -7.75 16.97 -48.99
N ASP D 478 -7.33 17.91 -48.15
CA ASP D 478 -7.20 17.68 -46.72
C ASP D 478 -8.03 18.71 -45.97
N GLU D 479 -8.16 18.50 -44.66
CA GLU D 479 -9.05 19.28 -43.82
C GLU D 479 -8.27 20.00 -42.73
N GLU D 480 -8.95 20.89 -42.02
CA GLU D 480 -8.43 21.61 -40.86
C GLU D 480 -8.12 20.58 -39.76
N PRO D 481 -7.41 20.96 -38.68
CA PRO D 481 -6.97 19.97 -37.69
C PRO D 481 -8.02 18.92 -37.30
N GLY D 482 -7.69 17.66 -37.57
CA GLY D 482 -8.53 16.54 -37.19
C GLY D 482 -7.83 15.67 -36.16
N TYR D 483 -8.42 15.55 -34.98
CA TYR D 483 -7.77 14.85 -33.88
C TYR D 483 -8.75 13.87 -33.26
N ILE D 484 -8.22 12.75 -32.77
CA ILE D 484 -9.02 11.75 -32.08
C ILE D 484 -8.40 11.51 -30.70
N LYS D 485 -9.27 11.44 -29.70
CA LYS D 485 -8.86 11.23 -28.32
C LYS D 485 -8.89 9.74 -28.01
N LYS D 486 -7.79 9.24 -27.47
CA LYS D 486 -7.65 7.83 -27.11
C LYS D 486 -7.26 7.74 -25.63
N CYS D 487 -7.12 6.50 -25.16
CA CYS D 487 -6.72 6.23 -23.79
C CYS D 487 -5.44 5.41 -23.80
N CYS D 488 -4.48 5.83 -22.98
CA CYS D 488 -3.14 5.22 -22.96
C CYS D 488 -2.84 4.72 -21.56
N LYS D 489 -2.42 3.46 -21.47
CA LYS D 489 -2.01 2.80 -20.20
C LYS D 489 -0.83 1.85 -20.38
N GLY D 490 -0.07 1.61 -19.33
CA GLY D 490 0.97 0.61 -19.37
C GLY D 490 2.06 0.89 -18.34
N PHE D 491 3.18 0.19 -18.51
CA PHE D 491 4.31 0.31 -17.58
C PHE D 491 4.93 1.70 -17.63
N CYS D 492 5.25 2.18 -18.83
CA CYS D 492 5.83 3.52 -18.96
C CYS D 492 4.84 4.60 -18.55
N ILE D 493 3.55 4.37 -18.75
CA ILE D 493 2.55 5.34 -18.31
C ILE D 493 2.53 5.43 -16.79
N ASP D 494 2.63 4.30 -16.10
CA ASP D 494 2.69 4.32 -14.64
C ASP D 494 3.97 5.01 -14.15
N ILE D 495 5.09 4.74 -14.82
CA ILE D 495 6.33 5.44 -14.46
C ILE D 495 6.19 6.94 -14.65
N LEU D 496 5.57 7.36 -15.77
CA LEU D 496 5.36 8.78 -16.01
C LEU D 496 4.45 9.39 -14.96
N LYS D 497 3.40 8.70 -14.56
CA LYS D 497 2.51 9.18 -13.49
C LYS D 497 3.27 9.29 -12.18
N LYS D 498 3.96 8.31 -11.68
CA LYS D 498 4.59 8.58 -10.39
C LYS D 498 5.60 9.68 -10.51
N ILE D 499 6.36 9.70 -11.56
CA ILE D 499 7.46 10.68 -11.66
C ILE D 499 6.91 12.06 -11.67
N SER D 500 5.87 12.29 -12.43
CA SER D 500 5.20 13.60 -12.58
C SER D 500 4.68 14.09 -11.25
N LYS D 501 4.14 13.26 -10.39
CA LYS D 501 3.65 13.77 -9.10
C LYS D 501 4.73 14.16 -8.13
N SER D 502 6.01 13.86 -8.28
CA SER D 502 6.97 14.27 -7.23
C SER D 502 7.99 15.27 -7.77
N VAL D 503 8.16 15.37 -9.06
CA VAL D 503 8.99 16.50 -9.53
C VAL D 503 8.03 17.64 -9.91
N LYS D 504 6.73 17.41 -9.79
CA LYS D 504 5.61 18.35 -9.86
C LYS D 504 5.49 19.08 -11.16
N PHE D 505 4.93 18.44 -12.17
CA PHE D 505 4.67 19.11 -13.45
C PHE D 505 3.42 18.48 -14.05
N THR D 506 2.75 19.22 -14.90
CA THR D 506 1.62 18.74 -15.68
C THR D 506 2.07 18.50 -17.12
N TYR D 507 1.27 17.71 -17.84
CA TYR D 507 1.67 17.29 -19.18
C TYR D 507 0.43 16.95 -20.00
N ASP D 508 0.64 16.84 -21.31
CA ASP D 508 -0.35 16.34 -22.24
C ASP D 508 0.34 15.36 -23.19
N LEU D 509 -0.36 14.28 -23.53
CA LEU D 509 0.21 13.21 -24.33
C LEU D 509 -0.34 13.24 -25.76
N TYR D 510 0.49 12.81 -26.70
CA TYR D 510 0.06 12.64 -28.08
C TYR D 510 0.94 11.58 -28.73
N LEU D 511 0.38 10.91 -29.73
CA LEU D 511 1.08 9.83 -30.41
C LEU D 511 1.77 10.35 -31.67
N VAL D 512 2.97 9.82 -31.93
CA VAL D 512 3.74 10.24 -33.11
C VAL D 512 3.09 9.67 -34.36
N THR D 513 3.28 10.36 -35.48
CA THR D 513 2.72 9.96 -36.77
C THR D 513 3.78 9.63 -37.80
N ASN D 514 4.81 10.45 -37.91
CA ASN D 514 5.90 10.23 -38.87
C ASN D 514 7.03 9.50 -38.16
N GLY D 515 7.26 8.24 -38.55
CA GLY D 515 8.26 7.42 -37.91
C GLY D 515 7.74 6.73 -36.67
N LYS D 516 8.54 5.79 -36.16
CA LYS D 516 8.17 5.01 -34.98
C LYS D 516 9.09 5.31 -33.80
N HIS D 517 10.40 5.15 -33.96
CA HIS D 517 11.35 5.33 -32.87
C HIS D 517 12.41 6.38 -33.15
N GLY D 518 12.91 6.43 -34.39
CA GLY D 518 13.93 7.40 -34.75
C GLY D 518 14.93 6.83 -35.72
N LYS D 519 15.21 7.59 -36.79
CA LYS D 519 16.15 7.14 -37.82
C LYS D 519 16.72 8.38 -38.49
N LYS D 520 18.02 8.33 -38.80
CA LYS D 520 18.71 9.45 -39.43
C LYS D 520 18.76 9.20 -40.92
N ILE D 521 17.99 9.99 -41.68
CA ILE D 521 17.95 9.91 -43.14
C ILE D 521 18.36 11.27 -43.69
N ASN D 522 19.48 11.28 -44.43
CA ASN D 522 20.01 12.50 -45.03
C ASN D 522 20.22 13.60 -43.99
N GLY D 523 20.72 13.20 -42.83
CA GLY D 523 20.97 14.14 -41.76
C GLY D 523 19.73 14.69 -41.08
N THR D 524 18.61 13.98 -41.16
CA THR D 524 17.37 14.40 -40.53
C THR D 524 16.79 13.25 -39.72
N TRP D 525 16.16 13.59 -38.61
CA TRP D 525 15.59 12.61 -37.69
C TRP D 525 14.07 12.63 -37.75
N ASN D 526 13.47 11.46 -37.61
CA ASN D 526 12.02 11.31 -37.53
C ASN D 526 11.65 10.54 -36.27
N GLY D 527 10.36 10.24 -36.12
CA GLY D 527 9.90 9.52 -34.95
C GLY D 527 9.91 10.40 -33.71
N MET D 528 9.95 9.74 -32.55
CA MET D 528 9.99 10.46 -31.29
C MET D 528 11.27 11.29 -31.16
N ILE D 529 12.40 10.73 -31.59
CA ILE D 529 13.66 11.47 -31.54
C ILE D 529 13.57 12.72 -32.39
N GLY D 530 13.03 12.60 -33.60
CA GLY D 530 12.87 13.77 -34.46
C GLY D 530 11.89 14.78 -33.90
N GLU D 531 10.83 14.31 -33.23
CA GLU D 531 9.91 15.24 -32.58
C GLU D 531 10.60 16.02 -31.47
N VAL D 532 11.43 15.35 -30.69
CA VAL D 532 12.16 16.04 -29.62
C VAL D 532 13.18 17.01 -30.20
N VAL D 533 13.84 16.64 -31.31
CA VAL D 533 14.86 17.51 -31.90
C VAL D 533 14.23 18.82 -32.38
N MET D 534 13.09 18.75 -33.03
CA MET D 534 12.43 19.93 -33.58
C MET D 534 11.72 20.75 -32.51
N LYS D 535 11.93 20.43 -31.22
CA LYS D 535 11.35 21.17 -30.11
C LYS D 535 9.83 21.15 -30.15
N ARG D 536 9.24 20.25 -30.92
CA ARG D 536 7.77 20.05 -30.97
C ARG D 536 7.31 19.38 -29.70
N ALA D 537 8.15 18.56 -29.08
CA ALA D 537 7.90 17.83 -27.81
C ALA D 537 9.00 18.14 -26.83
N TYR D 538 8.75 18.01 -25.56
CA TYR D 538 9.85 18.30 -24.63
C TYR D 538 10.59 17.03 -24.23
N MET D 539 9.86 15.99 -23.93
CA MET D 539 10.33 14.68 -23.50
C MET D 539 9.65 13.62 -24.33
N ALA D 540 10.25 12.49 -24.52
CA ALA D 540 9.72 11.29 -25.16
C ALA D 540 9.74 10.15 -24.15
N VAL D 541 8.61 9.45 -24.01
CA VAL D 541 8.47 8.35 -23.06
C VAL D 541 8.02 7.12 -23.83
N GLY D 542 8.70 6.01 -23.62
CA GLY D 542 8.39 4.77 -24.28
C GLY D 542 9.59 3.84 -24.28
N SER D 543 9.57 2.90 -25.22
CA SER D 543 10.64 1.91 -25.34
C SER D 543 11.73 2.47 -26.24
N LEU D 544 12.48 3.40 -25.73
CA LEU D 544 13.56 3.99 -26.52
C LEU D 544 14.86 3.52 -25.92
N THR D 545 15.76 2.90 -26.67
CA THR D 545 17.04 2.36 -26.26
C THR D 545 18.11 3.44 -26.32
N ILE D 546 18.96 3.48 -25.31
CA ILE D 546 20.04 4.45 -25.24
C ILE D 546 21.23 3.91 -26.03
N ASN D 547 21.71 4.69 -26.99
CA ASN D 547 22.88 4.34 -27.78
C ASN D 547 23.70 5.60 -28.03
N GLU D 548 24.91 5.40 -28.55
CA GLU D 548 25.83 6.52 -28.74
C GLU D 548 25.35 7.48 -29.82
N GLU D 549 24.73 6.95 -30.88
CA GLU D 549 24.31 7.80 -31.99
C GLU D 549 23.24 8.80 -31.56
N ARG D 550 22.24 8.34 -30.80
CA ARG D 550 21.17 9.21 -30.34
C ARG D 550 21.60 10.12 -29.19
N SER D 551 22.59 9.73 -28.41
CA SER D 551 23.03 10.50 -27.25
C SER D 551 23.78 11.77 -27.62
N GLU D 552 24.01 11.97 -28.89
CA GLU D 552 24.74 13.15 -29.35
C GLU D 552 23.76 14.20 -29.81
N VAL D 553 22.48 13.93 -29.77
CA VAL D 553 21.48 14.88 -30.28
C VAL D 553 20.38 15.16 -29.27
N VAL D 554 20.24 14.38 -28.21
CA VAL D 554 19.24 14.49 -27.10
C VAL D 554 19.92 14.06 -25.82
N ASP D 555 19.29 14.19 -24.69
CA ASP D 555 19.78 13.83 -23.36
C ASP D 555 18.93 12.69 -22.80
N PHE D 556 19.60 11.65 -22.30
CA PHE D 556 18.93 10.50 -21.71
C PHE D 556 19.11 10.52 -20.19
N SER D 557 18.14 9.96 -19.48
CA SER D 557 18.18 9.88 -18.04
C SER D 557 18.69 8.51 -17.62
N VAL D 558 18.92 8.29 -16.34
CA VAL D 558 19.34 6.93 -15.95
C VAL D 558 18.28 5.97 -16.45
N PRO D 559 18.62 4.75 -16.83
CA PRO D 559 17.69 3.72 -17.29
C PRO D 559 16.87 3.15 -16.15
N PHE D 560 15.64 2.76 -16.47
CA PHE D 560 14.73 2.14 -15.51
C PHE D 560 14.47 0.68 -15.80
N ILE D 561 15.06 0.13 -16.86
CA ILE D 561 14.96 -1.29 -17.17
C ILE D 561 16.12 -1.65 -18.09
N GLU D 562 16.61 -2.87 -18.04
CA GLU D 562 17.72 -3.28 -18.91
C GLU D 562 17.23 -4.13 -20.06
N THR D 563 17.79 -3.95 -21.24
CA THR D 563 17.39 -4.57 -22.50
C THR D 563 18.64 -4.84 -23.32
N GLY D 564 18.44 -5.20 -24.59
CA GLY D 564 19.55 -5.51 -25.48
C GLY D 564 19.09 -6.16 -26.76
N ILE D 565 19.83 -7.19 -27.20
CA ILE D 565 19.52 -7.92 -28.42
C ILE D 565 19.42 -9.40 -28.07
N SER D 566 18.34 -10.04 -28.48
CA SER D 566 18.11 -11.46 -28.22
C SER D 566 17.68 -12.15 -29.51
N VAL D 567 17.78 -13.48 -29.49
CA VAL D 567 17.38 -14.32 -30.62
C VAL D 567 16.28 -15.26 -30.14
N MET D 568 15.18 -15.31 -30.88
CA MET D 568 14.03 -16.13 -30.52
C MET D 568 13.85 -17.23 -31.55
N VAL D 569 13.76 -18.47 -31.08
CA VAL D 569 13.54 -19.64 -31.93
C VAL D 569 12.39 -20.45 -31.33
N SER D 570 11.80 -21.29 -32.18
CA SER D 570 10.73 -22.19 -31.74
C SER D 570 11.34 -23.45 -31.14
N ARG D 571 10.83 -23.84 -29.97
CA ARG D 571 11.34 -25.03 -29.29
C ARG D 571 11.11 -26.28 -30.13
N SER D 572 12.19 -26.87 -30.64
CA SER D 572 12.07 -28.07 -31.46
C SER D 572 11.62 -29.24 -30.59
N ASN D 573 10.58 -29.94 -31.06
CA ASN D 573 10.05 -31.08 -30.31
C ASN D 573 11.06 -32.22 -30.30
N GLY D 574 11.20 -32.88 -29.16
CA GLY D 574 12.10 -33.98 -28.99
C GLY D 574 13.26 -33.62 -28.08
N THR D 575 14.25 -34.51 -28.02
CA THR D 575 15.43 -34.30 -27.21
C THR D 575 16.70 -34.53 -28.01
N VAL D 576 17.84 -34.54 -27.35
CA VAL D 576 19.13 -34.81 -27.98
C VAL D 576 19.77 -36.01 -27.28
N SER D 577 20.16 -37.01 -28.05
CA SER D 577 20.76 -38.22 -27.50
C SER D 577 21.60 -38.93 -28.55
N PRO D 578 22.80 -38.44 -28.85
CA PRO D 578 23.64 -39.16 -29.84
C PRO D 578 24.25 -40.44 -29.29
N SER D 579 24.65 -40.45 -28.02
CA SER D 579 25.27 -41.61 -27.41
C SER D 579 24.70 -41.84 -26.01
N ALA D 580 23.38 -41.75 -25.87
CA ALA D 580 22.75 -41.92 -24.57
C ALA D 580 22.90 -43.35 -24.06
N PHE D 581 22.96 -44.33 -24.97
CA PHE D 581 23.04 -45.72 -24.56
C PHE D 581 24.39 -46.05 -23.93
N LEU D 582 25.40 -45.23 -24.17
CA LEU D 582 26.71 -45.41 -23.54
C LEU D 582 26.85 -44.63 -22.25
N GLU D 583 25.88 -43.80 -21.89
CA GLU D 583 25.97 -43.04 -20.65
C GLU D 583 26.03 -43.91 -19.41
N PRO D 584 25.18 -44.92 -19.23
CA PRO D 584 25.28 -45.76 -18.03
C PRO D 584 26.58 -46.56 -18.01
N PHE D 585 27.05 -46.83 -16.79
CA PHE D 585 28.26 -47.60 -16.53
C PHE D 585 29.49 -46.90 -17.09
N SER D 586 30.66 -47.51 -16.94
CA SER D 586 31.91 -46.92 -17.39
C SER D 586 32.78 -48.02 -18.00
N ALA D 587 33.73 -47.60 -18.83
CA ALA D 587 34.55 -48.57 -19.55
C ALA D 587 35.29 -49.52 -18.60
N ASP D 588 35.58 -49.05 -17.38
CA ASP D 588 36.32 -49.87 -16.43
C ASP D 588 35.54 -51.14 -16.07
N VAL D 589 34.25 -51.01 -15.80
CA VAL D 589 33.47 -52.19 -15.42
C VAL D 589 33.31 -53.13 -16.61
N TRP D 590 33.16 -52.58 -17.81
CA TRP D 590 33.08 -53.44 -19.00
C TRP D 590 34.36 -54.24 -19.19
N VAL D 591 35.52 -53.58 -19.08
CA VAL D 591 36.77 -54.31 -19.31
C VAL D 591 37.05 -55.29 -18.18
N MET D 592 36.72 -54.96 -16.93
CA MET D 592 36.95 -55.91 -15.85
C MET D 592 36.02 -57.11 -15.97
N MET D 593 34.78 -56.89 -16.41
CA MET D 593 33.89 -58.02 -16.68
C MET D 593 34.43 -58.87 -17.82
N PHE D 594 34.98 -58.22 -18.85
CA PHE D 594 35.54 -58.96 -19.99
C PHE D 594 36.72 -59.82 -19.57
N VAL D 595 37.61 -59.31 -18.72
CA VAL D 595 38.77 -60.10 -18.30
C VAL D 595 38.35 -61.19 -17.31
N MET D 596 37.43 -60.89 -16.41
CA MET D 596 36.99 -61.90 -15.46
C MET D 596 36.17 -62.98 -16.16
N LEU D 597 35.62 -62.65 -17.33
CA LEU D 597 35.06 -63.68 -18.21
C LEU D 597 36.09 -64.76 -18.52
N LEU D 598 37.27 -64.36 -18.97
CA LEU D 598 38.33 -65.32 -19.26
C LEU D 598 38.83 -65.99 -17.99
N ILE D 599 38.84 -65.26 -16.87
CA ILE D 599 39.25 -65.86 -15.61
C ILE D 599 38.33 -67.02 -15.22
N VAL D 600 37.02 -66.78 -15.29
CA VAL D 600 36.06 -67.82 -14.94
C VAL D 600 36.07 -68.94 -15.99
N SER D 601 36.39 -68.61 -17.24
CA SER D 601 36.58 -69.64 -18.25
C SER D 601 37.76 -70.55 -17.89
N ALA D 602 38.86 -69.97 -17.40
CA ALA D 602 39.98 -70.77 -16.94
C ALA D 602 39.59 -71.64 -15.73
N VAL D 603 38.78 -71.09 -14.83
CA VAL D 603 38.28 -71.89 -13.72
C VAL D 603 37.43 -73.05 -14.22
N ALA D 604 36.63 -72.82 -15.27
CA ALA D 604 35.84 -73.89 -15.87
C ALA D 604 36.74 -74.94 -16.51
N VAL D 605 37.85 -74.51 -17.10
CA VAL D 605 38.84 -75.46 -17.62
C VAL D 605 39.39 -76.32 -16.49
N PHE D 606 39.72 -75.68 -15.36
CA PHE D 606 40.19 -76.43 -14.20
C PHE D 606 39.15 -77.45 -13.73
N VAL D 607 37.88 -77.05 -13.74
CA VAL D 607 36.81 -77.96 -13.36
C VAL D 607 36.72 -79.13 -14.34
N PHE D 608 36.79 -78.84 -15.64
CA PHE D 608 36.65 -79.89 -16.65
C PHE D 608 37.85 -80.82 -16.64
N GLU D 609 38.98 -80.36 -16.12
CA GLU D 609 40.17 -81.22 -16.04
C GLU D 609 39.90 -82.45 -15.18
N TYR D 610 39.22 -82.26 -14.05
CA TYR D 610 38.87 -83.38 -13.17
C TYR D 610 37.36 -83.58 -13.13
N SER D 630 32.72 -83.89 -24.24
CA SER D 630 33.11 -83.16 -25.43
C SER D 630 33.19 -81.65 -25.15
N PHE D 631 33.36 -81.30 -23.88
CA PHE D 631 33.45 -79.90 -23.49
C PHE D 631 34.80 -79.33 -23.93
N THR D 632 34.75 -78.16 -24.55
CA THR D 632 35.93 -77.51 -25.11
C THR D 632 36.09 -76.10 -24.55
N ILE D 633 37.06 -75.37 -25.10
CA ILE D 633 37.28 -73.98 -24.73
C ILE D 633 36.62 -73.01 -25.71
N GLY D 634 36.41 -73.41 -26.96
CA GLY D 634 35.75 -72.52 -27.90
C GLY D 634 34.33 -72.20 -27.49
N LYS D 635 33.61 -73.19 -26.97
CA LYS D 635 32.26 -72.97 -26.48
C LYS D 635 32.22 -72.50 -25.03
N ALA D 636 33.36 -72.55 -24.33
CA ALA D 636 33.38 -72.16 -22.92
C ALA D 636 33.10 -70.67 -22.76
N ILE D 637 33.76 -69.83 -23.57
CA ILE D 637 33.48 -68.40 -23.52
C ILE D 637 32.09 -68.10 -24.05
N TRP D 638 31.68 -68.79 -25.12
CA TRP D 638 30.36 -68.56 -25.71
C TRP D 638 29.25 -68.80 -24.70
N LEU D 639 29.30 -69.93 -23.98
CA LEU D 639 28.25 -70.28 -23.03
C LEU D 639 28.09 -69.20 -21.98
N LEU D 640 29.17 -68.86 -21.28
CA LEU D 640 29.10 -67.97 -20.14
C LEU D 640 29.02 -66.50 -20.55
N TRP D 641 29.26 -66.20 -21.82
CA TRP D 641 28.97 -64.88 -22.36
C TRP D 641 27.52 -64.76 -22.81
N GLY D 642 26.87 -65.89 -23.11
CA GLY D 642 25.46 -65.85 -23.47
C GLY D 642 24.53 -65.44 -22.35
N LEU D 643 24.85 -65.79 -21.11
CA LEU D 643 23.93 -65.52 -20.00
C LEU D 643 23.81 -64.02 -19.71
N VAL D 644 24.90 -63.27 -19.86
CA VAL D 644 24.86 -61.87 -19.46
C VAL D 644 23.89 -61.07 -20.32
N PHE D 645 23.77 -61.41 -21.60
CA PHE D 645 22.83 -60.74 -22.50
C PHE D 645 21.50 -61.49 -22.57
N ASN D 646 20.87 -61.66 -21.41
CA ASN D 646 19.50 -62.18 -21.30
C ASN D 646 19.35 -63.58 -21.89
N ASN D 647 20.45 -64.37 -21.86
CA ASN D 647 20.42 -65.78 -22.26
C ASN D 647 19.86 -65.96 -23.66
N SER D 648 20.25 -65.08 -24.57
CA SER D 648 19.67 -65.07 -25.91
C SER D 648 20.12 -66.28 -26.73
N VAL D 649 21.42 -66.57 -26.74
CA VAL D 649 21.97 -67.58 -27.62
C VAL D 649 21.78 -68.98 -27.04
N PRO D 650 21.63 -70.00 -27.87
CA PRO D 650 21.58 -71.38 -27.36
C PRO D 650 22.96 -71.94 -27.11
N VAL D 651 23.08 -72.71 -26.03
CA VAL D 651 24.33 -73.34 -25.61
C VAL D 651 24.05 -74.78 -25.24
N GLN D 652 25.11 -75.49 -24.83
CA GLN D 652 25.01 -76.87 -24.36
C GLN D 652 25.51 -76.93 -22.93
N ASN D 653 24.74 -77.60 -22.07
CA ASN D 653 25.03 -77.59 -20.64
C ASN D 653 26.29 -78.40 -20.32
N PRO D 654 27.02 -78.02 -19.29
CA PRO D 654 28.19 -78.79 -18.87
C PRO D 654 27.76 -80.01 -18.05
N LYS D 655 28.76 -80.73 -17.53
CA LYS D 655 28.53 -81.97 -16.79
C LYS D 655 28.90 -81.87 -15.32
N GLY D 656 30.01 -81.19 -15.00
CA GLY D 656 30.46 -81.15 -13.62
C GLY D 656 29.49 -80.41 -12.72
N THR D 657 29.36 -80.92 -11.49
CA THR D 657 28.50 -80.29 -10.50
C THR D 657 29.02 -78.91 -10.12
N THR D 658 30.33 -78.79 -9.92
CA THR D 658 30.92 -77.50 -9.61
C THR D 658 30.77 -76.53 -10.78
N SER D 659 30.82 -77.04 -12.01
CA SER D 659 30.53 -76.20 -13.18
C SER D 659 29.10 -75.70 -13.15
N LYS D 660 28.16 -76.56 -12.74
CA LYS D 660 26.77 -76.13 -12.60
C LYS D 660 26.64 -75.05 -11.55
N ILE D 661 27.36 -75.19 -10.42
CA ILE D 661 27.33 -74.17 -9.39
C ILE D 661 27.89 -72.86 -9.91
N MET D 662 28.98 -72.92 -10.68
CA MET D 662 29.56 -71.71 -11.26
C MET D 662 28.59 -71.02 -12.21
N VAL D 663 27.90 -71.81 -13.04
CA VAL D 663 26.90 -71.23 -13.94
C VAL D 663 25.78 -70.58 -13.14
N SER D 664 25.32 -71.26 -12.09
CA SER D 664 24.24 -70.72 -11.28
C SER D 664 24.63 -69.42 -10.58
N VAL D 665 25.87 -69.33 -10.12
CA VAL D 665 26.28 -68.09 -9.44
C VAL D 665 26.58 -66.99 -10.45
N TRP D 666 26.97 -67.34 -11.68
CA TRP D 666 27.13 -66.34 -12.73
C TRP D 666 25.79 -65.78 -13.18
N ALA D 667 24.74 -66.61 -13.15
CA ALA D 667 23.42 -66.15 -13.57
C ALA D 667 22.92 -65.01 -12.68
N PHE D 668 23.18 -65.10 -11.37
CA PHE D 668 22.77 -64.04 -10.46
C PHE D 668 23.46 -62.72 -10.81
N PHE D 669 24.75 -62.87 -11.08
CA PHE D 669 25.56 -61.69 -11.39
C PHE D 669 24.93 -61.10 -12.62
N ALA D 670 24.70 -61.91 -13.64
CA ALA D 670 24.13 -61.38 -14.90
C ALA D 670 22.75 -60.80 -14.63
N VAL D 671 21.93 -61.45 -13.81
CA VAL D 671 20.57 -60.89 -13.58
C VAL D 671 20.72 -59.52 -12.95
N ILE D 672 21.54 -59.39 -11.93
CA ILE D 672 21.67 -58.09 -11.23
C ILE D 672 22.29 -57.07 -12.16
N PHE D 673 23.26 -57.50 -12.95
CA PHE D 673 23.99 -56.59 -13.86
C PHE D 673 23.00 -55.98 -14.82
N LEU D 674 22.14 -56.77 -15.43
CA LEU D 674 21.19 -56.19 -16.41
C LEU D 674 20.12 -55.32 -15.75
N ALA D 675 19.53 -55.72 -14.67
CA ALA D 675 18.59 -54.88 -13.96
C ALA D 675 19.17 -53.50 -13.67
N SER D 676 20.42 -53.45 -13.21
CA SER D 676 21.06 -52.17 -12.93
C SER D 676 21.24 -51.35 -14.19
N TYR D 677 21.53 -51.98 -15.29
CA TYR D 677 21.66 -51.25 -16.49
C TYR D 677 20.44 -50.62 -16.97
N THR D 678 19.32 -51.28 -16.96
CA THR D 678 18.10 -50.66 -17.37
C THR D 678 17.64 -49.61 -16.47
N ALA D 679 17.78 -49.77 -15.20
CA ALA D 679 17.32 -48.76 -14.30
C ALA D 679 18.04 -47.49 -14.44
N ASN D 680 19.33 -47.51 -14.68
CA ASN D 680 20.05 -46.29 -14.88
C ASN D 680 19.68 -45.68 -16.14
N LEU D 681 19.48 -46.47 -17.17
CA LEU D 681 19.12 -45.93 -18.45
C LEU D 681 17.85 -45.19 -18.39
N ALA D 682 16.86 -45.64 -17.67
CA ALA D 682 15.65 -44.92 -17.51
C ALA D 682 15.90 -43.64 -16.80
N ALA D 683 16.74 -43.61 -15.80
CA ALA D 683 17.00 -42.38 -15.10
C ALA D 683 17.65 -41.33 -15.91
N PHE D 684 18.54 -41.69 -16.80
CA PHE D 684 19.19 -40.71 -17.63
C PHE D 684 18.19 -40.05 -18.48
N MET D 685 17.29 -40.78 -19.08
CA MET D 685 16.31 -40.15 -19.86
C MET D 685 15.34 -39.25 -19.16
N ILE D 686 15.06 -39.44 -17.91
CA ILE D 686 14.10 -38.60 -17.25
C ILE D 686 14.76 -37.32 -16.75
N GLN D 687 16.02 -37.16 -17.04
CA GLN D 687 16.76 -35.99 -16.72
C GLN D 687 17.41 -35.51 -17.99
N GLU D 688 16.90 -35.87 -19.15
CA GLU D 688 17.53 -35.36 -20.35
C GLU D 688 17.31 -33.90 -20.37
N GLU D 689 18.35 -33.22 -20.77
CA GLU D 689 18.36 -31.76 -20.88
C GLU D 689 18.53 -31.35 -22.35
N TYR D 690 17.88 -30.27 -22.73
CA TYR D 690 17.94 -29.77 -24.09
C TYR D 690 19.15 -28.86 -24.28
N VAL D 691 19.54 -28.68 -25.54
CA VAL D 691 20.66 -27.84 -25.91
C VAL D 691 20.22 -26.87 -27.00
N ASP D 692 20.73 -25.64 -26.94
CA ASP D 692 20.39 -24.64 -27.94
C ASP D 692 21.02 -24.99 -29.29
N GLN D 693 20.25 -24.78 -30.36
CA GLN D 693 20.74 -25.09 -31.70
C GLN D 693 21.84 -24.11 -32.12
N VAL D 694 21.73 -22.85 -31.71
CA VAL D 694 22.72 -21.82 -32.03
C VAL D 694 23.34 -21.34 -30.73
N SER D 695 24.67 -21.22 -30.72
CA SER D 695 25.36 -20.77 -29.52
C SER D 695 25.07 -19.30 -29.25
N GLY D 696 25.11 -18.46 -30.28
CA GLY D 696 24.85 -17.04 -30.10
C GLY D 696 24.79 -16.28 -31.40
N LEU D 697 25.22 -15.02 -31.36
CA LEU D 697 25.14 -14.19 -32.59
C LEU D 697 26.32 -14.44 -33.49
N SER D 698 27.36 -15.04 -32.96
CA SER D 698 28.53 -15.38 -33.75
C SER D 698 28.57 -16.85 -34.14
N ASP D 699 27.41 -17.47 -34.26
CA ASP D 699 27.34 -18.88 -34.60
C ASP D 699 27.72 -19.09 -36.06
N LYS D 700 28.06 -20.35 -36.39
CA LYS D 700 28.42 -20.68 -37.77
C LYS D 700 27.26 -20.47 -38.73
N LYS D 701 26.05 -20.83 -38.31
CA LYS D 701 24.89 -20.69 -39.17
C LYS D 701 24.55 -19.23 -39.44
N PHE D 702 25.00 -18.31 -38.58
CA PHE D 702 24.67 -16.90 -38.75
C PHE D 702 25.68 -16.20 -39.65
N GLN D 703 26.97 -16.55 -39.54
CA GLN D 703 28.00 -15.85 -40.28
C GLN D 703 28.13 -16.34 -41.72
N ARG D 704 28.05 -17.64 -41.95
CA ARG D 704 28.18 -18.23 -43.29
C ARG D 704 27.02 -19.19 -43.49
N PRO D 705 25.82 -18.67 -43.77
CA PRO D 705 24.65 -19.56 -43.87
C PRO D 705 24.57 -20.35 -45.16
N ASN D 706 25.34 -19.93 -46.18
CA ASN D 706 25.16 -20.52 -47.52
C ASN D 706 25.58 -21.99 -47.55
N ASP D 707 26.73 -22.33 -46.97
CA ASP D 707 27.31 -23.66 -47.10
C ASP D 707 26.74 -24.62 -46.06
N PHE D 708 25.42 -24.52 -45.97
CA PHE D 708 24.55 -25.31 -45.09
C PHE D 708 23.36 -25.74 -45.95
N SER D 709 22.68 -26.80 -45.51
CA SER D 709 21.47 -27.33 -46.19
C SER D 709 20.35 -26.32 -46.02
N PRO D 710 19.29 -26.36 -46.85
CA PRO D 710 18.15 -25.43 -46.95
C PRO D 710 18.49 -24.19 -46.16
N PRO D 711 19.37 -23.30 -46.65
CA PRO D 711 20.05 -22.32 -45.82
C PRO D 711 19.14 -21.55 -44.87
N PHE D 712 19.63 -21.38 -43.63
CA PHE D 712 18.94 -20.82 -42.46
C PHE D 712 18.31 -19.48 -42.81
N ARG D 713 17.10 -19.29 -42.30
CA ARG D 713 16.28 -18.12 -42.56
C ARG D 713 16.10 -17.34 -41.26
N PHE D 714 16.54 -16.09 -41.27
CA PHE D 714 16.41 -15.23 -40.10
C PHE D 714 16.35 -13.79 -40.55
N GLY D 715 15.67 -12.95 -39.77
CA GLY D 715 15.51 -11.56 -40.13
C GLY D 715 14.95 -10.78 -38.96
N THR D 716 14.78 -9.48 -39.20
CA THR D 716 14.26 -8.56 -38.19
C THR D 716 13.41 -7.51 -38.89
N VAL D 717 12.75 -6.68 -38.10
CA VAL D 717 11.99 -5.54 -38.61
C VAL D 717 12.94 -4.34 -38.69
N PRO D 718 13.04 -3.68 -39.84
CA PRO D 718 14.06 -2.63 -40.01
C PRO D 718 13.67 -1.35 -39.27
N ASN D 719 14.47 -0.31 -39.50
CA ASN D 719 14.25 1.04 -38.99
C ASN D 719 14.42 1.14 -37.48
N GLY D 720 15.10 0.18 -36.86
CA GLY D 720 15.26 0.20 -35.42
C GLY D 720 16.71 0.17 -34.95
N SER D 721 16.90 -0.01 -33.64
CA SER D 721 18.26 -0.06 -33.10
C SER D 721 18.95 -1.37 -33.45
N THR D 722 18.19 -2.46 -33.52
CA THR D 722 18.78 -3.76 -33.83
C THR D 722 19.39 -3.76 -35.23
N GLU D 723 18.67 -3.21 -36.21
CA GLU D 723 19.21 -3.13 -37.56
C GLU D 723 20.44 -2.23 -37.61
N ARG D 724 20.43 -1.14 -36.85
CA ARG D 724 21.56 -0.22 -36.83
C ARG D 724 22.81 -0.91 -36.29
N ASN D 725 22.66 -1.76 -35.28
CA ASN D 725 23.81 -2.42 -34.68
C ASN D 725 24.37 -3.51 -35.57
N ILE D 726 23.50 -4.28 -36.23
CA ILE D 726 23.96 -5.35 -37.11
C ILE D 726 24.67 -4.76 -38.33
N ARG D 727 24.17 -3.62 -38.83
CA ARG D 727 24.77 -3.00 -40.01
C ARG D 727 26.21 -2.58 -39.75
N ASN D 728 26.49 -2.03 -38.57
CA ASN D 728 27.82 -1.52 -38.26
C ASN D 728 28.78 -2.60 -37.79
N ASN D 729 28.33 -3.83 -37.57
CA ASN D 729 29.18 -4.90 -37.07
C ASN D 729 29.25 -6.12 -37.96
N TYR D 730 28.22 -6.38 -38.78
CA TYR D 730 28.21 -7.55 -39.67
C TYR D 730 27.63 -7.11 -41.00
N ALA D 731 28.51 -6.73 -41.94
CA ALA D 731 28.05 -6.21 -43.22
C ALA D 731 27.39 -7.30 -44.07
N GLU D 732 28.05 -8.45 -44.20
CA GLU D 732 27.51 -9.51 -45.05
C GLU D 732 26.27 -10.15 -44.44
N MET D 733 26.23 -10.30 -43.10
CA MET D 733 25.02 -10.80 -42.46
C MET D 733 23.86 -9.83 -42.66
N HIS D 734 24.12 -8.52 -42.54
CA HIS D 734 23.08 -7.54 -42.78
C HIS D 734 22.59 -7.59 -44.22
N ALA D 735 23.51 -7.77 -45.17
CA ALA D 735 23.11 -7.90 -46.58
C ALA D 735 22.25 -9.14 -46.79
N TYR D 736 22.60 -10.24 -46.13
CA TYR D 736 21.82 -11.48 -46.30
C TYR D 736 20.44 -11.35 -45.67
N MET D 737 20.33 -10.63 -44.56
CA MET D 737 19.06 -10.48 -43.86
C MET D 737 18.03 -9.67 -44.63
N GLY D 738 18.42 -9.00 -45.71
CA GLY D 738 17.54 -8.08 -46.40
C GLY D 738 16.29 -8.70 -47.00
N LYS D 739 16.31 -10.00 -47.31
CA LYS D 739 15.18 -10.65 -47.95
C LYS D 739 14.23 -11.33 -46.96
N PHE D 740 14.48 -11.20 -45.66
CA PHE D 740 13.63 -11.79 -44.64
C PHE D 740 13.07 -10.73 -43.69
N ASN D 741 12.91 -9.52 -44.18
CA ASN D 741 12.45 -8.41 -43.33
C ASN D 741 11.00 -8.62 -42.92
N GLN D 742 10.72 -8.41 -41.63
CA GLN D 742 9.37 -8.44 -41.11
C GLN D 742 8.82 -7.01 -40.96
N ARG D 743 7.54 -6.93 -40.63
CA ARG D 743 6.89 -5.65 -40.40
C ARG D 743 6.22 -5.53 -39.05
N GLY D 744 6.33 -6.55 -38.19
CA GLY D 744 5.75 -6.49 -36.87
C GLY D 744 6.19 -7.65 -36.02
N VAL D 745 6.02 -7.49 -34.72
CA VAL D 745 6.38 -8.56 -33.78
C VAL D 745 5.42 -9.74 -33.92
N ASP D 746 4.12 -9.45 -33.99
CA ASP D 746 3.13 -10.51 -34.13
C ASP D 746 3.29 -11.23 -35.46
N ASP D 747 3.58 -10.48 -36.53
CA ASP D 747 3.83 -11.10 -37.84
C ASP D 747 5.06 -12.00 -37.78
N ALA D 748 6.12 -11.56 -37.10
CA ALA D 748 7.31 -12.38 -36.97
C ALA D 748 7.03 -13.65 -36.19
N LEU D 749 6.25 -13.54 -35.11
CA LEU D 749 5.90 -14.73 -34.34
C LEU D 749 5.05 -15.70 -35.17
N LEU D 750 4.10 -15.17 -35.94
CA LEU D 750 3.28 -16.02 -36.80
C LEU D 750 4.12 -16.73 -37.86
N SER D 751 5.07 -16.00 -38.45
CA SER D 751 5.97 -16.63 -39.42
C SER D 751 6.85 -17.68 -38.77
N LEU D 752 7.29 -17.45 -37.53
CA LEU D 752 8.11 -18.43 -36.83
C LEU D 752 7.33 -19.68 -36.46
N LYS D 753 6.05 -19.54 -36.13
CA LYS D 753 5.25 -20.69 -35.73
C LYS D 753 4.96 -21.61 -36.91
N THR D 754 4.76 -21.05 -38.09
CA THR D 754 4.36 -21.81 -39.27
C THR D 754 5.55 -22.32 -40.08
N GLY D 755 6.77 -22.09 -39.61
CA GLY D 755 7.95 -22.58 -40.29
C GLY D 755 8.50 -21.69 -41.39
N LYS D 756 7.85 -20.56 -41.67
CA LYS D 756 8.37 -19.65 -42.68
C LYS D 756 9.62 -18.92 -42.23
N LEU D 757 9.95 -18.98 -40.94
CA LEU D 757 11.15 -18.36 -40.41
C LEU D 757 11.80 -19.30 -39.39
N ASP D 758 13.12 -19.27 -39.31
CA ASP D 758 13.85 -20.12 -38.40
C ASP D 758 14.36 -19.40 -37.16
N ALA D 759 14.59 -18.10 -37.24
CA ALA D 759 15.06 -17.33 -36.10
C ALA D 759 14.61 -15.88 -36.24
N PHE D 760 14.40 -15.24 -35.09
CA PHE D 760 14.00 -13.84 -35.03
C PHE D 760 14.93 -13.10 -34.09
N ILE D 761 15.46 -11.97 -34.54
CA ILE D 761 16.36 -11.14 -33.75
C ILE D 761 15.67 -9.81 -33.49
N TYR D 762 15.51 -9.47 -32.21
CA TYR D 762 14.79 -8.25 -31.84
C TYR D 762 15.23 -7.84 -30.43
N ASP D 763 14.50 -6.90 -29.85
CA ASP D 763 14.84 -6.37 -28.53
C ASP D 763 14.67 -7.45 -27.46
N ALA D 764 15.57 -7.43 -26.48
CA ALA D 764 15.55 -8.46 -25.44
C ALA D 764 14.37 -8.28 -24.50
N ALA D 765 14.04 -7.06 -24.11
CA ALA D 765 12.95 -6.83 -23.19
C ALA D 765 11.62 -7.21 -23.80
N VAL D 766 11.29 -6.87 -25.02
CA VAL D 766 9.99 -7.31 -25.55
C VAL D 766 9.97 -8.79 -25.89
N LEU D 767 11.05 -9.42 -26.27
CA LEU D 767 11.07 -10.84 -26.62
C LEU D 767 10.85 -11.73 -25.42
N ASN D 768 11.39 -11.47 -24.28
CA ASN D 768 11.16 -12.23 -23.06
C ASN D 768 9.71 -12.13 -22.60
N TYR D 769 9.06 -10.99 -22.87
CA TYR D 769 7.64 -10.86 -22.54
C TYR D 769 6.78 -11.75 -23.42
N MET D 770 7.04 -11.76 -24.73
CA MET D 770 6.25 -12.60 -25.63
C MET D 770 6.51 -14.08 -25.39
N ALA D 771 7.70 -14.43 -24.88
CA ALA D 771 7.99 -15.84 -24.63
C ALA D 771 7.11 -16.42 -23.54
N GLY D 772 6.87 -15.65 -22.47
CA GLY D 772 6.06 -16.11 -21.36
C GLY D 772 4.57 -15.95 -21.51
N ARG D 773 4.11 -15.29 -22.57
CA ARG D 773 2.69 -15.08 -22.81
C ARG D 773 2.16 -15.88 -23.99
N ASP D 774 2.97 -16.73 -24.60
CA ASP D 774 2.55 -17.49 -25.77
C ASP D 774 1.50 -18.52 -25.40
N GLU D 775 0.67 -18.88 -26.38
CA GLU D 775 -0.22 -20.02 -26.24
C GLU D 775 0.61 -21.30 -26.23
N GLY D 776 0.68 -21.95 -25.06
CA GLY D 776 1.67 -22.98 -24.88
C GLY D 776 3.04 -22.35 -24.61
N CYS D 777 4.06 -23.19 -24.68
CA CYS D 777 5.43 -22.74 -24.41
C CYS D 777 6.34 -23.13 -25.57
N LYS D 778 5.87 -22.90 -26.79
CA LYS D 778 6.60 -23.29 -27.99
C LYS D 778 7.77 -22.35 -28.29
N LEU D 779 7.66 -21.08 -27.90
CA LEU D 779 8.68 -20.09 -28.24
C LEU D 779 9.64 -19.89 -27.08
N VAL D 780 10.93 -19.93 -27.38
CA VAL D 780 11.99 -19.76 -26.38
C VAL D 780 13.06 -18.84 -26.95
N THR D 781 13.89 -18.31 -26.06
CA THR D 781 15.06 -17.52 -26.42
C THR D 781 16.30 -18.37 -26.17
N ILE D 782 17.29 -18.24 -27.07
CA ILE D 782 18.48 -19.08 -27.03
C ILE D 782 19.20 -18.89 -25.70
N GLY D 783 19.91 -19.92 -25.25
CA GLY D 783 20.48 -19.88 -23.91
C GLY D 783 19.40 -19.90 -22.86
N SER D 784 19.71 -19.36 -21.69
CA SER D 784 18.73 -19.16 -20.62
C SER D 784 18.23 -17.72 -20.59
N GLY D 785 18.30 -17.04 -21.74
CA GLY D 785 18.05 -15.62 -21.81
C GLY D 785 19.36 -14.88 -21.88
N LYS D 786 19.76 -14.48 -23.10
CA LYS D 786 21.08 -13.93 -23.32
C LYS D 786 20.95 -12.57 -23.98
N VAL D 787 21.76 -11.62 -23.52
CA VAL D 787 21.72 -10.23 -23.99
C VAL D 787 23.06 -9.89 -24.62
N PHE D 788 23.02 -9.33 -25.83
CA PHE D 788 24.19 -8.84 -26.52
C PHE D 788 24.05 -7.33 -26.69
N ALA D 789 25.16 -6.61 -26.50
CA ALA D 789 25.19 -5.14 -26.54
C ALA D 789 24.19 -4.55 -25.54
N SER D 790 24.47 -4.85 -24.26
CA SER D 790 23.54 -4.52 -23.19
C SER D 790 23.32 -3.01 -23.09
N THR D 791 22.05 -2.63 -22.99
CA THR D 791 21.65 -1.23 -22.82
C THR D 791 20.36 -1.23 -22.03
N GLY D 792 19.68 -0.08 -22.00
CA GLY D 792 18.42 0.02 -21.29
C GLY D 792 17.52 1.08 -21.89
N TYR D 793 16.28 1.09 -21.40
CA TYR D 793 15.30 2.09 -21.81
C TYR D 793 15.46 3.34 -20.95
N GLY D 794 15.40 4.50 -21.60
CA GLY D 794 15.52 5.77 -20.92
C GLY D 794 14.48 6.76 -21.41
N ILE D 795 14.52 7.95 -20.82
CA ILE D 795 13.61 9.04 -21.18
C ILE D 795 14.42 10.10 -21.90
N ALA D 796 14.05 10.38 -23.15
CA ALA D 796 14.74 11.40 -23.93
C ALA D 796 14.22 12.78 -23.56
N ILE D 797 15.14 13.68 -23.22
CA ILE D 797 14.82 15.03 -22.79
C ILE D 797 15.56 16.01 -23.67
N GLN D 798 15.00 17.21 -23.79
CA GLN D 798 15.66 18.26 -24.57
C GLN D 798 17.05 18.56 -24.01
N LYS D 799 18.00 18.75 -24.91
CA LYS D 799 19.39 18.91 -24.51
C LYS D 799 19.59 20.19 -23.71
N ASP D 800 20.47 20.11 -22.70
CA ASP D 800 20.82 21.25 -21.84
C ASP D 800 19.62 21.77 -21.06
N SER D 801 18.70 20.87 -20.69
CA SER D 801 17.55 21.27 -19.88
C SER D 801 17.88 21.10 -18.40
N GLY D 802 17.02 21.68 -17.56
CA GLY D 802 17.18 21.60 -16.12
C GLY D 802 16.36 20.54 -15.43
N TRP D 803 15.51 19.83 -16.17
CA TRP D 803 14.65 18.82 -15.58
C TRP D 803 15.34 17.47 -15.42
N LYS D 804 16.50 17.26 -16.06
CA LYS D 804 17.11 15.94 -16.12
C LYS D 804 17.55 15.47 -14.73
N ARG D 805 18.17 16.35 -13.95
CA ARG D 805 18.63 15.96 -12.62
C ARG D 805 17.46 15.57 -11.72
N GLN D 806 16.38 16.36 -11.76
CA GLN D 806 15.19 16.00 -10.99
C GLN D 806 14.61 14.68 -11.46
N VAL D 807 14.55 14.47 -12.78
CA VAL D 807 13.91 13.27 -13.31
C VAL D 807 14.69 12.02 -12.91
N ASP D 808 16.01 12.03 -13.09
CA ASP D 808 16.75 10.81 -12.77
C ASP D 808 16.93 10.63 -11.27
N LEU D 809 16.94 11.73 -10.49
CA LEU D 809 16.88 11.57 -9.04
C LEU D 809 15.57 10.92 -8.60
N ALA D 810 14.45 11.31 -9.23
CA ALA D 810 13.17 10.68 -8.91
C ALA D 810 13.15 9.22 -9.33
N ILE D 811 13.77 8.90 -10.47
CA ILE D 811 13.85 7.50 -10.90
C ILE D 811 14.67 6.68 -9.90
N LEU D 812 15.79 7.15 -9.47
CA LEU D 812 16.57 6.36 -8.52
C LEU D 812 15.84 6.17 -7.23
N GLN D 813 14.98 7.08 -6.83
CA GLN D 813 14.16 7.03 -5.61
C GLN D 813 13.17 5.88 -5.70
N LEU D 814 12.58 5.59 -6.83
CA LEU D 814 11.65 4.45 -7.04
C LEU D 814 12.34 3.12 -6.84
N PHE D 815 13.60 2.97 -7.19
CA PHE D 815 14.42 1.77 -6.95
C PHE D 815 14.65 1.59 -5.46
N GLY D 816 14.92 2.65 -4.73
CA GLY D 816 15.11 2.58 -3.30
C GLY D 816 13.88 2.18 -2.56
N ASP D 817 12.74 2.73 -2.90
CA ASP D 817 11.49 2.31 -2.25
C ASP D 817 11.11 0.92 -2.69
N GLY D 818 11.40 0.54 -3.90
CA GLY D 818 10.91 -0.77 -4.28
C GLY D 818 9.68 -0.79 -5.14
N GLU D 819 9.27 0.35 -5.72
CA GLU D 819 8.11 0.35 -6.61
C GLU D 819 8.38 -0.37 -7.92
N MET D 820 9.65 -0.53 -8.30
CA MET D 820 9.97 -1.19 -9.56
C MET D 820 9.56 -2.65 -9.53
N GLU D 821 9.77 -3.34 -8.40
CA GLU D 821 9.34 -4.72 -8.28
C GLU D 821 7.82 -4.84 -8.39
N GLU D 822 7.09 -3.93 -7.75
CA GLU D 822 5.64 -3.94 -7.85
C GLU D 822 5.19 -3.72 -9.29
N LEU D 823 5.78 -2.78 -9.95
CA LEU D 823 5.45 -2.45 -11.33
C LEU D 823 5.80 -3.60 -12.26
N GLU D 824 6.89 -4.32 -12.12
CA GLU D 824 7.22 -5.44 -12.98
C GLU D 824 6.36 -6.65 -12.67
N ALA D 825 5.97 -6.85 -11.41
CA ALA D 825 5.03 -7.91 -11.08
C ALA D 825 3.66 -7.63 -11.68
N LEU D 826 3.23 -6.36 -11.66
CA LEU D 826 1.91 -6.01 -12.17
C LEU D 826 1.84 -6.12 -13.69
N TRP D 827 2.91 -5.78 -14.40
CA TRP D 827 2.86 -5.69 -15.85
C TRP D 827 3.71 -6.73 -16.58
N LEU D 828 4.86 -7.11 -16.05
CA LEU D 828 5.82 -7.93 -16.78
C LEU D 828 5.86 -9.38 -16.36
N THR D 829 4.92 -9.84 -15.54
CA THR D 829 4.91 -11.24 -15.12
C THR D 829 4.51 -12.14 -16.30
N GLY D 830 4.99 -13.38 -16.25
CA GLY D 830 4.78 -14.32 -17.31
C GLY D 830 4.20 -15.63 -16.81
N ILE D 831 3.95 -16.55 -17.74
CA ILE D 831 3.33 -17.83 -17.43
C ILE D 831 4.32 -18.97 -17.64
N CYS D 832 4.82 -19.11 -18.86
CA CYS D 832 5.73 -20.20 -19.19
C CYS D 832 7.04 -20.07 -18.42
N HIS D 833 7.67 -21.21 -18.15
CA HIS D 833 8.97 -21.28 -17.50
C HIS D 833 9.99 -21.81 -18.49
N ASN D 834 11.16 -21.18 -18.53
CA ASN D 834 12.22 -21.55 -19.46
C ASN D 834 13.37 -22.30 -18.78
N GLU D 835 13.10 -23.00 -17.68
CA GLU D 835 14.14 -23.69 -16.92
C GLU D 835 14.29 -25.14 -17.39
N LYS D 836 14.48 -25.30 -18.70
CA LYS D 836 14.79 -26.59 -19.33
C LYS D 836 13.74 -27.64 -18.99
N ASN D 837 12.53 -27.40 -19.51
CA ASN D 837 11.41 -28.28 -19.21
C ASN D 837 11.67 -29.71 -19.69
N GLU D 838 12.18 -29.86 -20.92
CA GLU D 838 12.53 -31.18 -21.47
C GLU D 838 11.33 -32.11 -21.44
N VAL D 839 10.28 -31.80 -22.20
CA VAL D 839 8.99 -32.46 -22.09
C VAL D 839 9.09 -33.95 -22.39
N MET D 840 9.47 -34.30 -23.62
CA MET D 840 9.50 -35.70 -24.02
C MET D 840 10.14 -35.91 -25.39
N SER D 841 10.77 -37.06 -25.58
CA SER D 841 11.22 -37.48 -26.90
C SER D 841 10.19 -38.41 -27.54
N SER D 842 10.47 -38.86 -28.76
CA SER D 842 9.52 -39.72 -29.45
C SER D 842 10.21 -40.44 -30.60
N GLN D 843 9.78 -41.68 -30.83
CA GLN D 843 10.05 -42.45 -32.05
C GLN D 843 11.49 -42.96 -32.14
N LEU D 844 12.37 -42.52 -31.25
CA LEU D 844 13.77 -42.98 -31.19
C LEU D 844 14.40 -43.02 -32.57
N ASP D 845 14.53 -41.84 -33.17
CA ASP D 845 14.94 -41.73 -34.57
C ASP D 845 16.34 -42.30 -34.78
N ILE D 846 16.73 -42.39 -36.06
CA ILE D 846 17.98 -43.04 -36.46
C ILE D 846 19.19 -42.37 -35.83
N ASP D 847 19.11 -41.06 -35.56
CA ASP D 847 20.22 -40.36 -34.95
C ASP D 847 20.61 -40.93 -33.58
N ASN D 848 19.67 -41.62 -32.94
CA ASN D 848 19.95 -42.28 -31.66
C ASN D 848 20.61 -43.64 -31.82
N MET D 849 20.19 -44.41 -32.83
CA MET D 849 20.76 -45.74 -33.07
C MET D 849 22.03 -45.70 -33.91
N ALA D 850 22.53 -44.51 -34.23
CA ALA D 850 23.74 -44.41 -35.04
C ALA D 850 24.91 -45.12 -34.37
N GLY D 851 25.03 -44.98 -33.05
CA GLY D 851 26.13 -45.61 -32.35
C GLY D 851 26.10 -47.13 -32.43
N VAL D 852 24.93 -47.73 -32.19
CA VAL D 852 24.83 -49.18 -32.21
C VAL D 852 24.99 -49.71 -33.64
N PHE D 853 24.46 -49.00 -34.64
CA PHE D 853 24.66 -49.42 -36.02
C PHE D 853 26.14 -49.34 -36.40
N TYR D 854 26.84 -48.29 -35.97
CA TYR D 854 28.26 -48.18 -36.25
C TYR D 854 29.04 -49.29 -35.56
N MET D 855 28.67 -49.63 -34.32
CA MET D 855 29.33 -50.74 -33.63
C MET D 855 29.11 -52.05 -34.36
N LEU D 856 27.88 -52.29 -34.85
CA LEU D 856 27.61 -53.51 -35.61
C LEU D 856 28.44 -53.55 -36.89
N GLY D 857 28.53 -52.42 -37.59
CA GLY D 857 29.33 -52.38 -38.81
C GLY D 857 30.81 -52.63 -38.53
N ALA D 858 31.34 -52.03 -37.47
CA ALA D 858 32.74 -52.25 -37.10
C ALA D 858 32.98 -53.70 -36.73
N ALA D 859 32.04 -54.31 -35.99
CA ALA D 859 32.16 -55.72 -35.64
C ALA D 859 32.18 -56.59 -36.89
N MET D 860 31.30 -56.30 -37.86
CA MET D 860 31.28 -57.06 -39.10
C MET D 860 32.60 -56.90 -39.86
N ALA D 861 33.12 -55.68 -39.91
CA ALA D 861 34.38 -55.43 -40.62
C ALA D 861 35.53 -56.18 -39.98
N LEU D 862 35.64 -56.12 -38.65
CA LEU D 862 36.72 -56.83 -37.98
C LEU D 862 36.56 -58.33 -38.10
N SER D 863 35.33 -58.84 -38.08
CA SER D 863 35.10 -60.26 -38.24
C SER D 863 35.54 -60.74 -39.61
N LEU D 864 35.18 -59.98 -40.67
CA LEU D 864 35.58 -60.38 -42.01
C LEU D 864 37.09 -60.27 -42.20
N ILE D 865 37.72 -59.25 -41.61
CA ILE D 865 39.17 -59.11 -41.69
C ILE D 865 39.85 -60.30 -41.02
N THR D 866 39.39 -60.67 -39.83
CA THR D 866 39.95 -61.82 -39.13
C THR D 866 39.71 -63.11 -39.89
N PHE D 867 38.55 -63.26 -40.51
CA PHE D 867 38.28 -64.45 -41.31
C PHE D 867 39.23 -64.56 -42.50
N ILE D 868 39.46 -63.44 -43.18
CA ILE D 868 40.39 -63.44 -44.31
C ILE D 868 41.80 -63.77 -43.84
N CYS D 869 42.23 -63.18 -42.71
CA CYS D 869 43.57 -63.46 -42.19
C CYS D 869 43.70 -64.93 -41.79
N GLU D 870 42.68 -65.50 -41.15
CA GLU D 870 42.73 -66.90 -40.76
C GLU D 870 42.77 -67.82 -41.97
N HIS D 871 41.99 -67.50 -43.01
CA HIS D 871 42.02 -68.31 -44.22
C HIS D 871 43.39 -68.25 -44.89
N LEU D 872 43.99 -67.06 -44.95
CA LEU D 872 45.32 -66.92 -45.53
C LEU D 872 46.36 -67.69 -44.73
N PHE D 873 46.26 -67.64 -43.40
CA PHE D 873 47.19 -68.39 -42.56
C PHE D 873 47.01 -69.89 -42.73
N TYR D 874 45.77 -70.35 -42.85
CA TYR D 874 45.52 -71.78 -43.06
C TYR D 874 46.03 -72.23 -44.42
N TRP D 875 45.98 -71.34 -45.42
CA TRP D 875 46.53 -71.67 -46.73
C TRP D 875 48.03 -71.94 -46.64
N GLN D 876 48.76 -71.14 -45.88
CA GLN D 876 50.19 -71.33 -45.71
C GLN D 876 50.48 -72.37 -44.62
C1 NAG E . -4.11 -26.88 35.21
C2 NAG E . -2.61 -26.66 35.32
C3 NAG E . -2.08 -27.25 36.63
C4 NAG E . -2.86 -26.69 37.81
C5 NAG E . -4.36 -26.90 37.60
C6 NAG E . -5.21 -26.26 38.67
C7 NAG E . -1.49 -26.54 33.14
C8 NAG E . -0.80 -27.31 32.05
N2 NAG E . -1.91 -27.25 34.19
O3 NAG E . -0.70 -26.93 36.76
O4 NAG E . -2.46 -27.36 39.00
O5 NAG E . -4.76 -26.31 36.36
O6 NAG E . -6.59 -26.49 38.45
O7 NAG E . -1.66 -25.32 33.06
C1 NAG E . -1.82 -26.41 39.89
C2 NAG E . -1.86 -26.98 41.31
C3 NAG E . -1.15 -26.04 42.27
C4 NAG E . 0.25 -25.72 41.77
C5 NAG E . 0.21 -25.21 40.34
C6 NAG E . 1.58 -25.00 39.75
C7 NAG E . -3.77 -28.44 41.75
C8 NAG E . -5.20 -28.51 42.21
N2 NAG E . -3.23 -27.22 41.74
O3 NAG E . -1.10 -26.63 43.56
O4 NAG E . 0.86 -24.74 42.61
O5 NAG E . -0.46 -26.16 39.50
O6 NAG E . 2.09 -26.19 39.16
O7 NAG E . -3.16 -29.44 41.39
C1 NAG F . -41.35 21.12 34.58
C2 NAG F . -41.58 19.92 35.50
C3 NAG F . -40.37 19.70 36.40
C4 NAG F . -39.08 19.65 35.60
C5 NAG F . -38.97 20.83 34.64
C6 NAG F . -37.81 20.72 33.68
C7 NAG F . -43.03 21.04 37.15
C8 NAG F . -44.36 21.00 37.84
N2 NAG F . -42.80 20.05 36.26
O3 NAG F . -40.54 18.49 37.14
O4 NAG F . -37.97 19.70 36.50
O5 NAG F . -40.16 20.91 33.83
O6 NAG F . -36.60 21.16 34.28
O7 NAG F . -42.21 21.93 37.37
C1 NAG F . -37.08 18.57 36.31
C2 NAG F . -35.69 18.98 36.80
C3 NAG F . -34.72 17.82 36.66
C4 NAG F . -35.27 16.59 37.38
C5 NAG F . -36.67 16.28 36.88
C6 NAG F . -37.32 15.14 37.65
C7 NAG F . -34.38 21.06 36.60
C8 NAG F . -33.97 22.18 35.71
N2 NAG F . -35.20 20.15 36.07
O3 NAG F . -33.45 18.18 37.21
O4 NAG F . -34.42 15.47 37.13
O5 NAG F . -37.52 17.42 37.05
O6 NAG F . -36.96 15.16 39.02
O7 NAG F . -33.98 20.97 37.77
C1 NAG G . 11.12 1.82 -42.73
C2 NAG G . 9.68 1.36 -42.98
C3 NAG G . 9.33 1.46 -44.46
C4 NAG G . 9.62 2.87 -44.97
C5 NAG G . 11.05 3.27 -44.65
C6 NAG G . 11.37 4.70 -45.02
C7 NAG G . 9.02 -0.29 -41.29
C8 NAG G . 8.88 -1.74 -40.96
N2 NAG G . 9.48 0.00 -42.50
O3 NAG G . 7.97 1.13 -44.65
O4 NAG G . 9.42 2.91 -46.38
O5 NAG G . 11.29 3.15 -43.23
O6 NAG G . 12.76 4.89 -45.23
O7 NAG G . 8.72 0.58 -40.48
C1 NAG G . 8.30 3.79 -46.68
C2 NAG G . 8.27 4.05 -48.18
C3 NAG G . 7.09 4.94 -48.53
C4 NAG G . 5.79 4.34 -47.99
C5 NAG G . 5.92 4.05 -46.50
C6 NAG G . 4.72 3.34 -45.93
C7 NAG G . 10.52 3.95 -49.15
C8 NAG G . 11.73 4.73 -49.56
N2 NAG G . 9.52 4.66 -48.63
O3 NAG G . 7.01 5.08 -49.95
O4 NAG G . 4.72 5.24 -48.21
O5 NAG G . 7.06 3.21 -46.26
O6 NAG G . 4.30 2.27 -46.78
O7 NAG G . 10.46 2.73 -49.29
C1 NAG H . 57.49 26.27 6.02
C2 NAG H . 58.97 26.59 6.22
C3 NAG H . 59.82 25.69 5.33
C4 NAG H . 59.47 24.22 5.57
C5 NAG H . 57.97 24.00 5.41
C6 NAG H . 57.53 22.60 5.75
C7 NAG H . 59.07 28.96 6.85
C8 NAG H . 59.41 30.35 6.38
N2 NAG H . 59.24 27.99 5.94
O3 NAG H . 61.19 25.91 5.62
O4 NAG H . 60.17 23.39 4.65
O5 NAG H . 57.25 24.88 6.28
O6 NAG H . 56.33 22.24 5.08
O7 NAG H . 58.67 28.73 7.97
C1 NAG I . 35.03 64.46 4.65
C2 NAG I . 36.16 65.48 4.62
C3 NAG I . 35.60 66.89 4.79
C4 NAG I . 34.50 67.16 3.77
C5 NAG I . 33.44 66.06 3.82
C6 NAG I . 32.39 66.19 2.75
C7 NAG I . 38.10 64.26 5.50
C8 NAG I . 39.03 64.10 6.66
N2 NAG I . 37.14 65.19 5.64
O3 NAG I . 36.64 67.83 4.64
O4 NAG I . 33.88 68.41 4.03
O5 NAG I . 34.06 64.77 3.64
O6 NAG I . 32.75 65.46 1.58
O7 NAG I . 38.19 63.58 4.49
C1 NAG J . 23.15 51.29 -11.95
C2 NAG J . 22.48 52.53 -12.53
C3 NAG J . 21.43 52.13 -13.55
C4 NAG J . 22.04 51.24 -14.62
C5 NAG J . 22.78 50.06 -13.99
C6 NAG J . 23.53 49.21 -15.00
C7 NAG J . 21.00 53.03 -10.61
C8 NAG J . 20.55 54.09 -9.66
N2 NAG J . 21.91 53.41 -11.51
O3 NAG J . 20.86 53.29 -14.14
O4 NAG J . 21.02 50.76 -15.48
O5 NAG J . 23.75 50.52 -13.02
O6 NAG J . 22.63 48.50 -15.82
O7 NAG J . 20.54 51.88 -10.55
N GLY K . 28.87 -2.83 -4.68
CA GLY K . 28.86 -2.36 -3.30
C GLY K . 28.74 -0.86 -3.18
O GLY K . 28.49 -0.33 -2.10
OXT GLY K . 28.90 -0.13 -4.16
C1 NAG L . -15.87 -25.26 46.51
C2 NAG L . -14.89 -25.28 47.69
C3 NAG L . -15.45 -24.50 48.86
C4 NAG L . -15.84 -23.11 48.41
C5 NAG L . -16.98 -23.20 47.42
C6 NAG L . -16.83 -22.27 46.24
C7 NAG L . -13.32 -27.13 48.08
C8 NAG L . -13.17 -28.56 48.51
N2 NAG L . -14.56 -26.64 48.09
O3 NAG L . -14.47 -24.43 49.89
O4 NAG L . -16.24 -22.32 49.52
O5 NAG L . -17.11 -24.54 46.88
O6 NAG L . -17.70 -22.63 45.16
O7 NAG L . -12.36 -26.46 47.74
N GLU M . -7.28 -21.80 22.47
CA GLU M . -7.83 -22.68 23.51
C GLU M . -8.71 -21.90 24.47
O GLU M . -9.01 -20.73 24.25
CB GLU M . -6.70 -23.39 24.26
CG GLU M . -5.94 -24.39 23.42
CD GLU M . -6.73 -25.65 23.13
OE1 GLU M . -7.51 -26.08 24.01
OE2 GLU M . -6.58 -26.21 22.03
OXT GLU M . -9.11 -22.42 25.52
C1 NAG N . -62.94 -3.49 1.17
C2 NAG N . -64.45 -3.28 1.08
C3 NAG N . -65.15 -4.63 0.92
C4 NAG N . -64.57 -5.40 -0.26
C5 NAG N . -63.05 -5.51 -0.11
C6 NAG N . -62.39 -6.16 -1.31
C7 NAG N . -65.61 -1.42 2.17
C8 NAG N . -66.06 -0.83 3.47
N2 NAG N . -64.95 -2.58 2.25
O3 NAG N . -66.54 -4.42 0.72
O4 NAG N . -65.12 -6.71 -0.30
O5 NAG N . -62.47 -4.20 0.03
O6 NAG N . -61.98 -5.19 -2.26
O7 NAG N . -65.84 -0.88 1.09
C1 NAG O . -59.37 34.03 27.40
C2 NAG O . -60.60 34.26 28.28
C3 NAG O . -60.39 35.48 29.17
C4 NAG O . -59.09 35.34 29.96
C5 NAG O . -57.93 35.06 29.01
C6 NAG O . -56.63 34.80 29.73
C7 NAG O . -62.46 33.39 26.93
C8 NAG O . -63.68 33.74 26.12
N2 NAG O . -61.80 34.42 27.46
O3 NAG O . -61.49 35.61 30.06
O4 NAG O . -58.83 36.55 30.67
O5 NAG O . -58.22 33.90 28.22
O6 NAG O . -55.53 34.77 28.83
O7 NAG O . -62.10 32.23 27.09
N GLY P . -23.29 -17.07 -1.24
CA GLY P . -23.76 -16.02 -2.11
C GLY P . -24.23 -14.79 -1.36
O GLY P . -24.39 -13.71 -1.92
OXT GLY P . -24.47 -14.84 -0.15
C1 NAG Q . 19.19 14.70 -49.64
C2 NAG Q . 17.83 14.56 -50.33
C3 NAG Q . 17.26 15.93 -50.69
C4 NAG Q . 17.17 16.79 -49.44
C5 NAG Q . 18.56 16.93 -48.80
C6 NAG Q . 18.59 16.49 -47.35
C7 NAG Q . 17.73 12.40 -51.49
C8 NAG Q . 17.88 11.68 -52.80
N2 NAG Q . 17.93 13.72 -51.51
O3 NAG Q . 15.97 15.77 -51.26
O4 NAG Q . 16.68 18.09 -49.77
O5 NAG Q . 19.52 16.12 -49.50
O6 NAG Q . 19.91 16.39 -46.86
O7 NAG Q . 17.45 11.80 -50.44
C1 NAG R . -48.04 11.96 -28.07
C2 NAG R . -48.05 10.70 -27.22
C3 NAG R . -47.54 9.51 -28.03
C4 NAG R . -48.31 9.38 -29.34
C5 NAG R . -48.30 10.70 -30.09
C6 NAG R . -49.15 10.68 -31.34
C7 NAG R . -47.82 11.03 -24.80
C8 NAG R . -46.86 11.20 -23.66
N2 NAG R . -47.27 10.87 -26.01
O3 NAG R . -47.67 8.32 -27.27
O4 NAG R . -47.74 8.36 -30.15
O5 NAG R . -48.80 11.75 -29.26
O6 NAG R . -50.24 11.58 -31.23
O7 NAG R . -49.03 11.06 -24.64
N GLU S . 13.41 -0.41 -28.78
CA GLU S . 14.04 -0.24 -30.10
C GLU S . 14.34 1.23 -30.30
O GLU S . 14.32 1.91 -29.33
CB GLU S . 13.11 -0.80 -31.15
CG GLU S . 13.23 -2.29 -31.21
CD GLU S . 14.45 -2.63 -32.00
OE1 GLU S . 14.62 -2.00 -32.94
OE2 GLU S . 15.22 -3.49 -31.67
OXT GLU S . 14.59 1.64 -31.33
#